data_6EF0
#
_entry.id   6EF0
#
_cell.length_a   1.0
_cell.length_b   1.0
_cell.length_c   1.0
_cell.angle_alpha   90.0
_cell.angle_beta   90.0
_cell.angle_gamma   90.0
#
_symmetry.space_group_name_H-M   'P 1'
#
loop_
_entity.id
_entity.type
_entity.pdbx_description
1 polymer 'Proteasome subunit alpha type-1'
2 polymer 'Proteasome subunit alpha type-2'
3 polymer 'Proteasome subunit alpha type-3'
4 polymer 'Proteasome subunit alpha type-4'
5 polymer 'Proteasome subunit alpha type-5'
6 polymer 'Proteasome subunit alpha type-6'
7 polymer 'Probable proteasome subunit alpha type-7'
8 polymer '26S proteasome regulatory subunit 7 homolog'
9 polymer '26S proteasome regulatory subunit 4 homolog'
10 polymer '26S proteasome regulatory subunit 8 homolog'
11 polymer '26S proteasome regulatory subunit 6B homolog'
12 polymer '26S proteasome subunit RPT4'
13 polymer '26S proteasome regulatory subunit 6A'
14 polymer 'model substrate polypeptide'
15 non-polymer "ADENOSINE-5'-DIPHOSPHATE"
16 non-polymer "ADENOSINE-5'-TRIPHOSPHATE"
#
loop_
_entity_poly.entity_id
_entity_poly.type
_entity_poly.pdbx_seq_one_letter_code
_entity_poly.pdbx_strand_id
1 'polypeptide(L)'
;GYDRHITIFSPEGRLYQVEYAFKATNQTNINSLAVRGKDCTVVISQKKVPDKLLDPTTVSYIFCISRTIGMVVNGPIPDA
RNAALRAKAEAAEFRYKYGYDMPCDVLAKRMANLSQIYTQRAYMRPLGVILTFVSVDEELGPSIYKTDPAGYYVGYKATA
TGPKQQEITTNLENHFKKSKIDHINEESWEKVVEFAITHMIDALGTEFSKNDLEVGVATKDKFFTLSAENIEERLVAI
;
A
2 'polypeptide(L)'
;MTDRYSFSLTTFSPSGKLGQIDYALTAVKQGVTSLGIKATNGVVIATEKKSSSPLAMSETLSKVSLLTPDIGAVYSGMGP
DYRVLVDKSRKVAHTSYKRIYGEYPPTKLLVSEVAKIMQEATQSGGVRPFGVSLLIAGHDEFNGFSLYQVDPSGSYFPWK
ATAIGKGSVAAKTFLEKRWNDELELEDAIHIALLTLKESVEGEFNGDTIELAIIGDENPDLLGYTGIPTDKGPRFRKLTS
QEINDRLEAL
;
B
3 'polypeptide(L)'
;MGSRRYDSRTTIFSPEGRLYQVEYALESISHAGTAIGIMASDGIVLAAERKVTSTLLEQDTSTEKLYKLNDKIAVAVAGL
TADAEILINTARIHAQNYLKTYNEDIPVEILVRRLSDIKQGYTQHGGLRPFGVSFIYAGYDDRYGYQLYTSNPSGNYTGW
KAISVGANTSAAQTLLQMDYKDDMKVDDAIELALKTLSKTTDSSALTYDRLEFATIRKGANDGEVYQKIFKPQEIKDILV
KTGI
;
C
4 'polypeptide(L)'
;MSGYDRALSIFSPDGHIFQVEYALEAVKRGTCAVGVKGKNCVVLGCERRSTLKLQDTRITPSKVSKIDSHVVLSFSGLNA
DSRILIEKARVEAQSHRLTLEDPVTVEYLTRYVAGVQQRYTQSGGVRPFGVSTLIAGFDPRDDEPKLYQTEPSGIYSSWS
AQTIGRNSKTVREFLEKNYDRKEPPATVEECVKLTVRSLLEVVQTGAKNIEITVVKPDSDIVALSSEEINQYVTQIEQEK
QE
;
D
5 'polypeptide(L)'
;MFLTRSEYDRGVSTFSPEGRLFQVEYSLEAIKLGSTAIGIATKEGVVLGVEKRATSPLLESDSIEKIVEIDRHIGCAMSG
LTADARSMIEHARTAAVTHNLYYDEDINVESLTQSVCDLALRFGEGASGEERLMSRPFGVALLIAGHDADDGYQLFHAEP
SGTFYRYNAKAIGSGSEGAQAELLNEWHSSLTLKEAELLVLKILKQVMEEKLDENNAQLSCITKQDGFKIYDNEKTAELI
KELKEKEAA
;
E
6 'polypeptide(L)'
;MFRNNYDGDTVTFSPTGRLFQVEYALEAIKQGSVTVGLRSNTHAVLVALKRNADELSSYQKKIIKCDEHMGLSLAGLAPD
ARVLSNYLRQQCNYSSLVFNRKLAVERAGHLLCDKAQKNTQSYGGRPYGVGLLIIGYDKSGAHLLEFQPSGNVTELYGTA
IGARSQGAKTYLERTLDTFIKIDGNPDELIKAGVEAISQSLRDESLTVDNLSIAIVGKDTPFTIYDGEAVAKYI
;
F
7 'polypeptide(L)'
;SIGTGYDLSNSVFSPDGRNFQVEYAVKAVENGTTSIGIKCNDGVVFAVEKLITSKLLVPQKNVKIQVVDRHIGCVYSGLI
PDGRHLVNRGREEAASFKKLYKTPIPIPAFADRLGQYVQAHTLYNSVRPFGVSTIFGGVDKNGAHLYMLEPSGSYWGYKG
AATGKGRQSAKAELEKLVDHHPEGLSAREAVKQAAKIIYLAHEDNKEKDFELEISWCSLSETNGLHKFVKGDLLQEAIDF
AQKEIN
;
G
8 'polypeptide(L)'
;EEKPDVTYSDVGGCKDQIEKLREVVELPLLSPERFATLGIDPPKGILLYGPPGTGKTLCARAVANRTDATFIRVIGSELV
QKYVGEGARMVRELFEMARTKKACIIFFDEIDAVGGARFDDGAGGDNEVQRTMLELITQLDGFDPRGNIKVMFATNRPNT
LDPALLRPGRIDRKVEFSLPDLEGRANIFRIHSKSMSVERGIRWELISRLCPNSTGAELRSVCTEAGMFAIRARRKVATE
KDFLKAVDKVISGYKKF
;
H
9 'polypeptide(L)'
;PMVSVMKMDKSPTESYSDIGGLESQIQEIKESVELPLTHPELYEEMGIKPPKGVILYGAPGTGKTLLAKAVANQTSATFL
RIVGSELIQKYLGDGPRLCRQIFKVAGENAPSIVFIDEIDAIGTKRYDSNSGGEREIQRTMLELLNQLDGFDDRGDVKVI
MATNKIETLDPALIRPGRIDRKILFENPDLSTKKKILGIHTSKMNLSEDVNLETLVTTKDDLSGADIQAMCTEAGLLALR
ERRMQVTAEDFKQAKERVMKNKVEENLEGLY
;
I
10 'polypeptide(L)'
;ADPLVSLMMVEKVPDSTYDMVGGLTKQIKEIKEVIELPVKHPELFESLGIAQPKGVILYGPPGTGKTLLARAVAHHTDCK
FIRVSGAELVQKYIGEGSRMVRELFVMAREHAPSIIFMDEIDSIGSTRVEGSGGGDSEVQRTMLELLNQLDGFETSKNIK
IIMATNRLDILDPALLRPGRIDRKIEFPPPSVAARAEILRIHSRKMNLTRGINLRKVAEKMNGCSGADVKGVCTEAGMYA
LRERRIHVTQEDFELAVGKVMNKNQETAISVAKLFK
;
J
11 'polypeptide(L)'
;SISVMGENEKPDVTYADVGGLDMQKQEIREAVELPLVQADLYEQIGIDPPRGVLLYGPPGTGKTMLVKAVANSTKAAFIR
VNGSEFVHKYLGEGPRMVRDVFRLARENAPSIIFIDEVDSIATKRFDAQTGSDREVQRILIELLTQMDGFDQSTNVKVIM
ATNRADTLDPALLRPGRLDRKIEFPSLRDRRERRLIFGTIASKMSLAPEADLDSLIIRNDSLSGAVIAAIMQEAGLRAVR
KNRYVILQSDLEEAYATQVKTDNTVDKFDFYK
;
K
12 'polypeptide(L)'
;DPLVYNMTSFEQGEITFDGIGGLTEQIRELREVIELPLKNPEIFQRVGIKPPKGVLLYGPPGTGKTLLAKAVAATIGANF
IFSPASGIVDKYIGESARIIREMFAYAKEHEPCIIFMDEVDAIGGRRFSEGTSADREIQRTLMELLTQMDGFDNLGQTKI
IMATNRPDTLDPALLRPGRLDRKVEIPLPNEAGRLEIFKIHTAKVKKTGEFDFEAAVKMSDGFNGADIRNCATEAGFFAI
RDDRDHINPDDLMKAVRKVAEVKKLEGTIEYQK
;
L
13 'polypeptide(L)'
;PTETYSDVGGLDKQIEELVEAIVLPMKRADKFKDMGIRAPKGALMYGPPGTGKTLLARACAAQTNATFLKLAAPQLVQMY
IGEGAKLVRDAFALAKEKAPTIIFIDELDAIGTKRFDSEKSGDREVQRTMLELLNQLDGFSSDDRVKVLAATNRVDVLDP
ALLRSGRLDRKIEFPLPSEDSRAQILQIHSRKMTTDDDINWQELARSTDEFNGAQLKAVTVEAGMIALRNGQSSVKHEDF
VEGISEVQARKSKSVSFY
;
M
14 'polypeptide(L)' SARLGGASIAVQ s
#
loop_
_chem_comp.id
_chem_comp.type
_chem_comp.name
_chem_comp.formula
ADP non-polymer ADENOSINE-5'-DIPHOSPHATE 'C10 H15 N5 O10 P2'
ATP non-polymer ADENOSINE-5'-TRIPHOSPHATE 'C10 H16 N5 O13 P3'
#
# COMPACT_ATOMS: atom_id res chain seq x y z
N GLY A 1 2.15 -3.19 -8.01
CA GLY A 1 3.23 -3.54 -8.92
C GLY A 1 3.95 -2.34 -9.50
N TYR A 2 4.07 -2.32 -10.82
CA TYR A 2 4.68 -1.27 -11.64
C TYR A 2 6.20 -1.33 -11.61
N ASP A 3 6.81 -2.17 -10.78
CA ASP A 3 8.25 -2.34 -10.76
C ASP A 3 8.65 -3.79 -10.48
N ARG A 4 7.67 -4.70 -10.39
CA ARG A 4 7.90 -6.10 -10.05
C ARG A 4 7.43 -7.01 -11.16
N HIS A 5 6.20 -6.83 -11.63
CA HIS A 5 5.64 -7.62 -12.71
C HIS A 5 5.92 -6.89 -14.01
N ILE A 6 5.34 -7.40 -15.10
CA ILE A 6 5.62 -6.93 -16.45
C ILE A 6 4.38 -6.34 -17.10
N THR A 7 3.23 -6.94 -16.86
CA THR A 7 2.04 -6.65 -17.64
C THR A 7 1.38 -5.35 -17.21
N ILE A 8 2.05 -4.53 -16.41
CA ILE A 8 1.63 -3.17 -16.16
C ILE A 8 2.86 -2.30 -16.31
N PHE A 9 2.74 -1.28 -17.13
CA PHE A 9 3.85 -0.40 -17.40
C PHE A 9 4.17 0.45 -16.18
N SER A 10 5.21 1.25 -16.30
CA SER A 10 5.46 2.33 -15.40
C SER A 10 4.45 3.44 -15.67
N PRO A 11 4.41 4.45 -14.82
CA PRO A 11 3.66 5.65 -15.17
C PRO A 11 4.30 6.40 -16.30
N GLU A 12 5.61 6.24 -16.46
CA GLU A 12 6.37 7.07 -17.38
C GLU A 12 5.90 6.87 -18.80
N GLY A 13 5.73 5.62 -19.19
CA GLY A 13 5.51 5.26 -20.57
C GLY A 13 6.44 4.14 -21.02
N ARG A 14 7.02 3.44 -20.06
CA ARG A 14 7.76 2.22 -20.33
C ARG A 14 7.59 1.32 -19.12
N LEU A 15 8.44 0.30 -19.04
CA LEU A 15 8.50 -0.58 -17.90
C LEU A 15 9.95 -0.72 -17.46
N TYR A 16 10.17 -1.56 -16.45
CA TYR A 16 11.48 -1.73 -15.84
C TYR A 16 11.97 -3.17 -15.88
N GLN A 17 11.07 -4.13 -15.89
CA GLN A 17 11.46 -5.52 -15.67
C GLN A 17 12.33 -6.03 -16.80
N VAL A 18 11.77 -6.08 -18.01
CA VAL A 18 12.44 -6.65 -19.16
C VAL A 18 13.77 -5.97 -19.43
N GLU A 19 13.87 -4.69 -19.10
CA GLU A 19 15.14 -4.00 -19.17
C GLU A 19 16.19 -4.68 -18.30
N TYR A 20 15.78 -5.43 -17.29
CA TYR A 20 16.73 -6.22 -16.53
C TYR A 20 17.08 -7.51 -17.22
N ALA A 21 16.12 -8.10 -17.94
CA ALA A 21 16.39 -9.39 -18.56
C ALA A 21 17.50 -9.31 -19.56
N PHE A 22 17.61 -8.17 -20.25
CA PHE A 22 18.78 -7.92 -21.10
C PHE A 22 20.07 -7.99 -20.29
N LYS A 23 20.00 -7.69 -19.00
CA LYS A 23 21.20 -7.48 -18.21
C LYS A 23 21.80 -8.79 -17.73
N ALA A 24 20.97 -9.79 -17.44
CA ALA A 24 21.48 -11.06 -16.98
C ALA A 24 22.20 -11.83 -18.08
N THR A 25 22.02 -11.44 -19.33
CA THR A 25 22.78 -12.03 -20.40
C THR A 25 24.28 -11.85 -20.20
N ASN A 26 24.68 -10.75 -19.59
CA ASN A 26 26.07 -10.50 -19.27
C ASN A 26 26.49 -11.14 -17.95
N GLN A 27 25.72 -12.11 -17.44
CA GLN A 27 26.03 -12.74 -16.17
C GLN A 27 26.98 -13.92 -16.31
N THR A 28 27.78 -13.97 -17.38
CA THR A 28 28.82 -14.98 -17.53
C THR A 28 30.13 -14.46 -18.09
N ASN A 29 30.27 -13.15 -18.30
CA ASN A 29 31.40 -12.47 -18.93
C ASN A 29 32.01 -13.28 -20.08
N ILE A 30 31.15 -13.57 -21.05
CA ILE A 30 31.53 -14.27 -22.28
C ILE A 30 31.36 -13.33 -23.45
N ASN A 31 32.17 -13.54 -24.47
CA ASN A 31 32.08 -12.83 -25.74
C ASN A 31 31.97 -13.82 -26.87
N SER A 32 31.34 -13.36 -27.95
CA SER A 32 31.12 -14.19 -29.12
C SER A 32 31.16 -13.30 -30.35
N LEU A 33 31.07 -13.93 -31.51
CA LEU A 33 31.14 -13.21 -32.77
C LEU A 33 30.77 -14.16 -33.89
N ALA A 34 30.33 -13.58 -35.00
CA ALA A 34 29.85 -14.37 -36.12
C ALA A 34 29.94 -13.56 -37.41
N VAL A 35 30.23 -14.25 -38.52
CA VAL A 35 30.60 -13.63 -39.79
C VAL A 35 30.02 -14.45 -40.94
N ARG A 36 30.33 -14.02 -42.16
CA ARG A 36 29.69 -14.46 -43.38
C ARG A 36 30.70 -15.03 -44.37
N GLY A 37 30.18 -15.39 -45.55
CA GLY A 37 30.99 -15.96 -46.61
C GLY A 37 30.11 -16.20 -47.83
N LYS A 38 30.76 -16.56 -48.94
CA LYS A 38 30.02 -16.95 -50.12
C LYS A 38 29.26 -18.25 -49.88
N ASP A 39 29.86 -19.14 -49.10
CA ASP A 39 29.30 -20.46 -48.83
C ASP A 39 29.45 -20.84 -47.36
N CYS A 40 30.01 -19.96 -46.53
CA CYS A 40 30.50 -20.34 -45.23
C CYS A 40 30.23 -19.25 -44.21
N THR A 41 30.11 -19.65 -42.95
CA THR A 41 30.05 -18.74 -41.83
C THR A 41 30.91 -19.29 -40.71
N VAL A 42 31.03 -18.50 -39.66
CA VAL A 42 31.81 -18.89 -38.49
C VAL A 42 31.10 -18.35 -37.26
N VAL A 43 31.19 -19.09 -36.17
CA VAL A 43 30.83 -18.59 -34.85
C VAL A 43 31.85 -19.10 -33.85
N ILE A 44 32.06 -18.31 -32.80
CA ILE A 44 33.09 -18.59 -31.81
C ILE A 44 32.60 -18.11 -30.45
N SER A 45 33.13 -18.72 -29.40
CA SER A 45 32.74 -18.37 -28.04
C SER A 45 33.83 -18.79 -27.09
N GLN A 46 34.52 -17.81 -26.54
CA GLN A 46 35.57 -18.08 -25.55
C GLN A 46 34.99 -18.82 -24.36
N LYS A 47 35.74 -19.82 -23.88
CA LYS A 47 35.28 -20.74 -22.85
C LYS A 47 36.15 -20.59 -21.61
N LYS A 48 35.51 -20.31 -20.49
CA LYS A 48 36.17 -20.29 -19.19
C LYS A 48 36.08 -21.66 -18.56
N VAL A 49 37.03 -21.95 -17.68
CA VAL A 49 37.00 -23.19 -16.89
C VAL A 49 37.51 -22.89 -15.49
N PRO A 50 36.64 -22.72 -14.53
CA PRO A 50 37.01 -22.93 -13.13
C PRO A 50 37.19 -24.42 -12.83
N ASP A 51 37.24 -24.79 -11.55
CA ASP A 51 37.76 -26.05 -11.01
C ASP A 51 37.67 -27.26 -11.94
N LYS A 52 38.78 -27.97 -12.06
CA LYS A 52 39.12 -28.76 -13.23
C LYS A 52 38.46 -30.13 -13.24
N LEU A 53 37.38 -30.31 -12.48
CA LEU A 53 36.68 -31.57 -12.47
C LEU A 53 35.74 -31.73 -13.64
N LEU A 54 35.55 -30.69 -14.43
CA LEU A 54 34.59 -30.73 -15.51
C LEU A 54 35.04 -31.69 -16.60
N ASP A 55 34.10 -31.98 -17.50
CA ASP A 55 34.34 -32.75 -18.71
C ASP A 55 34.15 -31.81 -19.89
N PRO A 56 35.20 -31.10 -20.35
CA PRO A 56 35.00 -30.03 -21.34
C PRO A 56 34.49 -30.45 -22.70
N THR A 57 34.19 -31.73 -22.89
CA THR A 57 33.33 -32.11 -24.00
C THR A 57 31.88 -31.85 -23.66
N THR A 58 31.52 -32.00 -22.39
CA THR A 58 30.15 -31.78 -21.95
C THR A 58 29.81 -30.30 -21.95
N VAL A 59 30.78 -29.44 -21.60
CA VAL A 59 30.53 -28.01 -21.59
C VAL A 59 30.28 -27.56 -23.02
N SER A 60 29.22 -26.81 -23.22
CA SER A 60 28.92 -26.27 -24.54
C SER A 60 27.79 -25.26 -24.41
N TYR A 61 27.95 -24.14 -25.08
CA TYR A 61 26.91 -23.13 -25.22
C TYR A 61 26.21 -23.22 -26.56
N ILE A 62 26.48 -24.27 -27.32
CA ILE A 62 26.11 -24.36 -28.72
C ILE A 62 25.19 -25.54 -28.90
N PHE A 63 24.24 -25.39 -29.82
CA PHE A 63 23.20 -26.40 -30.00
C PHE A 63 22.83 -26.39 -31.48
N CYS A 64 23.44 -27.30 -32.23
CA CYS A 64 23.09 -27.46 -33.63
C CYS A 64 21.73 -28.11 -33.72
N ILE A 65 20.70 -27.28 -33.84
CA ILE A 65 19.33 -27.77 -33.69
C ILE A 65 18.93 -28.65 -34.85
N SER A 66 19.48 -28.40 -36.03
CA SER A 66 19.07 -29.16 -37.20
C SER A 66 20.11 -28.98 -38.29
N ARG A 67 19.95 -29.76 -39.33
CA ARG A 67 20.67 -29.49 -40.56
C ARG A 67 20.24 -28.14 -41.08
N THR A 68 21.18 -27.45 -41.72
CA THR A 68 21.02 -26.15 -42.36
C THR A 68 20.97 -25.01 -41.33
N ILE A 69 20.93 -25.30 -40.03
CA ILE A 69 20.68 -24.30 -39.00
C ILE A 69 21.74 -24.47 -37.91
N GLY A 70 22.02 -23.39 -37.21
CA GLY A 70 22.89 -23.44 -36.06
C GLY A 70 22.63 -22.27 -35.15
N MET A 71 22.90 -22.47 -33.86
CA MET A 71 22.71 -21.41 -32.89
C MET A 71 23.65 -21.56 -31.72
N VAL A 72 23.88 -20.43 -31.07
CA VAL A 72 24.64 -20.36 -29.83
C VAL A 72 23.92 -19.37 -28.94
N VAL A 73 24.11 -19.52 -27.64
CA VAL A 73 23.36 -18.80 -26.66
C VAL A 73 24.24 -17.72 -26.06
N ASN A 74 23.62 -16.87 -25.26
CA ASN A 74 24.31 -15.99 -24.35
C ASN A 74 23.55 -16.03 -23.04
N GLY A 75 24.11 -15.40 -22.04
CA GLY A 75 23.51 -15.50 -20.73
C GLY A 75 23.67 -16.90 -20.21
N PRO A 76 22.85 -17.27 -19.25
CA PRO A 76 23.00 -18.58 -18.63
C PRO A 76 22.32 -19.66 -19.46
N ILE A 77 22.65 -20.89 -19.11
CA ILE A 77 22.33 -22.09 -19.87
C ILE A 77 20.91 -22.56 -19.66
N PRO A 78 20.47 -22.80 -18.42
CA PRO A 78 19.24 -23.56 -18.22
C PRO A 78 18.02 -22.88 -18.77
N ASP A 79 18.00 -21.56 -18.73
CA ASP A 79 16.94 -20.79 -19.38
C ASP A 79 17.17 -20.63 -20.88
N ALA A 80 18.23 -21.23 -21.41
CA ALA A 80 18.50 -21.21 -22.84
C ALA A 80 18.02 -22.48 -23.52
N ARG A 81 18.17 -23.61 -22.85
CA ARG A 81 17.89 -24.88 -23.47
C ARG A 81 16.42 -24.99 -23.83
N ASN A 82 15.54 -24.57 -22.92
CA ASN A 82 14.12 -24.57 -23.22
C ASN A 82 13.79 -23.65 -24.39
N ALA A 83 14.59 -22.61 -24.59
CA ALA A 83 14.45 -21.82 -25.80
C ALA A 83 15.04 -22.54 -26.99
N ALA A 84 16.00 -23.44 -26.76
CA ALA A 84 16.54 -24.24 -27.83
C ALA A 84 15.66 -25.45 -28.13
N LEU A 85 15.04 -26.00 -27.10
CA LEU A 85 14.38 -27.29 -27.27
C LEU A 85 13.14 -27.17 -28.16
N ARG A 86 12.19 -26.30 -27.78
CA ARG A 86 11.00 -26.14 -28.61
C ARG A 86 11.39 -25.69 -30.02
N ALA A 87 12.52 -25.00 -30.14
CA ALA A 87 13.09 -24.76 -31.45
C ALA A 87 13.34 -26.07 -32.18
N LYS A 88 14.06 -26.98 -31.54
CA LYS A 88 14.30 -28.28 -32.16
C LYS A 88 13.00 -29.01 -32.41
N ALA A 89 12.08 -28.94 -31.45
CA ALA A 89 10.80 -29.61 -31.65
C ALA A 89 10.00 -28.97 -32.75
N GLU A 90 10.23 -27.68 -33.01
CA GLU A 90 9.45 -27.03 -34.04
C GLU A 90 9.84 -27.52 -35.42
N ALA A 91 11.12 -27.79 -35.64
CA ALA A 91 11.53 -28.30 -36.94
C ALA A 91 11.00 -29.69 -37.22
N ALA A 92 10.48 -30.38 -36.22
CA ALA A 92 9.69 -31.58 -36.46
C ALA A 92 8.27 -31.27 -36.87
N GLU A 93 7.92 -29.99 -37.03
CA GLU A 93 6.59 -29.57 -37.40
C GLU A 93 6.56 -28.91 -38.76
N PHE A 94 7.38 -27.89 -38.96
CA PHE A 94 7.41 -27.17 -40.22
C PHE A 94 7.77 -28.12 -41.36
N ARG A 95 8.62 -29.08 -41.07
CA ARG A 95 9.01 -30.07 -42.07
C ARG A 95 7.89 -31.08 -42.29
N TYR A 96 7.37 -31.65 -41.21
CA TYR A 96 6.32 -32.64 -41.33
C TYR A 96 5.04 -32.05 -41.90
N LYS A 97 4.89 -30.73 -41.86
CA LYS A 97 3.65 -30.08 -42.25
C LYS A 97 3.80 -29.28 -43.53
N TYR A 98 4.75 -28.34 -43.58
CA TYR A 98 5.01 -27.54 -44.76
C TYR A 98 6.14 -28.10 -45.60
N GLY A 99 6.27 -29.42 -45.63
CA GLY A 99 7.13 -30.06 -46.60
C GLY A 99 8.61 -30.12 -46.35
N TYR A 100 9.21 -28.97 -46.04
CA TYR A 100 10.65 -28.81 -46.04
C TYR A 100 11.11 -28.13 -44.75
N ASP A 101 12.41 -27.85 -44.69
CA ASP A 101 13.04 -27.37 -43.47
C ASP A 101 12.81 -25.88 -43.27
N MET A 102 12.98 -25.44 -42.03
CA MET A 102 12.76 -24.04 -41.72
C MET A 102 13.96 -23.20 -42.16
N PRO A 103 13.75 -22.13 -42.90
CA PRO A 103 14.73 -21.06 -42.93
C PRO A 103 14.88 -20.44 -41.54
N CYS A 104 15.98 -19.73 -41.33
CA CYS A 104 16.16 -19.00 -40.08
C CYS A 104 15.07 -17.95 -39.88
N ASP A 105 14.74 -17.20 -40.93
CA ASP A 105 13.92 -16.01 -40.78
C ASP A 105 12.53 -16.35 -40.24
N VAL A 106 11.92 -17.42 -40.76
CA VAL A 106 10.66 -17.87 -40.20
C VAL A 106 10.82 -18.29 -38.76
N LEU A 107 12.01 -18.79 -38.40
CA LEU A 107 12.22 -19.24 -37.04
C LEU A 107 12.33 -18.05 -36.11
N ALA A 108 13.16 -17.09 -36.46
CA ALA A 108 13.27 -15.86 -35.69
C ALA A 108 12.22 -14.84 -36.10
N LYS A 109 11.21 -15.24 -36.87
CA LYS A 109 9.90 -14.61 -36.83
C LYS A 109 8.99 -15.30 -35.82
N ARG A 110 9.36 -16.50 -35.37
CA ARG A 110 8.53 -17.31 -34.51
C ARG A 110 9.05 -17.33 -33.08
N MET A 111 10.30 -17.75 -32.89
CA MET A 111 10.83 -17.91 -31.54
C MET A 111 10.80 -16.62 -30.76
N ALA A 112 10.68 -15.48 -31.43
CA ALA A 112 10.46 -14.22 -30.77
C ALA A 112 8.98 -13.94 -30.54
N ASN A 113 8.10 -14.31 -31.47
CA ASN A 113 6.72 -13.87 -31.36
C ASN A 113 6.03 -14.45 -30.16
N LEU A 114 6.53 -15.57 -29.64
CA LEU A 114 6.03 -16.12 -28.39
C LEU A 114 6.71 -15.48 -27.19
N SER A 115 7.96 -15.03 -27.34
CA SER A 115 8.59 -14.28 -26.27
C SER A 115 7.84 -12.99 -26.00
N GLN A 116 7.25 -12.41 -27.04
CA GLN A 116 6.27 -11.36 -26.83
C GLN A 116 5.11 -11.85 -26.00
N ILE A 117 4.62 -13.06 -26.30
CA ILE A 117 3.50 -13.59 -25.56
C ILE A 117 3.89 -13.91 -24.14
N TYR A 118 5.17 -14.13 -23.87
CA TYR A 118 5.62 -14.29 -22.50
C TYR A 118 5.73 -12.97 -21.75
N THR A 119 5.42 -11.83 -22.40
CA THR A 119 5.39 -10.56 -21.71
C THR A 119 4.06 -9.83 -21.83
N GLN A 120 3.03 -10.49 -22.36
CA GLN A 120 1.65 -10.07 -22.15
C GLN A 120 1.04 -10.83 -20.99
N ARG A 121 0.96 -12.14 -21.13
CA ARG A 121 0.49 -13.04 -20.09
C ARG A 121 1.70 -13.36 -19.24
N ALA A 122 1.79 -12.73 -18.09
CA ALA A 122 3.04 -12.73 -17.37
C ALA A 122 3.30 -14.00 -16.57
N TYR A 123 2.43 -15.01 -16.69
CA TYR A 123 2.55 -16.22 -15.89
C TYR A 123 3.91 -16.86 -16.05
N MET A 124 4.45 -16.83 -17.25
CA MET A 124 5.83 -17.24 -17.52
C MET A 124 6.68 -16.00 -17.62
N ARG A 125 7.71 -15.93 -16.79
CA ARG A 125 8.66 -14.85 -16.90
C ARG A 125 9.35 -14.94 -18.25
N PRO A 126 9.86 -13.83 -18.78
CA PRO A 126 10.54 -13.89 -20.06
C PRO A 126 11.88 -14.57 -19.89
N LEU A 127 12.33 -15.20 -20.96
CA LEU A 127 13.53 -16.02 -20.87
C LEU A 127 14.74 -15.12 -20.76
N GLY A 128 15.57 -15.40 -19.77
CA GLY A 128 16.72 -14.56 -19.50
C GLY A 128 17.82 -14.74 -20.51
N VAL A 129 17.60 -14.26 -21.73
CA VAL A 129 18.56 -14.53 -22.79
C VAL A 129 18.39 -13.64 -24.02
N ILE A 130 19.50 -13.27 -24.62
CA ILE A 130 19.57 -12.88 -26.02
C ILE A 130 20.26 -14.01 -26.74
N LEU A 131 19.97 -14.15 -28.03
CA LEU A 131 20.21 -15.41 -28.71
C LEU A 131 20.33 -15.15 -30.19
N THR A 132 21.20 -15.94 -30.84
CA THR A 132 21.55 -15.75 -32.24
C THR A 132 21.32 -17.03 -33.02
N PHE A 133 21.53 -16.93 -34.33
CA PHE A 133 21.35 -18.05 -35.25
C PHE A 133 22.32 -17.93 -36.41
N VAL A 134 22.47 -19.02 -37.16
CA VAL A 134 23.27 -19.06 -38.38
C VAL A 134 22.67 -20.07 -39.34
N SER A 135 22.99 -19.93 -40.63
CA SER A 135 22.56 -20.87 -41.64
C SER A 135 23.18 -20.51 -42.99
N VAL A 136 22.95 -21.40 -43.96
CA VAL A 136 23.27 -21.18 -45.36
C VAL A 136 21.99 -21.53 -46.12
N ASP A 137 21.15 -20.53 -46.37
CA ASP A 137 19.89 -20.79 -47.04
C ASP A 137 20.16 -20.94 -48.53
N GLU A 138 19.11 -20.90 -49.34
CA GLU A 138 19.20 -21.14 -50.77
C GLU A 138 18.88 -19.93 -51.63
N GLU A 139 17.99 -19.04 -51.17
CA GLU A 139 17.75 -17.80 -51.88
C GLU A 139 18.77 -16.74 -51.49
N LEU A 140 18.84 -16.43 -50.20
CA LEU A 140 19.49 -15.22 -49.71
C LEU A 140 20.93 -15.44 -49.27
N GLY A 141 21.41 -16.68 -49.25
CA GLY A 141 22.77 -16.94 -48.90
C GLY A 141 22.97 -17.02 -47.40
N PRO A 142 24.21 -17.13 -46.97
CA PRO A 142 24.46 -17.26 -45.52
C PRO A 142 23.95 -16.06 -44.76
N SER A 143 22.94 -16.32 -43.96
CA SER A 143 22.21 -15.30 -43.24
C SER A 143 22.34 -15.55 -41.75
N ILE A 144 22.39 -14.45 -41.03
CA ILE A 144 22.47 -14.45 -39.58
C ILE A 144 21.26 -13.70 -39.07
N TYR A 145 20.80 -14.09 -37.90
CA TYR A 145 19.75 -13.35 -37.24
C TYR A 145 20.00 -13.35 -35.75
N LYS A 146 19.61 -12.26 -35.13
CA LYS A 146 19.69 -12.06 -33.69
C LYS A 146 18.29 -12.11 -33.10
N THR A 147 18.21 -12.46 -31.83
CA THR A 147 16.95 -12.48 -31.11
C THR A 147 17.19 -12.03 -29.68
N ASP A 148 16.11 -11.94 -28.92
CA ASP A 148 16.13 -11.14 -27.70
C ASP A 148 14.93 -11.37 -26.80
N PRO A 149 14.98 -10.86 -25.55
CA PRO A 149 13.87 -11.07 -24.62
C PRO A 149 12.55 -10.48 -25.03
N ALA A 150 12.51 -9.59 -26.02
CA ALA A 150 11.26 -8.99 -26.44
C ALA A 150 11.08 -8.92 -27.94
N GLY A 151 12.07 -9.26 -28.74
CA GLY A 151 11.84 -9.54 -30.14
C GLY A 151 11.99 -8.43 -31.15
N TYR A 152 13.11 -7.68 -31.13
CA TYR A 152 13.52 -6.93 -32.33
C TYR A 152 14.62 -7.71 -33.05
N TYR A 153 14.18 -8.86 -33.53
CA TYR A 153 15.01 -9.72 -34.35
C TYR A 153 15.46 -9.00 -35.60
N VAL A 154 16.70 -9.24 -35.99
CA VAL A 154 17.31 -8.47 -37.07
C VAL A 154 18.30 -9.36 -37.81
N GLY A 155 18.32 -9.22 -39.11
CA GLY A 155 19.41 -9.74 -39.88
C GLY A 155 20.65 -8.92 -39.71
N TYR A 156 21.77 -9.51 -40.10
CA TYR A 156 23.07 -8.92 -39.87
C TYR A 156 24.00 -9.20 -41.03
N LYS A 157 24.99 -8.32 -41.12
CA LYS A 157 26.22 -8.58 -41.84
C LYS A 157 27.23 -9.29 -40.96
N ALA A 158 27.17 -9.05 -39.66
CA ALA A 158 27.96 -9.73 -38.64
C ALA A 158 27.39 -9.28 -37.31
N THR A 159 28.01 -9.73 -36.23
CA THR A 159 27.46 -9.50 -34.90
C THR A 159 28.57 -9.21 -33.90
N ALA A 160 28.13 -9.08 -32.66
CA ALA A 160 29.00 -8.87 -31.52
C ALA A 160 28.14 -8.95 -30.28
N THR A 161 28.68 -9.54 -29.23
CA THR A 161 27.87 -9.89 -28.07
C THR A 161 28.77 -10.19 -26.90
N GLY A 162 28.30 -9.85 -25.71
CA GLY A 162 28.96 -10.15 -24.47
C GLY A 162 28.83 -8.99 -23.52
N PRO A 163 29.85 -8.77 -22.70
CA PRO A 163 29.99 -7.47 -22.05
C PRO A 163 30.74 -6.44 -22.89
N LYS A 164 31.25 -6.83 -24.05
CA LYS A 164 32.16 -6.00 -24.81
C LYS A 164 31.80 -6.00 -26.28
N GLN A 165 30.52 -5.76 -26.55
CA GLN A 165 30.03 -5.64 -27.92
C GLN A 165 30.01 -4.19 -28.40
N GLN A 166 30.91 -3.37 -27.87
CA GLN A 166 31.07 -1.98 -28.26
C GLN A 166 32.35 -1.72 -29.03
N GLU A 167 33.39 -2.50 -28.76
CA GLU A 167 34.72 -2.31 -29.33
C GLU A 167 35.14 -3.45 -30.23
N ILE A 168 34.75 -4.67 -29.90
CA ILE A 168 34.90 -5.80 -30.82
C ILE A 168 34.25 -5.46 -32.16
N THR A 169 33.09 -4.82 -32.12
CA THR A 169 32.50 -4.32 -33.35
C THR A 169 33.37 -3.23 -33.95
N THR A 170 33.87 -2.34 -33.10
CA THR A 170 34.69 -1.24 -33.59
C THR A 170 35.97 -1.74 -34.24
N ASN A 171 36.44 -2.92 -33.83
CA ASN A 171 37.52 -3.59 -34.54
C ASN A 171 37.03 -4.29 -35.80
N LEU A 172 35.75 -4.19 -36.13
CA LEU A 172 35.18 -4.87 -37.28
C LEU A 172 34.56 -3.89 -38.26
N GLU A 173 33.66 -3.02 -37.80
CA GLU A 173 33.10 -1.99 -38.67
C GLU A 173 34.14 -1.00 -39.13
N ASN A 174 35.33 -1.01 -38.52
CA ASN A 174 36.44 -0.18 -38.99
C ASN A 174 36.69 -0.37 -40.47
N HIS A 175 36.57 -1.61 -40.97
CA HIS A 175 36.98 -1.93 -42.32
C HIS A 175 35.86 -2.38 -43.23
N PHE A 176 34.67 -2.65 -42.70
CA PHE A 176 33.52 -2.78 -43.58
C PHE A 176 33.01 -1.43 -44.06
N LYS A 177 33.57 -0.33 -43.56
CA LYS A 177 33.48 0.95 -44.25
C LYS A 177 34.63 1.14 -45.23
N LYS A 178 35.76 0.47 -45.00
CA LYS A 178 36.93 0.54 -45.87
C LYS A 178 36.83 -0.43 -47.04
N SER A 179 36.64 -1.71 -46.74
CA SER A 179 36.57 -2.73 -47.78
C SER A 179 35.33 -2.61 -48.65
N LYS A 180 34.35 -1.80 -48.25
CA LYS A 180 33.15 -1.53 -49.05
C LYS A 180 32.40 -2.82 -49.38
N ILE A 181 32.26 -3.68 -48.39
CA ILE A 181 31.56 -4.94 -48.57
C ILE A 181 30.87 -5.40 -47.29
N ASP A 182 29.55 -5.59 -47.36
CA ASP A 182 28.87 -6.39 -46.35
C ASP A 182 29.36 -7.82 -46.42
N HIS A 183 29.54 -8.31 -47.63
CA HIS A 183 30.09 -9.62 -47.85
C HIS A 183 31.54 -9.64 -47.37
N ILE A 184 32.06 -10.84 -47.19
CA ILE A 184 33.47 -11.06 -46.95
C ILE A 184 33.93 -12.20 -47.83
N ASN A 185 35.16 -12.09 -48.32
CA ASN A 185 35.72 -13.03 -49.29
C ASN A 185 36.47 -14.12 -48.53
N GLU A 186 37.39 -14.81 -49.22
CA GLU A 186 38.08 -16.01 -48.72
C GLU A 186 37.05 -17.02 -48.23
N GLU A 187 36.32 -17.50 -49.24
CA GLU A 187 35.05 -18.18 -49.05
C GLU A 187 35.18 -19.48 -48.26
N SER A 188 36.29 -20.18 -48.41
CA SER A 188 36.40 -21.51 -47.84
C SER A 188 36.39 -21.44 -46.32
N TRP A 189 35.90 -22.52 -45.70
CA TRP A 189 35.50 -22.47 -44.31
C TRP A 189 36.66 -22.41 -43.35
N GLU A 190 37.90 -22.34 -43.83
CA GLU A 190 39.05 -22.12 -42.96
C GLU A 190 39.42 -20.64 -42.90
N LYS A 191 39.76 -20.05 -44.06
CA LYS A 191 40.42 -18.75 -44.09
C LYS A 191 39.62 -17.70 -43.36
N VAL A 192 38.30 -17.80 -43.44
CA VAL A 192 37.42 -16.87 -42.75
C VAL A 192 37.50 -17.04 -41.25
N VAL A 193 37.96 -18.19 -40.77
CA VAL A 193 38.04 -18.40 -39.34
C VAL A 193 39.11 -17.51 -38.73
N GLU A 194 40.29 -17.51 -39.35
CA GLU A 194 41.40 -16.73 -38.81
C GLU A 194 41.04 -15.26 -38.78
N PHE A 195 40.30 -14.81 -39.79
CA PHE A 195 39.75 -13.47 -39.80
C PHE A 195 38.97 -13.19 -38.52
N ALA A 196 38.18 -14.16 -38.08
CA ALA A 196 37.38 -13.94 -36.88
C ALA A 196 38.25 -13.90 -35.64
N ILE A 197 39.34 -14.65 -35.66
CA ILE A 197 40.16 -14.80 -34.48
C ILE A 197 41.25 -13.75 -34.42
N THR A 198 41.75 -13.33 -35.57
CA THR A 198 42.82 -12.35 -35.60
C THR A 198 42.31 -10.97 -35.23
N HIS A 199 41.10 -10.62 -35.67
CA HIS A 199 40.58 -9.29 -35.40
C HIS A 199 40.14 -9.15 -33.95
N MET A 200 39.69 -10.25 -33.35
CA MET A 200 39.30 -10.19 -31.95
C MET A 200 40.50 -10.15 -31.03
N ILE A 201 41.52 -10.97 -31.29
CA ILE A 201 42.71 -10.92 -30.44
C ILE A 201 43.42 -9.60 -30.63
N ASP A 202 43.29 -9.00 -31.80
CA ASP A 202 43.73 -7.62 -31.98
C ASP A 202 42.97 -6.70 -31.05
N ALA A 203 41.70 -7.01 -30.77
CA ALA A 203 40.90 -6.24 -29.83
C ALA A 203 41.14 -6.66 -28.39
N LEU A 204 41.70 -7.86 -28.17
CA LEU A 204 41.91 -8.39 -26.83
C LEU A 204 43.37 -8.67 -26.53
N GLY A 205 44.05 -9.42 -27.37
CA GLY A 205 45.46 -9.66 -27.17
C GLY A 205 45.72 -10.72 -26.12
N THR A 206 45.14 -11.89 -26.31
CA THR A 206 45.32 -13.01 -25.39
C THR A 206 45.45 -14.30 -26.18
N GLU A 207 46.31 -15.18 -25.68
CA GLU A 207 46.67 -16.42 -26.37
C GLU A 207 45.88 -17.59 -25.80
N PHE A 208 45.73 -18.63 -26.63
CA PHE A 208 44.67 -19.61 -26.48
C PHE A 208 45.19 -21.00 -26.77
N SER A 209 44.29 -21.97 -26.68
CA SER A 209 44.52 -23.35 -27.06
C SER A 209 43.32 -23.84 -27.83
N LYS A 210 43.33 -25.13 -28.20
CA LYS A 210 42.07 -25.78 -28.54
C LYS A 210 41.19 -25.90 -27.32
N ASN A 211 41.78 -25.82 -26.13
CA ASN A 211 41.04 -26.05 -24.90
C ASN A 211 39.96 -25.00 -24.68
N ASP A 212 40.29 -23.74 -24.93
CA ASP A 212 39.51 -22.62 -24.41
C ASP A 212 38.61 -21.94 -25.43
N LEU A 213 38.66 -22.34 -26.71
CA LEU A 213 37.82 -21.75 -27.75
C LEU A 213 37.17 -22.86 -28.57
N GLU A 214 36.39 -22.45 -29.56
CA GLU A 214 35.53 -23.36 -30.29
C GLU A 214 35.25 -22.79 -31.68
N VAL A 215 34.28 -23.38 -32.36
CA VAL A 215 34.07 -23.13 -33.78
C VAL A 215 32.66 -23.58 -34.12
N GLY A 216 32.09 -22.99 -35.16
CA GLY A 216 30.85 -23.44 -35.72
C GLY A 216 30.64 -22.80 -37.07
N VAL A 217 30.33 -23.61 -38.09
CA VAL A 217 30.34 -23.15 -39.47
C VAL A 217 29.07 -23.62 -40.15
N ALA A 218 28.41 -22.70 -40.83
CA ALA A 218 27.20 -23.01 -41.59
C ALA A 218 27.60 -23.35 -43.01
N THR A 219 27.23 -24.53 -43.46
CA THR A 219 27.57 -25.00 -44.79
C THR A 219 26.43 -25.86 -45.30
N LYS A 220 26.36 -25.99 -46.62
CA LYS A 220 25.26 -26.66 -47.30
C LYS A 220 24.98 -28.04 -46.73
N ASP A 221 23.77 -28.20 -46.20
CA ASP A 221 23.36 -29.43 -45.53
C ASP A 221 24.30 -29.76 -44.39
N LYS A 222 24.85 -28.75 -43.74
CA LYS A 222 25.91 -28.96 -42.77
C LYS A 222 25.90 -27.89 -41.69
N PHE A 223 26.32 -28.29 -40.51
CA PHE A 223 26.70 -27.38 -39.44
C PHE A 223 27.35 -28.19 -38.34
N PHE A 224 28.43 -27.68 -37.76
CA PHE A 224 29.26 -28.51 -36.90
C PHE A 224 30.34 -27.71 -36.22
N THR A 225 30.83 -28.25 -35.12
CA THR A 225 32.06 -27.83 -34.47
C THR A 225 33.20 -28.73 -34.93
N LEU A 226 34.41 -28.43 -34.49
CA LEU A 226 35.56 -29.15 -35.06
C LEU A 226 36.78 -28.93 -34.18
N SER A 227 37.94 -29.37 -34.69
CA SER A 227 39.22 -29.24 -34.03
C SER A 227 39.86 -27.90 -34.40
N ALA A 228 40.36 -27.21 -33.38
CA ALA A 228 40.85 -25.84 -33.51
C ALA A 228 42.37 -25.77 -33.42
N GLU A 229 43.06 -26.72 -34.04
CA GLU A 229 44.50 -26.66 -34.14
C GLU A 229 44.98 -25.51 -35.01
N ASN A 230 44.11 -24.92 -35.83
CA ASN A 230 44.47 -23.85 -36.75
C ASN A 230 44.64 -22.50 -36.06
N ILE A 231 44.75 -22.50 -34.73
CA ILE A 231 45.34 -21.39 -34.01
C ILE A 231 46.74 -21.08 -34.52
N GLU A 232 47.43 -22.07 -35.08
CA GLU A 232 48.82 -21.89 -35.46
C GLU A 232 48.96 -20.96 -36.66
N GLU A 233 48.03 -21.05 -37.60
CA GLU A 233 48.21 -20.39 -38.88
C GLU A 233 48.22 -18.87 -38.78
N ARG A 234 47.84 -18.30 -37.64
CA ARG A 234 48.10 -16.89 -37.42
C ARG A 234 49.59 -16.63 -37.23
N LEU A 235 50.35 -17.65 -36.82
CA LEU A 235 51.70 -17.44 -36.33
C LEU A 235 52.63 -16.93 -37.42
N VAL A 236 52.32 -17.19 -38.68
CA VAL A 236 53.26 -16.92 -39.75
C VAL A 236 53.40 -15.43 -40.02
N ALA A 237 52.48 -14.59 -39.56
CA ALA A 237 52.50 -13.16 -39.86
C ALA A 237 53.68 -12.39 -39.29
N ILE A 238 53.78 -12.28 -37.96
CA ILE A 238 54.88 -11.56 -37.30
C ILE A 238 55.29 -12.37 -36.07
N MET B 1 -1.40 -23.56 -11.92
CA MET B 1 -0.74 -23.04 -13.14
C MET B 1 -1.42 -21.77 -13.60
N THR B 2 -0.71 -20.66 -13.50
CA THR B 2 -1.20 -19.35 -13.94
C THR B 2 -2.47 -18.98 -13.19
N ASP B 3 -2.28 -18.75 -11.89
CA ASP B 3 -3.37 -18.47 -10.96
C ASP B 3 -3.71 -16.99 -10.90
N ARG B 4 -3.53 -16.25 -12.00
CA ARG B 4 -3.62 -14.80 -12.01
C ARG B 4 -4.58 -14.33 -13.11
N TYR B 5 -5.80 -14.83 -13.03
CA TYR B 5 -6.92 -14.18 -13.73
C TYR B 5 -7.32 -12.85 -13.08
N SER B 6 -6.63 -12.42 -12.03
CA SER B 6 -6.88 -11.13 -11.40
C SER B 6 -6.80 -10.02 -12.43
N PHE B 7 -7.94 -9.38 -12.66
CA PHE B 7 -8.06 -8.39 -13.72
C PHE B 7 -7.17 -7.19 -13.48
N SER B 8 -6.10 -7.08 -14.26
CA SER B 8 -5.34 -5.86 -14.27
C SER B 8 -6.06 -4.84 -15.13
N LEU B 9 -5.80 -3.55 -14.85
CA LEU B 9 -6.36 -2.41 -15.56
C LEU B 9 -7.83 -2.16 -15.25
N THR B 10 -8.48 -3.06 -14.51
CA THR B 10 -9.89 -2.94 -14.22
C THR B 10 -10.17 -2.03 -13.04
N THR B 11 -9.16 -1.35 -12.52
CA THR B 11 -9.30 -0.54 -11.33
C THR B 11 -9.33 0.90 -11.83
N PHE B 12 -10.52 1.37 -12.15
CA PHE B 12 -10.76 2.79 -12.32
C PHE B 12 -10.25 3.56 -11.12
N SER B 13 -9.27 4.41 -11.35
CA SER B 13 -8.92 5.38 -10.34
C SER B 13 -10.08 6.36 -10.18
N PRO B 14 -10.17 7.03 -9.03
CA PRO B 14 -11.42 7.74 -8.70
C PRO B 14 -11.73 8.88 -9.62
N SER B 15 -10.74 9.41 -10.33
CA SER B 15 -11.02 10.44 -11.30
C SER B 15 -11.81 9.87 -12.48
N GLY B 16 -11.70 8.58 -12.74
CA GLY B 16 -12.37 7.94 -13.84
C GLY B 16 -11.49 7.65 -15.03
N LYS B 17 -10.25 8.10 -15.03
CA LYS B 17 -9.31 7.80 -16.09
C LYS B 17 -8.55 6.54 -15.74
N LEU B 18 -8.51 5.60 -16.68
CA LEU B 18 -7.87 4.33 -16.45
C LEU B 18 -6.37 4.52 -16.22
N GLY B 19 -5.72 3.44 -15.80
CA GLY B 19 -4.36 3.54 -15.33
C GLY B 19 -3.32 3.25 -16.40
N GLN B 20 -3.39 2.07 -17.01
CA GLN B 20 -2.31 1.67 -17.90
C GLN B 20 -2.48 2.27 -19.27
N ILE B 21 -3.73 2.52 -19.66
CA ILE B 21 -4.01 3.14 -20.95
C ILE B 21 -3.26 4.45 -21.07
N ASP B 22 -3.50 5.35 -20.12
CA ASP B 22 -2.81 6.61 -20.13
C ASP B 22 -1.32 6.47 -19.87
N TYR B 23 -0.87 5.30 -19.42
CA TYR B 23 0.54 5.02 -19.33
C TYR B 23 1.04 4.36 -20.59
N ALA B 24 0.18 3.60 -21.26
CA ALA B 24 0.61 2.86 -22.42
C ALA B 24 0.94 3.80 -23.56
N LEU B 25 0.00 4.66 -23.90
CA LEU B 25 0.24 5.69 -24.88
C LEU B 25 1.26 6.73 -24.41
N THR B 26 1.69 6.68 -23.14
CA THR B 26 2.88 7.41 -22.77
C THR B 26 4.11 6.87 -23.47
N ALA B 27 4.04 5.62 -23.96
CA ALA B 27 5.14 5.05 -24.71
C ALA B 27 5.12 5.51 -26.15
N VAL B 28 3.96 5.40 -26.78
CA VAL B 28 3.87 5.58 -28.22
C VAL B 28 4.25 7.00 -28.59
N LYS B 29 4.01 7.96 -27.70
CA LYS B 29 4.49 9.31 -27.91
C LYS B 29 5.99 9.37 -27.73
N GLN B 30 6.51 8.61 -26.78
CA GLN B 30 7.95 8.47 -26.64
C GLN B 30 8.55 7.72 -27.81
N GLY B 31 7.72 7.03 -28.59
CA GLY B 31 8.19 6.33 -29.76
C GLY B 31 8.46 7.25 -30.92
N VAL B 32 8.88 6.63 -32.02
CA VAL B 32 9.35 7.32 -33.21
C VAL B 32 8.16 7.98 -33.89
N THR B 33 8.45 8.80 -34.89
CA THR B 33 7.43 9.49 -35.66
C THR B 33 6.93 8.63 -36.81
N SER B 34 5.68 8.86 -37.18
CA SER B 34 5.15 8.37 -38.43
C SER B 34 4.03 9.29 -38.89
N LEU B 35 3.44 8.94 -40.01
CA LEU B 35 2.26 9.64 -40.50
C LEU B 35 1.61 8.84 -41.61
N GLY B 36 0.53 9.40 -42.13
CA GLY B 36 -0.18 8.86 -43.27
C GLY B 36 -1.37 9.73 -43.58
N ILE B 37 -1.53 10.07 -44.85
CA ILE B 37 -2.51 11.06 -45.29
C ILE B 37 -3.33 10.47 -46.41
N LYS B 38 -4.21 11.31 -46.96
CA LYS B 38 -5.23 10.90 -47.90
C LYS B 38 -5.34 11.91 -49.02
N ALA B 39 -5.82 11.44 -50.17
CA ALA B 39 -6.07 12.28 -51.33
C ALA B 39 -7.40 11.85 -51.93
N THR B 40 -7.67 12.35 -53.13
CA THR B 40 -8.89 11.97 -53.85
C THR B 40 -8.73 10.66 -54.59
N ASN B 41 -7.51 10.33 -54.99
CA ASN B 41 -7.23 9.23 -55.89
C ASN B 41 -6.16 8.29 -55.37
N GLY B 42 -5.69 8.48 -54.15
CA GLY B 42 -4.63 7.63 -53.66
C GLY B 42 -4.26 8.00 -52.24
N VAL B 43 -3.48 7.12 -51.63
CA VAL B 43 -3.18 7.17 -50.21
C VAL B 43 -1.70 6.85 -50.02
N VAL B 44 -1.15 7.29 -48.89
CA VAL B 44 0.26 7.12 -48.58
C VAL B 44 0.46 7.00 -47.07
N ILE B 45 1.52 6.28 -46.70
CA ILE B 45 1.97 6.14 -45.32
C ILE B 45 3.48 6.00 -45.34
N ALA B 46 4.14 6.52 -44.32
CA ALA B 46 5.59 6.41 -44.28
C ALA B 46 6.11 6.70 -42.88
N THR B 47 7.33 6.26 -42.65
CA THR B 47 8.06 6.55 -41.42
C THR B 47 9.52 6.20 -41.64
N GLU B 48 10.28 6.25 -40.55
CA GLU B 48 11.70 5.98 -40.56
C GLU B 48 12.05 5.09 -39.39
N LYS B 49 13.17 4.39 -39.51
CA LYS B 49 13.47 3.22 -38.70
C LYS B 49 14.44 3.45 -37.56
N LYS B 50 15.50 4.22 -37.77
CA LYS B 50 16.55 4.38 -36.78
C LYS B 50 17.18 3.04 -36.41
N SER B 51 17.91 2.51 -37.40
CA SER B 51 18.74 1.32 -37.24
C SER B 51 19.44 1.24 -35.89
N SER B 52 20.02 2.35 -35.44
CA SER B 52 20.71 2.55 -34.17
C SER B 52 22.09 1.91 -34.15
N SER B 53 22.49 1.17 -35.19
CA SER B 53 23.85 0.68 -35.30
C SER B 53 24.06 0.27 -36.74
N PRO B 54 25.25 0.44 -37.26
CA PRO B 54 25.42 0.45 -38.71
C PRO B 54 25.26 -0.92 -39.34
N LEU B 55 25.90 -1.91 -38.72
CA LEU B 55 26.04 -3.20 -39.37
C LEU B 55 24.71 -3.91 -39.50
N ALA B 56 23.75 -3.59 -38.66
CA ALA B 56 22.46 -4.23 -38.74
C ALA B 56 21.78 -3.88 -40.06
N MET B 57 21.31 -4.91 -40.75
CA MET B 57 20.59 -4.69 -41.97
C MET B 57 19.33 -3.88 -41.70
N SER B 58 18.88 -3.14 -42.70
CA SER B 58 17.77 -2.22 -42.58
C SER B 58 16.85 -2.36 -43.76
N GLU B 59 16.68 -3.59 -44.22
CA GLU B 59 15.69 -3.91 -45.24
C GLU B 59 14.89 -5.16 -44.90
N THR B 60 15.33 -5.93 -43.91
CA THR B 60 14.55 -7.07 -43.45
C THR B 60 13.48 -6.60 -42.48
N LEU B 61 13.82 -5.64 -41.66
CA LEU B 61 12.90 -5.09 -40.67
C LEU B 61 11.96 -4.14 -41.39
N SER B 62 10.85 -4.70 -41.87
CA SER B 62 9.85 -3.94 -42.59
C SER B 62 8.86 -3.39 -41.59
N LYS B 63 8.98 -2.10 -41.29
CA LYS B 63 8.05 -1.49 -40.35
C LYS B 63 6.66 -1.42 -40.96
N VAL B 64 6.57 -0.87 -42.16
CA VAL B 64 5.36 -1.06 -42.93
C VAL B 64 5.19 -2.54 -43.21
N SER B 65 3.94 -2.97 -43.29
CA SER B 65 3.61 -4.36 -43.51
C SER B 65 2.29 -4.46 -44.25
N LEU B 66 2.16 -5.50 -45.05
CA LEU B 66 0.92 -5.79 -45.73
C LEU B 66 0.04 -6.63 -44.85
N LEU B 67 -1.26 -6.49 -45.06
CA LEU B 67 -2.25 -7.38 -44.51
C LEU B 67 -3.31 -7.81 -45.52
N THR B 68 -3.49 -7.06 -46.60
CA THR B 68 -4.21 -7.52 -47.78
C THR B 68 -3.60 -6.83 -48.99
N PRO B 69 -3.89 -7.32 -50.19
CA PRO B 69 -3.39 -6.61 -51.38
C PRO B 69 -4.06 -5.27 -51.60
N ASP B 70 -5.12 -4.96 -50.87
CA ASP B 70 -5.79 -3.67 -50.97
C ASP B 70 -5.70 -2.85 -49.69
N ILE B 71 -5.07 -3.37 -48.64
CA ILE B 71 -4.92 -2.65 -47.38
C ILE B 71 -3.48 -2.76 -46.94
N GLY B 72 -3.01 -1.71 -46.30
CA GLY B 72 -1.66 -1.68 -45.77
C GLY B 72 -1.59 -0.70 -44.63
N ALA B 73 -0.62 -0.91 -43.76
CA ALA B 73 -0.58 -0.17 -42.51
C ALA B 73 0.84 0.06 -42.07
N VAL B 74 0.95 0.88 -41.04
CA VAL B 74 2.22 1.20 -40.38
C VAL B 74 1.88 1.59 -38.95
N TYR B 75 2.91 1.72 -38.13
CA TYR B 75 2.76 2.19 -36.78
C TYR B 75 3.84 3.22 -36.48
N SER B 76 3.86 3.64 -35.23
CA SER B 76 5.07 4.16 -34.62
C SER B 76 4.82 4.09 -33.12
N GLY B 77 5.58 3.24 -32.45
CA GLY B 77 5.31 2.86 -31.09
C GLY B 77 6.29 1.79 -30.68
N MET B 78 5.77 0.69 -30.17
CA MET B 78 6.58 -0.47 -29.86
C MET B 78 6.49 -1.45 -31.01
N GLY B 79 7.61 -2.09 -31.32
CA GLY B 79 7.71 -2.90 -32.50
C GLY B 79 7.16 -4.29 -32.32
N PRO B 80 7.75 -5.05 -31.40
CA PRO B 80 7.40 -6.48 -31.30
C PRO B 80 5.96 -6.72 -30.92
N ASP B 81 5.26 -5.72 -30.37
CA ASP B 81 3.84 -5.84 -30.12
C ASP B 81 3.01 -5.38 -31.31
N TYR B 82 3.62 -5.30 -32.48
CA TYR B 82 2.93 -5.01 -33.73
C TYR B 82 2.87 -6.23 -34.63
N ARG B 83 4.01 -6.86 -34.84
CA ARG B 83 4.08 -7.96 -35.77
C ARG B 83 3.33 -9.18 -35.32
N VAL B 84 2.88 -9.24 -34.07
CA VAL B 84 2.13 -10.40 -33.60
C VAL B 84 0.67 -10.26 -33.95
N LEU B 85 0.13 -9.04 -33.88
CA LEU B 85 -1.31 -8.86 -34.03
C LEU B 85 -1.73 -8.75 -35.47
N VAL B 86 -0.82 -8.33 -36.35
CA VAL B 86 -1.12 -8.39 -37.77
C VAL B 86 -1.41 -9.82 -38.17
N ASP B 87 -0.62 -10.75 -37.63
CA ASP B 87 -0.78 -12.15 -37.96
C ASP B 87 -2.13 -12.66 -37.51
N LYS B 88 -2.67 -12.09 -36.44
CA LYS B 88 -4.06 -12.32 -36.10
C LYS B 88 -4.95 -11.58 -37.08
N SER B 89 -4.57 -10.35 -37.42
CA SER B 89 -5.42 -9.49 -38.21
C SER B 89 -5.65 -10.05 -39.60
N ARG B 90 -4.57 -10.38 -40.30
CA ARG B 90 -4.74 -10.89 -41.64
C ARG B 90 -5.39 -12.26 -41.62
N LYS B 91 -5.19 -13.02 -40.55
CA LYS B 91 -5.88 -14.29 -40.41
C LYS B 91 -7.38 -14.10 -40.36
N VAL B 92 -7.81 -13.03 -39.68
CA VAL B 92 -9.23 -12.75 -39.55
C VAL B 92 -9.85 -12.52 -40.92
N ALA B 93 -9.16 -11.74 -41.76
CA ALA B 93 -9.71 -11.39 -43.05
C ALA B 93 -9.90 -12.60 -43.93
N HIS B 94 -9.08 -13.64 -43.73
CA HIS B 94 -9.36 -14.91 -44.36
C HIS B 94 -10.56 -15.58 -43.71
N THR B 95 -10.63 -15.54 -42.38
CA THR B 95 -11.65 -16.30 -41.66
C THR B 95 -12.99 -15.57 -41.63
N SER B 96 -13.02 -14.43 -40.95
CA SER B 96 -14.29 -13.85 -40.57
C SER B 96 -15.09 -13.35 -41.77
N TYR B 97 -14.42 -13.05 -42.87
CA TYR B 97 -15.05 -12.45 -44.02
C TYR B 97 -14.89 -13.27 -45.29
N LYS B 98 -13.71 -13.82 -45.55
CA LYS B 98 -13.43 -14.38 -46.86
C LYS B 98 -13.98 -15.79 -47.02
N ARG B 99 -13.50 -16.73 -46.19
CA ARG B 99 -13.95 -18.11 -46.26
C ARG B 99 -15.46 -18.24 -46.22
N ILE B 100 -16.11 -17.31 -45.53
CA ILE B 100 -17.56 -17.37 -45.40
C ILE B 100 -18.25 -16.73 -46.60
N TYR B 101 -17.63 -15.71 -47.21
CA TYR B 101 -18.18 -15.05 -48.39
C TYR B 101 -17.35 -15.32 -49.64
N GLY B 102 -16.06 -14.97 -49.62
CA GLY B 102 -15.20 -15.14 -50.77
C GLY B 102 -14.35 -13.91 -51.03
N GLU B 103 -14.89 -12.76 -50.69
CA GLU B 103 -14.24 -11.50 -50.97
C GLU B 103 -13.23 -11.16 -49.88
N TYR B 104 -12.40 -10.17 -50.18
CA TYR B 104 -11.61 -9.54 -49.15
C TYR B 104 -12.43 -8.45 -48.47
N PRO B 105 -12.08 -8.08 -47.25
CA PRO B 105 -12.97 -7.27 -46.46
C PRO B 105 -12.91 -5.81 -46.84
N PRO B 106 -13.99 -5.06 -46.64
CA PRO B 106 -13.86 -3.62 -46.56
C PRO B 106 -13.03 -3.24 -45.36
N THR B 107 -12.78 -1.94 -45.24
CA THR B 107 -12.04 -1.38 -44.12
C THR B 107 -12.91 -0.54 -43.20
N LYS B 108 -14.24 -0.56 -43.37
CA LYS B 108 -15.11 0.00 -42.34
C LYS B 108 -15.19 -0.92 -41.13
N LEU B 109 -14.76 -2.17 -41.25
CA LEU B 109 -14.93 -3.14 -40.18
C LEU B 109 -13.72 -4.03 -39.95
N LEU B 110 -12.74 -4.08 -40.83
CA LEU B 110 -11.49 -4.74 -40.45
C LEU B 110 -10.90 -4.06 -39.24
N VAL B 111 -10.88 -2.74 -39.25
CA VAL B 111 -10.38 -1.98 -38.14
C VAL B 111 -11.20 -2.28 -36.89
N SER B 112 -12.48 -2.54 -37.07
CA SER B 112 -13.34 -2.81 -35.93
C SER B 112 -12.92 -4.09 -35.25
N GLU B 113 -12.65 -5.12 -36.03
CA GLU B 113 -12.25 -6.39 -35.45
C GLU B 113 -10.82 -6.35 -34.96
N VAL B 114 -9.97 -5.55 -35.59
CA VAL B 114 -8.63 -5.34 -35.06
C VAL B 114 -8.71 -4.62 -33.73
N ALA B 115 -9.72 -3.77 -33.55
CA ALA B 115 -9.92 -3.16 -32.24
C ALA B 115 -10.32 -4.21 -31.23
N LYS B 116 -11.16 -5.15 -31.64
CA LYS B 116 -11.62 -6.18 -30.74
C LYS B 116 -10.50 -7.12 -30.33
N ILE B 117 -9.40 -7.14 -31.09
CA ILE B 117 -8.18 -7.81 -30.63
C ILE B 117 -7.63 -7.11 -29.41
N MET B 118 -7.92 -5.82 -29.27
CA MET B 118 -7.21 -4.97 -28.35
C MET B 118 -7.95 -4.84 -27.03
N GLN B 119 -9.27 -4.67 -27.09
CA GLN B 119 -10.04 -4.47 -25.88
C GLN B 119 -10.22 -5.76 -25.12
N GLU B 120 -10.18 -6.89 -25.82
CA GLU B 120 -10.18 -8.16 -25.11
C GLU B 120 -8.90 -8.38 -24.31
N ALA B 121 -7.88 -7.57 -24.52
CA ALA B 121 -6.63 -7.66 -23.79
C ALA B 121 -6.54 -6.69 -22.64
N THR B 122 -7.20 -5.55 -22.73
CA THR B 122 -7.22 -4.59 -21.65
C THR B 122 -8.32 -4.87 -20.65
N GLN B 123 -8.95 -6.03 -20.73
CA GLN B 123 -10.11 -6.37 -19.91
C GLN B 123 -10.04 -7.75 -19.31
N SER B 124 -9.25 -8.66 -19.85
CA SER B 124 -9.11 -9.99 -19.26
C SER B 124 -8.14 -9.91 -18.08
N GLY B 125 -7.70 -11.07 -17.62
CA GLY B 125 -6.85 -11.17 -16.46
C GLY B 125 -5.36 -11.16 -16.76
N GLY B 126 -4.68 -10.14 -16.24
CA GLY B 126 -3.23 -10.12 -16.26
C GLY B 126 -2.67 -10.05 -17.66
N VAL B 127 -3.09 -9.02 -18.39
CA VAL B 127 -2.68 -8.83 -19.77
C VAL B 127 -2.47 -7.36 -20.02
N ARG B 128 -1.32 -7.01 -20.45
CA ARG B 128 -1.08 -5.62 -20.75
C ARG B 128 -1.65 -5.28 -22.12
N PRO B 129 -1.88 -4.01 -22.40
CA PRO B 129 -2.26 -3.63 -23.75
C PRO B 129 -1.06 -3.58 -24.65
N PHE B 130 -1.34 -3.60 -25.94
CA PHE B 130 -0.30 -3.51 -26.94
C PHE B 130 0.17 -2.08 -27.07
N GLY B 131 1.46 -1.87 -26.91
CA GLY B 131 2.02 -0.53 -26.94
C GLY B 131 2.14 0.03 -28.33
N VAL B 132 1.03 0.13 -29.04
CA VAL B 132 1.02 0.65 -30.41
C VAL B 132 -0.30 1.37 -30.63
N SER B 133 -0.23 2.42 -31.43
CA SER B 133 -1.39 3.11 -31.97
C SER B 133 -1.12 3.25 -33.47
N LEU B 134 -1.53 2.25 -34.22
CA LEU B 134 -1.18 2.17 -35.63
C LEU B 134 -2.26 2.86 -36.46
N LEU B 135 -2.14 2.74 -37.78
CA LEU B 135 -3.14 3.30 -38.68
C LEU B 135 -3.09 2.55 -39.99
N ILE B 136 -4.27 2.39 -40.60
CA ILE B 136 -4.45 1.57 -41.78
C ILE B 136 -5.05 2.43 -42.88
N ALA B 137 -4.78 2.04 -44.12
CA ALA B 137 -5.33 2.71 -45.29
C ALA B 137 -5.80 1.65 -46.27
N GLY B 138 -6.97 1.90 -46.87
CA GLY B 138 -7.57 0.90 -47.72
C GLY B 138 -8.52 1.51 -48.71
N HIS B 139 -9.11 0.62 -49.53
CA HIS B 139 -9.92 1.00 -50.66
C HIS B 139 -11.10 0.05 -50.75
N ASP B 140 -12.21 0.56 -51.26
CA ASP B 140 -13.47 -0.14 -51.23
C ASP B 140 -14.26 0.26 -52.47
N GLU B 141 -15.57 -0.03 -52.46
CA GLU B 141 -16.44 0.29 -53.59
C GLU B 141 -17.71 1.00 -53.13
N PHE B 142 -18.12 0.77 -51.90
CA PHE B 142 -19.10 1.65 -51.27
C PHE B 142 -18.46 2.93 -50.76
N ASN B 143 -17.15 2.92 -50.50
CA ASN B 143 -16.47 4.09 -49.96
C ASN B 143 -15.11 4.38 -50.58
N GLY B 144 -14.54 3.47 -51.36
CA GLY B 144 -13.31 3.80 -52.04
C GLY B 144 -12.17 4.01 -51.08
N PHE B 145 -11.26 4.91 -51.44
CA PHE B 145 -10.11 5.20 -50.61
C PHE B 145 -10.54 5.66 -49.24
N SER B 146 -9.77 5.28 -48.23
CA SER B 146 -10.12 5.65 -46.88
C SER B 146 -8.92 5.43 -45.98
N LEU B 147 -9.04 5.95 -44.77
CA LEU B 147 -7.96 6.01 -43.80
C LEU B 147 -8.52 5.81 -42.41
N TYR B 148 -7.75 5.15 -41.55
CA TYR B 148 -8.15 5.01 -40.16
C TYR B 148 -6.96 4.93 -39.24
N GLN B 149 -7.07 5.62 -38.12
CA GLN B 149 -6.22 5.51 -36.94
C GLN B 149 -6.90 4.55 -35.97
N VAL B 150 -6.09 4.00 -35.08
CA VAL B 150 -6.58 3.26 -33.94
C VAL B 150 -5.77 3.68 -32.72
N ASP B 151 -6.09 3.08 -31.59
CA ASP B 151 -5.41 3.35 -30.34
C ASP B 151 -5.54 2.12 -29.46
N PRO B 152 -4.66 1.94 -28.50
CA PRO B 152 -4.65 0.70 -27.73
C PRO B 152 -5.90 0.46 -26.89
N SER B 153 -6.78 1.44 -26.77
CA SER B 153 -8.07 1.15 -26.15
C SER B 153 -8.98 0.41 -27.11
N GLY B 154 -9.16 0.95 -28.30
CA GLY B 154 -10.05 0.39 -29.29
C GLY B 154 -10.76 1.46 -30.08
N SER B 155 -10.78 2.67 -29.55
CA SER B 155 -11.43 3.78 -30.22
C SER B 155 -10.69 4.10 -31.50
N TYR B 156 -11.29 3.77 -32.63
CA TYR B 156 -10.77 4.16 -33.92
C TYR B 156 -11.45 5.43 -34.39
N PHE B 157 -10.71 6.32 -34.77
CA PHE B 157 -11.13 7.53 -35.44
C PHE B 157 -10.84 7.42 -36.93
N PRO B 158 -11.60 8.07 -37.78
CA PRO B 158 -11.13 8.35 -39.14
C PRO B 158 -10.36 9.65 -39.14
N TRP B 159 -9.63 9.87 -40.22
CA TRP B 159 -8.78 11.03 -40.33
C TRP B 159 -8.60 11.35 -41.81
N LYS B 160 -7.90 12.44 -42.07
CA LYS B 160 -7.59 12.89 -43.40
C LYS B 160 -6.10 13.03 -43.64
N ALA B 161 -5.38 13.55 -42.66
CA ALA B 161 -3.93 13.66 -42.75
C ALA B 161 -3.39 13.78 -41.34
N THR B 162 -2.60 12.81 -40.92
CA THR B 162 -2.29 12.68 -39.51
C THR B 162 -0.88 12.14 -39.30
N ALA B 163 -0.31 12.52 -38.18
CA ALA B 163 0.92 11.94 -37.68
C ALA B 163 0.71 11.52 -36.24
N ILE B 164 1.48 10.54 -35.80
CA ILE B 164 1.48 10.10 -34.41
C ILE B 164 2.88 9.67 -34.05
N GLY B 165 3.35 10.10 -32.88
CA GLY B 165 4.63 9.67 -32.37
C GLY B 165 5.40 10.71 -31.59
N LYS B 166 6.64 10.95 -32.01
CA LYS B 166 7.51 11.85 -31.28
C LYS B 166 7.09 13.30 -31.47
N GLY B 167 7.17 13.78 -32.71
CA GLY B 167 6.92 15.17 -33.02
C GLY B 167 5.70 15.33 -33.89
N SER B 168 4.75 14.42 -33.73
CA SER B 168 3.53 14.44 -34.53
C SER B 168 2.81 15.77 -34.41
N VAL B 169 2.78 16.33 -33.20
CA VAL B 169 2.08 17.58 -32.95
C VAL B 169 2.66 18.68 -33.82
N ALA B 170 3.98 18.69 -33.98
CA ALA B 170 4.59 19.67 -34.86
C ALA B 170 4.19 19.43 -36.29
N ALA B 171 3.97 18.18 -36.65
CA ALA B 171 3.60 17.85 -38.01
C ALA B 171 2.13 18.12 -38.26
N LYS B 172 1.29 17.79 -37.28
CA LYS B 172 -0.12 18.13 -37.41
C LYS B 172 -0.31 19.62 -37.45
N THR B 173 0.56 20.35 -36.79
CA THR B 173 0.65 21.80 -36.88
C THR B 173 1.23 22.28 -38.21
N PHE B 174 1.76 21.36 -39.02
CA PHE B 174 2.45 21.69 -40.24
C PHE B 174 1.62 21.38 -41.47
N LEU B 175 1.07 20.17 -41.52
CA LEU B 175 0.37 19.68 -42.70
C LEU B 175 -0.73 20.63 -43.12
N GLU B 176 -1.63 20.90 -42.19
CA GLU B 176 -2.88 21.58 -42.47
C GLU B 176 -2.68 22.91 -43.17
N LYS B 177 -1.53 23.57 -42.98
CA LYS B 177 -1.30 24.80 -43.71
C LYS B 177 -1.01 24.50 -45.17
N ARG B 178 0.06 23.76 -45.45
CA ARG B 178 0.44 23.48 -46.82
C ARG B 178 -0.26 22.25 -47.37
N TRP B 179 -1.18 21.64 -46.62
CA TRP B 179 -2.12 20.66 -47.13
C TRP B 179 -3.12 21.32 -48.08
N ASN B 180 -3.82 20.50 -48.87
CA ASN B 180 -4.86 20.98 -49.77
C ASN B 180 -5.97 19.93 -49.83
N ASP B 181 -7.20 20.39 -49.99
CA ASP B 181 -8.34 19.49 -50.10
C ASP B 181 -8.26 18.56 -51.29
N GLU B 182 -7.44 18.87 -52.29
CA GLU B 182 -7.25 17.97 -53.42
C GLU B 182 -5.78 17.88 -53.80
N LEU B 183 -4.92 17.78 -52.79
CA LEU B 183 -3.52 17.49 -53.06
C LEU B 183 -3.40 16.05 -53.54
N GLU B 184 -3.40 15.87 -54.85
CA GLU B 184 -3.17 14.55 -55.42
C GLU B 184 -1.73 14.14 -55.15
N LEU B 185 -1.37 12.95 -55.64
CA LEU B 185 -0.34 12.16 -55.00
C LEU B 185 1.03 12.80 -55.11
N GLU B 186 1.54 12.94 -56.34
CA GLU B 186 2.97 13.19 -56.51
C GLU B 186 3.44 14.51 -55.91
N ASP B 187 2.52 15.37 -55.46
CA ASP B 187 2.82 16.43 -54.51
C ASP B 187 2.53 16.01 -53.07
N ALA B 188 1.57 15.11 -52.89
CA ALA B 188 1.28 14.57 -51.56
C ALA B 188 2.52 13.91 -50.97
N ILE B 189 3.18 13.07 -51.74
CA ILE B 189 4.35 12.37 -51.25
C ILE B 189 5.44 13.37 -50.89
N HIS B 190 5.53 14.43 -51.68
CA HIS B 190 6.51 15.46 -51.43
C HIS B 190 6.26 16.11 -50.07
N ILE B 191 5.06 16.67 -49.89
CA ILE B 191 4.72 17.28 -48.62
C ILE B 191 4.76 16.25 -47.53
N ALA B 192 4.42 15.01 -47.85
CA ALA B 192 4.56 13.94 -46.89
C ALA B 192 6.02 13.73 -46.56
N LEU B 193 6.85 13.63 -47.58
CA LEU B 193 8.26 13.34 -47.39
C LEU B 193 8.91 14.37 -46.50
N LEU B 194 8.82 15.63 -46.91
CA LEU B 194 9.37 16.70 -46.11
C LEU B 194 8.68 16.81 -44.78
N THR B 195 7.44 16.34 -44.68
CA THR B 195 6.75 16.30 -43.39
C THR B 195 7.50 15.47 -42.37
N LEU B 196 8.38 14.58 -42.82
CA LEU B 196 9.22 13.79 -41.94
C LEU B 196 10.60 14.41 -41.76
N LYS B 197 11.15 14.98 -42.82
CA LYS B 197 12.55 15.37 -42.80
C LYS B 197 12.82 16.42 -41.74
N GLU B 198 11.83 17.26 -41.46
CA GLU B 198 11.95 18.17 -40.34
C GLU B 198 12.07 17.42 -39.02
N SER B 199 11.49 16.23 -38.95
CA SER B 199 11.38 15.47 -37.72
C SER B 199 12.56 14.55 -37.49
N VAL B 200 13.74 14.88 -38.02
CA VAL B 200 14.82 13.92 -38.05
C VAL B 200 16.14 14.62 -38.24
N GLU B 201 17.18 14.07 -37.63
CA GLU B 201 18.57 14.41 -37.86
C GLU B 201 19.28 13.10 -38.18
N GLY B 202 20.61 13.13 -38.17
CA GLY B 202 21.34 11.95 -38.55
C GLY B 202 21.54 11.95 -40.04
N GLU B 203 20.65 11.27 -40.76
CA GLU B 203 20.77 11.18 -42.20
C GLU B 203 19.40 10.90 -42.80
N PHE B 204 19.21 11.40 -44.01
CA PHE B 204 17.98 11.32 -44.75
C PHE B 204 18.21 10.56 -46.05
N ASN B 205 18.96 9.47 -45.96
CA ASN B 205 19.28 8.70 -47.14
C ASN B 205 18.03 8.03 -47.68
N GLY B 206 18.03 7.79 -48.98
CA GLY B 206 16.90 7.13 -49.59
C GLY B 206 16.65 5.74 -49.05
N ASP B 207 17.72 5.05 -48.64
CA ASP B 207 17.58 3.75 -48.02
C ASP B 207 17.06 3.84 -46.59
N THR B 208 17.14 5.02 -45.99
CA THR B 208 16.70 5.19 -44.62
C THR B 208 15.21 4.98 -44.46
N ILE B 209 14.45 5.26 -45.52
CA ILE B 209 13.01 5.41 -45.42
C ILE B 209 12.31 4.29 -46.15
N GLU B 210 11.19 3.88 -45.59
CA GLU B 210 10.18 3.12 -46.28
C GLU B 210 8.92 3.96 -46.40
N LEU B 211 8.10 3.59 -47.37
CA LEU B 211 6.76 4.13 -47.50
C LEU B 211 6.03 3.25 -48.49
N ALA B 212 4.78 3.59 -48.76
CA ALA B 212 3.96 2.82 -49.67
C ALA B 212 2.69 3.61 -49.93
N ILE B 213 1.82 3.04 -50.76
CA ILE B 213 0.59 3.71 -51.15
C ILE B 213 -0.52 2.70 -51.34
N ILE B 214 -1.72 3.23 -51.58
CA ILE B 214 -2.83 2.52 -52.16
C ILE B 214 -3.36 3.42 -53.25
N GLY B 215 -3.15 3.03 -54.50
CA GLY B 215 -3.52 3.82 -55.65
C GLY B 215 -4.49 3.11 -56.56
N ASP B 216 -3.99 2.67 -57.71
CA ASP B 216 -4.78 1.97 -58.70
C ASP B 216 -4.12 0.64 -59.01
N GLU B 217 -4.94 -0.28 -59.52
CA GLU B 217 -4.51 -1.66 -59.69
C GLU B 217 -3.28 -1.74 -60.59
N ASN B 218 -2.56 -2.85 -60.46
CA ASN B 218 -1.30 -3.07 -61.18
C ASN B 218 -1.15 -4.56 -61.42
N PRO B 219 -1.92 -5.11 -62.37
CA PRO B 219 -1.90 -6.55 -62.58
C PRO B 219 -0.66 -7.07 -63.29
N ASP B 220 0.32 -6.20 -63.52
CA ASP B 220 1.67 -6.70 -63.80
C ASP B 220 2.23 -7.48 -62.63
N LEU B 221 1.73 -7.22 -61.42
CA LEU B 221 2.11 -7.95 -60.22
C LEU B 221 1.18 -9.09 -59.91
N LEU B 222 -0.02 -9.09 -60.48
CA LEU B 222 -1.00 -10.12 -60.18
C LEU B 222 -0.53 -11.50 -60.63
N GLY B 223 0.41 -11.57 -61.57
CA GLY B 223 0.99 -12.83 -61.94
C GLY B 223 0.07 -13.69 -62.79
N TYR B 224 -1.04 -14.12 -62.19
CA TYR B 224 -1.92 -15.10 -62.82
C TYR B 224 -2.83 -14.40 -63.82
N THR B 225 -2.22 -13.96 -64.91
CA THR B 225 -2.96 -13.28 -65.97
C THR B 225 -3.76 -14.28 -66.79
N GLY B 226 -4.96 -13.85 -67.21
CA GLY B 226 -5.90 -14.72 -67.89
C GLY B 226 -7.24 -14.78 -67.19
N ILE B 227 -7.59 -13.73 -66.47
CA ILE B 227 -8.83 -13.66 -65.71
C ILE B 227 -9.28 -12.21 -65.62
N PRO B 228 -10.29 -11.76 -66.37
CA PRO B 228 -10.68 -10.36 -66.28
C PRO B 228 -11.32 -9.98 -64.96
N THR B 229 -11.83 -10.96 -64.22
CA THR B 229 -12.41 -10.71 -62.90
C THR B 229 -11.38 -10.78 -61.79
N ASP B 230 -10.10 -10.61 -62.12
CA ASP B 230 -9.01 -10.57 -61.14
C ASP B 230 -8.29 -9.24 -61.36
N LYS B 231 -8.73 -8.21 -60.64
CA LYS B 231 -8.11 -6.91 -60.75
C LYS B 231 -6.69 -6.94 -60.16
N GLY B 232 -5.99 -5.83 -60.31
CA GLY B 232 -4.63 -5.75 -59.87
C GLY B 232 -4.53 -5.47 -58.38
N PRO B 233 -3.43 -5.86 -57.71
CA PRO B 233 -3.23 -5.43 -56.33
C PRO B 233 -3.08 -3.94 -56.21
N ARG B 234 -4.05 -3.30 -55.57
CA ARG B 234 -4.05 -1.85 -55.50
C ARG B 234 -2.97 -1.32 -54.57
N PHE B 235 -2.47 -2.16 -53.66
CA PHE B 235 -1.38 -1.79 -52.77
C PHE B 235 -0.06 -2.20 -53.37
N ARG B 236 0.93 -1.33 -53.23
CA ARG B 236 2.30 -1.66 -53.55
C ARG B 236 3.23 -0.61 -52.99
N LYS B 237 4.29 -1.02 -52.32
CA LYS B 237 5.26 -0.07 -51.80
C LYS B 237 6.24 0.27 -52.91
N LEU B 238 7.33 0.93 -52.54
CA LEU B 238 8.28 1.48 -53.48
C LEU B 238 9.69 1.12 -53.01
N THR B 239 10.62 1.17 -53.94
CA THR B 239 11.99 0.82 -53.65
C THR B 239 12.75 2.08 -53.24
N SER B 240 14.08 1.96 -53.16
CA SER B 240 14.91 3.00 -52.58
C SER B 240 15.71 3.79 -53.61
N GLN B 241 15.19 3.89 -54.83
CA GLN B 241 15.73 4.85 -55.80
C GLN B 241 14.62 5.67 -56.45
N GLU B 242 13.44 5.06 -56.62
CA GLU B 242 12.30 5.82 -57.12
C GLU B 242 11.71 6.71 -56.04
N ILE B 243 12.09 6.48 -54.79
CA ILE B 243 11.92 7.50 -53.76
C ILE B 243 13.06 8.49 -53.83
N ASN B 244 14.25 8.01 -54.16
CA ASN B 244 15.46 8.83 -54.15
C ASN B 244 15.65 9.55 -55.47
N ASP B 245 14.59 9.70 -56.27
CA ASP B 245 14.58 10.61 -57.41
C ASP B 245 13.44 11.61 -57.37
N ARG B 246 12.39 11.35 -56.60
CA ARG B 246 11.55 12.42 -56.10
C ARG B 246 12.28 13.25 -55.08
N LEU B 247 13.32 12.67 -54.47
CA LEU B 247 14.07 13.33 -53.42
C LEU B 247 15.10 14.30 -53.98
N GLU B 248 15.68 13.99 -55.14
CA GLU B 248 16.61 14.93 -55.75
C GLU B 248 15.92 16.20 -56.19
N ALA B 249 14.61 16.14 -56.43
CA ALA B 249 13.84 17.34 -56.70
C ALA B 249 13.91 18.35 -55.55
N LEU B 250 14.26 17.89 -54.36
CA LEU B 250 14.48 18.74 -53.20
C LEU B 250 15.78 18.34 -52.52
N MET C 1 -0.08 -13.72 -7.81
CA MET C 1 -1.02 -14.46 -6.94
C MET C 1 -1.74 -13.47 -6.03
N GLY C 2 -2.45 -13.98 -5.03
CA GLY C 2 -3.43 -13.16 -4.33
C GLY C 2 -2.83 -12.03 -3.52
N SER C 3 -1.77 -12.31 -2.78
CA SER C 3 -1.23 -11.34 -1.83
C SER C 3 -0.71 -10.08 -2.51
N ARG C 4 -0.49 -10.11 -3.83
CA ARG C 4 0.11 -8.98 -4.55
C ARG C 4 -0.55 -8.64 -5.86
N ARG C 5 -1.50 -9.44 -6.34
CA ARG C 5 -2.37 -9.05 -7.44
C ARG C 5 -3.69 -8.61 -6.83
N TYR C 6 -3.93 -7.31 -6.81
CA TYR C 6 -5.08 -6.74 -6.10
C TYR C 6 -6.35 -7.05 -6.87
N ASP C 7 -6.77 -8.31 -6.76
CA ASP C 7 -8.05 -8.76 -7.29
C ASP C 7 -9.17 -8.65 -6.26
N SER C 8 -8.94 -7.92 -5.17
CA SER C 8 -9.91 -7.81 -4.08
C SER C 8 -10.75 -6.55 -4.18
N ARG C 9 -10.19 -5.45 -4.68
CA ARG C 9 -10.90 -4.18 -4.72
C ARG C 9 -12.09 -4.22 -5.65
N THR C 10 -12.21 -5.24 -6.48
CA THR C 10 -13.36 -5.41 -7.36
C THR C 10 -14.43 -6.25 -6.68
N THR C 11 -15.68 -5.82 -6.84
CA THR C 11 -16.83 -6.63 -6.47
C THR C 11 -16.96 -6.78 -4.96
N ILE C 12 -16.65 -5.69 -4.23
CA ILE C 12 -16.76 -5.69 -2.77
C ILE C 12 -17.24 -4.32 -2.33
N PHE C 13 -17.48 -4.20 -1.03
CA PHE C 13 -18.20 -3.08 -0.45
C PHE C 13 -17.30 -2.21 0.40
N SER C 14 -17.82 -1.01 0.65
CA SER C 14 -17.27 -0.14 1.68
C SER C 14 -17.74 -0.61 3.04
N PRO C 15 -17.06 -0.20 4.11
CA PRO C 15 -17.66 -0.38 5.43
C PRO C 15 -18.85 0.50 5.65
N GLU C 16 -18.91 1.65 5.00
CA GLU C 16 -20.09 2.48 5.03
C GLU C 16 -21.16 1.96 4.09
N GLY C 17 -20.90 0.89 3.36
CA GLY C 17 -21.95 0.21 2.65
C GLY C 17 -22.20 0.76 1.28
N ARG C 18 -21.20 0.70 0.42
CA ARG C 18 -21.38 1.10 -0.97
C ARG C 18 -20.23 0.56 -1.79
N LEU C 19 -20.25 0.90 -3.07
CA LEU C 19 -19.28 0.45 -4.05
C LEU C 19 -18.44 1.63 -4.52
N TYR C 20 -17.20 1.33 -4.88
CA TYR C 20 -16.28 2.34 -5.38
C TYR C 20 -16.20 2.33 -6.89
N GLN C 21 -15.96 1.16 -7.46
CA GLN C 21 -15.70 1.06 -8.89
C GLN C 21 -16.86 1.57 -9.72
N VAL C 22 -18.07 1.52 -9.18
CA VAL C 22 -19.25 1.93 -9.90
C VAL C 22 -19.51 3.42 -9.73
N GLU C 23 -19.42 3.91 -8.50
CA GLU C 23 -19.50 5.35 -8.28
C GLU C 23 -18.33 6.06 -8.94
N TYR C 24 -17.23 5.36 -9.19
CA TYR C 24 -16.17 5.90 -10.02
C TYR C 24 -16.57 5.90 -11.48
N ALA C 25 -17.07 4.76 -11.95
CA ALA C 25 -17.41 4.62 -13.36
C ALA C 25 -18.51 5.59 -13.74
N LEU C 26 -19.55 5.66 -12.93
CA LEU C 26 -20.63 6.60 -13.15
C LEU C 26 -20.13 8.03 -13.20
N GLU C 27 -19.05 8.32 -12.48
CA GLU C 27 -18.39 9.61 -12.59
C GLU C 27 -17.48 9.69 -13.79
N SER C 28 -16.88 8.56 -14.16
CA SER C 28 -15.89 8.56 -15.23
C SER C 28 -16.48 9.00 -16.55
N ILE C 29 -17.78 8.75 -16.75
CA ILE C 29 -18.45 9.17 -17.97
C ILE C 29 -18.46 10.67 -18.13
N SER C 30 -18.56 11.40 -17.02
CA SER C 30 -18.84 12.83 -17.12
C SER C 30 -17.69 13.62 -17.70
N HIS C 31 -16.50 13.02 -17.81
CA HIS C 31 -15.45 13.60 -18.63
C HIS C 31 -15.79 13.53 -20.11
N ALA C 32 -16.70 12.66 -20.50
CA ALA C 32 -16.92 12.36 -21.90
C ALA C 32 -17.96 13.30 -22.49
N GLY C 33 -18.48 12.95 -23.67
CA GLY C 33 -19.37 13.83 -24.40
C GLY C 33 -20.73 13.97 -23.77
N THR C 34 -21.73 14.24 -24.62
CA THR C 34 -23.06 14.57 -24.13
C THR C 34 -24.07 14.21 -25.19
N ALA C 35 -25.26 13.81 -24.72
CA ALA C 35 -26.33 13.39 -25.59
C ALA C 35 -27.63 13.60 -24.86
N ILE C 36 -28.73 13.63 -25.61
CA ILE C 36 -30.06 13.72 -25.03
C ILE C 36 -31.02 12.82 -25.79
N GLY C 37 -32.19 12.65 -25.20
CA GLY C 37 -33.25 11.88 -25.80
C GLY C 37 -34.58 12.20 -25.14
N ILE C 38 -35.59 12.48 -25.96
CA ILE C 38 -36.91 12.85 -25.46
C ILE C 38 -37.96 11.97 -26.12
N MET C 39 -39.23 12.28 -25.87
CA MET C 39 -40.34 11.46 -26.31
C MET C 39 -41.48 12.39 -26.73
N ALA C 40 -41.48 12.73 -28.01
CA ALA C 40 -42.59 13.46 -28.59
C ALA C 40 -43.76 12.52 -28.83
N SER C 41 -44.96 13.09 -28.86
CA SER C 41 -46.14 12.29 -29.17
C SER C 41 -46.08 11.76 -30.59
N ASP C 42 -45.71 12.62 -31.54
CA ASP C 42 -45.63 12.20 -32.94
C ASP C 42 -44.48 11.22 -33.16
N GLY C 43 -43.31 11.52 -32.64
CA GLY C 43 -42.16 10.67 -32.85
C GLY C 43 -41.09 10.89 -31.80
N ILE C 44 -39.87 10.48 -32.14
CA ILE C 44 -38.75 10.48 -31.21
C ILE C 44 -37.53 11.10 -31.88
N VAL C 45 -36.64 11.66 -31.06
CA VAL C 45 -35.39 12.22 -31.52
C VAL C 45 -34.30 11.85 -30.53
N LEU C 46 -33.09 12.33 -30.81
CA LEU C 46 -31.91 12.20 -29.98
C LEU C 46 -31.02 13.40 -30.28
N ALA C 47 -29.82 13.39 -29.73
CA ALA C 47 -28.78 14.32 -30.17
C ALA C 47 -27.49 13.96 -29.47
N ALA C 48 -26.40 14.54 -29.96
CA ALA C 48 -25.08 14.27 -29.42
C ALA C 48 -24.18 15.46 -29.69
N GLU C 49 -23.50 15.90 -28.65
CA GLU C 49 -22.51 16.97 -28.74
C GLU C 49 -21.15 16.33 -28.55
N ARG C 50 -20.45 16.10 -29.66
CA ARG C 50 -19.07 15.67 -29.61
C ARG C 50 -18.20 16.73 -28.95
N LYS C 51 -16.93 16.42 -28.76
CA LYS C 51 -15.91 17.42 -28.47
C LYS C 51 -14.73 17.34 -29.41
N VAL C 52 -14.52 16.20 -30.06
CA VAL C 52 -13.40 16.00 -30.96
C VAL C 52 -13.69 16.74 -32.26
N THR C 53 -13.04 17.88 -32.46
CA THR C 53 -13.35 18.75 -33.58
C THR C 53 -12.09 19.36 -34.18
N SER C 54 -11.05 18.55 -34.38
CA SER C 54 -9.94 19.03 -35.20
C SER C 54 -10.40 19.15 -36.64
N THR C 55 -9.95 20.21 -37.31
CA THR C 55 -10.56 20.61 -38.57
C THR C 55 -10.38 19.55 -39.65
N LEU C 56 -9.19 18.98 -39.76
CA LEU C 56 -8.94 17.94 -40.74
C LEU C 56 -9.42 16.59 -40.28
N LEU C 57 -9.82 16.46 -39.03
CA LEU C 57 -10.43 15.22 -38.59
C LEU C 57 -11.70 15.00 -39.37
N GLU C 58 -11.75 13.90 -40.10
CA GLU C 58 -12.96 13.57 -40.83
C GLU C 58 -14.07 13.29 -39.84
N GLN C 59 -15.18 14.01 -40.00
CA GLN C 59 -16.30 13.96 -39.06
C GLN C 59 -17.61 14.00 -39.81
N ASP C 60 -17.61 13.44 -41.02
CA ASP C 60 -18.72 13.55 -41.94
C ASP C 60 -19.11 12.23 -42.56
N THR C 61 -18.28 11.20 -42.45
CA THR C 61 -18.57 9.91 -43.07
C THR C 61 -19.61 9.16 -42.27
N SER C 62 -19.28 8.82 -41.03
CA SER C 62 -20.18 8.10 -40.15
C SER C 62 -20.01 8.71 -38.77
N THR C 63 -20.56 8.03 -37.75
CA THR C 63 -20.77 8.65 -36.45
C THR C 63 -20.41 7.66 -35.36
N GLU C 64 -20.25 8.22 -34.15
CA GLU C 64 -19.78 7.46 -32.99
C GLU C 64 -20.55 7.69 -31.71
N LYS C 65 -21.24 8.82 -31.54
CA LYS C 65 -22.17 8.99 -30.43
C LYS C 65 -23.55 8.45 -30.76
N LEU C 66 -23.67 7.62 -31.78
CA LEU C 66 -24.97 7.08 -32.13
C LEU C 66 -24.78 5.84 -32.99
N TYR C 67 -25.68 4.89 -32.79
CA TYR C 67 -25.60 3.58 -33.41
C TYR C 67 -27.02 3.11 -33.67
N LYS C 68 -27.16 1.87 -34.10
CA LYS C 68 -28.45 1.24 -34.32
C LYS C 68 -28.42 -0.16 -33.76
N LEU C 69 -29.62 -0.72 -33.56
CA LEU C 69 -29.79 -2.11 -33.21
C LEU C 69 -30.53 -2.88 -34.29
N ASN C 70 -31.68 -2.38 -34.72
CA ASN C 70 -32.44 -3.04 -35.76
C ASN C 70 -33.20 -1.97 -36.53
N ASP C 71 -34.20 -2.40 -37.28
CA ASP C 71 -34.92 -1.51 -38.17
C ASP C 71 -35.96 -0.65 -37.44
N LYS C 72 -36.08 -0.77 -36.11
CA LYS C 72 -37.06 0.01 -35.37
C LYS C 72 -36.54 0.61 -34.07
N ILE C 73 -35.31 0.31 -33.65
CA ILE C 73 -34.78 0.79 -32.38
C ILE C 73 -33.43 1.42 -32.62
N ALA C 74 -33.13 2.45 -31.84
CA ALA C 74 -31.87 3.18 -31.90
C ALA C 74 -31.49 3.62 -30.49
N VAL C 75 -30.27 4.14 -30.37
CA VAL C 75 -29.69 4.47 -29.07
C VAL C 75 -28.91 5.78 -29.20
N ALA C 76 -28.29 6.15 -28.07
CA ALA C 76 -27.36 7.27 -28.01
C ALA C 76 -26.29 6.89 -27.01
N VAL C 77 -25.15 6.48 -27.51
CA VAL C 77 -24.10 5.93 -26.67
C VAL C 77 -23.36 7.03 -25.94
N ALA C 78 -22.85 6.67 -24.77
CA ALA C 78 -21.89 7.50 -24.06
C ALA C 78 -20.95 6.57 -23.31
N GLY C 79 -19.66 6.91 -23.32
CA GLY C 79 -18.64 6.07 -22.74
C GLY C 79 -17.40 6.00 -23.60
N LEU C 80 -16.72 4.87 -23.55
CA LEU C 80 -15.53 4.63 -24.35
C LEU C 80 -15.83 3.53 -25.35
N THR C 81 -15.62 3.83 -26.62
CA THR C 81 -16.19 3.06 -27.70
C THR C 81 -15.50 1.73 -27.89
N ALA C 82 -14.44 1.43 -27.14
CA ALA C 82 -13.95 0.07 -27.10
C ALA C 82 -14.87 -0.84 -26.31
N ASP C 83 -15.72 -0.26 -25.47
CA ASP C 83 -16.66 -1.01 -24.64
C ASP C 83 -18.09 -0.73 -25.06
N ALA C 84 -18.29 -0.58 -26.36
CA ALA C 84 -19.62 -0.38 -26.93
C ALA C 84 -19.89 -1.31 -28.09
N GLU C 85 -18.84 -1.68 -28.82
CA GLU C 85 -18.98 -2.48 -30.02
C GLU C 85 -19.18 -3.96 -29.72
N ILE C 86 -19.25 -4.34 -28.44
CA ILE C 86 -19.30 -5.74 -28.05
C ILE C 86 -20.74 -6.11 -27.73
N LEU C 87 -21.27 -5.48 -26.69
CA LEU C 87 -22.66 -5.70 -26.31
C LEU C 87 -23.61 -5.36 -27.46
N ILE C 88 -23.27 -4.34 -28.26
CA ILE C 88 -24.04 -4.09 -29.48
C ILE C 88 -23.95 -5.29 -30.41
N ASN C 89 -22.75 -5.81 -30.62
CA ASN C 89 -22.60 -7.08 -31.33
C ASN C 89 -23.35 -8.22 -30.64
N THR C 90 -23.65 -8.08 -29.35
CA THR C 90 -24.53 -9.00 -28.64
C THR C 90 -25.99 -8.56 -28.66
N ALA C 91 -26.27 -7.31 -29.00
CA ALA C 91 -27.65 -6.86 -29.12
C ALA C 91 -28.22 -7.19 -30.49
N ARG C 92 -27.50 -6.81 -31.54
CA ARG C 92 -28.01 -6.93 -32.89
C ARG C 92 -28.34 -8.37 -33.23
N ILE C 93 -27.61 -9.32 -32.64
CA ILE C 93 -27.96 -10.72 -32.78
C ILE C 93 -29.29 -11.00 -32.12
N HIS C 94 -29.57 -10.30 -31.01
CA HIS C 94 -30.68 -10.67 -30.16
C HIS C 94 -32.00 -10.48 -30.90
N ALA C 95 -32.14 -9.37 -31.60
CA ALA C 95 -33.28 -9.18 -32.49
C ALA C 95 -33.29 -10.24 -33.57
N GLN C 96 -32.17 -10.45 -34.23
CA GLN C 96 -32.03 -11.52 -35.20
C GLN C 96 -32.04 -12.91 -34.56
N ASN C 97 -32.20 -13.02 -33.24
CA ASN C 97 -32.55 -14.25 -32.57
C ASN C 97 -34.02 -14.29 -32.16
N TYR C 98 -34.54 -13.17 -31.66
CA TYR C 98 -35.91 -13.15 -31.18
C TYR C 98 -36.88 -13.40 -32.33
N LEU C 99 -36.67 -12.70 -33.44
CA LEU C 99 -37.43 -12.97 -34.65
C LEU C 99 -37.22 -14.40 -35.10
N LYS C 100 -36.00 -14.87 -35.01
CA LYS C 100 -35.61 -16.15 -35.59
C LYS C 100 -36.36 -17.33 -34.99
N THR C 101 -37.00 -17.15 -33.84
CA THR C 101 -37.71 -18.21 -33.17
C THR C 101 -39.16 -17.87 -32.84
N TYR C 102 -39.54 -16.59 -32.84
CA TYR C 102 -40.91 -16.15 -32.59
C TYR C 102 -41.48 -15.31 -33.71
N ASN C 103 -40.79 -15.20 -34.86
CA ASN C 103 -41.15 -14.41 -36.04
C ASN C 103 -41.82 -13.08 -35.75
N GLU C 104 -41.36 -12.38 -34.71
CA GLU C 104 -41.78 -11.02 -34.45
C GLU C 104 -40.60 -10.25 -33.88
N ASP C 105 -40.78 -8.94 -33.75
CA ASP C 105 -39.73 -8.07 -33.24
C ASP C 105 -39.90 -7.88 -31.74
N ILE C 106 -38.92 -7.20 -31.14
CA ILE C 106 -38.66 -7.34 -29.72
C ILE C 106 -39.63 -6.46 -28.94
N PRO C 107 -40.26 -6.97 -27.91
CA PRO C 107 -40.82 -6.08 -26.89
C PRO C 107 -39.69 -5.41 -26.15
N VAL C 108 -39.50 -4.11 -26.41
CA VAL C 108 -38.27 -3.41 -26.07
C VAL C 108 -37.99 -3.39 -24.57
N GLU C 109 -38.98 -3.68 -23.75
CA GLU C 109 -38.72 -3.79 -22.32
C GLU C 109 -37.86 -5.00 -21.98
N ILE C 110 -37.60 -5.89 -22.93
CA ILE C 110 -37.05 -7.19 -22.60
C ILE C 110 -35.54 -7.21 -22.82
N LEU C 111 -35.05 -6.42 -23.78
CA LEU C 111 -33.65 -6.57 -24.15
C LEU C 111 -32.76 -5.74 -23.25
N VAL C 112 -33.26 -4.62 -22.74
CA VAL C 112 -32.47 -3.84 -21.81
C VAL C 112 -32.28 -4.61 -20.52
N ARG C 113 -33.26 -5.46 -20.19
CA ARG C 113 -33.10 -6.46 -19.15
C ARG C 113 -32.48 -7.75 -19.70
N ARG C 114 -31.74 -7.63 -20.81
CA ARG C 114 -30.78 -8.60 -21.29
C ARG C 114 -29.41 -8.00 -21.47
N LEU C 115 -29.32 -6.70 -21.70
CA LEU C 115 -28.05 -6.00 -21.76
C LEU C 115 -27.59 -5.57 -20.37
N SER C 116 -28.52 -5.15 -19.54
CA SER C 116 -28.15 -4.80 -18.18
C SER C 116 -27.63 -6.01 -17.42
N ASP C 117 -28.17 -7.17 -17.73
CA ASP C 117 -27.83 -8.37 -17.00
C ASP C 117 -26.53 -9.01 -17.44
N ILE C 118 -25.71 -8.30 -18.22
CA ILE C 118 -24.31 -8.67 -18.40
C ILE C 118 -23.44 -7.61 -17.75
N LYS C 119 -23.96 -6.38 -17.66
CA LYS C 119 -23.22 -5.35 -16.96
C LYS C 119 -23.21 -5.65 -15.46
N GLN C 120 -24.37 -5.95 -14.90
CA GLN C 120 -24.43 -6.48 -13.55
C GLN C 120 -23.58 -7.73 -13.42
N GLY C 121 -23.50 -8.53 -14.48
CA GLY C 121 -22.88 -9.82 -14.37
C GLY C 121 -21.41 -9.75 -14.03
N TYR C 122 -20.75 -8.66 -14.42
CA TYR C 122 -19.34 -8.49 -14.14
C TYR C 122 -19.08 -7.84 -12.79
N THR C 123 -19.98 -6.98 -12.33
CA THR C 123 -19.79 -6.33 -11.05
C THR C 123 -20.35 -7.14 -9.89
N GLN C 124 -20.57 -8.41 -10.09
CA GLN C 124 -20.76 -9.36 -9.02
C GLN C 124 -19.80 -10.52 -9.13
N HIS C 125 -19.72 -11.12 -10.32
CA HIS C 125 -18.81 -12.20 -10.53
C HIS C 125 -17.40 -11.65 -10.75
N GLY C 126 -16.45 -12.57 -10.87
CA GLY C 126 -15.10 -12.24 -11.27
C GLY C 126 -14.44 -11.13 -10.50
N GLY C 127 -13.41 -10.54 -11.10
CA GLY C 127 -12.73 -9.40 -10.56
C GLY C 127 -12.54 -8.37 -11.64
N LEU C 128 -13.53 -8.30 -12.51
CA LEU C 128 -13.46 -7.54 -13.74
C LEU C 128 -14.14 -6.19 -13.58
N ARG C 129 -13.70 -5.22 -14.36
CA ARG C 129 -14.38 -3.96 -14.34
C ARG C 129 -15.73 -4.12 -15.02
N PRO C 130 -16.62 -3.17 -14.83
CA PRO C 130 -17.81 -3.11 -15.66
C PRO C 130 -17.51 -2.44 -16.98
N PHE C 131 -18.51 -2.47 -17.85
CA PHE C 131 -18.49 -1.63 -19.02
C PHE C 131 -18.72 -0.19 -18.59
N GLY C 132 -17.75 0.67 -18.86
CA GLY C 132 -17.90 2.05 -18.49
C GLY C 132 -18.68 2.76 -19.57
N VAL C 133 -20.01 2.82 -19.37
CA VAL C 133 -20.94 3.17 -20.42
C VAL C 133 -22.21 3.67 -19.77
N SER C 134 -22.93 4.52 -20.47
CA SER C 134 -24.34 4.74 -20.21
C SER C 134 -25.02 4.92 -21.55
N PHE C 135 -26.23 4.38 -21.66
CA PHE C 135 -26.96 4.33 -22.91
C PHE C 135 -28.26 5.11 -22.82
N ILE C 136 -28.76 5.42 -24.00
CA ILE C 136 -30.13 5.83 -24.23
C ILE C 136 -30.74 4.77 -25.12
N TYR C 137 -32.05 4.75 -25.17
CA TYR C 137 -32.78 3.90 -26.08
C TYR C 137 -33.91 4.68 -26.69
N ALA C 138 -34.44 4.16 -27.79
CA ALA C 138 -35.54 4.80 -28.50
C ALA C 138 -36.17 3.76 -29.39
N GLY C 139 -37.42 3.44 -29.12
CA GLY C 139 -38.04 2.34 -29.84
C GLY C 139 -39.54 2.38 -29.72
N TYR C 140 -40.16 1.55 -30.54
CA TYR C 140 -41.59 1.54 -30.70
C TYR C 140 -42.09 0.11 -30.68
N ASP C 141 -43.31 -0.07 -30.20
CA ASP C 141 -43.93 -1.39 -30.18
C ASP C 141 -45.43 -1.17 -30.34
N ASP C 142 -46.20 -2.20 -30.02
CA ASP C 142 -47.64 -2.14 -30.05
C ASP C 142 -48.28 -2.36 -28.69
N ARG C 143 -47.67 -3.18 -27.84
CA ARG C 143 -48.23 -3.39 -26.51
C ARG C 143 -47.88 -2.24 -25.57
N TYR C 144 -47.02 -1.31 -25.99
CA TYR C 144 -46.84 -0.05 -25.29
C TYR C 144 -46.68 1.15 -26.21
N GLY C 145 -46.66 0.97 -27.52
CA GLY C 145 -46.54 2.09 -28.43
C GLY C 145 -45.13 2.64 -28.49
N TYR C 146 -44.97 3.91 -28.15
CA TYR C 146 -43.64 4.49 -28.08
C TYR C 146 -43.02 4.20 -26.72
N GLN C 147 -41.71 4.42 -26.64
CA GLN C 147 -40.97 4.18 -25.42
C GLN C 147 -39.74 5.07 -25.39
N LEU C 148 -39.07 5.05 -24.23
CA LEU C 148 -37.73 5.57 -24.08
C LEU C 148 -37.19 5.11 -22.74
N TYR C 149 -35.93 4.69 -22.74
CA TYR C 149 -35.28 4.11 -21.57
C TYR C 149 -33.92 4.75 -21.37
N THR C 150 -33.33 4.41 -20.23
CA THR C 150 -31.99 4.86 -19.88
C THR C 150 -31.36 3.81 -18.99
N SER C 151 -30.05 3.65 -19.16
CA SER C 151 -29.32 2.58 -18.49
C SER C 151 -28.16 3.14 -17.68
N ASN C 152 -27.31 2.25 -17.20
CA ASN C 152 -26.20 2.58 -16.34
C ASN C 152 -25.15 1.49 -16.48
N PRO C 153 -23.94 1.72 -15.99
CA PRO C 153 -22.92 0.68 -16.07
C PRO C 153 -23.10 -0.41 -15.07
N SER C 154 -23.83 -0.17 -13.98
CA SER C 154 -24.11 -1.24 -13.04
C SER C 154 -25.09 -2.24 -13.62
N GLY C 155 -26.16 -1.72 -14.23
CA GLY C 155 -27.23 -2.55 -14.75
C GLY C 155 -28.59 -2.07 -14.33
N ASN C 156 -28.69 -0.85 -13.80
CA ASN C 156 -29.95 -0.29 -13.35
C ASN C 156 -30.54 0.52 -14.49
N TYR C 157 -31.56 -0.01 -15.14
CA TYR C 157 -32.23 0.68 -16.22
C TYR C 157 -33.45 1.42 -15.70
N THR C 158 -33.91 2.37 -16.49
CA THR C 158 -35.02 3.21 -16.12
C THR C 158 -35.72 3.75 -17.35
N GLY C 159 -37.04 3.82 -17.27
CA GLY C 159 -37.84 4.51 -18.27
C GLY C 159 -37.93 5.97 -17.91
N TRP C 160 -37.71 6.83 -18.90
CA TRP C 160 -37.70 8.26 -18.68
C TRP C 160 -38.27 8.99 -19.90
N LYS C 161 -38.71 10.22 -19.67
CA LYS C 161 -39.31 11.04 -20.72
C LYS C 161 -38.26 11.74 -21.56
N ALA C 162 -37.53 12.69 -20.95
CA ALA C 162 -36.68 13.62 -21.68
C ALA C 162 -35.41 13.85 -20.87
N ILE C 163 -34.29 13.39 -21.41
CA ILE C 163 -33.10 13.09 -20.62
C ILE C 163 -31.84 13.59 -21.30
N SER C 164 -30.86 13.95 -20.48
CA SER C 164 -29.50 14.20 -20.89
C SER C 164 -28.56 13.31 -20.10
N VAL C 165 -27.33 13.21 -20.60
CA VAL C 165 -26.31 12.35 -20.03
C VAL C 165 -24.95 13.02 -20.17
N GLY C 166 -23.93 12.32 -19.68
CA GLY C 166 -22.57 12.74 -19.90
C GLY C 166 -22.11 13.90 -19.05
N ALA C 167 -21.84 15.01 -19.71
CA ALA C 167 -21.35 16.18 -19.03
C ALA C 167 -22.50 17.07 -18.58
N ASN C 168 -22.18 17.96 -17.65
CA ASN C 168 -22.88 19.21 -17.35
C ASN C 168 -24.40 19.10 -17.45
N THR C 169 -24.93 18.00 -16.97
CA THR C 169 -26.31 17.61 -17.27
C THR C 169 -27.30 18.02 -16.19
N SER C 170 -26.88 18.02 -14.92
CA SER C 170 -27.80 18.28 -13.83
C SER C 170 -28.47 19.64 -13.94
N ALA C 171 -27.85 20.58 -14.66
CA ALA C 171 -28.53 21.81 -15.00
C ALA C 171 -29.35 21.65 -16.27
N ALA C 172 -28.90 20.78 -17.17
CA ALA C 172 -29.60 20.59 -18.44
C ALA C 172 -31.03 20.18 -18.23
N GLN C 173 -31.25 19.19 -17.37
CA GLN C 173 -32.61 18.92 -16.90
C GLN C 173 -33.24 20.17 -16.34
N THR C 174 -32.54 20.84 -15.44
CA THR C 174 -33.05 22.05 -14.84
C THR C 174 -33.14 23.20 -15.83
N LEU C 175 -32.49 23.08 -17.00
CA LEU C 175 -32.67 24.05 -18.06
C LEU C 175 -33.92 23.78 -18.87
N LEU C 176 -34.46 22.57 -18.81
CA LEU C 176 -35.64 22.19 -19.56
C LEU C 176 -36.80 21.78 -18.66
N GLN C 177 -36.56 21.62 -17.36
CA GLN C 177 -37.59 21.13 -16.45
C GLN C 177 -38.88 21.96 -16.54
N MET C 178 -38.76 23.22 -16.93
CA MET C 178 -39.92 24.05 -17.20
C MET C 178 -40.49 23.81 -18.60
N ASP C 179 -39.65 23.52 -19.57
CA ASP C 179 -40.05 23.61 -20.97
C ASP C 179 -40.74 22.36 -21.50
N TYR C 180 -40.78 21.27 -20.75
CA TYR C 180 -41.34 20.03 -21.26
C TYR C 180 -42.84 19.97 -21.00
N LYS C 181 -43.62 20.17 -22.05
CA LYS C 181 -45.04 19.86 -22.04
C LYS C 181 -45.20 18.35 -22.23
N ASP C 182 -46.43 17.92 -22.51
CA ASP C 182 -46.72 16.53 -22.85
C ASP C 182 -47.38 16.38 -24.22
N ASP C 183 -47.86 17.47 -24.82
CA ASP C 183 -48.37 17.41 -26.18
C ASP C 183 -47.25 17.01 -27.12
N MET C 184 -46.26 17.90 -27.28
CA MET C 184 -44.95 17.57 -27.85
C MET C 184 -45.05 16.87 -29.20
N LYS C 185 -45.39 17.67 -30.20
CA LYS C 185 -45.13 17.29 -31.58
C LYS C 185 -43.62 17.21 -31.81
N VAL C 186 -43.21 16.87 -33.02
CA VAL C 186 -41.78 16.72 -33.28
C VAL C 186 -41.11 18.08 -33.44
N ASP C 187 -41.65 18.92 -34.30
CA ASP C 187 -40.93 20.12 -34.72
C ASP C 187 -40.91 21.20 -33.64
N ASP C 188 -41.60 20.98 -32.53
CA ASP C 188 -41.42 21.77 -31.32
C ASP C 188 -40.63 21.01 -30.27
N ALA C 189 -39.91 19.96 -30.68
CA ALA C 189 -38.96 19.25 -29.85
C ALA C 189 -37.52 19.62 -30.17
N ILE C 190 -37.20 19.69 -31.45
CA ILE C 190 -35.83 19.95 -31.86
C ILE C 190 -35.43 21.36 -31.45
N GLU C 191 -36.37 22.29 -31.46
CA GLU C 191 -36.10 23.64 -30.97
C GLU C 191 -35.65 23.60 -29.51
N LEU C 192 -36.10 22.61 -28.76
CA LEU C 192 -35.65 22.48 -27.38
C LEU C 192 -34.23 21.98 -27.32
N ALA C 193 -33.87 21.07 -28.24
CA ALA C 193 -32.54 20.47 -28.22
C ALA C 193 -31.47 21.55 -28.36
N LEU C 194 -31.53 22.29 -29.45
CA LEU C 194 -30.57 23.36 -29.68
C LEU C 194 -30.70 24.41 -28.60
N LYS C 195 -31.93 24.67 -28.17
CA LYS C 195 -32.09 25.56 -27.03
C LYS C 195 -31.50 24.94 -25.77
N THR C 196 -31.41 23.61 -25.72
CA THR C 196 -30.69 22.93 -24.66
C THR C 196 -29.20 23.02 -24.87
N LEU C 197 -28.71 22.46 -25.98
CA LEU C 197 -27.28 22.30 -26.17
C LEU C 197 -26.56 23.62 -26.35
N SER C 198 -27.22 24.60 -26.92
CA SER C 198 -26.56 25.86 -27.22
C SER C 198 -26.49 26.79 -26.03
N LYS C 199 -26.63 26.26 -24.81
CA LYS C 199 -26.54 27.06 -23.61
C LYS C 199 -25.71 26.36 -22.54
N THR C 200 -24.91 25.38 -22.93
CA THR C 200 -24.21 24.51 -21.99
C THR C 200 -22.78 24.17 -22.38
N THR C 201 -22.36 24.40 -23.61
CA THR C 201 -21.14 23.81 -24.14
C THR C 201 -20.01 24.82 -24.22
N ASP C 202 -18.91 24.39 -24.82
CA ASP C 202 -17.68 25.18 -24.95
C ASP C 202 -17.91 26.48 -25.70
N SER C 203 -18.23 26.36 -26.98
CA SER C 203 -18.28 27.50 -27.88
C SER C 203 -19.68 27.57 -28.48
N SER C 204 -20.33 28.70 -28.29
CA SER C 204 -21.66 28.92 -28.85
C SER C 204 -21.64 28.97 -30.37
N ALA C 205 -20.46 29.05 -30.99
CA ALA C 205 -20.35 28.95 -32.43
C ALA C 205 -21.00 27.67 -32.92
N LEU C 206 -20.58 26.53 -32.37
CA LEU C 206 -21.26 25.25 -32.55
C LEU C 206 -21.37 24.90 -34.03
N THR C 207 -20.20 24.63 -34.60
CA THR C 207 -20.13 24.07 -35.93
C THR C 207 -20.96 22.81 -36.00
N TYR C 208 -21.64 22.62 -37.14
CA TYR C 208 -22.39 21.40 -37.40
C TYR C 208 -21.51 20.17 -37.25
N ASP C 209 -20.22 20.27 -37.56
CA ASP C 209 -19.30 19.17 -37.36
C ASP C 209 -19.28 18.70 -35.91
N ARG C 210 -19.62 19.57 -34.96
CA ARG C 210 -19.63 19.24 -33.55
C ARG C 210 -21.02 18.82 -33.08
N LEU C 211 -21.79 18.15 -33.93
CA LEU C 211 -23.17 17.84 -33.60
C LEU C 211 -23.70 16.70 -34.46
N GLU C 212 -24.50 15.83 -33.83
CA GLU C 212 -25.22 14.77 -34.53
C GLU C 212 -26.59 14.60 -33.89
N PHE C 213 -27.56 14.11 -34.67
CA PHE C 213 -28.83 13.70 -34.10
C PHE C 213 -29.62 12.91 -35.13
N ALA C 214 -30.76 12.39 -34.69
CA ALA C 214 -31.56 11.43 -35.43
C ALA C 214 -33.02 11.81 -35.29
N THR C 215 -33.90 10.87 -35.64
CA THR C 215 -35.33 11.15 -35.62
C THR C 215 -36.08 9.86 -35.84
N ILE C 216 -37.32 9.83 -35.35
CA ILE C 216 -38.24 8.72 -35.56
C ILE C 216 -39.62 9.31 -35.77
N ARG C 217 -40.44 8.63 -36.55
CA ARG C 217 -41.73 9.17 -36.97
C ARG C 217 -42.67 8.01 -37.24
N LYS C 218 -43.84 8.32 -37.78
CA LYS C 218 -44.78 7.33 -38.33
C LYS C 218 -45.31 7.94 -39.63
N GLY C 219 -44.62 7.67 -40.74
CA GLY C 219 -44.91 8.32 -42.00
C GLY C 219 -45.85 7.55 -42.90
N ALA C 220 -45.82 6.22 -42.82
CA ALA C 220 -46.77 5.36 -43.49
C ALA C 220 -47.89 5.01 -42.51
N ASN C 221 -49.11 5.42 -42.82
CA ASN C 221 -50.24 5.15 -41.95
C ASN C 221 -50.43 3.64 -41.80
N ASP C 222 -50.53 3.18 -40.55
CA ASP C 222 -50.54 1.76 -40.25
C ASP C 222 -49.26 1.10 -40.73
N GLY C 223 -48.12 1.78 -40.49
CA GLY C 223 -46.84 1.28 -40.91
C GLY C 223 -45.78 1.60 -39.87
N GLU C 224 -44.62 1.00 -40.08
CA GLU C 224 -43.53 1.09 -39.12
C GLU C 224 -43.01 2.53 -39.04
N VAL C 225 -42.06 2.73 -38.13
CA VAL C 225 -41.45 4.03 -37.91
C VAL C 225 -40.22 4.14 -38.79
N TYR C 226 -39.88 5.37 -39.14
CA TYR C 226 -38.80 5.65 -40.07
C TYR C 226 -37.54 6.02 -39.30
N GLN C 227 -36.67 5.03 -39.10
CA GLN C 227 -35.32 5.33 -38.65
C GLN C 227 -34.63 6.21 -39.65
N LYS C 228 -34.26 7.41 -39.22
CA LYS C 228 -33.51 8.32 -40.06
C LYS C 228 -32.50 9.04 -39.21
N ILE C 229 -31.23 8.70 -39.41
CA ILE C 229 -30.14 9.55 -38.95
C ILE C 229 -29.99 10.66 -39.96
N PHE C 230 -29.83 11.88 -39.48
CA PHE C 230 -29.66 13.00 -40.38
C PHE C 230 -28.18 13.17 -40.69
N LYS C 231 -27.93 13.70 -41.87
CA LYS C 231 -26.60 13.82 -42.43
C LYS C 231 -26.32 15.31 -42.60
N PRO C 232 -25.08 15.71 -42.90
CA PRO C 232 -24.65 17.10 -42.65
C PRO C 232 -25.53 18.19 -43.23
N GLN C 233 -25.88 18.07 -44.51
CA GLN C 233 -26.63 19.13 -45.16
C GLN C 233 -27.98 19.33 -44.49
N GLU C 234 -28.71 18.24 -44.26
CA GLU C 234 -30.02 18.34 -43.65
C GLU C 234 -29.95 18.56 -42.15
N ILE C 235 -28.82 18.24 -41.52
CA ILE C 235 -28.56 18.74 -40.18
C ILE C 235 -28.50 20.26 -40.23
N LYS C 236 -27.79 20.79 -41.22
CA LYS C 236 -27.54 22.21 -41.30
C LYS C 236 -28.79 23.00 -41.60
N ASP C 237 -29.81 22.36 -42.17
CA ASP C 237 -31.03 23.06 -42.51
C ASP C 237 -31.68 23.66 -41.27
N ILE C 238 -32.11 22.80 -40.35
CA ILE C 238 -32.73 23.30 -39.13
C ILE C 238 -31.75 24.05 -38.28
N LEU C 239 -30.46 23.82 -38.48
CA LEU C 239 -29.45 24.51 -37.71
C LEU C 239 -29.50 26.01 -37.95
N VAL C 240 -29.93 26.43 -39.14
CA VAL C 240 -29.94 27.84 -39.51
C VAL C 240 -31.35 28.37 -39.69
N LYS C 241 -32.34 27.50 -39.93
CA LYS C 241 -33.74 27.93 -39.91
C LYS C 241 -34.07 28.66 -38.61
N THR C 242 -33.51 28.17 -37.50
CA THR C 242 -33.65 28.83 -36.22
C THR C 242 -33.06 30.24 -36.23
N GLY C 243 -32.15 30.55 -37.16
CA GLY C 243 -31.63 31.88 -37.35
C GLY C 243 -30.25 32.12 -36.77
N ILE C 244 -29.76 31.21 -35.93
CA ILE C 244 -28.46 31.34 -35.29
C ILE C 244 -27.36 31.43 -36.35
N MET D 1 -11.35 -12.13 -9.67
CA MET D 1 -10.92 -12.91 -8.51
C MET D 1 -11.60 -14.25 -8.58
N SER D 2 -11.28 -15.02 -9.62
CA SER D 2 -11.78 -16.38 -9.75
C SER D 2 -11.38 -17.17 -8.52
N GLY D 3 -12.34 -17.51 -7.68
CA GLY D 3 -12.04 -17.99 -6.34
C GLY D 3 -11.63 -16.84 -5.44
N TYR D 4 -10.47 -17.01 -4.82
CA TYR D 4 -9.71 -16.00 -4.08
C TYR D 4 -10.25 -15.62 -2.70
N ASP D 5 -11.51 -15.94 -2.41
CA ASP D 5 -12.13 -15.77 -1.09
C ASP D 5 -11.68 -14.48 -0.40
N ARG D 6 -11.98 -13.36 -1.07
CA ARG D 6 -11.25 -12.10 -0.83
C ARG D 6 -11.34 -11.61 0.61
N ALA D 7 -12.53 -11.21 1.05
CA ALA D 7 -12.78 -10.91 2.45
C ALA D 7 -14.11 -11.47 2.93
N LEU D 8 -15.00 -11.86 2.02
CA LEU D 8 -16.16 -12.67 2.37
C LEU D 8 -15.78 -13.89 3.18
N SER D 9 -14.64 -14.49 2.86
CA SER D 9 -14.19 -15.68 3.57
C SER D 9 -13.62 -15.33 4.93
N ILE D 10 -12.94 -14.20 5.03
CA ILE D 10 -12.19 -13.88 6.24
C ILE D 10 -13.20 -13.56 7.33
N PHE D 11 -13.37 -14.49 8.27
CA PHE D 11 -14.11 -14.16 9.46
C PHE D 11 -13.42 -13.08 10.25
N SER D 12 -14.16 -12.52 11.17
CA SER D 12 -13.67 -11.50 12.07
C SER D 12 -13.21 -12.11 13.38
N PRO D 13 -12.38 -11.38 14.14
CA PRO D 13 -12.14 -11.77 15.53
C PRO D 13 -13.35 -11.61 16.41
N ASP D 14 -14.27 -10.74 16.06
CA ASP D 14 -15.54 -10.68 16.79
C ASP D 14 -16.42 -11.86 16.41
N GLY D 15 -16.31 -12.34 15.17
CA GLY D 15 -17.06 -13.47 14.67
C GLY D 15 -17.75 -13.16 13.37
N HIS D 16 -18.13 -11.91 13.19
CA HIS D 16 -18.89 -11.53 12.02
C HIS D 16 -18.02 -11.65 10.77
N ILE D 17 -18.65 -11.39 9.63
CA ILE D 17 -18.01 -11.45 8.33
C ILE D 17 -18.35 -10.16 7.61
N PHE D 18 -17.31 -9.39 7.29
CA PHE D 18 -17.46 -7.95 7.09
C PHE D 18 -18.47 -7.64 6.01
N GLN D 19 -18.32 -8.24 4.84
CA GLN D 19 -19.03 -7.80 3.66
C GLN D 19 -20.53 -8.06 3.73
N VAL D 20 -21.00 -8.80 4.72
CA VAL D 20 -22.40 -9.16 4.81
C VAL D 20 -23.13 -8.11 5.61
N GLU D 21 -22.70 -7.89 6.85
CA GLU D 21 -23.25 -6.78 7.60
C GLU D 21 -23.07 -5.47 6.88
N TYR D 22 -22.02 -5.35 6.06
CA TYR D 22 -21.89 -4.19 5.20
C TYR D 22 -23.05 -4.08 4.23
N ALA D 23 -23.51 -5.22 3.72
CA ALA D 23 -24.51 -5.20 2.65
C ALA D 23 -25.80 -4.56 3.13
N LEU D 24 -26.47 -5.20 4.08
CA LEU D 24 -27.69 -4.64 4.62
C LEU D 24 -27.45 -3.41 5.48
N GLU D 25 -26.20 -3.00 5.65
CA GLU D 25 -25.94 -1.64 6.10
C GLU D 25 -26.06 -0.68 4.92
N ALA D 26 -25.90 -1.19 3.70
CA ALA D 26 -26.13 -0.39 2.51
C ALA D 26 -27.58 -0.39 2.07
N VAL D 27 -28.34 -1.42 2.47
CA VAL D 27 -29.68 -1.57 1.92
C VAL D 27 -30.60 -0.46 2.38
N LYS D 28 -30.36 0.08 3.58
CA LYS D 28 -31.30 1.04 4.15
C LYS D 28 -31.34 2.36 3.39
N ARG D 29 -30.44 2.58 2.45
CA ARG D 29 -30.43 3.81 1.68
C ARG D 29 -31.48 3.82 0.58
N GLY D 30 -32.21 2.72 0.40
CA GLY D 30 -33.18 2.60 -0.65
C GLY D 30 -34.61 2.70 -0.15
N THR D 31 -35.52 2.64 -1.10
CA THR D 31 -36.93 2.88 -0.81
C THR D 31 -37.45 1.84 0.16
N CYS D 32 -38.21 2.31 1.14
CA CYS D 32 -38.88 1.46 2.10
C CYS D 32 -39.91 0.57 1.45
N ALA D 33 -40.53 -0.25 2.26
CA ALA D 33 -41.62 -1.12 1.83
C ALA D 33 -42.23 -1.73 3.08
N VAL D 34 -43.26 -2.54 2.90
CA VAL D 34 -44.05 -2.98 4.03
C VAL D 34 -44.97 -4.13 3.64
N GLY D 35 -45.34 -4.95 4.61
CA GLY D 35 -46.26 -6.04 4.37
C GLY D 35 -47.15 -6.26 5.57
N VAL D 36 -48.38 -6.71 5.31
CA VAL D 36 -49.35 -7.00 6.35
C VAL D 36 -50.21 -8.17 5.90
N LYS D 37 -50.58 -9.02 6.84
CA LYS D 37 -51.59 -10.05 6.64
C LYS D 37 -52.63 -9.92 7.73
N GLY D 38 -53.88 -9.72 7.32
CA GLY D 38 -55.00 -9.62 8.22
C GLY D 38 -55.76 -10.92 8.35
N LYS D 39 -57.08 -10.81 8.46
CA LYS D 39 -57.91 -11.99 8.63
C LYS D 39 -57.85 -12.87 7.39
N ASN D 40 -58.16 -12.30 6.24
CA ASN D 40 -58.29 -13.04 5.00
C ASN D 40 -57.44 -12.49 3.88
N CYS D 41 -56.86 -11.30 4.04
CA CYS D 41 -56.13 -10.61 2.99
C CYS D 41 -54.67 -10.49 3.35
N VAL D 42 -53.89 -10.11 2.35
CA VAL D 42 -52.48 -9.78 2.50
C VAL D 42 -52.20 -8.55 1.65
N VAL D 43 -51.38 -7.66 2.17
CA VAL D 43 -51.23 -6.32 1.64
C VAL D 43 -49.76 -5.96 1.58
N LEU D 44 -49.40 -5.12 0.61
CA LEU D 44 -48.03 -4.69 0.39
C LEU D 44 -48.02 -3.22 0.02
N GLY D 45 -46.83 -2.64 0.09
CA GLY D 45 -46.70 -1.23 -0.20
C GLY D 45 -45.25 -0.84 -0.28
N CYS D 46 -45.02 0.25 -1.02
CA CYS D 46 -43.68 0.70 -1.37
C CYS D 46 -43.72 2.23 -1.44
N GLU D 47 -42.72 2.82 -2.07
CA GLU D 47 -42.80 4.21 -2.45
C GLU D 47 -42.05 4.44 -3.73
N ARG D 48 -42.26 5.62 -4.31
CA ARG D 48 -41.41 6.17 -5.36
C ARG D 48 -40.77 7.42 -4.79
N ARG D 49 -39.46 7.38 -4.64
CA ARG D 49 -38.73 8.59 -4.32
C ARG D 49 -39.01 9.67 -5.35
N SER D 50 -39.02 10.92 -4.89
CA SER D 50 -39.54 12.01 -5.70
C SER D 50 -38.65 12.25 -6.90
N THR D 51 -39.25 12.18 -8.08
CA THR D 51 -38.61 12.56 -9.33
C THR D 51 -38.98 14.00 -9.65
N LEU D 52 -38.57 14.45 -10.83
CA LEU D 52 -38.92 15.77 -11.33
C LEU D 52 -40.19 15.77 -12.17
N LYS D 53 -41.08 14.80 -11.95
CA LYS D 53 -42.24 14.58 -12.81
C LYS D 53 -41.81 14.11 -14.20
N LEU D 54 -40.65 13.47 -14.30
CA LEU D 54 -40.17 12.84 -15.51
C LEU D 54 -40.02 11.34 -15.40
N GLN D 55 -39.85 10.82 -14.18
CA GLN D 55 -39.69 9.39 -13.97
C GLN D 55 -40.91 8.69 -14.55
N ASP D 56 -40.71 7.97 -15.65
CA ASP D 56 -41.79 7.53 -16.52
C ASP D 56 -42.87 6.76 -15.76
N THR D 57 -44.06 7.35 -15.70
CA THR D 57 -45.11 6.88 -14.82
C THR D 57 -45.77 5.61 -15.35
N ARG D 58 -45.72 5.38 -16.66
CA ARG D 58 -46.51 4.32 -17.26
C ARG D 58 -45.90 2.95 -17.01
N ILE D 59 -44.62 2.81 -17.33
CA ILE D 59 -43.95 1.51 -17.37
C ILE D 59 -42.77 1.51 -16.41
N THR D 60 -42.91 2.21 -15.29
CA THR D 60 -41.89 2.17 -14.26
C THR D 60 -41.63 0.73 -13.83
N PRO D 61 -40.37 0.34 -13.57
CA PRO D 61 -40.11 -0.99 -13.00
C PRO D 61 -40.36 -0.98 -11.51
N SER D 62 -41.44 -1.64 -11.09
CA SER D 62 -42.02 -1.40 -9.78
C SER D 62 -41.45 -2.33 -8.72
N LYS D 63 -42.02 -2.27 -7.52
CA LYS D 63 -41.52 -3.00 -6.38
C LYS D 63 -42.25 -4.32 -6.19
N VAL D 64 -43.59 -4.28 -6.21
CA VAL D 64 -44.32 -5.53 -6.34
C VAL D 64 -43.94 -6.16 -7.66
N SER D 65 -43.97 -7.48 -7.69
CA SER D 65 -43.52 -8.21 -8.86
C SER D 65 -44.09 -9.60 -8.75
N LYS D 66 -44.95 -9.96 -9.69
CA LYS D 66 -45.66 -11.20 -9.58
C LYS D 66 -44.72 -12.38 -9.81
N ILE D 67 -45.21 -13.55 -9.43
CA ILE D 67 -44.56 -14.82 -9.71
C ILE D 67 -45.56 -15.71 -10.41
N ASP D 68 -46.75 -15.75 -9.85
CA ASP D 68 -47.87 -16.48 -10.40
C ASP D 68 -49.11 -15.69 -10.00
N SER D 69 -50.28 -16.32 -10.03
CA SER D 69 -51.48 -15.62 -9.62
C SER D 69 -51.55 -15.42 -8.12
N HIS D 70 -50.72 -16.15 -7.35
CA HIS D 70 -50.92 -16.30 -5.92
C HIS D 70 -49.70 -15.93 -5.10
N VAL D 71 -48.67 -15.35 -5.73
CA VAL D 71 -47.43 -15.00 -5.04
C VAL D 71 -46.88 -13.75 -5.68
N VAL D 72 -46.25 -12.92 -4.86
CA VAL D 72 -45.61 -11.71 -5.30
C VAL D 72 -44.29 -11.56 -4.56
N LEU D 73 -43.61 -10.45 -4.83
CA LEU D 73 -42.35 -10.16 -4.17
C LEU D 73 -42.12 -8.67 -4.13
N SER D 74 -41.72 -8.19 -2.97
CA SER D 74 -41.24 -6.83 -2.80
C SER D 74 -39.90 -6.88 -2.09
N PHE D 75 -39.18 -5.77 -2.22
CA PHE D 75 -37.77 -5.78 -1.97
C PHE D 75 -37.35 -4.37 -1.59
N SER D 76 -36.06 -4.11 -1.64
CA SER D 76 -35.49 -2.90 -1.07
C SER D 76 -34.05 -2.75 -1.50
N GLY D 77 -33.64 -1.53 -1.70
CA GLY D 77 -32.23 -1.25 -1.92
C GLY D 77 -31.84 -1.41 -3.38
N LEU D 78 -30.87 -2.28 -3.64
CA LEU D 78 -30.37 -2.45 -4.99
C LEU D 78 -31.43 -3.04 -5.90
N ASN D 79 -31.25 -2.81 -7.18
CA ASN D 79 -32.27 -3.06 -8.18
C ASN D 79 -31.80 -3.98 -9.29
N ALA D 80 -30.58 -3.79 -9.77
CA ALA D 80 -30.05 -4.68 -10.81
C ALA D 80 -29.93 -6.10 -10.29
N ASP D 81 -29.67 -6.26 -9.00
CA ASP D 81 -29.64 -7.59 -8.42
C ASP D 81 -31.03 -8.12 -8.15
N SER D 82 -32.00 -7.24 -7.97
CA SER D 82 -33.36 -7.70 -7.72
C SER D 82 -33.90 -8.46 -8.92
N ARG D 83 -33.50 -8.07 -10.13
CA ARG D 83 -34.19 -8.56 -11.31
C ARG D 83 -33.86 -10.01 -11.61
N ILE D 84 -32.76 -10.53 -11.07
CA ILE D 84 -32.41 -11.92 -11.36
C ILE D 84 -33.10 -12.86 -10.40
N LEU D 85 -33.19 -12.47 -9.13
CA LEU D 85 -33.90 -13.30 -8.17
C LEU D 85 -35.34 -13.45 -8.57
N ILE D 86 -35.94 -12.39 -9.10
CA ILE D 86 -37.30 -12.47 -9.59
C ILE D 86 -37.36 -13.45 -10.74
N GLU D 87 -36.27 -13.59 -11.50
CA GLU D 87 -36.28 -14.49 -12.64
C GLU D 87 -36.07 -15.93 -12.18
N LYS D 88 -34.96 -16.19 -11.47
CA LYS D 88 -34.66 -17.56 -11.08
C LYS D 88 -35.49 -18.03 -9.89
N ALA D 89 -36.56 -17.33 -9.54
CA ALA D 89 -37.63 -17.88 -8.73
C ALA D 89 -38.75 -18.40 -9.60
N ARG D 90 -39.33 -17.53 -10.42
CA ARG D 90 -40.46 -17.92 -11.25
C ARG D 90 -40.07 -18.98 -12.26
N VAL D 91 -38.79 -19.05 -12.59
CA VAL D 91 -38.27 -20.21 -13.30
C VAL D 91 -38.64 -21.48 -12.55
N GLU D 92 -38.31 -21.53 -11.27
CA GLU D 92 -38.56 -22.73 -10.51
C GLU D 92 -40.04 -22.95 -10.29
N ALA D 93 -40.84 -21.89 -10.36
CA ALA D 93 -42.28 -22.05 -10.29
C ALA D 93 -42.80 -22.84 -11.48
N GLN D 94 -42.58 -22.35 -12.70
CA GLN D 94 -42.95 -23.08 -13.90
C GLN D 94 -42.35 -24.47 -13.92
N SER D 95 -41.19 -24.66 -13.31
CA SER D 95 -40.59 -25.99 -13.23
C SER D 95 -41.27 -26.84 -12.17
N HIS D 96 -41.44 -26.28 -10.97
CA HIS D 96 -42.04 -27.02 -9.88
C HIS D 96 -43.45 -27.45 -10.24
N ARG D 97 -44.18 -26.58 -10.91
CA ARG D 97 -45.51 -26.92 -11.37
C ARG D 97 -45.48 -28.08 -12.35
N LEU D 98 -44.40 -28.20 -13.10
CA LEU D 98 -44.33 -29.18 -14.17
C LEU D 98 -43.96 -30.55 -13.62
N THR D 99 -42.77 -30.68 -13.08
CA THR D 99 -42.24 -31.98 -12.73
C THR D 99 -42.82 -32.54 -11.44
N LEU D 100 -43.68 -31.78 -10.76
CA LEU D 100 -44.49 -32.31 -9.66
C LEU D 100 -45.97 -32.23 -9.95
N GLU D 101 -46.37 -31.70 -11.11
CA GLU D 101 -47.76 -31.70 -11.54
C GLU D 101 -48.66 -30.90 -10.59
N ASP D 102 -48.08 -29.98 -9.83
CA ASP D 102 -48.88 -29.13 -8.95
C ASP D 102 -48.05 -27.93 -8.54
N PRO D 103 -48.67 -26.79 -8.21
CA PRO D 103 -47.90 -25.56 -8.04
C PRO D 103 -47.07 -25.52 -6.78
N VAL D 104 -46.49 -24.35 -6.56
CA VAL D 104 -45.59 -24.14 -5.44
C VAL D 104 -46.37 -23.90 -4.16
N THR D 105 -45.71 -24.12 -3.05
CA THR D 105 -46.11 -23.57 -1.76
C THR D 105 -45.48 -22.19 -1.65
N VAL D 106 -45.44 -21.64 -0.43
CA VAL D 106 -44.54 -20.54 -0.13
C VAL D 106 -43.40 -20.98 0.79
N GLU D 107 -43.64 -21.94 1.68
CA GLU D 107 -42.56 -22.49 2.48
C GLU D 107 -41.56 -23.28 1.65
N TYR D 108 -41.88 -23.58 0.40
CA TYR D 108 -40.90 -24.10 -0.53
C TYR D 108 -40.11 -23.01 -1.21
N LEU D 109 -40.68 -21.82 -1.30
CA LEU D 109 -40.09 -20.75 -2.09
C LEU D 109 -39.05 -19.99 -1.30
N THR D 110 -39.44 -19.48 -0.13
CA THR D 110 -38.51 -18.73 0.70
C THR D 110 -37.29 -19.56 1.07
N ARG D 111 -37.44 -20.87 1.17
CA ARG D 111 -36.28 -21.71 1.46
C ARG D 111 -35.27 -21.62 0.34
N TYR D 112 -35.73 -21.62 -0.89
CA TYR D 112 -34.86 -21.54 -2.04
C TYR D 112 -34.12 -20.23 -2.05
N VAL D 113 -34.88 -19.15 -2.21
CA VAL D 113 -34.30 -17.84 -2.43
C VAL D 113 -33.64 -17.27 -1.19
N ALA D 114 -33.83 -17.90 -0.03
CA ALA D 114 -33.01 -17.60 1.13
C ALA D 114 -31.80 -18.49 1.20
N GLY D 115 -31.84 -19.64 0.52
CA GLY D 115 -30.72 -20.54 0.46
C GLY D 115 -29.79 -20.18 -0.66
N VAL D 116 -30.30 -19.49 -1.67
CA VAL D 116 -29.47 -19.15 -2.82
C VAL D 116 -28.39 -18.17 -2.39
N GLN D 117 -28.77 -17.17 -1.60
CA GLN D 117 -27.86 -16.11 -1.20
C GLN D 117 -26.67 -16.66 -0.45
N GLN D 118 -26.90 -17.73 0.31
CA GLN D 118 -25.84 -18.37 1.05
C GLN D 118 -24.78 -18.92 0.11
N ARG D 119 -25.18 -19.35 -1.08
CA ARG D 119 -24.20 -19.81 -2.06
C ARG D 119 -23.47 -18.65 -2.70
N TYR D 120 -24.10 -17.49 -2.77
CA TYR D 120 -23.47 -16.27 -3.23
C TYR D 120 -22.74 -15.55 -2.12
N THR D 121 -22.54 -16.20 -0.99
CA THR D 121 -21.64 -15.68 0.02
C THR D 121 -20.84 -16.77 0.72
N GLN D 122 -20.90 -18.01 0.25
CA GLN D 122 -20.06 -19.09 0.69
C GLN D 122 -19.44 -19.77 -0.50
N SER D 123 -19.00 -18.96 -1.46
CA SER D 123 -18.33 -19.43 -2.66
C SER D 123 -17.25 -18.42 -3.01
N GLY D 124 -16.52 -18.72 -4.07
CA GLY D 124 -15.39 -17.93 -4.50
C GLY D 124 -15.71 -17.11 -5.72
N GLY D 125 -15.06 -15.95 -5.83
CA GLY D 125 -15.31 -15.07 -6.95
C GLY D 125 -16.74 -14.62 -7.03
N VAL D 126 -17.37 -14.35 -5.91
CA VAL D 126 -18.76 -13.92 -5.87
C VAL D 126 -18.92 -12.86 -4.80
N ARG D 127 -19.68 -11.85 -5.12
CA ARG D 127 -20.18 -10.83 -4.22
C ARG D 127 -21.59 -11.20 -3.77
N PRO D 128 -21.96 -10.91 -2.54
CA PRO D 128 -23.35 -11.17 -2.14
C PRO D 128 -24.36 -10.33 -2.86
N PHE D 129 -25.61 -10.61 -2.56
CA PHE D 129 -26.74 -9.88 -3.09
C PHE D 129 -27.03 -8.77 -2.12
N GLY D 130 -26.59 -7.57 -2.44
CA GLY D 130 -26.81 -6.46 -1.53
C GLY D 130 -28.26 -6.04 -1.52
N VAL D 131 -29.12 -6.91 -1.00
CA VAL D 131 -30.56 -6.74 -1.14
C VAL D 131 -31.25 -7.49 -0.02
N SER D 132 -32.48 -7.08 0.27
CA SER D 132 -33.33 -7.75 1.23
C SER D 132 -34.74 -7.75 0.67
N THR D 133 -35.42 -8.89 0.80
CA THR D 133 -36.70 -9.09 0.13
C THR D 133 -37.67 -9.75 1.07
N LEU D 134 -38.93 -9.76 0.66
CA LEU D 134 -39.97 -10.51 1.34
C LEU D 134 -40.93 -11.11 0.32
N ILE D 135 -41.59 -12.17 0.75
CA ILE D 135 -42.49 -12.95 -0.07
C ILE D 135 -43.88 -12.78 0.52
N ALA D 136 -44.90 -12.99 -0.31
CA ALA D 136 -46.26 -12.77 0.13
C ALA D 136 -47.23 -13.52 -0.77
N GLY D 137 -48.25 -14.08 -0.15
CA GLY D 137 -49.30 -14.77 -0.87
C GLY D 137 -49.68 -16.09 -0.24
N PHE D 138 -50.73 -16.70 -0.77
CA PHE D 138 -51.30 -17.91 -0.21
C PHE D 138 -50.70 -19.15 -0.86
N ASP D 139 -50.89 -20.28 -0.19
CA ASP D 139 -50.72 -21.57 -0.82
C ASP D 139 -51.97 -21.87 -1.63
N PRO D 140 -51.94 -22.88 -2.48
CA PRO D 140 -53.12 -23.20 -3.29
C PRO D 140 -54.28 -23.65 -2.42
N ARG D 141 -55.48 -23.27 -2.84
CA ARG D 141 -56.75 -23.67 -2.25
C ARG D 141 -56.74 -23.61 -0.73
N ASP D 142 -56.12 -22.57 -0.18
CA ASP D 142 -56.02 -22.41 1.26
C ASP D 142 -56.24 -20.95 1.60
N ASP D 143 -57.06 -20.72 2.63
CA ASP D 143 -57.34 -19.36 3.10
C ASP D 143 -56.17 -18.74 3.85
N GLU D 144 -55.17 -19.51 4.22
CA GLU D 144 -54.19 -19.03 5.18
C GLU D 144 -53.29 -17.96 4.54
N PRO D 145 -53.03 -16.84 5.23
CA PRO D 145 -52.09 -15.86 4.69
C PRO D 145 -50.69 -16.00 5.25
N LYS D 146 -49.68 -15.77 4.41
CA LYS D 146 -48.30 -15.93 4.80
C LYS D 146 -47.45 -14.91 4.09
N LEU D 147 -46.51 -14.34 4.82
CA LEU D 147 -45.40 -13.63 4.23
C LEU D 147 -44.13 -13.97 4.99
N TYR D 148 -43.04 -14.03 4.26
CA TYR D 148 -41.73 -14.41 4.78
C TYR D 148 -40.74 -13.35 4.36
N GLN D 149 -39.92 -12.93 5.30
CA GLN D 149 -38.88 -11.95 5.05
C GLN D 149 -37.54 -12.66 4.99
N THR D 150 -36.68 -12.18 4.12
CA THR D 150 -35.38 -12.79 3.91
C THR D 150 -34.37 -11.70 3.58
N GLU D 151 -33.12 -11.97 3.90
CA GLU D 151 -32.08 -10.96 3.83
C GLU D 151 -30.77 -11.65 3.49
N PRO D 152 -29.74 -10.89 3.09
CA PRO D 152 -28.66 -11.48 2.30
C PRO D 152 -27.85 -12.50 3.04
N SER D 153 -27.89 -12.49 4.37
CA SER D 153 -27.20 -13.51 5.13
C SER D 153 -27.76 -14.90 4.87
N GLY D 154 -29.00 -14.96 4.39
CA GLY D 154 -29.60 -16.21 3.95
C GLY D 154 -30.69 -16.73 4.85
N ILE D 155 -31.02 -16.03 5.90
CA ILE D 155 -32.04 -16.46 6.85
C ILE D 155 -33.39 -15.96 6.39
N TYR D 156 -34.40 -16.80 6.56
CA TYR D 156 -35.78 -16.43 6.34
C TYR D 156 -36.57 -16.63 7.62
N SER D 157 -37.39 -15.65 7.94
CA SER D 157 -38.15 -15.64 9.17
C SER D 157 -39.52 -15.07 8.87
N SER D 158 -40.56 -15.84 9.18
CA SER D 158 -41.90 -15.40 8.92
C SER D 158 -42.24 -14.22 9.81
N TRP D 159 -43.40 -13.64 9.56
CA TRP D 159 -43.83 -12.43 10.23
C TRP D 159 -45.34 -12.35 10.16
N SER D 160 -45.87 -11.28 10.73
CA SER D 160 -47.19 -10.78 10.41
C SER D 160 -47.14 -9.42 9.77
N ALA D 161 -46.21 -8.58 10.18
CA ALA D 161 -45.87 -7.38 9.45
C ALA D 161 -44.39 -7.10 9.62
N GLN D 162 -43.85 -6.29 8.72
CA GLN D 162 -42.42 -6.03 8.73
C GLN D 162 -42.15 -4.96 7.69
N THR D 163 -41.06 -4.24 7.89
CA THR D 163 -40.63 -3.22 6.96
C THR D 163 -39.13 -3.28 6.79
N ILE D 164 -38.70 -2.87 5.61
CA ILE D 164 -37.32 -3.00 5.17
C ILE D 164 -36.90 -1.68 4.58
N GLY D 165 -35.62 -1.37 4.72
CA GLY D 165 -35.02 -0.27 4.00
C GLY D 165 -34.80 0.97 4.82
N ARG D 166 -35.40 2.06 4.39
CA ARG D 166 -35.12 3.38 4.95
C ARG D 166 -36.19 3.75 5.95
N ASN D 167 -35.74 4.17 7.13
CA ASN D 167 -36.60 4.68 8.19
C ASN D 167 -37.66 3.67 8.60
N SER D 168 -37.30 2.39 8.53
CA SER D 168 -38.20 1.36 9.02
C SER D 168 -38.36 1.44 10.52
N LYS D 169 -37.27 1.67 11.24
CA LYS D 169 -37.36 1.80 12.69
C LYS D 169 -38.16 3.03 13.09
N THR D 170 -38.33 3.99 12.19
CA THR D 170 -39.25 5.09 12.41
C THR D 170 -40.70 4.68 12.18
N VAL D 171 -40.94 3.43 11.80
CA VAL D 171 -42.22 2.99 11.29
C VAL D 171 -42.72 1.80 12.09
N ARG D 172 -41.90 0.75 12.16
CA ARG D 172 -42.39 -0.51 12.69
C ARG D 172 -42.86 -0.37 14.13
N GLU D 173 -42.32 0.60 14.86
CA GLU D 173 -42.83 0.85 16.19
C GLU D 173 -44.27 1.36 16.14
N PHE D 174 -44.67 1.97 15.03
CA PHE D 174 -46.06 2.37 14.88
C PHE D 174 -46.96 1.15 14.68
N LEU D 175 -46.42 0.11 14.07
CA LEU D 175 -47.23 -1.03 13.66
C LEU D 175 -47.41 -2.03 14.79
N GLU D 176 -46.34 -2.27 15.55
CA GLU D 176 -46.46 -3.07 16.75
C GLU D 176 -47.43 -2.46 17.74
N LYS D 177 -47.60 -1.14 17.69
CA LYS D 177 -48.59 -0.47 18.51
C LYS D 177 -50.00 -0.84 18.06
N ASN D 178 -50.28 -0.62 16.78
CA ASN D 178 -51.61 -0.86 16.24
C ASN D 178 -51.83 -2.34 15.92
N TYR D 179 -51.02 -2.89 15.03
CA TYR D 179 -51.18 -4.29 14.69
C TYR D 179 -50.87 -5.14 15.91
N ASP D 180 -51.56 -6.26 16.02
CA ASP D 180 -51.36 -7.14 17.16
C ASP D 180 -51.78 -8.55 16.78
N ARG D 181 -51.06 -9.53 17.30
CA ARG D 181 -51.42 -10.92 17.12
C ARG D 181 -52.69 -11.29 17.88
N LYS D 182 -53.22 -10.36 18.69
CA LYS D 182 -54.56 -10.50 19.24
C LYS D 182 -55.57 -10.84 18.16
N GLU D 183 -55.69 -9.95 17.19
CA GLU D 183 -56.88 -9.88 16.36
C GLU D 183 -56.56 -9.11 15.08
N PRO D 184 -56.80 -9.67 13.90
CA PRO D 184 -56.39 -8.97 12.67
C PRO D 184 -57.24 -7.75 12.43
N PRO D 185 -56.99 -7.05 11.33
CA PRO D 185 -58.03 -6.22 10.76
C PRO D 185 -59.07 -7.09 10.08
N ALA D 186 -60.28 -6.57 9.97
CA ALA D 186 -61.39 -7.36 9.46
C ALA D 186 -61.13 -7.81 8.03
N THR D 187 -60.99 -6.86 7.12
CA THR D 187 -60.94 -7.15 5.71
C THR D 187 -60.09 -6.08 5.03
N VAL D 188 -60.25 -5.94 3.71
CA VAL D 188 -59.26 -5.28 2.88
C VAL D 188 -59.04 -3.84 3.31
N GLU D 189 -60.09 -3.01 3.18
CA GLU D 189 -59.94 -1.58 3.43
C GLU D 189 -59.46 -1.28 4.84
N GLU D 190 -59.69 -2.19 5.78
CA GLU D 190 -59.21 -1.98 7.13
C GLU D 190 -57.68 -1.99 7.17
N CYS D 191 -57.08 -3.01 6.58
CA CYS D 191 -55.62 -3.10 6.55
C CYS D 191 -55.01 -1.88 5.90
N VAL D 192 -55.67 -1.34 4.89
CA VAL D 192 -55.02 -0.35 4.05
C VAL D 192 -54.91 0.97 4.78
N LYS D 193 -56.02 1.46 5.33
CA LYS D 193 -55.98 2.71 6.08
C LYS D 193 -55.05 2.58 7.26
N LEU D 194 -54.98 1.38 7.84
CA LEU D 194 -53.96 1.10 8.84
C LEU D 194 -52.59 1.07 8.18
N THR D 195 -52.50 0.44 7.02
CA THR D 195 -51.22 0.30 6.35
C THR D 195 -50.69 1.66 5.95
N VAL D 196 -51.48 2.40 5.17
CA VAL D 196 -51.03 3.67 4.63
C VAL D 196 -50.66 4.62 5.75
N ARG D 197 -51.55 4.75 6.75
CA ARG D 197 -51.37 5.68 7.86
C ARG D 197 -49.99 5.56 8.48
N SER D 198 -49.47 4.34 8.54
CA SER D 198 -48.18 4.11 9.14
C SER D 198 -47.07 4.73 8.33
N LEU D 199 -47.25 4.86 7.02
CA LEU D 199 -46.19 5.42 6.20
C LEU D 199 -46.00 6.89 6.51
N LEU D 200 -47.09 7.60 6.76
CA LEU D 200 -47.21 9.04 6.52
C LEU D 200 -46.07 9.85 7.11
N GLU D 201 -45.34 9.32 8.08
CA GLU D 201 -44.27 10.02 8.72
C GLU D 201 -43.09 10.29 7.79
N VAL D 202 -43.00 9.61 6.65
CA VAL D 202 -41.87 9.74 5.75
C VAL D 202 -42.34 10.01 4.33
N VAL D 203 -43.47 10.71 4.20
CA VAL D 203 -44.30 10.63 3.01
C VAL D 203 -44.51 11.98 2.37
N GLN D 204 -44.41 13.05 3.17
CA GLN D 204 -44.69 14.44 2.75
C GLN D 204 -46.00 14.55 1.95
N THR D 205 -46.94 13.66 2.21
CA THR D 205 -48.20 13.56 1.49
C THR D 205 -47.95 13.53 -0.02
N GLY D 206 -47.00 12.68 -0.43
CA GLY D 206 -46.93 12.31 -1.83
C GLY D 206 -47.70 11.03 -2.06
N ALA D 207 -48.98 11.17 -2.41
CA ALA D 207 -49.79 10.00 -2.68
C ALA D 207 -49.35 9.33 -3.95
N LYS D 208 -48.84 10.11 -4.90
CA LYS D 208 -48.30 9.54 -6.12
C LYS D 208 -47.13 8.62 -5.81
N ASN D 209 -46.36 8.94 -4.78
CA ASN D 209 -45.13 8.21 -4.53
C ASN D 209 -45.40 6.77 -4.14
N ILE D 210 -46.52 6.50 -3.51
CA ILE D 210 -46.77 5.20 -2.88
C ILE D 210 -47.70 4.37 -3.75
N GLU D 211 -47.44 3.08 -3.81
CA GLU D 211 -48.10 2.16 -4.72
C GLU D 211 -48.33 0.84 -4.02
N ILE D 212 -49.51 0.27 -4.26
CA ILE D 212 -50.08 -0.75 -3.39
C ILE D 212 -50.77 -1.81 -4.24
N THR D 213 -50.72 -3.03 -3.73
CA THR D 213 -51.52 -4.12 -4.21
C THR D 213 -52.22 -4.73 -3.01
N VAL D 214 -52.96 -5.80 -3.26
CA VAL D 214 -53.45 -6.67 -2.23
C VAL D 214 -53.33 -8.09 -2.74
N VAL D 215 -53.75 -9.04 -1.92
CA VAL D 215 -53.77 -10.44 -2.29
C VAL D 215 -54.96 -11.07 -1.58
N LYS D 216 -55.65 -11.94 -2.28
CA LYS D 216 -56.90 -12.47 -1.79
C LYS D 216 -57.00 -13.96 -2.08
N PRO D 217 -57.96 -14.65 -1.46
CA PRO D 217 -58.14 -16.06 -1.77
C PRO D 217 -58.52 -16.27 -3.23
N ASP D 218 -58.27 -17.49 -3.70
CA ASP D 218 -58.45 -17.85 -5.10
C ASP D 218 -57.59 -17.00 -6.03
N SER D 219 -56.51 -16.44 -5.51
CA SER D 219 -55.51 -15.76 -6.33
C SER D 219 -56.09 -14.54 -7.03
N ASP D 220 -56.98 -13.81 -6.36
CA ASP D 220 -57.57 -12.61 -6.93
C ASP D 220 -56.59 -11.46 -6.69
N ILE D 221 -55.58 -11.42 -7.52
CA ILE D 221 -54.51 -10.44 -7.41
C ILE D 221 -54.92 -9.15 -8.07
N VAL D 222 -54.41 -8.03 -7.55
CA VAL D 222 -54.74 -6.73 -8.11
C VAL D 222 -53.85 -5.62 -7.56
N ALA D 223 -53.60 -4.61 -8.38
CA ALA D 223 -53.06 -3.34 -7.97
C ALA D 223 -54.14 -2.28 -8.07
N LEU D 224 -53.98 -1.21 -7.29
CA LEU D 224 -55.06 -0.26 -7.06
C LEU D 224 -54.76 1.09 -7.66
N SER D 225 -55.82 1.87 -7.84
CA SER D 225 -55.81 3.08 -8.65
C SER D 225 -55.57 4.29 -7.78
N SER D 226 -54.69 5.18 -8.28
CA SER D 226 -54.26 6.36 -7.52
C SER D 226 -55.43 7.14 -6.96
N GLU D 227 -56.55 7.18 -7.67
CA GLU D 227 -57.74 7.81 -7.12
C GLU D 227 -58.23 7.03 -5.92
N GLU D 228 -58.32 5.70 -6.05
CA GLU D 228 -58.77 4.88 -4.94
C GLU D 228 -57.84 5.02 -3.76
N ILE D 229 -56.55 5.19 -4.04
CA ILE D 229 -55.58 5.46 -2.99
C ILE D 229 -55.77 6.86 -2.46
N ASN D 230 -55.76 7.85 -3.35
CA ASN D 230 -55.76 9.24 -2.92
C ASN D 230 -56.99 9.57 -2.09
N GLN D 231 -58.13 8.95 -2.39
CA GLN D 231 -59.31 9.16 -1.58
C GLN D 231 -59.24 8.44 -0.23
N TYR D 232 -58.22 7.62 -0.02
CA TYR D 232 -57.84 7.24 1.33
C TYR D 232 -56.84 8.21 1.92
N VAL D 233 -55.99 8.80 1.07
CA VAL D 233 -54.95 9.71 1.55
C VAL D 233 -55.56 10.93 2.21
N THR D 234 -56.76 11.30 1.82
CA THR D 234 -57.38 12.53 2.28
C THR D 234 -58.30 12.32 3.46
N GLN D 235 -59.25 11.39 3.36
CA GLN D 235 -60.18 11.16 4.45
C GLN D 235 -59.43 10.73 5.70
N ILE D 236 -58.31 10.03 5.55
CA ILE D 236 -57.45 9.76 6.68
C ILE D 236 -56.91 11.07 7.24
N GLU D 237 -56.64 12.04 6.36
CA GLU D 237 -56.19 13.34 6.81
C GLU D 237 -57.35 14.19 7.32
N GLN D 238 -58.56 13.91 6.84
CA GLN D 238 -59.74 14.54 7.40
C GLN D 238 -59.90 14.18 8.87
N GLU D 239 -59.43 13.00 9.26
CA GLU D 239 -59.49 12.56 10.64
C GLU D 239 -58.48 13.23 11.53
N LYS D 240 -57.66 14.12 10.99
CA LYS D 240 -56.60 14.77 11.75
C LYS D 240 -57.11 15.91 12.64
N GLN D 241 -58.41 16.20 12.62
CA GLN D 241 -58.96 17.50 13.01
C GLN D 241 -58.60 18.02 14.40
N GLU D 242 -57.95 17.23 15.23
CA GLU D 242 -57.72 17.60 16.62
C GLU D 242 -56.48 18.45 16.79
N MET E 1 7.14 -11.78 17.81
CA MET E 1 6.97 -10.53 17.04
C MET E 1 5.90 -9.65 17.68
N PHE E 2 5.55 -8.57 17.01
CA PHE E 2 4.54 -7.64 17.52
C PHE E 2 3.13 -8.15 17.23
N LEU E 3 2.86 -8.49 15.98
CA LEU E 3 1.53 -8.94 15.54
C LEU E 3 1.68 -10.38 15.05
N THR E 4 1.31 -11.34 15.91
CA THR E 4 1.34 -12.74 15.52
C THR E 4 0.12 -13.12 14.68
N ARG E 5 -1.03 -12.50 14.94
CA ARG E 5 -2.28 -12.85 14.28
C ARG E 5 -2.55 -11.99 13.04
N SER E 6 -2.61 -10.66 13.23
CA SER E 6 -3.04 -9.76 12.16
C SER E 6 -2.13 -9.85 10.94
N GLU E 7 -0.85 -10.17 11.15
CA GLU E 7 0.08 -10.37 10.06
C GLU E 7 -0.02 -11.75 9.42
N TYR E 8 -0.88 -12.64 9.95
CA TYR E 8 -1.02 -13.98 9.39
C TYR E 8 -2.48 -14.46 9.39
N ASP E 9 -3.45 -13.59 9.65
CA ASP E 9 -4.85 -13.99 9.60
C ASP E 9 -5.36 -14.12 8.17
N ARG E 10 -5.01 -13.16 7.31
CA ARG E 10 -5.56 -13.11 5.96
C ARG E 10 -5.24 -14.35 5.14
N GLY E 11 -4.23 -15.11 5.53
CA GLY E 11 -3.88 -16.35 4.88
C GLY E 11 -4.71 -17.53 5.37
N VAL E 12 -5.92 -17.67 4.81
CA VAL E 12 -6.95 -18.61 5.23
C VAL E 12 -6.42 -20.00 5.62
N SER E 13 -5.52 -20.55 4.81
CA SER E 13 -4.99 -21.87 5.02
C SER E 13 -3.61 -21.85 5.64
N THR E 14 -3.26 -20.77 6.32
CA THR E 14 -1.94 -20.59 6.89
C THR E 14 -1.94 -20.94 8.36
N PHE E 15 -1.05 -21.84 8.74
CA PHE E 15 -0.84 -22.09 10.14
C PHE E 15 -0.28 -20.85 10.80
N SER E 16 -0.54 -20.71 12.08
CA SER E 16 -0.05 -19.59 12.84
C SER E 16 1.46 -19.59 12.89
N PRO E 17 2.06 -18.52 13.40
CA PRO E 17 3.46 -18.59 13.83
C PRO E 17 3.67 -19.28 15.17
N GLU E 18 2.65 -19.95 15.70
CA GLU E 18 2.84 -20.77 16.87
C GLU E 18 2.01 -22.05 16.82
N GLY E 19 1.40 -22.38 15.68
CA GLY E 19 0.96 -23.74 15.43
C GLY E 19 -0.52 -23.91 15.15
N ARG E 20 -1.37 -23.25 15.92
CA ARG E 20 -2.81 -23.45 15.80
C ARG E 20 -3.36 -22.47 14.79
N LEU E 21 -3.80 -22.98 13.65
CA LEU E 21 -4.26 -22.16 12.56
C LEU E 21 -5.46 -21.32 12.97
N PHE E 22 -5.75 -20.33 12.15
CA PHE E 22 -6.55 -19.18 12.57
C PHE E 22 -8.02 -19.27 12.22
N GLN E 23 -8.35 -19.27 10.93
CA GLN E 23 -9.74 -19.07 10.52
C GLN E 23 -10.67 -20.14 11.04
N VAL E 24 -10.14 -21.27 11.47
CA VAL E 24 -10.97 -22.22 12.20
C VAL E 24 -11.39 -21.62 13.53
N GLU E 25 -10.43 -21.03 14.27
CA GLU E 25 -10.74 -20.56 15.61
C GLU E 25 -11.60 -19.30 15.54
N TYR E 26 -11.34 -18.46 14.55
CA TYR E 26 -12.29 -17.41 14.24
C TYR E 26 -13.65 -18.00 13.88
N SER E 27 -13.67 -19.21 13.35
CA SER E 27 -14.91 -19.91 13.07
C SER E 27 -15.43 -20.66 14.28
N LEU E 28 -14.61 -20.90 15.28
CA LEU E 28 -15.04 -21.59 16.48
C LEU E 28 -15.62 -20.66 17.52
N GLU E 29 -15.56 -19.34 17.32
CA GLU E 29 -16.07 -18.45 18.33
C GLU E 29 -17.57 -18.22 18.15
N ALA E 30 -17.99 -17.86 16.93
CA ALA E 30 -19.29 -17.24 16.73
C ALA E 30 -20.45 -18.11 17.16
N ILE E 31 -20.21 -19.42 17.33
CA ILE E 31 -21.18 -20.29 17.98
C ILE E 31 -21.68 -19.71 19.28
N LYS E 32 -20.84 -19.00 20.02
CA LYS E 32 -21.29 -18.42 21.28
C LYS E 32 -22.17 -17.21 21.01
N LEU E 33 -21.82 -16.44 19.99
CA LEU E 33 -22.51 -15.20 19.69
C LEU E 33 -23.95 -15.39 19.26
N GLY E 34 -24.34 -16.63 18.95
CA GLY E 34 -25.70 -16.91 18.57
C GLY E 34 -26.56 -17.15 19.78
N SER E 35 -27.12 -18.35 19.88
CA SER E 35 -28.09 -18.67 20.90
C SER E 35 -27.92 -20.10 21.35
N THR E 36 -28.00 -20.29 22.66
CA THR E 36 -27.58 -21.52 23.30
C THR E 36 -28.43 -22.69 22.85
N ALA E 37 -27.94 -23.87 23.15
CA ALA E 37 -28.71 -25.08 23.05
C ALA E 37 -28.27 -26.00 24.16
N ILE E 38 -28.93 -27.14 24.29
CA ILE E 38 -28.60 -28.08 25.33
C ILE E 38 -29.26 -29.43 25.07
N GLY E 39 -28.60 -30.49 25.50
CA GLY E 39 -29.11 -31.83 25.35
C GLY E 39 -28.42 -32.74 26.36
N ILE E 40 -29.07 -33.86 26.66
CA ILE E 40 -28.69 -34.69 27.79
C ILE E 40 -28.76 -36.16 27.39
N ALA E 41 -27.83 -36.95 27.93
CA ALA E 41 -27.87 -38.40 27.78
C ALA E 41 -28.89 -39.00 28.74
N THR E 42 -29.48 -40.11 28.32
CA THR E 42 -30.47 -40.82 29.12
C THR E 42 -30.82 -42.11 28.41
N LYS E 43 -31.13 -43.12 29.21
CA LYS E 43 -31.33 -44.46 28.70
C LYS E 43 -32.77 -44.73 28.32
N GLU E 44 -33.72 -44.03 28.93
CA GLU E 44 -35.12 -44.14 28.57
C GLU E 44 -35.53 -43.12 27.52
N GLY E 45 -34.59 -42.33 27.02
CA GLY E 45 -34.88 -41.34 26.01
C GLY E 45 -33.76 -40.32 25.96
N VAL E 46 -34.02 -39.24 25.23
CA VAL E 46 -33.10 -38.12 25.14
C VAL E 46 -33.92 -36.85 25.02
N VAL E 47 -33.37 -35.76 25.56
CA VAL E 47 -33.98 -34.44 25.52
C VAL E 47 -33.04 -33.47 24.82
N LEU E 48 -33.63 -32.53 24.09
CA LEU E 48 -32.91 -31.39 23.55
C LEU E 48 -33.70 -30.13 23.85
N GLY E 49 -32.99 -29.01 23.89
CA GLY E 49 -33.63 -27.74 24.19
C GLY E 49 -32.82 -26.56 23.76
N VAL E 50 -33.52 -25.47 23.50
CA VAL E 50 -32.92 -24.23 23.02
C VAL E 50 -33.66 -23.02 23.56
N GLU E 51 -33.20 -21.83 23.20
CA GLU E 51 -34.02 -20.64 23.15
C GLU E 51 -34.28 -20.32 21.68
N LYS E 52 -34.96 -19.21 21.45
CA LYS E 52 -35.31 -18.83 20.10
C LYS E 52 -35.23 -17.34 19.80
N ARG E 53 -34.89 -16.49 20.75
CA ARG E 53 -34.70 -15.07 20.51
C ARG E 53 -35.98 -14.43 19.96
N ALA E 54 -36.97 -14.34 20.84
CA ALA E 54 -38.17 -13.61 20.47
C ALA E 54 -37.80 -12.14 20.35
N THR E 55 -37.44 -11.74 19.13
CA THR E 55 -36.93 -10.39 18.91
C THR E 55 -38.01 -9.35 19.07
N SER E 56 -39.05 -9.44 18.26
CA SER E 56 -40.19 -8.55 18.28
C SER E 56 -41.45 -9.36 18.51
N PRO E 57 -42.55 -8.73 18.90
CA PRO E 57 -43.80 -9.47 19.11
C PRO E 57 -44.55 -9.81 17.83
N LEU E 58 -43.95 -9.58 16.66
CA LEU E 58 -44.57 -9.89 15.38
C LEU E 58 -44.16 -11.25 14.86
N LEU E 59 -42.96 -11.66 15.15
CA LEU E 59 -42.46 -12.94 14.67
C LEU E 59 -43.25 -14.07 15.31
N GLU E 60 -44.00 -14.80 14.50
CA GLU E 60 -44.68 -15.98 15.01
C GLU E 60 -43.63 -17.02 15.35
N SER E 61 -43.31 -17.09 16.64
CA SER E 61 -42.14 -17.82 17.11
C SER E 61 -42.29 -19.32 17.05
N ASP E 62 -43.45 -19.82 16.64
CA ASP E 62 -43.52 -21.21 16.21
C ASP E 62 -42.83 -21.44 14.87
N SER E 63 -42.50 -20.37 14.16
CA SER E 63 -41.95 -20.50 12.81
C SER E 63 -40.45 -20.68 12.84
N ILE E 64 -39.79 -20.05 13.81
CA ILE E 64 -38.35 -20.22 13.93
C ILE E 64 -38.05 -21.69 14.24
N GLU E 65 -36.86 -22.13 13.85
CA GLU E 65 -36.50 -23.53 13.96
C GLU E 65 -35.00 -23.62 14.25
N LYS E 66 -34.67 -23.76 15.53
CA LYS E 66 -33.33 -24.14 15.94
C LYS E 66 -33.22 -25.64 16.13
N ILE E 67 -34.11 -26.39 15.50
CA ILE E 67 -34.27 -27.80 15.80
C ILE E 67 -35.00 -28.43 14.64
N VAL E 68 -34.61 -29.66 14.31
CA VAL E 68 -35.17 -30.35 13.16
C VAL E 68 -34.75 -31.80 13.20
N GLU E 69 -35.53 -32.65 12.55
CA GLU E 69 -35.23 -34.06 12.45
C GLU E 69 -34.28 -34.32 11.29
N ILE E 70 -33.44 -35.33 11.44
CA ILE E 70 -32.70 -35.90 10.33
C ILE E 70 -33.47 -37.03 9.69
N ASP E 71 -34.02 -37.89 10.53
CA ASP E 71 -34.72 -39.07 10.09
C ASP E 71 -35.80 -39.34 11.14
N ARG E 72 -36.34 -40.56 11.15
CA ARG E 72 -37.38 -40.88 12.11
C ARG E 72 -36.83 -40.92 13.53
N HIS E 73 -35.58 -41.38 13.67
CA HIS E 73 -35.00 -41.68 14.97
C HIS E 73 -33.78 -40.84 15.27
N ILE E 74 -33.59 -39.73 14.56
CA ILE E 74 -32.47 -38.83 14.79
C ILE E 74 -32.97 -37.40 14.71
N GLY E 75 -32.46 -36.56 15.59
CA GLY E 75 -32.80 -35.15 15.58
C GLY E 75 -31.56 -34.33 15.87
N CYS E 76 -31.52 -33.14 15.25
CA CYS E 76 -30.41 -32.24 15.39
C CYS E 76 -30.90 -30.86 15.76
N ALA E 77 -30.15 -30.20 16.62
CA ALA E 77 -30.33 -28.81 16.97
C ALA E 77 -29.24 -28.00 16.30
N MET E 78 -29.20 -26.71 16.59
CA MET E 78 -28.28 -25.81 15.93
C MET E 78 -27.98 -24.65 16.86
N SER E 79 -27.16 -23.74 16.37
CA SER E 79 -26.67 -22.61 17.16
C SER E 79 -26.08 -21.60 16.18
N GLY E 80 -25.45 -20.58 16.74
CA GLY E 80 -24.67 -19.63 15.96
C GLY E 80 -25.42 -19.03 14.79
N LEU E 81 -24.99 -19.43 13.60
CA LEU E 81 -25.65 -19.08 12.36
C LEU E 81 -26.51 -20.23 11.88
N THR E 82 -27.37 -19.95 10.91
CA THR E 82 -28.32 -20.93 10.44
C THR E 82 -28.41 -21.03 8.93
N ALA E 83 -28.04 -20.00 8.20
CA ALA E 83 -28.04 -20.10 6.76
C ALA E 83 -27.01 -21.12 6.28
N ASP E 84 -25.92 -21.27 7.02
CA ASP E 84 -24.83 -22.15 6.65
C ASP E 84 -25.02 -23.56 7.16
N ALA E 85 -26.19 -23.85 7.72
CA ALA E 85 -26.46 -25.13 8.36
C ALA E 85 -27.41 -25.99 7.56
N ARG E 86 -28.27 -25.38 6.77
CA ARG E 86 -29.14 -26.14 5.89
C ARG E 86 -28.34 -27.09 5.00
N SER E 87 -27.17 -26.65 4.55
CA SER E 87 -26.42 -27.43 3.57
C SER E 87 -25.94 -28.73 4.16
N MET E 88 -25.58 -28.72 5.45
CA MET E 88 -25.14 -29.96 6.07
C MET E 88 -26.31 -30.89 6.31
N ILE E 89 -27.45 -30.32 6.71
CA ILE E 89 -28.66 -31.11 6.84
C ILE E 89 -29.02 -31.72 5.51
N GLU E 90 -29.04 -30.91 4.47
CA GLU E 90 -29.42 -31.40 3.16
C GLU E 90 -28.43 -32.42 2.62
N HIS E 91 -27.23 -32.48 3.20
CA HIS E 91 -26.28 -33.54 2.92
C HIS E 91 -26.36 -34.65 3.95
N ALA E 92 -26.67 -34.31 5.19
CA ALA E 92 -26.61 -35.31 6.25
C ALA E 92 -27.71 -36.34 6.08
N ARG E 93 -28.96 -35.89 6.03
CA ARG E 93 -30.06 -36.84 5.95
C ARG E 93 -29.99 -37.65 4.67
N THR E 94 -29.37 -37.09 3.64
CA THR E 94 -29.15 -37.84 2.40
C THR E 94 -28.39 -39.13 2.64
N ALA E 95 -27.49 -39.14 3.61
CA ALA E 95 -26.71 -40.35 3.84
C ALA E 95 -27.56 -41.43 4.45
N ALA E 96 -28.44 -41.05 5.39
CA ALA E 96 -29.24 -42.02 6.10
C ALA E 96 -30.13 -42.81 5.15
N VAL E 97 -30.82 -42.10 4.25
CA VAL E 97 -31.67 -42.79 3.29
C VAL E 97 -30.82 -43.65 2.37
N THR E 98 -29.68 -43.11 1.97
CA THR E 98 -28.77 -43.87 1.13
C THR E 98 -28.27 -45.11 1.85
N HIS E 99 -27.93 -44.96 3.12
CA HIS E 99 -27.57 -46.12 3.91
C HIS E 99 -28.74 -47.07 4.02
N ASN E 100 -29.96 -46.54 3.96
CA ASN E 100 -31.15 -47.37 3.97
C ASN E 100 -31.55 -47.82 2.58
N LEU E 101 -30.67 -47.61 1.59
CA LEU E 101 -30.88 -48.14 0.25
C LEU E 101 -29.77 -49.11 -0.14
N TYR E 102 -28.52 -48.66 -0.14
CA TYR E 102 -27.43 -49.53 -0.53
C TYR E 102 -27.27 -50.68 0.43
N TYR E 103 -27.60 -50.45 1.71
CA TYR E 103 -27.51 -51.45 2.74
C TYR E 103 -28.85 -51.84 3.31
N ASP E 104 -29.86 -50.98 3.16
CA ASP E 104 -31.26 -51.32 3.35
C ASP E 104 -31.66 -51.47 4.82
N GLU E 105 -30.70 -51.38 5.74
CA GLU E 105 -31.00 -51.37 7.15
C GLU E 105 -31.15 -49.92 7.60
N ASP E 106 -31.17 -49.70 8.90
CA ASP E 106 -31.15 -48.37 9.47
C ASP E 106 -29.73 -48.00 9.81
N ILE E 107 -29.43 -46.76 9.68
CA ILE E 107 -28.06 -46.29 9.78
C ILE E 107 -27.72 -46.05 11.23
N ASN E 108 -26.46 -46.28 11.56
CA ASN E 108 -25.94 -45.89 12.85
C ASN E 108 -25.88 -44.38 12.94
N VAL E 109 -25.47 -43.90 14.10
CA VAL E 109 -25.24 -42.48 14.30
C VAL E 109 -23.76 -42.14 14.32
N GLU E 110 -22.92 -43.03 14.82
CA GLU E 110 -21.48 -42.80 14.75
C GLU E 110 -20.98 -42.94 13.31
N SER E 111 -21.68 -43.71 12.50
CA SER E 111 -21.39 -43.75 11.07
C SER E 111 -21.97 -42.58 10.31
N LEU E 112 -22.57 -41.60 11.01
CA LEU E 112 -23.14 -40.42 10.38
C LEU E 112 -22.21 -39.22 10.48
N THR E 113 -21.87 -38.84 11.70
CA THR E 113 -21.20 -37.57 11.91
C THR E 113 -19.83 -37.55 11.29
N GLN E 114 -19.20 -38.72 11.13
CA GLN E 114 -17.93 -38.79 10.44
C GLN E 114 -18.09 -38.29 9.01
N SER E 115 -19.25 -38.55 8.41
CA SER E 115 -19.59 -38.04 7.09
C SER E 115 -20.28 -36.70 7.17
N VAL E 116 -20.13 -35.99 8.29
CA VAL E 116 -20.62 -34.63 8.43
C VAL E 116 -19.46 -33.76 8.85
N CYS E 117 -18.68 -34.25 9.80
CA CYS E 117 -17.53 -33.49 10.26
C CYS E 117 -16.39 -33.54 9.27
N ASP E 118 -16.41 -34.48 8.32
CA ASP E 118 -15.44 -34.44 7.24
C ASP E 118 -15.80 -33.36 6.24
N LEU E 119 -17.10 -33.16 6.02
CA LEU E 119 -17.59 -32.22 5.03
C LEU E 119 -17.10 -30.81 5.26
N ALA E 120 -16.87 -30.44 6.51
CA ALA E 120 -16.44 -29.09 6.84
C ALA E 120 -14.94 -28.97 6.89
N LEU E 121 -14.24 -29.77 6.09
CA LEU E 121 -12.81 -29.61 5.87
C LEU E 121 -12.49 -29.51 4.38
N ARG E 122 -13.50 -29.27 3.52
CA ARG E 122 -13.24 -29.16 2.10
C ARG E 122 -12.41 -27.94 1.76
N PHE E 123 -12.58 -26.84 2.48
CA PHE E 123 -11.68 -25.72 2.32
C PHE E 123 -10.25 -26.16 2.60
N GLY E 124 -9.31 -25.41 2.04
CA GLY E 124 -7.91 -25.77 2.17
C GLY E 124 -7.65 -27.13 1.55
N GLU E 125 -7.44 -28.14 2.39
CA GLU E 125 -7.29 -29.51 1.92
C GLU E 125 -8.67 -30.12 1.70
N GLY E 126 -8.67 -31.40 1.29
CA GLY E 126 -9.88 -32.15 1.07
C GLY E 126 -9.87 -33.44 1.88
N ALA E 127 -11.01 -34.12 1.85
CA ALA E 127 -11.17 -35.30 2.70
C ALA E 127 -10.55 -36.54 2.06
N SER E 128 -11.11 -37.01 0.96
CA SER E 128 -10.57 -38.14 0.21
C SER E 128 -9.85 -37.66 -1.05
N GLY E 129 -8.80 -36.86 -0.85
CA GLY E 129 -7.95 -36.39 -1.93
C GLY E 129 -8.55 -35.36 -2.86
N GLU E 130 -9.86 -35.16 -2.86
CA GLU E 130 -10.49 -34.17 -3.74
C GLU E 130 -10.04 -32.77 -3.37
N GLU E 131 -10.17 -31.85 -4.34
CA GLU E 131 -9.43 -30.59 -4.26
C GLU E 131 -10.07 -29.62 -3.26
N ARG E 132 -11.27 -29.15 -3.56
CA ARG E 132 -11.95 -28.13 -2.78
C ARG E 132 -13.30 -27.92 -3.43
N LEU E 133 -14.21 -27.37 -2.68
CA LEU E 133 -15.51 -26.95 -3.18
C LEU E 133 -15.89 -25.53 -2.78
N MET E 134 -15.53 -25.10 -1.57
CA MET E 134 -16.09 -23.91 -0.97
C MET E 134 -14.99 -23.06 -0.34
N SER E 135 -15.23 -21.75 -0.34
CA SER E 135 -14.23 -20.80 0.12
C SER E 135 -13.88 -21.02 1.57
N ARG E 136 -14.85 -20.79 2.43
CA ARG E 136 -14.62 -20.55 3.84
C ARG E 136 -15.32 -21.58 4.72
N PRO E 137 -14.83 -21.77 5.93
CA PRO E 137 -15.52 -22.64 6.88
C PRO E 137 -16.75 -21.94 7.42
N PHE E 138 -17.59 -22.70 8.10
CA PHE E 138 -18.88 -22.18 8.51
C PHE E 138 -19.25 -22.75 9.85
N GLY E 139 -19.68 -21.85 10.73
CA GLY E 139 -19.71 -22.11 12.13
C GLY E 139 -21.09 -22.33 12.69
N VAL E 140 -21.42 -23.59 12.92
CA VAL E 140 -22.62 -23.97 13.64
C VAL E 140 -22.26 -25.20 14.45
N ALA E 141 -22.27 -25.06 15.77
CA ALA E 141 -22.11 -26.20 16.65
C ALA E 141 -23.43 -26.94 16.72
N LEU E 142 -23.45 -28.16 16.23
CA LEU E 142 -24.66 -28.96 16.18
C LEU E 142 -24.69 -29.99 17.30
N LEU E 143 -25.89 -30.52 17.50
CA LEU E 143 -26.15 -31.45 18.58
C LEU E 143 -27.06 -32.52 18.00
N ILE E 144 -26.45 -33.55 17.44
CA ILE E 144 -27.21 -34.69 16.95
C ILE E 144 -27.63 -35.53 18.14
N ALA E 145 -28.60 -36.40 17.94
CA ALA E 145 -29.02 -37.32 18.98
C ALA E 145 -29.85 -38.41 18.35
N GLY E 146 -29.64 -39.65 18.79
CA GLY E 146 -30.33 -40.74 18.17
C GLY E 146 -30.10 -42.11 18.76
N HIS E 147 -31.17 -42.91 18.76
CA HIS E 147 -31.11 -44.28 19.22
C HIS E 147 -30.43 -45.15 18.17
N ASP E 148 -29.80 -46.21 18.65
CA ASP E 148 -29.28 -47.24 17.76
C ASP E 148 -29.24 -48.54 18.52
N ALA E 149 -28.79 -49.59 17.83
CA ALA E 149 -28.74 -50.91 18.43
C ALA E 149 -27.48 -51.09 19.27
N ASP E 150 -26.32 -50.83 18.65
CA ASP E 150 -25.05 -51.17 19.26
C ASP E 150 -24.80 -50.38 20.53
N ASP E 151 -25.34 -49.17 20.62
CA ASP E 151 -25.02 -48.26 21.72
C ASP E 151 -26.23 -47.59 22.36
N GLY E 152 -27.35 -47.49 21.66
CA GLY E 152 -28.56 -46.95 22.26
C GLY E 152 -28.61 -45.45 22.15
N TYR E 153 -28.90 -44.79 23.26
CA TYR E 153 -29.22 -43.36 23.27
C TYR E 153 -27.91 -42.58 23.37
N GLN E 154 -27.58 -41.85 22.32
CA GLN E 154 -26.33 -41.11 22.21
C GLN E 154 -26.59 -39.69 21.77
N LEU E 155 -25.56 -38.87 21.96
CA LEU E 155 -25.45 -37.59 21.28
C LEU E 155 -23.99 -37.30 21.04
N PHE E 156 -23.75 -36.44 20.06
CA PHE E 156 -22.45 -35.91 19.76
C PHE E 156 -22.55 -34.40 19.70
N HIS E 157 -21.38 -33.76 19.62
CA HIS E 157 -21.27 -32.31 19.49
C HIS E 157 -20.39 -32.04 18.28
N ALA E 158 -21.01 -31.62 17.19
CA ALA E 158 -20.26 -31.29 16.00
C ALA E 158 -19.38 -30.07 16.26
N GLU E 159 -18.50 -29.82 15.33
CA GLU E 159 -17.69 -28.62 15.38
C GLU E 159 -17.03 -28.44 14.02
N PRO E 160 -17.04 -27.24 13.45
CA PRO E 160 -16.44 -27.05 12.12
C PRO E 160 -14.95 -27.32 12.07
N SER E 161 -14.28 -27.40 13.22
CA SER E 161 -12.87 -27.75 13.23
C SER E 161 -12.62 -29.19 12.85
N GLY E 162 -13.66 -30.01 12.74
CA GLY E 162 -13.52 -31.42 12.44
C GLY E 162 -13.47 -32.32 13.66
N THR E 163 -13.66 -31.77 14.85
CA THR E 163 -13.65 -32.55 16.08
C THR E 163 -15.07 -32.79 16.54
N PHE E 164 -15.23 -33.80 17.39
CA PHE E 164 -16.52 -34.12 17.98
C PHE E 164 -16.32 -35.13 19.09
N TYR E 165 -17.04 -34.94 20.18
CA TYR E 165 -16.89 -35.75 21.38
C TYR E 165 -18.25 -36.25 21.84
N ARG E 166 -18.28 -37.48 22.32
CA ARG E 166 -19.50 -38.08 22.84
C ARG E 166 -19.72 -37.59 24.27
N TYR E 167 -20.03 -36.32 24.37
CA TYR E 167 -20.58 -35.78 25.60
C TYR E 167 -21.77 -36.62 26.05
N ASN E 168 -22.02 -36.59 27.35
CA ASN E 168 -23.30 -37.01 27.90
C ASN E 168 -24.22 -35.83 28.20
N ALA E 169 -23.69 -34.60 28.14
CA ALA E 169 -24.48 -33.39 28.22
C ALA E 169 -23.61 -32.21 27.89
N LYS E 170 -24.11 -31.27 27.09
CA LYS E 170 -23.28 -30.18 26.62
C LYS E 170 -24.16 -29.06 26.10
N ALA E 171 -23.70 -27.85 26.34
CA ALA E 171 -24.41 -26.64 25.99
C ALA E 171 -23.65 -25.90 24.91
N ILE E 172 -24.21 -24.77 24.50
CA ILE E 172 -23.70 -23.94 23.43
C ILE E 172 -23.88 -22.49 23.90
N GLY E 173 -23.51 -21.55 23.05
CA GLY E 173 -23.85 -20.16 23.29
C GLY E 173 -22.89 -19.55 24.28
N SER E 174 -23.05 -18.24 24.48
CA SER E 174 -22.17 -17.58 25.44
C SER E 174 -22.44 -18.06 26.86
N GLY E 175 -23.62 -18.61 27.11
CA GLY E 175 -23.97 -19.11 28.42
C GLY E 175 -23.59 -20.55 28.65
N SER E 176 -22.78 -21.14 27.77
CA SER E 176 -22.43 -22.54 27.91
C SER E 176 -21.69 -22.78 29.21
N GLU E 177 -20.52 -22.17 29.34
CA GLU E 177 -19.73 -22.32 30.55
C GLU E 177 -20.49 -21.87 31.77
N GLY E 178 -21.37 -20.88 31.60
CA GLY E 178 -22.16 -20.40 32.72
C GLY E 178 -23.18 -21.39 33.23
N ALA E 179 -23.38 -22.48 32.53
CA ALA E 179 -24.33 -23.52 32.88
C ALA E 179 -23.70 -24.90 32.87
N GLN E 180 -22.77 -25.14 31.95
CA GLN E 180 -22.18 -26.46 31.83
C GLN E 180 -21.50 -26.86 33.13
N ALA E 181 -21.00 -25.86 33.86
CA ALA E 181 -20.67 -26.05 35.26
C ALA E 181 -21.83 -26.65 36.01
N GLU E 182 -23.00 -26.00 35.90
CA GLU E 182 -24.15 -26.39 36.70
C GLU E 182 -24.62 -27.79 36.38
N LEU E 183 -24.32 -28.30 35.19
CA LEU E 183 -24.73 -29.64 34.84
C LEU E 183 -23.75 -30.68 35.34
N LEU E 184 -22.47 -30.31 35.40
CA LEU E 184 -21.44 -31.25 35.78
C LEU E 184 -21.69 -31.80 37.17
N ASN E 185 -22.20 -30.97 38.08
CA ASN E 185 -22.47 -31.39 39.44
C ASN E 185 -23.92 -31.81 39.65
N GLU E 186 -24.63 -32.08 38.56
CA GLU E 186 -26.05 -32.40 38.65
C GLU E 186 -26.39 -33.66 37.86
N TRP E 187 -25.68 -33.91 36.77
CA TRP E 187 -25.93 -35.09 35.96
C TRP E 187 -25.55 -36.36 36.72
N HIS E 188 -26.54 -37.18 37.01
CA HIS E 188 -26.32 -38.49 37.58
C HIS E 188 -26.22 -39.49 36.45
N SER E 189 -26.22 -40.79 36.76
CA SER E 189 -26.12 -41.84 35.77
C SER E 189 -27.41 -42.62 35.57
N SER E 190 -28.43 -42.37 36.38
CA SER E 190 -29.62 -43.21 36.39
C SER E 190 -30.87 -42.35 36.52
N LEU E 191 -30.93 -41.29 35.72
CA LEU E 191 -32.01 -40.33 35.81
C LEU E 191 -33.17 -40.76 34.92
N THR E 192 -34.24 -39.97 34.94
CA THR E 192 -35.40 -40.14 34.08
C THR E 192 -35.47 -39.01 33.06
N LEU E 193 -36.20 -39.30 32.00
CA LEU E 193 -36.50 -38.31 30.98
C LEU E 193 -37.13 -37.07 31.56
N LYS E 194 -38.14 -37.26 32.40
CA LYS E 194 -38.96 -36.14 32.84
C LYS E 194 -38.15 -35.17 33.70
N GLU E 195 -37.52 -35.68 34.76
CA GLU E 195 -36.76 -34.83 35.67
C GLU E 195 -35.65 -34.11 34.93
N ALA E 196 -35.10 -34.74 33.89
CA ALA E 196 -34.19 -34.05 33.00
C ALA E 196 -34.91 -32.91 32.29
N GLU E 197 -36.10 -33.17 31.76
CA GLU E 197 -36.87 -32.10 31.15
C GLU E 197 -37.24 -31.04 32.17
N LEU E 198 -37.37 -31.42 33.43
CA LEU E 198 -37.55 -30.45 34.48
C LEU E 198 -36.22 -29.79 34.83
N LEU E 199 -35.13 -30.53 34.69
CA LEU E 199 -33.81 -30.00 34.96
C LEU E 199 -33.48 -28.89 33.98
N VAL E 200 -33.62 -29.17 32.69
CA VAL E 200 -33.09 -28.30 31.65
C VAL E 200 -33.69 -26.90 31.76
N LEU E 201 -34.95 -26.82 32.14
CA LEU E 201 -35.62 -25.54 32.24
C LEU E 201 -35.03 -24.70 33.36
N LYS E 202 -34.47 -25.36 34.38
CA LYS E 202 -33.82 -24.64 35.46
C LYS E 202 -32.75 -23.71 34.93
N ILE E 203 -32.08 -24.12 33.86
CA ILE E 203 -30.99 -23.35 33.31
C ILE E 203 -31.54 -22.20 32.50
N LEU E 204 -32.63 -22.44 31.81
CA LEU E 204 -33.14 -21.43 30.91
C LEU E 204 -33.76 -20.30 31.69
N LYS E 205 -34.44 -20.63 32.78
CA LYS E 205 -34.87 -19.60 33.71
C LYS E 205 -33.67 -18.92 34.36
N GLN E 206 -32.53 -19.61 34.40
CA GLN E 206 -31.32 -19.08 35.01
C GLN E 206 -30.57 -18.21 34.03
N VAL E 207 -30.25 -18.76 32.86
CA VAL E 207 -29.30 -18.13 31.96
C VAL E 207 -29.92 -17.01 31.15
N MET E 208 -31.21 -17.08 30.89
CA MET E 208 -31.74 -16.30 29.80
C MET E 208 -31.86 -14.82 30.14
N GLU E 209 -31.87 -14.03 29.07
CA GLU E 209 -31.90 -12.58 29.13
C GLU E 209 -33.26 -12.03 29.50
N GLU E 210 -34.27 -12.88 29.63
CA GLU E 210 -35.63 -12.40 29.82
C GLU E 210 -36.50 -13.56 30.26
N LYS E 211 -37.62 -13.23 30.87
CA LYS E 211 -38.45 -14.26 31.48
C LYS E 211 -39.09 -15.11 30.40
N LEU E 212 -39.00 -16.41 30.58
CA LEU E 212 -39.32 -17.36 29.52
C LEU E 212 -40.74 -17.90 29.68
N ASP E 213 -41.26 -18.41 28.56
CA ASP E 213 -42.52 -19.11 28.57
C ASP E 213 -42.51 -20.08 27.40
N GLU E 214 -43.70 -20.46 26.93
CA GLU E 214 -43.83 -21.27 25.73
C GLU E 214 -42.99 -20.71 24.59
N ASN E 215 -43.07 -19.41 24.38
CA ASN E 215 -42.50 -18.76 23.21
C ASN E 215 -41.15 -18.16 23.52
N ASN E 216 -40.37 -18.84 24.35
CA ASN E 216 -38.97 -18.52 24.53
C ASN E 216 -38.07 -19.73 24.58
N ALA E 217 -38.61 -20.93 24.76
CA ALA E 217 -37.86 -22.16 24.56
C ALA E 217 -38.79 -23.21 23.96
N GLN E 218 -38.18 -24.25 23.42
CA GLN E 218 -38.92 -25.43 23.06
C GLN E 218 -37.98 -26.62 23.17
N LEU E 219 -38.58 -27.80 23.06
CA LEU E 219 -37.92 -29.04 23.43
C LEU E 219 -38.21 -30.10 22.41
N SER E 220 -37.46 -31.18 22.49
CA SER E 220 -37.69 -32.32 21.63
C SER E 220 -37.11 -33.55 22.30
N CYS E 221 -37.78 -34.66 22.10
CA CYS E 221 -37.55 -35.88 22.84
C CYS E 221 -37.05 -36.96 21.92
N ILE E 222 -36.77 -38.12 22.50
CA ILE E 222 -36.41 -39.32 21.76
C ILE E 222 -36.98 -40.52 22.48
N THR E 223 -37.45 -41.49 21.70
CA THR E 223 -37.81 -42.80 22.22
C THR E 223 -37.48 -43.83 21.16
N LYS E 224 -37.08 -45.02 21.61
CA LYS E 224 -37.04 -46.15 20.71
C LYS E 224 -38.43 -46.54 20.23
N GLN E 225 -39.48 -46.08 20.91
CA GLN E 225 -40.84 -46.38 20.52
C GLN E 225 -41.31 -45.46 19.41
N ASP E 226 -41.33 -44.15 19.68
CA ASP E 226 -41.79 -43.16 18.72
C ASP E 226 -40.69 -42.69 17.79
N GLY E 227 -39.44 -42.75 18.23
CA GLY E 227 -38.35 -42.22 17.45
C GLY E 227 -38.00 -40.80 17.84
N PHE E 228 -38.52 -39.83 17.11
CA PHE E 228 -38.20 -38.44 17.35
C PHE E 228 -39.40 -37.56 17.07
N LYS E 229 -39.60 -36.58 17.93
CA LYS E 229 -40.65 -35.61 17.75
C LYS E 229 -40.34 -34.42 18.64
N ILE E 230 -41.32 -33.55 18.82
CA ILE E 230 -41.18 -32.33 19.59
C ILE E 230 -42.36 -32.21 20.53
N TYR E 231 -42.37 -31.12 21.29
CA TYR E 231 -43.40 -30.82 22.26
C TYR E 231 -44.06 -29.50 21.90
N ASP E 232 -45.37 -29.53 21.74
CA ASP E 232 -46.11 -28.31 21.47
C ASP E 232 -46.13 -27.42 22.72
N ASN E 233 -46.67 -26.22 22.53
CA ASN E 233 -46.55 -25.17 23.54
C ASN E 233 -47.25 -25.54 24.84
N GLU E 234 -48.53 -25.93 24.76
CA GLU E 234 -49.28 -26.25 25.97
C GLU E 234 -48.62 -27.37 26.75
N LYS E 235 -47.98 -28.31 26.07
CA LYS E 235 -47.18 -29.29 26.77
C LYS E 235 -45.99 -28.61 27.43
N THR E 236 -45.35 -27.70 26.72
CA THR E 236 -44.29 -26.91 27.33
C THR E 236 -44.85 -26.03 28.45
N ALA E 237 -46.11 -25.63 28.35
CA ALA E 237 -46.75 -24.83 29.38
C ALA E 237 -47.30 -25.65 30.51
N GLU E 238 -46.88 -26.89 30.65
CA GLU E 238 -47.31 -27.78 31.71
C GLU E 238 -46.14 -28.35 32.48
N LEU E 239 -45.06 -28.69 31.80
CA LEU E 239 -43.84 -29.08 32.50
C LEU E 239 -43.27 -27.88 33.24
N ILE E 240 -43.46 -26.69 32.69
CA ILE E 240 -43.10 -25.46 33.39
C ILE E 240 -44.13 -25.14 34.47
N LYS E 241 -45.38 -25.53 34.27
CA LYS E 241 -46.42 -25.23 35.24
C LYS E 241 -46.11 -25.86 36.58
N GLU E 242 -46.06 -27.18 36.62
CA GLU E 242 -45.73 -27.92 37.82
C GLU E 242 -44.22 -27.94 38.10
N LEU E 243 -43.45 -27.10 37.41
CA LEU E 243 -42.06 -26.90 37.78
C LEU E 243 -41.95 -26.25 39.15
N LYS E 244 -42.84 -25.31 39.45
CA LYS E 244 -42.56 -24.30 40.47
C LYS E 244 -42.52 -24.88 41.87
N GLU E 245 -43.46 -25.77 42.21
CA GLU E 245 -43.54 -26.27 43.57
C GLU E 245 -42.26 -26.95 44.02
N LYS E 246 -41.47 -27.44 43.07
CA LYS E 246 -40.16 -27.98 43.39
C LYS E 246 -39.20 -26.88 43.84
N GLU E 247 -39.51 -25.62 43.53
CA GLU E 247 -38.77 -24.47 44.02
C GLU E 247 -39.64 -23.57 44.90
N ALA E 248 -40.73 -24.12 45.46
CA ALA E 248 -41.47 -23.37 46.48
C ALA E 248 -40.57 -23.04 47.66
N ALA E 249 -39.58 -23.89 47.95
CA ALA E 249 -38.48 -23.57 48.84
C ALA E 249 -37.49 -24.73 48.82
N MET F 1 11.28 -7.89 19.87
CA MET F 1 11.17 -8.81 18.72
C MET F 1 10.56 -8.07 17.54
N PHE F 2 10.31 -8.79 16.44
CA PHE F 2 9.73 -8.14 15.27
C PHE F 2 9.20 -9.19 14.32
N ARG F 3 8.16 -8.79 13.57
CA ARG F 3 7.56 -9.59 12.53
C ARG F 3 8.60 -10.14 11.57
N ASN F 4 8.29 -11.30 10.99
CA ASN F 4 8.90 -11.76 9.76
C ASN F 4 7.84 -11.87 8.69
N ASN F 5 8.26 -11.57 7.47
CA ASN F 5 7.58 -12.03 6.29
C ASN F 5 8.24 -13.35 5.91
N TYR F 6 7.94 -13.85 4.71
CA TYR F 6 8.32 -15.16 4.18
C TYR F 6 7.50 -16.29 4.79
N ASP F 7 6.60 -16.03 5.74
CA ASP F 7 5.73 -17.04 6.29
C ASP F 7 4.38 -17.09 5.60
N GLY F 8 4.02 -16.03 4.87
CA GLY F 8 2.68 -15.87 4.33
C GLY F 8 2.19 -17.03 3.52
N ASP F 9 3.10 -17.82 2.94
CA ASP F 9 2.73 -18.95 2.13
C ASP F 9 3.76 -20.04 2.29
N THR F 10 3.41 -21.23 1.81
CA THR F 10 4.24 -22.42 1.90
C THR F 10 5.10 -22.61 0.68
N VAL F 11 5.54 -21.50 0.07
CA VAL F 11 6.25 -21.54 -1.19
C VAL F 11 7.57 -20.78 -1.14
N THR F 12 7.73 -19.82 -0.26
CA THR F 12 8.92 -19.00 -0.21
C THR F 12 9.95 -19.65 0.70
N PHE F 13 11.16 -19.83 0.18
CA PHE F 13 12.24 -20.14 1.08
C PHE F 13 12.48 -18.97 2.01
N SER F 14 13.14 -19.24 3.11
CA SER F 14 13.64 -18.19 3.98
C SER F 14 14.88 -17.63 3.32
N PRO F 15 15.47 -16.58 3.88
CA PRO F 15 16.79 -16.18 3.43
C PRO F 15 17.83 -17.22 3.73
N THR F 16 17.63 -18.03 4.77
CA THR F 16 18.54 -19.10 5.11
C THR F 16 18.26 -20.35 4.29
N GLY F 17 16.99 -20.75 4.20
CA GLY F 17 16.61 -21.99 3.57
C GLY F 17 15.43 -22.67 4.20
N ARG F 18 14.97 -22.17 5.33
CA ARG F 18 13.83 -22.79 5.98
C ARG F 18 12.54 -22.49 5.21
N LEU F 19 11.58 -23.40 5.35
CA LEU F 19 10.21 -23.17 4.91
C LEU F 19 9.40 -22.87 6.15
N PHE F 20 9.46 -21.61 6.58
CA PHE F 20 9.15 -21.24 7.96
C PHE F 20 7.77 -21.71 8.37
N GLN F 21 6.86 -21.82 7.42
CA GLN F 21 5.53 -22.31 7.73
C GLN F 21 5.57 -23.77 8.15
N VAL F 22 6.43 -24.55 7.49
CA VAL F 22 6.49 -25.98 7.75
C VAL F 22 6.80 -26.25 9.21
N GLU F 23 7.76 -25.53 9.76
CA GLU F 23 8.09 -25.73 11.15
C GLU F 23 6.92 -25.38 12.05
N TYR F 24 6.12 -24.40 11.66
CA TYR F 24 4.96 -24.06 12.47
C TYR F 24 3.94 -25.17 12.44
N ALA F 25 3.93 -25.98 11.39
CA ALA F 25 3.09 -27.16 11.39
C ALA F 25 3.59 -28.14 12.42
N LEU F 26 4.86 -28.51 12.31
CA LEU F 26 5.51 -29.42 13.22
C LEU F 26 5.47 -28.91 14.66
N GLU F 27 5.27 -27.61 14.86
CA GLU F 27 5.04 -27.07 16.18
C GLU F 27 3.86 -27.74 16.86
N ALA F 28 2.80 -27.97 16.11
CA ALA F 28 1.52 -28.35 16.70
C ALA F 28 1.60 -29.67 17.43
N ILE F 29 2.45 -30.57 16.96
CA ILE F 29 2.39 -31.93 17.46
C ILE F 29 3.18 -32.08 18.74
N LYS F 30 4.26 -31.31 18.90
CA LYS F 30 4.82 -31.19 20.24
C LYS F 30 3.86 -30.40 21.13
N GLN F 31 3.16 -29.44 20.54
CA GLN F 31 2.06 -28.80 21.26
C GLN F 31 0.92 -29.80 21.44
N GLY F 32 0.81 -30.76 20.55
CA GLY F 32 -0.13 -31.84 20.69
C GLY F 32 0.37 -32.90 21.65
N SER F 33 -0.38 -33.99 21.72
CA SER F 33 -0.14 -35.04 22.69
C SER F 33 0.83 -36.08 22.13
N VAL F 34 0.91 -37.23 22.79
CA VAL F 34 1.95 -38.23 22.57
C VAL F 34 1.34 -39.56 22.15
N THR F 35 2.07 -40.27 21.29
CA THR F 35 1.68 -41.60 20.82
C THR F 35 2.96 -42.28 20.34
N VAL F 36 3.36 -43.35 21.03
CA VAL F 36 4.70 -43.90 20.94
C VAL F 36 4.62 -45.38 20.65
N GLY F 37 5.78 -46.01 20.60
CA GLY F 37 5.83 -47.43 20.29
C GLY F 37 7.25 -47.92 20.17
N LEU F 38 7.36 -49.22 19.89
CA LEU F 38 8.66 -49.87 19.81
C LEU F 38 8.52 -51.15 18.99
N ARG F 39 9.64 -51.85 18.82
CA ARG F 39 9.73 -52.98 17.92
C ARG F 39 10.30 -54.20 18.61
N SER F 40 9.74 -55.35 18.30
CA SER F 40 10.37 -56.64 18.51
C SER F 40 10.63 -57.27 17.15
N ASN F 41 11.49 -58.29 17.14
CA ASN F 41 11.74 -59.02 15.91
C ASN F 41 10.53 -59.84 15.47
N THR F 42 9.55 -60.01 16.34
CA THR F 42 8.35 -60.77 16.02
C THR F 42 7.07 -60.03 16.37
N HIS F 43 7.15 -58.89 17.03
CA HIS F 43 5.99 -58.12 17.41
C HIS F 43 6.35 -56.65 17.38
N ALA F 44 5.34 -55.80 17.53
CA ALA F 44 5.57 -54.38 17.61
C ALA F 44 4.27 -53.69 17.97
N VAL F 45 4.39 -52.53 18.59
CA VAL F 45 3.32 -51.97 19.42
C VAL F 45 3.05 -50.52 19.06
N LEU F 46 1.81 -50.10 19.33
CA LEU F 46 1.42 -48.72 19.44
C LEU F 46 0.94 -48.47 20.86
N VAL F 47 1.07 -47.23 21.31
CA VAL F 47 0.47 -46.83 22.58
C VAL F 47 0.41 -45.33 22.63
N ALA F 48 -0.68 -44.84 23.21
CA ALA F 48 -0.93 -43.41 23.31
C ALA F 48 -2.01 -43.23 24.34
N LEU F 49 -1.92 -42.13 25.06
CA LEU F 49 -2.92 -41.81 26.05
C LEU F 49 -4.02 -41.00 25.37
N LYS F 50 -4.93 -40.51 26.18
CA LYS F 50 -6.11 -39.81 25.72
C LYS F 50 -6.16 -38.41 26.32
N ARG F 51 -7.09 -37.63 25.80
CA ARG F 51 -7.47 -36.37 26.42
C ARG F 51 -8.97 -36.33 26.58
N ASN F 52 -9.51 -35.17 26.92
CA ASN F 52 -10.94 -35.00 27.04
C ASN F 52 -11.26 -33.51 26.96
N ALA F 53 -12.51 -33.16 27.25
CA ALA F 53 -12.93 -31.79 27.45
C ALA F 53 -13.37 -31.57 28.89
N ASP F 54 -14.36 -32.33 29.32
CA ASP F 54 -14.75 -32.41 30.72
C ASP F 54 -14.86 -33.88 31.08
N GLU F 55 -15.41 -34.17 32.25
CA GLU F 55 -15.62 -35.55 32.64
C GLU F 55 -16.86 -36.14 32.01
N LEU F 56 -17.82 -35.30 31.61
CA LEU F 56 -18.99 -35.77 30.90
C LEU F 56 -18.63 -36.38 29.56
N SER F 57 -17.51 -35.95 28.99
CA SER F 57 -17.16 -36.31 27.64
C SER F 57 -16.28 -37.54 27.61
N SER F 58 -16.31 -38.22 26.48
CA SER F 58 -15.44 -39.34 26.22
C SER F 58 -14.07 -38.78 25.86
N TYR F 59 -13.22 -39.62 25.32
CA TYR F 59 -11.86 -39.25 24.97
C TYR F 59 -11.69 -39.31 23.46
N GLN F 60 -10.61 -38.70 23.00
CA GLN F 60 -10.29 -38.74 21.59
C GLN F 60 -9.87 -40.12 21.16
N LYS F 61 -10.23 -40.47 19.93
CA LYS F 61 -9.73 -41.67 19.29
C LYS F 61 -8.46 -41.31 18.55
N LYS F 62 -7.44 -42.15 18.70
CA LYS F 62 -6.08 -41.76 18.39
C LYS F 62 -5.31 -42.81 17.61
N ILE F 63 -5.84 -44.01 17.44
CA ILE F 63 -5.13 -45.08 16.75
C ILE F 63 -6.12 -45.76 15.82
N ILE F 64 -5.71 -45.94 14.57
CA ILE F 64 -6.64 -46.18 13.48
C ILE F 64 -6.16 -47.37 12.68
N LYS F 65 -7.10 -48.25 12.36
CA LYS F 65 -6.88 -49.37 11.49
C LYS F 65 -6.56 -48.90 10.08
N CYS F 66 -5.74 -49.67 9.38
CA CYS F 66 -5.65 -49.54 7.93
C CYS F 66 -5.62 -50.87 7.19
N ASP F 67 -5.20 -51.95 7.82
CA ASP F 67 -5.30 -53.31 7.28
C ASP F 67 -4.89 -54.24 8.42
N GLU F 68 -4.78 -55.53 8.14
CA GLU F 68 -4.33 -56.46 9.17
C GLU F 68 -2.83 -56.40 9.32
N HIS F 69 -2.12 -56.29 8.21
CA HIS F 69 -0.67 -56.25 8.21
C HIS F 69 -0.14 -54.84 8.34
N MET F 70 -0.92 -53.93 8.90
CA MET F 70 -0.46 -52.57 9.12
C MET F 70 -1.48 -51.84 9.94
N GLY F 71 -1.00 -50.90 10.73
CA GLY F 71 -1.85 -49.99 11.47
C GLY F 71 -1.00 -48.82 11.89
N LEU F 72 -1.67 -47.77 12.37
CA LEU F 72 -0.95 -46.57 12.73
C LEU F 72 -1.67 -45.82 13.83
N SER F 73 -0.97 -44.83 14.34
CA SER F 73 -1.46 -43.93 15.38
C SER F 73 -1.31 -42.51 14.86
N LEU F 74 -1.45 -41.53 15.73
CA LEU F 74 -1.25 -40.16 15.34
C LEU F 74 -0.90 -39.34 16.56
N ALA F 75 -0.44 -38.12 16.30
CA ALA F 75 -0.27 -37.14 17.36
C ALA F 75 -0.29 -35.77 16.69
N GLY F 76 -1.42 -35.09 16.78
CA GLY F 76 -1.55 -33.82 16.13
C GLY F 76 -2.97 -33.51 15.72
N LEU F 77 -3.12 -33.06 14.48
CA LEU F 77 -4.43 -32.81 13.92
C LEU F 77 -5.15 -34.13 13.66
N ALA F 78 -6.46 -34.11 13.84
CA ALA F 78 -7.30 -35.25 13.56
C ALA F 78 -7.66 -35.39 12.08
N PRO F 79 -7.99 -34.31 11.36
CA PRO F 79 -8.41 -34.47 9.97
C PRO F 79 -7.37 -35.10 9.07
N ASP F 80 -6.14 -34.57 9.09
CA ASP F 80 -5.11 -35.02 8.17
C ASP F 80 -4.85 -36.52 8.30
N ALA F 81 -5.04 -37.06 9.49
CA ALA F 81 -4.91 -38.50 9.68
C ALA F 81 -5.92 -39.25 8.84
N ARG F 82 -7.18 -38.80 8.86
CA ARG F 82 -8.21 -39.49 8.09
C ARG F 82 -7.93 -39.39 6.60
N VAL F 83 -7.41 -38.25 6.16
CA VAL F 83 -7.05 -38.08 4.77
C VAL F 83 -6.05 -39.15 4.36
N LEU F 84 -4.97 -39.25 5.12
CA LEU F 84 -3.97 -40.27 4.84
C LEU F 84 -4.54 -41.64 5.05
N SER F 85 -5.29 -41.83 6.15
CA SER F 85 -5.85 -43.12 6.44
C SER F 85 -6.82 -43.56 5.35
N ASN F 86 -7.81 -42.72 5.05
CA ASN F 86 -8.72 -43.01 3.97
C ASN F 86 -8.01 -43.12 2.64
N TYR F 87 -6.83 -42.52 2.52
CA TYR F 87 -5.99 -42.76 1.38
C TYR F 87 -5.24 -44.06 1.55
N LEU F 88 -4.73 -44.29 2.76
CA LEU F 88 -3.75 -45.36 2.94
C LEU F 88 -4.41 -46.72 2.86
N ARG F 89 -5.68 -46.81 3.25
CA ARG F 89 -6.36 -48.10 3.13
C ARG F 89 -6.41 -48.54 1.68
N GLN F 90 -6.45 -47.59 0.76
CA GLN F 90 -6.71 -47.92 -0.62
C GLN F 90 -5.54 -48.66 -1.25
N GLN F 91 -4.31 -48.25 -0.94
CA GLN F 91 -3.17 -48.89 -1.57
C GLN F 91 -2.92 -50.27 -0.99
N CYS F 92 -3.03 -50.42 0.33
CA CYS F 92 -2.94 -51.75 0.90
C CYS F 92 -4.14 -52.59 0.53
N ASN F 93 -5.23 -51.94 0.10
CA ASN F 93 -6.33 -52.66 -0.53
C ASN F 93 -6.03 -52.89 -2.00
N TYR F 94 -5.43 -51.90 -2.66
CA TYR F 94 -5.19 -51.99 -4.10
C TYR F 94 -4.23 -53.11 -4.44
N SER F 95 -3.19 -53.27 -3.64
CA SER F 95 -2.25 -54.37 -3.87
C SER F 95 -2.89 -55.72 -3.63
N SER F 96 -3.95 -55.77 -2.84
CA SER F 96 -4.57 -57.04 -2.45
C SER F 96 -5.64 -57.50 -3.41
N LEU F 97 -5.75 -56.86 -4.58
CA LEU F 97 -6.61 -57.38 -5.64
C LEU F 97 -5.98 -57.24 -7.01
N VAL F 98 -4.72 -56.82 -7.10
CA VAL F 98 -4.03 -56.62 -8.36
C VAL F 98 -2.76 -57.46 -8.43
N PHE F 99 -1.98 -57.47 -7.35
CA PHE F 99 -0.82 -58.32 -7.21
C PHE F 99 -0.98 -59.42 -6.19
N ASN F 100 -1.83 -59.19 -5.17
CA ASN F 100 -2.04 -60.02 -4.00
C ASN F 100 -0.76 -60.65 -3.49
N ARG F 101 0.31 -59.86 -3.50
CA ARG F 101 1.57 -60.15 -2.82
C ARG F 101 1.69 -58.93 -1.91
N LYS F 102 1.19 -59.08 -0.68
CA LYS F 102 0.70 -57.99 0.15
C LYS F 102 1.67 -56.84 0.28
N LEU F 103 1.13 -55.68 0.65
CA LEU F 103 1.91 -54.47 0.67
C LEU F 103 2.90 -54.50 1.83
N ALA F 104 4.13 -54.12 1.55
CA ALA F 104 5.13 -54.01 2.59
C ALA F 104 5.04 -52.65 3.24
N VAL F 105 5.80 -52.48 4.31
CA VAL F 105 5.65 -51.29 5.13
C VAL F 105 6.47 -50.13 4.56
N GLU F 106 7.66 -50.41 4.07
CA GLU F 106 8.60 -49.33 3.82
C GLU F 106 8.19 -48.53 2.60
N ARG F 107 7.65 -49.19 1.58
CA ARG F 107 7.27 -48.45 0.39
C ARG F 107 6.03 -47.60 0.63
N ALA F 108 5.23 -47.95 1.62
CA ALA F 108 4.13 -47.10 2.00
C ALA F 108 4.63 -45.73 2.42
N GLY F 109 5.70 -45.70 3.19
CA GLY F 109 6.30 -44.44 3.53
C GLY F 109 6.85 -43.72 2.32
N HIS F 110 7.37 -44.48 1.37
CA HIS F 110 8.04 -43.87 0.23
C HIS F 110 7.10 -43.27 -0.78
N LEU F 111 5.79 -43.49 -0.64
CA LEU F 111 4.81 -42.87 -1.52
C LEU F 111 4.02 -41.77 -0.84
N LEU F 112 3.82 -41.85 0.47
CA LEU F 112 3.14 -40.78 1.18
C LEU F 112 4.12 -39.74 1.69
N CYS F 113 5.40 -40.06 1.76
CA CYS F 113 6.39 -39.00 1.82
C CYS F 113 6.22 -38.10 0.61
N ASP F 114 5.98 -38.69 -0.54
CA ASP F 114 5.80 -37.97 -1.77
C ASP F 114 4.42 -37.33 -1.87
N LYS F 115 3.48 -37.75 -1.04
CA LYS F 115 2.23 -37.02 -0.90
C LYS F 115 2.50 -35.60 -0.44
N ALA F 116 3.16 -35.48 0.70
CA ALA F 116 3.28 -34.19 1.35
C ALA F 116 4.14 -33.24 0.52
N GLN F 117 5.11 -33.76 -0.21
CA GLN F 117 5.93 -32.95 -1.08
C GLN F 117 5.06 -32.16 -2.05
N LYS F 118 4.14 -32.88 -2.71
CA LYS F 118 3.28 -32.26 -3.71
C LYS F 118 2.43 -31.16 -3.10
N ASN F 119 2.09 -31.30 -1.81
CA ASN F 119 1.26 -30.35 -1.11
C ASN F 119 2.08 -29.38 -0.28
N THR F 120 3.36 -29.23 -0.59
CA THR F 120 4.25 -28.29 0.07
C THR F 120 5.11 -27.52 -0.93
N GLN F 121 4.69 -27.46 -2.18
CA GLN F 121 5.37 -26.64 -3.17
C GLN F 121 4.37 -25.76 -3.91
N SER F 122 3.18 -26.28 -4.15
CA SER F 122 2.17 -25.53 -4.88
C SER F 122 1.49 -24.51 -3.98
N TYR F 123 0.68 -23.66 -4.60
CA TYR F 123 -0.17 -22.71 -3.89
C TYR F 123 -1.61 -22.98 -4.22
N GLY F 124 -2.45 -22.94 -3.19
CA GLY F 124 -3.78 -23.49 -3.22
C GLY F 124 -3.64 -24.86 -2.61
N GLY F 125 -3.89 -24.96 -1.31
CA GLY F 125 -3.53 -26.11 -0.54
C GLY F 125 -2.73 -25.73 0.68
N ARG F 126 -2.30 -26.75 1.40
CA ARG F 126 -1.88 -26.59 2.79
C ARG F 126 -1.17 -27.86 3.23
N PRO F 127 -0.20 -27.79 4.14
CA PRO F 127 0.51 -29.00 4.53
C PRO F 127 -0.20 -29.78 5.63
N TYR F 128 -0.20 -31.10 5.45
CA TYR F 128 -0.84 -31.99 6.40
C TYR F 128 -0.01 -31.99 7.67
N GLY F 129 -0.45 -31.23 8.67
CA GLY F 129 0.33 -31.05 9.86
C GLY F 129 0.21 -32.14 10.91
N VAL F 130 0.86 -33.27 10.68
CA VAL F 130 0.90 -34.35 11.67
C VAL F 130 2.23 -35.05 11.56
N GLY F 131 2.76 -35.46 12.72
CA GLY F 131 3.80 -36.46 12.81
C GLY F 131 3.23 -37.69 13.47
N LEU F 132 3.00 -38.74 12.68
CA LEU F 132 2.34 -39.94 13.14
C LEU F 132 3.32 -41.10 13.24
N LEU F 133 2.90 -42.14 13.95
CA LEU F 133 3.64 -43.37 14.13
C LEU F 133 2.90 -44.52 13.49
N ILE F 134 3.65 -45.54 13.10
CA ILE F 134 3.15 -46.60 12.24
C ILE F 134 3.97 -47.86 12.48
N ILE F 135 3.35 -49.01 12.21
CA ILE F 135 3.99 -50.31 12.33
C ILE F 135 3.64 -51.13 11.10
N GLY F 136 4.09 -52.38 11.09
CA GLY F 136 3.71 -53.28 10.02
C GLY F 136 4.25 -54.67 10.25
N TYR F 137 4.27 -55.46 9.17
CA TYR F 137 4.83 -56.80 9.17
C TYR F 137 4.86 -57.32 7.74
N ASP F 138 5.83 -58.17 7.44
CA ASP F 138 6.03 -58.66 6.08
C ASP F 138 6.99 -59.85 6.13
N LYS F 139 7.29 -60.39 4.95
CA LYS F 139 8.39 -61.34 4.77
C LYS F 139 9.67 -60.85 5.45
N SER F 140 9.91 -59.55 5.46
CA SER F 140 11.03 -58.97 6.16
C SER F 140 10.82 -58.90 7.67
N GLY F 141 9.66 -59.34 8.16
CA GLY F 141 9.38 -59.31 9.56
C GLY F 141 8.66 -58.03 9.95
N ALA F 142 8.64 -57.78 11.25
CA ALA F 142 8.04 -56.57 11.76
C ALA F 142 9.01 -55.40 11.67
N HIS F 143 8.44 -54.21 11.73
CA HIS F 143 9.17 -52.97 11.52
C HIS F 143 8.57 -51.91 12.42
N LEU F 144 9.10 -50.69 12.31
CA LEU F 144 8.46 -49.53 12.92
C LEU F 144 9.05 -48.28 12.29
N LEU F 145 8.17 -47.40 11.83
CA LEU F 145 8.56 -46.20 11.09
C LEU F 145 7.95 -44.97 11.75
N GLU F 146 8.44 -43.81 11.34
CA GLU F 146 7.98 -42.53 11.85
C GLU F 146 7.65 -41.63 10.67
N PHE F 147 6.78 -40.65 10.93
CA PHE F 147 6.35 -39.69 9.94
C PHE F 147 6.58 -38.27 10.43
N GLN F 148 6.89 -37.41 9.48
CA GLN F 148 6.90 -35.97 9.67
C GLN F 148 6.22 -35.36 8.46
N PRO F 149 5.77 -34.11 8.54
CA PRO F 149 5.20 -33.47 7.36
C PRO F 149 6.22 -33.15 6.32
N SER F 150 7.49 -33.14 6.69
CA SER F 150 8.56 -32.92 5.74
C SER F 150 8.52 -33.95 4.63
N GLY F 151 8.18 -35.18 4.97
CA GLY F 151 8.41 -36.34 4.13
C GLY F 151 9.51 -37.23 4.66
N ASN F 152 10.11 -36.90 5.79
CA ASN F 152 11.23 -37.66 6.34
C ASN F 152 10.71 -38.86 7.10
N VAL F 153 10.54 -39.94 6.38
CA VAL F 153 10.18 -41.22 6.97
C VAL F 153 11.44 -41.94 7.37
N THR F 154 11.42 -42.58 8.54
CA THR F 154 12.62 -43.18 9.12
C THR F 154 12.25 -44.49 9.82
N GLU F 155 13.00 -45.54 9.51
CA GLU F 155 12.74 -46.86 10.09
C GLU F 155 13.52 -46.99 11.38
N LEU F 156 12.87 -47.54 12.41
CA LEU F 156 13.41 -47.43 13.77
C LEU F 156 12.98 -48.61 14.64
N TYR F 157 13.64 -48.68 15.80
CA TYR F 157 13.25 -49.59 16.87
C TYR F 157 12.06 -49.04 17.63
N GLY F 158 12.24 -47.88 18.27
CA GLY F 158 11.20 -47.22 19.02
C GLY F 158 11.29 -45.72 18.83
N THR F 159 10.35 -45.00 19.45
CA THR F 159 10.26 -43.56 19.28
C THR F 159 9.21 -42.96 20.19
N ALA F 160 9.43 -41.73 20.64
CA ALA F 160 8.41 -40.94 21.31
C ALA F 160 8.23 -39.62 20.59
N ILE F 161 7.02 -39.07 20.71
CA ILE F 161 6.69 -37.74 20.23
C ILE F 161 5.72 -37.10 21.20
N GLY F 162 5.28 -35.89 20.87
CA GLY F 162 4.35 -35.19 21.73
C GLY F 162 5.06 -34.48 22.87
N ALA F 163 4.27 -33.77 23.66
CA ALA F 163 4.79 -33.06 24.79
C ALA F 163 5.25 -34.03 25.87
N ARG F 164 6.21 -33.58 26.68
CA ARG F 164 6.71 -34.32 27.83
C ARG F 164 7.22 -35.70 27.41
N SER F 165 7.77 -35.78 26.21
CA SER F 165 8.17 -37.04 25.62
C SER F 165 9.63 -37.39 25.86
N GLN F 166 10.47 -36.39 26.10
CA GLN F 166 11.91 -36.57 26.03
C GLN F 166 12.39 -37.63 27.00
N GLY F 167 11.85 -37.62 28.21
CA GLY F 167 12.28 -38.60 29.19
C GLY F 167 11.96 -40.02 28.77
N ALA F 168 10.90 -40.19 27.99
CA ALA F 168 10.44 -41.52 27.66
C ALA F 168 11.29 -42.13 26.58
N LYS F 169 11.51 -41.40 25.49
CA LYS F 169 12.55 -41.79 24.56
C LYS F 169 13.89 -41.90 25.27
N THR F 170 14.14 -41.01 26.22
CA THR F 170 15.38 -41.07 26.97
C THR F 170 15.42 -42.34 27.80
N TYR F 171 14.29 -42.70 28.39
CA TYR F 171 14.20 -44.00 29.03
C TYR F 171 14.49 -45.10 28.04
N LEU F 172 14.01 -44.94 26.81
CA LEU F 172 14.18 -46.00 25.83
C LEU F 172 15.64 -46.10 25.41
N GLU F 173 16.29 -44.96 25.22
CA GLU F 173 17.70 -45.00 24.87
C GLU F 173 18.50 -45.64 25.99
N ARG F 174 18.14 -45.34 27.23
CA ARG F 174 18.78 -45.98 28.37
C ARG F 174 18.47 -47.46 28.43
N THR F 175 17.38 -47.89 27.82
CA THR F 175 16.88 -49.26 27.92
C THR F 175 16.62 -49.78 26.52
N LEU F 176 17.67 -50.28 25.89
CA LEU F 176 17.65 -50.56 24.45
C LEU F 176 17.91 -52.02 24.13
N ASP F 177 18.95 -52.61 24.68
CA ASP F 177 19.38 -53.95 24.29
C ASP F 177 18.57 -55.05 24.95
N THR F 178 17.46 -54.70 25.62
CA THR F 178 16.74 -55.62 26.46
C THR F 178 15.36 -55.95 25.90
N PHE F 179 14.54 -54.93 25.63
CA PHE F 179 13.16 -55.16 25.25
C PHE F 179 13.01 -55.82 23.90
N ILE F 180 14.05 -55.82 23.07
CA ILE F 180 13.94 -56.30 21.70
C ILE F 180 14.50 -57.70 21.52
N LYS F 181 15.38 -58.14 22.43
CA LYS F 181 15.92 -59.49 22.34
C LYS F 181 14.86 -60.56 22.47
N ILE F 182 13.69 -60.22 22.99
CA ILE F 182 12.63 -61.19 23.22
C ILE F 182 11.88 -61.51 21.94
N ASP F 183 11.08 -62.55 22.00
CA ASP F 183 10.24 -62.97 20.89
C ASP F 183 9.19 -63.90 21.45
N GLY F 184 7.94 -63.64 21.11
CA GLY F 184 6.85 -64.42 21.65
C GLY F 184 6.44 -64.04 23.05
N ASN F 185 6.81 -62.85 23.50
CA ASN F 185 6.45 -62.35 24.84
C ASN F 185 5.97 -60.92 24.69
N PRO F 186 4.82 -60.70 24.05
CA PRO F 186 4.41 -59.33 23.79
C PRO F 186 4.04 -58.58 25.04
N ASP F 187 3.61 -59.29 26.08
CA ASP F 187 3.03 -58.66 27.26
C ASP F 187 4.06 -58.24 28.29
N GLU F 188 5.32 -58.10 27.91
CA GLU F 188 6.39 -57.71 28.81
C GLU F 188 7.18 -56.53 28.28
N LEU F 189 7.36 -56.44 26.98
CA LEU F 189 7.90 -55.21 26.40
C LEU F 189 6.95 -54.06 26.65
N ILE F 190 5.65 -54.32 26.52
CA ILE F 190 4.65 -53.30 26.85
C ILE F 190 4.77 -52.89 28.31
N LYS F 191 5.08 -53.84 29.18
CA LYS F 191 5.27 -53.49 30.57
C LYS F 191 6.47 -52.59 30.76
N ALA F 192 7.43 -52.64 29.84
CA ALA F 192 8.45 -51.61 29.75
C ALA F 192 7.99 -50.45 28.90
N GLY F 193 7.14 -50.73 27.92
CA GLY F 193 6.57 -49.71 27.06
C GLY F 193 5.30 -49.10 27.61
N VAL F 194 5.18 -49.07 28.94
CA VAL F 194 4.14 -48.33 29.62
C VAL F 194 4.80 -47.43 30.66
N GLU F 195 5.63 -48.03 31.50
CA GLU F 195 6.46 -47.25 32.41
C GLU F 195 7.34 -46.29 31.64
N ALA F 196 7.66 -46.62 30.39
CA ALA F 196 8.12 -45.63 29.44
C ALA F 196 7.21 -44.42 29.44
N ILE F 197 5.90 -44.66 29.30
CA ILE F 197 4.93 -43.57 29.27
C ILE F 197 4.63 -43.05 30.66
N SER F 198 5.22 -43.66 31.69
CA SER F 198 5.19 -43.09 33.02
C SER F 198 6.27 -42.05 33.25
N GLN F 199 6.80 -41.42 32.19
CA GLN F 199 7.96 -40.57 32.33
C GLN F 199 7.58 -39.21 32.90
N SER F 200 6.54 -38.57 32.34
CA SER F 200 6.33 -37.14 32.58
C SER F 200 4.86 -36.83 32.30
N LEU F 201 4.08 -36.76 33.37
CA LEU F 201 2.64 -36.61 33.31
C LEU F 201 2.14 -36.54 34.75
N ARG F 202 0.82 -36.49 34.94
CA ARG F 202 0.25 -36.37 36.27
C ARG F 202 -0.43 -37.66 36.71
N ASP F 203 -1.46 -38.10 35.99
CA ASP F 203 -2.08 -39.42 36.09
C ASP F 203 -2.18 -39.92 37.52
N GLU F 204 -2.96 -39.19 38.32
CA GLU F 204 -3.05 -39.45 39.76
C GLU F 204 -4.22 -40.36 40.12
N SER F 205 -4.57 -41.29 39.25
CA SER F 205 -5.68 -42.21 39.49
C SER F 205 -5.56 -43.35 38.48
N LEU F 206 -6.60 -44.19 38.40
CA LEU F 206 -6.57 -45.36 37.52
C LEU F 206 -6.65 -44.90 36.07
N THR F 207 -5.52 -44.89 35.39
CA THR F 207 -5.50 -44.64 33.96
C THR F 207 -6.03 -45.85 33.23
N VAL F 208 -7.33 -46.06 33.32
CA VAL F 208 -8.00 -47.21 32.73
C VAL F 208 -8.51 -46.89 31.32
N ASP F 209 -9.14 -45.73 31.19
CA ASP F 209 -9.74 -45.30 29.94
C ASP F 209 -8.89 -44.27 29.22
N ASN F 210 -7.88 -43.72 29.89
CA ASN F 210 -7.02 -42.70 29.33
C ASN F 210 -5.98 -43.24 28.38
N LEU F 211 -6.12 -44.48 27.92
CA LEU F 211 -4.98 -45.23 27.40
C LEU F 211 -5.48 -46.38 26.55
N SER F 212 -4.73 -46.69 25.50
CA SER F 212 -5.16 -47.73 24.57
C SER F 212 -3.97 -48.25 23.78
N ILE F 213 -4.03 -49.54 23.44
CA ILE F 213 -2.96 -50.24 22.75
C ILE F 213 -3.52 -51.15 21.68
N ALA F 214 -2.76 -51.26 20.59
CA ALA F 214 -2.89 -52.32 19.61
C ALA F 214 -1.53 -52.95 19.43
N ILE F 215 -1.50 -54.05 18.68
CA ILE F 215 -0.26 -54.80 18.50
C ILE F 215 -0.45 -55.77 17.35
N VAL F 216 0.66 -56.15 16.72
CA VAL F 216 0.69 -57.25 15.75
C VAL F 216 1.99 -58.02 15.93
N GLY F 217 2.07 -59.14 15.24
CA GLY F 217 3.28 -59.92 15.19
C GLY F 217 3.28 -60.86 14.02
N LYS F 218 4.03 -61.95 14.16
CA LYS F 218 4.04 -62.99 13.14
C LYS F 218 2.72 -63.73 13.07
N ASP F 219 1.92 -63.67 14.13
CA ASP F 219 0.63 -64.31 14.21
C ASP F 219 -0.48 -63.35 14.56
N THR F 220 -0.18 -62.26 15.23
CA THR F 220 -1.23 -61.47 15.85
C THR F 220 -1.81 -60.48 14.85
N PRO F 221 -3.07 -60.60 14.46
CA PRO F 221 -3.67 -59.57 13.63
C PRO F 221 -3.87 -58.28 14.39
N PHE F 222 -3.94 -57.18 13.64
CA PHE F 222 -4.07 -55.87 14.26
C PHE F 222 -5.36 -55.76 15.02
N THR F 223 -5.26 -55.66 16.34
CA THR F 223 -6.41 -55.47 17.19
C THR F 223 -6.04 -54.52 18.31
N ILE F 224 -6.98 -53.68 18.68
CA ILE F 224 -6.75 -52.59 19.62
C ILE F 224 -7.27 -53.04 20.98
N TYR F 225 -6.35 -53.37 21.87
CA TYR F 225 -6.72 -53.61 23.25
C TYR F 225 -7.18 -52.29 23.85
N ASP F 226 -8.48 -52.17 24.08
CA ASP F 226 -9.06 -50.98 24.69
C ASP F 226 -10.09 -51.41 25.72
N GLY F 227 -10.40 -50.51 26.63
CA GLY F 227 -11.26 -50.83 27.74
C GLY F 227 -10.49 -51.53 28.84
N GLU F 228 -11.25 -52.05 29.81
CA GLU F 228 -10.64 -52.58 31.02
C GLU F 228 -9.79 -53.82 30.77
N ALA F 229 -9.84 -54.40 29.57
CA ALA F 229 -8.83 -55.38 29.21
C ALA F 229 -7.45 -54.77 29.17
N VAL F 230 -7.37 -53.45 28.98
CA VAL F 230 -6.09 -52.76 29.07
C VAL F 230 -5.65 -52.62 30.52
N ALA F 231 -6.61 -52.59 31.45
CA ALA F 231 -6.32 -52.26 32.84
C ALA F 231 -5.31 -53.21 33.45
N LYS F 232 -5.31 -54.47 33.03
CA LYS F 232 -4.30 -55.39 33.52
C LYS F 232 -2.91 -54.97 33.09
N TYR F 233 -2.80 -54.42 31.88
CA TYR F 233 -1.52 -54.07 31.31
C TYR F 233 -0.92 -52.82 31.93
N ILE F 234 -1.65 -52.17 32.83
CA ILE F 234 -1.11 -51.03 33.54
C ILE F 234 0.06 -51.51 34.38
N SER G 1 18.31 -9.07 -2.35
CA SER G 1 17.21 -8.14 -2.32
C SER G 1 16.74 -7.89 -0.88
N ILE G 2 17.49 -7.04 -0.18
CA ILE G 2 17.12 -6.64 1.17
C ILE G 2 15.75 -5.95 1.13
N GLY G 3 15.09 -5.90 2.30
CA GLY G 3 13.67 -5.64 2.43
C GLY G 3 13.07 -4.48 1.66
N THR G 4 11.73 -4.48 1.54
CA THR G 4 11.00 -3.79 0.48
C THR G 4 11.71 -4.07 -0.84
N GLY G 5 11.73 -5.34 -1.19
CA GLY G 5 12.57 -5.84 -2.25
C GLY G 5 11.91 -6.97 -2.97
N TYR G 6 12.74 -7.81 -3.58
CA TYR G 6 12.34 -8.70 -4.65
C TYR G 6 12.60 -10.16 -4.36
N ASP G 7 13.39 -10.47 -3.34
CA ASP G 7 13.83 -11.84 -3.11
C ASP G 7 12.69 -12.75 -2.70
N LEU G 8 11.59 -12.20 -2.20
CA LEU G 8 10.59 -13.01 -1.54
C LEU G 8 9.86 -13.94 -2.50
N SER G 9 9.45 -13.43 -3.65
CA SER G 9 8.66 -14.19 -4.61
C SER G 9 9.50 -14.53 -5.83
N ASN G 10 9.13 -15.62 -6.47
CA ASN G 10 9.87 -16.14 -7.61
C ASN G 10 9.58 -15.32 -8.86
N SER G 11 10.46 -15.46 -9.84
CA SER G 11 10.27 -14.90 -11.17
C SER G 11 10.13 -13.39 -11.12
N VAL G 12 11.04 -12.77 -10.40
CA VAL G 12 11.16 -11.31 -10.37
C VAL G 12 12.64 -10.98 -10.42
N PHE G 13 13.12 -10.60 -11.58
CA PHE G 13 14.54 -10.40 -11.75
C PHE G 13 14.97 -9.21 -10.91
N SER G 14 15.71 -9.49 -9.85
CA SER G 14 16.34 -8.45 -9.10
C SER G 14 17.23 -7.65 -10.05
N PRO G 15 17.42 -6.36 -9.79
CA PRO G 15 17.91 -5.47 -10.84
C PRO G 15 19.29 -5.77 -11.35
N ASP G 16 20.04 -6.63 -10.65
CA ASP G 16 21.21 -7.25 -11.23
C ASP G 16 20.87 -8.54 -11.95
N GLY G 17 19.62 -8.73 -12.31
CA GLY G 17 19.18 -9.92 -13.02
C GLY G 17 19.40 -11.19 -12.24
N ARG G 18 18.69 -11.35 -11.13
CA ARG G 18 18.84 -12.55 -10.31
C ARG G 18 17.50 -12.86 -9.66
N ASN G 19 17.31 -14.13 -9.35
CA ASN G 19 16.14 -14.62 -8.62
C ASN G 19 16.57 -14.97 -7.21
N PHE G 20 16.61 -13.96 -6.34
CA PHE G 20 17.09 -14.21 -4.98
C PHE G 20 16.23 -15.20 -4.20
N GLN G 21 15.06 -15.56 -4.72
CA GLN G 21 14.32 -16.68 -4.17
C GLN G 21 14.97 -18.02 -4.48
N VAL G 22 15.94 -18.05 -5.41
CA VAL G 22 16.65 -19.26 -5.76
C VAL G 22 17.87 -19.41 -4.89
N GLU G 23 18.74 -18.42 -4.89
CA GLU G 23 20.04 -18.56 -4.23
C GLU G 23 19.92 -18.71 -2.72
N TYR G 24 18.73 -18.55 -2.16
CA TYR G 24 18.49 -19.00 -0.81
C TYR G 24 18.51 -20.51 -0.74
N ALA G 25 18.12 -21.18 -1.83
CA ALA G 25 18.03 -22.64 -1.81
C ALA G 25 19.40 -23.28 -1.66
N VAL G 26 20.38 -22.83 -2.44
CA VAL G 26 21.69 -23.45 -2.41
C VAL G 26 22.36 -23.31 -1.05
N LYS G 27 21.89 -22.42 -0.21
CA LYS G 27 22.30 -22.45 1.19
C LYS G 27 21.61 -23.59 1.93
N ALA G 28 20.39 -23.93 1.50
CA ALA G 28 19.67 -25.02 2.15
C ALA G 28 20.43 -26.33 1.97
N VAL G 29 20.73 -26.68 0.72
CA VAL G 29 21.51 -27.88 0.45
C VAL G 29 22.87 -27.78 1.11
N GLU G 30 23.44 -26.59 1.15
CA GLU G 30 24.67 -26.37 1.87
C GLU G 30 24.51 -26.63 3.36
N ASN G 31 23.28 -26.54 3.86
CA ASN G 31 22.95 -26.90 5.24
C ASN G 31 22.40 -28.31 5.31
N GLY G 32 22.93 -29.20 4.48
CA GLY G 32 22.53 -30.59 4.49
C GLY G 32 23.69 -31.56 4.44
N THR G 33 23.35 -32.83 4.22
CA THR G 33 24.32 -33.90 4.25
C THR G 33 25.32 -33.75 3.11
N THR G 34 26.36 -34.57 3.18
CA THR G 34 27.43 -34.63 2.20
C THR G 34 27.22 -35.80 1.26
N SER G 35 27.73 -35.65 0.04
CA SER G 35 27.71 -36.73 -0.94
C SER G 35 28.61 -36.35 -2.10
N ILE G 36 28.97 -37.35 -2.90
CA ILE G 36 29.98 -37.20 -3.94
C ILE G 36 29.63 -38.03 -5.15
N GLY G 37 30.28 -37.72 -6.26
CA GLY G 37 30.19 -38.49 -7.48
C GLY G 37 31.51 -38.55 -8.21
N ILE G 38 31.98 -39.76 -8.53
CA ILE G 38 33.31 -39.99 -9.07
C ILE G 38 33.19 -40.74 -10.39
N LYS G 39 34.06 -40.39 -11.33
CA LYS G 39 34.17 -41.08 -12.61
C LYS G 39 35.34 -42.04 -12.57
N CYS G 40 35.06 -43.32 -12.38
CA CYS G 40 35.99 -44.37 -12.76
C CYS G 40 36.34 -44.23 -14.24
N ASN G 41 37.46 -44.85 -14.62
CA ASN G 41 37.81 -44.92 -16.03
C ASN G 41 36.90 -45.87 -16.81
N ASP G 42 36.06 -46.64 -16.13
CA ASP G 42 35.12 -47.54 -16.76
C ASP G 42 33.71 -47.39 -16.21
N GLY G 43 33.46 -46.40 -15.36
CA GLY G 43 32.12 -46.18 -14.88
C GLY G 43 32.01 -45.09 -13.85
N VAL G 44 31.31 -45.38 -12.75
CA VAL G 44 30.99 -44.39 -11.74
C VAL G 44 31.07 -45.02 -10.36
N VAL G 45 30.98 -44.16 -9.35
CA VAL G 45 30.74 -44.59 -7.99
C VAL G 45 30.30 -43.37 -7.19
N PHE G 46 29.48 -43.60 -6.18
CA PHE G 46 28.85 -42.57 -5.38
C PHE G 46 29.13 -42.87 -3.92
N ALA G 47 28.64 -41.99 -3.07
CA ALA G 47 28.72 -42.17 -1.62
C ALA G 47 27.85 -41.12 -0.96
N VAL G 48 27.70 -41.27 0.33
CA VAL G 48 26.89 -40.37 1.13
C VAL G 48 27.19 -40.61 2.59
N GLU G 49 27.05 -39.59 3.41
CA GLU G 49 27.06 -39.74 4.85
C GLU G 49 25.61 -39.92 5.30
N LYS G 50 25.26 -41.15 5.66
CA LYS G 50 24.07 -41.34 6.47
C LYS G 50 24.35 -40.77 7.85
N LEU G 51 23.31 -40.22 8.45
CA LEU G 51 23.44 -39.39 9.64
C LEU G 51 22.66 -40.02 10.78
N ILE G 52 23.40 -40.64 11.70
CA ILE G 52 22.82 -41.02 12.97
C ILE G 52 22.45 -39.73 13.67
N THR G 53 21.15 -39.53 13.86
CA THR G 53 20.62 -38.47 14.69
C THR G 53 20.05 -39.03 15.98
N SER G 54 20.38 -40.27 16.30
CA SER G 54 19.84 -41.00 17.43
C SER G 54 20.49 -42.38 17.41
N LYS G 55 20.20 -43.16 18.45
CA LYS G 55 20.72 -44.50 18.56
C LYS G 55 19.79 -45.56 17.99
N LEU G 56 18.53 -45.21 17.74
CA LEU G 56 17.49 -46.18 17.46
C LEU G 56 17.38 -46.49 15.98
N LEU G 57 18.42 -46.22 15.22
CA LEU G 57 18.39 -46.41 13.78
C LEU G 57 19.13 -47.67 13.40
N VAL G 58 18.75 -48.24 12.27
CA VAL G 58 19.15 -49.58 11.89
C VAL G 58 20.05 -49.49 10.67
N PRO G 59 21.26 -50.06 10.70
CA PRO G 59 22.06 -50.12 9.47
C PRO G 59 21.36 -50.87 8.36
N GLN G 60 21.62 -50.41 7.13
CA GLN G 60 21.09 -51.03 5.93
C GLN G 60 19.57 -51.17 5.96
N LYS G 61 18.90 -50.19 6.56
CA LYS G 61 17.45 -50.17 6.69
C LYS G 61 16.79 -48.96 6.04
N ASN G 62 17.41 -47.79 6.10
CA ASN G 62 16.83 -46.55 5.56
C ASN G 62 17.85 -45.83 4.69
N VAL G 63 17.92 -46.23 3.43
CA VAL G 63 18.91 -45.70 2.49
C VAL G 63 18.68 -44.23 2.22
N LYS G 64 19.67 -43.61 1.58
CA LYS G 64 19.60 -42.24 1.09
C LYS G 64 19.86 -42.20 -0.41
N ILE G 65 19.52 -43.27 -1.11
CA ILE G 65 19.74 -43.41 -2.54
C ILE G 65 18.49 -44.03 -3.17
N GLN G 66 18.17 -43.58 -4.37
CA GLN G 66 17.21 -44.22 -5.26
C GLN G 66 17.94 -44.59 -6.54
N VAL G 67 17.20 -44.97 -7.58
CA VAL G 67 17.83 -45.51 -8.77
C VAL G 67 16.92 -45.32 -9.97
N VAL G 68 17.55 -45.12 -11.13
CA VAL G 68 16.89 -45.06 -12.43
C VAL G 68 16.63 -46.48 -12.91
N ASP G 69 15.99 -46.59 -14.08
CA ASP G 69 15.36 -47.81 -14.57
C ASP G 69 16.17 -49.09 -14.34
N ARG G 70 17.36 -49.14 -14.90
CA ARG G 70 18.26 -50.27 -14.71
C ARG G 70 19.66 -49.85 -14.31
N HIS G 71 20.15 -48.73 -14.83
CA HIS G 71 21.56 -48.36 -14.74
C HIS G 71 21.81 -47.03 -14.05
N ILE G 72 21.03 -45.99 -14.32
CA ILE G 72 21.43 -44.64 -13.98
C ILE G 72 21.31 -44.44 -12.47
N GLY G 73 22.44 -44.52 -11.79
CA GLY G 73 22.46 -44.21 -10.37
C GLY G 73 22.13 -42.76 -10.12
N CYS G 74 21.46 -42.52 -9.00
CA CYS G 74 21.07 -41.17 -8.62
C CYS G 74 21.10 -41.06 -7.11
N VAL G 75 21.63 -39.93 -6.63
CA VAL G 75 21.81 -39.67 -5.22
C VAL G 75 20.94 -38.47 -4.87
N TYR G 76 21.01 -38.05 -3.61
CA TYR G 76 20.33 -36.88 -3.13
C TYR G 76 21.28 -36.04 -2.32
N SER G 77 20.83 -34.84 -1.97
CA SER G 77 21.50 -34.02 -0.99
C SER G 77 20.54 -32.94 -0.52
N GLY G 78 20.94 -32.27 0.55
CA GLY G 78 20.10 -31.24 1.13
C GLY G 78 18.80 -31.81 1.64
N LEU G 79 17.72 -31.53 0.93
CA LEU G 79 16.42 -32.09 1.26
C LEU G 79 16.22 -33.36 0.46
N ILE G 80 15.73 -34.39 1.15
CA ILE G 80 15.51 -35.70 0.58
C ILE G 80 14.20 -35.72 -0.20
N PRO G 81 13.06 -35.34 0.40
CA PRO G 81 11.78 -35.65 -0.25
C PRO G 81 11.60 -34.96 -1.58
N ASP G 82 11.95 -33.69 -1.65
CA ASP G 82 11.96 -33.01 -2.94
C ASP G 82 12.84 -33.73 -3.93
N GLY G 83 13.97 -34.23 -3.47
CA GLY G 83 14.72 -35.17 -4.27
C GLY G 83 13.91 -36.39 -4.63
N ARG G 84 13.23 -36.99 -3.65
CA ARG G 84 12.48 -38.22 -3.91
C ARG G 84 11.38 -37.98 -4.93
N HIS G 85 10.90 -36.76 -5.04
CA HIS G 85 9.83 -36.44 -5.97
C HIS G 85 10.27 -36.73 -7.39
N LEU G 86 11.24 -35.96 -7.87
CA LEU G 86 11.63 -36.03 -9.25
C LEU G 86 12.26 -37.37 -9.61
N VAL G 87 12.75 -38.12 -8.62
CA VAL G 87 13.22 -39.45 -8.94
C VAL G 87 12.05 -40.34 -9.32
N ASN G 88 10.86 -40.05 -8.79
CA ASN G 88 9.68 -40.70 -9.34
C ASN G 88 9.45 -40.26 -10.77
N ARG G 89 9.83 -39.04 -11.11
CA ARG G 89 9.80 -38.61 -12.50
C ARG G 89 10.95 -39.20 -13.29
N GLY G 90 12.05 -39.52 -12.63
CA GLY G 90 13.16 -40.19 -13.27
C GLY G 90 12.76 -41.54 -13.81
N ARG G 91 12.28 -42.43 -12.94
CA ARG G 91 11.83 -43.74 -13.40
C ARG G 91 10.65 -43.64 -14.36
N GLU G 92 9.88 -42.55 -14.28
CA GLU G 92 8.69 -42.41 -15.09
C GLU G 92 9.04 -42.23 -16.55
N GLU G 93 9.71 -41.13 -16.86
CA GLU G 93 9.85 -40.71 -18.24
C GLU G 93 10.72 -41.68 -19.02
N ALA G 94 11.73 -42.23 -18.38
CA ALA G 94 12.61 -43.17 -19.05
C ALA G 94 11.87 -44.40 -19.56
N ALA G 95 10.75 -44.73 -18.94
CA ALA G 95 9.90 -45.79 -19.48
C ALA G 95 9.16 -45.31 -20.72
N SER G 96 8.77 -44.03 -20.75
CA SER G 96 8.17 -43.46 -21.95
C SER G 96 9.15 -43.47 -23.09
N PHE G 97 10.44 -43.33 -22.77
CA PHE G 97 11.48 -43.46 -23.76
C PHE G 97 11.62 -44.90 -24.21
N LYS G 98 11.67 -45.83 -23.25
CA LYS G 98 11.95 -47.22 -23.56
C LYS G 98 10.85 -47.83 -24.39
N LYS G 99 9.59 -47.64 -23.97
CA LYS G 99 8.47 -48.21 -24.70
C LYS G 99 8.43 -47.72 -26.13
N LEU G 100 8.93 -46.52 -26.36
CA LEU G 100 8.75 -45.85 -27.64
C LEU G 100 9.88 -46.16 -28.60
N TYR G 101 11.11 -45.95 -28.16
CA TYR G 101 12.29 -46.12 -29.00
C TYR G 101 12.97 -47.46 -28.78
N LYS G 102 12.39 -48.32 -27.95
CA LYS G 102 12.71 -49.74 -27.95
C LYS G 102 14.07 -50.04 -27.36
N THR G 103 14.68 -49.08 -26.65
CA THR G 103 16.01 -49.22 -26.06
C THR G 103 16.07 -48.67 -24.64
N PRO G 104 17.20 -48.86 -23.94
CA PRO G 104 17.42 -48.12 -22.70
C PRO G 104 17.67 -46.66 -22.98
N ILE G 105 17.97 -45.90 -21.93
CA ILE G 105 17.98 -44.45 -21.97
C ILE G 105 19.43 -43.97 -21.99
N PRO G 106 19.81 -43.09 -22.91
CA PRO G 106 21.10 -42.41 -22.78
C PRO G 106 21.04 -41.27 -21.78
N ILE G 107 22.19 -41.01 -21.18
CA ILE G 107 22.31 -40.09 -20.06
C ILE G 107 22.29 -38.63 -20.51
N PRO G 108 22.91 -38.25 -21.62
CA PRO G 108 22.83 -36.84 -22.01
C PRO G 108 21.42 -36.36 -22.29
N ALA G 109 20.68 -37.08 -23.14
CA ALA G 109 19.28 -36.72 -23.38
C ALA G 109 18.44 -36.85 -22.12
N PHE G 110 18.90 -37.62 -21.13
CA PHE G 110 18.19 -37.76 -19.87
C PHE G 110 18.14 -36.44 -19.13
N ALA G 111 19.31 -35.84 -18.92
CA ALA G 111 19.37 -34.51 -18.34
C ALA G 111 18.61 -33.50 -19.17
N ASP G 112 18.51 -33.74 -20.47
CA ASP G 112 17.68 -32.89 -21.32
C ASP G 112 16.22 -32.87 -20.87
N ARG G 113 15.79 -33.89 -20.12
CA ARG G 113 14.47 -33.90 -19.51
C ARG G 113 14.55 -33.36 -18.10
N LEU G 114 15.35 -34.00 -17.26
CA LEU G 114 15.38 -33.64 -15.86
C LEU G 114 16.04 -32.30 -15.64
N GLY G 115 16.80 -31.81 -16.59
CA GLY G 115 17.30 -30.46 -16.52
C GLY G 115 16.34 -29.41 -17.01
N GLN G 116 15.08 -29.75 -17.18
CA GLN G 116 14.04 -28.82 -17.58
C GLN G 116 12.84 -28.87 -16.66
N TYR G 117 12.50 -30.05 -16.15
CA TYR G 117 11.38 -30.14 -15.21
C TYR G 117 11.63 -29.26 -14.00
N VAL G 118 12.88 -29.16 -13.58
CA VAL G 118 13.20 -28.28 -12.46
C VAL G 118 13.29 -26.84 -12.94
N GLN G 119 13.80 -26.64 -14.15
CA GLN G 119 13.83 -25.31 -14.72
C GLN G 119 12.43 -24.78 -14.89
N ALA G 120 11.50 -25.65 -15.23
CA ALA G 120 10.11 -25.30 -15.37
C ALA G 120 9.39 -25.24 -14.02
N HIS G 121 10.12 -25.33 -12.91
CA HIS G 121 9.62 -24.90 -11.62
C HIS G 121 10.29 -23.64 -11.13
N THR G 122 11.09 -23.00 -11.97
CA THR G 122 11.72 -21.73 -11.63
C THR G 122 10.94 -20.54 -12.15
N LEU G 123 10.26 -20.71 -13.28
CA LEU G 123 9.80 -19.59 -14.06
C LEU G 123 8.40 -19.10 -13.69
N TYR G 124 7.60 -19.90 -13.01
CA TYR G 124 6.29 -19.46 -12.58
C TYR G 124 6.40 -18.65 -11.29
N ASN G 125 5.25 -18.18 -10.82
CA ASN G 125 5.13 -17.47 -9.56
C ASN G 125 4.54 -18.31 -8.45
N SER G 126 3.77 -19.33 -8.78
CA SER G 126 3.02 -20.12 -7.81
C SER G 126 3.67 -21.47 -7.53
N VAL G 127 4.99 -21.54 -7.53
CA VAL G 127 5.71 -22.77 -7.23
C VAL G 127 6.99 -22.43 -6.48
N ARG G 128 7.72 -23.48 -6.14
CA ARG G 128 8.96 -23.43 -5.39
C ARG G 128 10.00 -24.23 -6.14
N PRO G 129 11.27 -23.85 -6.07
CA PRO G 129 12.32 -24.69 -6.64
C PRO G 129 12.68 -25.86 -5.76
N PHE G 130 13.18 -26.91 -6.40
CA PHE G 130 13.66 -28.07 -5.69
C PHE G 130 14.92 -27.71 -4.93
N GLY G 131 14.81 -27.70 -3.60
CA GLY G 131 15.94 -27.40 -2.77
C GLY G 131 16.88 -28.58 -2.62
N VAL G 132 17.62 -28.91 -3.67
CA VAL G 132 18.56 -30.02 -3.66
C VAL G 132 19.81 -29.64 -4.44
N SER G 133 20.71 -30.62 -4.55
CA SER G 133 21.82 -30.59 -5.49
C SER G 133 22.10 -32.05 -5.83
N THR G 134 21.47 -32.51 -6.90
CA THR G 134 21.45 -33.92 -7.22
C THR G 134 22.67 -34.29 -8.06
N ILE G 135 22.96 -35.58 -8.08
CA ILE G 135 23.99 -36.15 -8.93
C ILE G 135 23.43 -37.40 -9.56
N PHE G 136 23.78 -37.63 -10.82
CA PHE G 136 23.51 -38.91 -11.45
C PHE G 136 24.56 -39.16 -12.50
N GLY G 137 25.08 -40.38 -12.49
CA GLY G 137 26.12 -40.80 -13.39
C GLY G 137 25.91 -42.25 -13.77
N GLY G 138 26.20 -42.58 -15.01
CA GLY G 138 25.95 -43.93 -15.48
C GLY G 138 26.83 -44.32 -16.63
N VAL G 139 26.34 -45.26 -17.43
CA VAL G 139 27.13 -45.91 -18.46
C VAL G 139 26.29 -46.11 -19.70
N ASP G 140 26.97 -46.24 -20.83
CA ASP G 140 26.31 -46.46 -22.11
C ASP G 140 27.39 -46.84 -23.11
N LYS G 141 26.94 -47.14 -24.33
CA LYS G 141 27.84 -47.55 -25.40
C LYS G 141 28.90 -46.50 -25.68
N ASN G 142 28.56 -45.24 -25.54
CA ASN G 142 29.53 -44.16 -25.69
C ASN G 142 30.40 -43.98 -24.45
N GLY G 143 30.27 -44.87 -23.46
CA GLY G 143 31.15 -44.88 -22.32
C GLY G 143 30.40 -44.65 -21.03
N ALA G 144 30.89 -43.71 -20.22
CA ALA G 144 30.26 -43.36 -18.96
C ALA G 144 30.26 -41.86 -18.82
N HIS G 145 29.49 -41.38 -17.87
CA HIS G 145 29.35 -39.95 -17.64
C HIS G 145 29.11 -39.71 -16.17
N LEU G 146 29.15 -38.44 -15.81
CA LEU G 146 28.66 -38.00 -14.52
C LEU G 146 28.10 -36.60 -14.68
N TYR G 147 26.99 -36.33 -14.00
CA TYR G 147 26.29 -35.06 -14.10
C TYR G 147 25.87 -34.63 -12.70
N MET G 148 26.33 -33.45 -12.30
CA MET G 148 25.82 -32.78 -11.13
C MET G 148 24.62 -31.93 -11.52
N LEU G 149 23.79 -31.64 -10.53
CA LEU G 149 22.53 -30.97 -10.71
C LEU G 149 22.43 -29.82 -9.73
N GLU G 150 22.07 -28.66 -10.24
CA GLU G 150 21.77 -27.49 -9.44
C GLU G 150 20.33 -27.06 -9.71
N PRO G 151 19.67 -26.43 -8.74
CA PRO G 151 18.23 -26.22 -8.86
C PRO G 151 17.83 -25.33 -10.01
N SER G 152 18.63 -24.31 -10.29
CA SER G 152 18.41 -23.49 -11.47
C SER G 152 18.66 -24.23 -12.78
N GLY G 153 19.17 -25.45 -12.72
CA GLY G 153 19.39 -26.25 -13.91
C GLY G 153 20.79 -26.20 -14.46
N SER G 154 21.74 -25.64 -13.73
CA SER G 154 23.09 -25.45 -14.24
C SER G 154 23.87 -26.76 -14.08
N TYR G 155 23.43 -27.75 -14.83
CA TYR G 155 24.06 -29.06 -14.80
C TYR G 155 25.18 -29.13 -15.82
N TRP G 156 26.34 -29.58 -15.39
CA TRP G 156 27.47 -29.83 -16.27
C TRP G 156 27.90 -31.28 -16.12
N GLY G 157 28.95 -31.62 -16.85
CA GLY G 157 29.55 -32.93 -16.79
C GLY G 157 30.90 -32.95 -16.10
N TYR G 158 30.92 -33.50 -14.89
CA TYR G 158 32.11 -33.59 -14.07
C TYR G 158 32.77 -34.96 -14.18
N LYS G 159 33.99 -35.02 -13.64
CA LYS G 159 34.70 -36.25 -13.33
C LYS G 159 34.75 -36.53 -11.85
N GLY G 160 34.69 -35.48 -11.04
CA GLY G 160 34.50 -35.64 -9.61
C GLY G 160 33.50 -34.60 -9.12
N ALA G 161 32.87 -34.91 -8.00
CA ALA G 161 31.75 -34.13 -7.52
C ALA G 161 31.74 -34.07 -6.00
N ALA G 162 30.92 -33.17 -5.47
CA ALA G 162 30.79 -32.98 -4.03
C ALA G 162 29.58 -32.10 -3.76
N THR G 163 29.20 -32.03 -2.50
CA THR G 163 28.09 -31.22 -2.05
C THR G 163 28.13 -31.17 -0.52
N GLY G 164 27.05 -30.69 0.07
CA GLY G 164 26.92 -30.70 1.52
C GLY G 164 27.70 -29.60 2.21
N LYS G 165 27.98 -29.86 3.48
CA LYS G 165 28.70 -28.93 4.32
C LYS G 165 30.21 -29.11 4.24
N GLY G 166 30.70 -29.98 3.36
CA GLY G 166 32.10 -30.34 3.34
C GLY G 166 32.69 -30.24 1.95
N ARG G 167 32.22 -29.28 1.19
CA ARG G 167 32.56 -29.20 -0.22
C ARG G 167 34.01 -28.81 -0.43
N GLN G 168 34.39 -27.58 -0.03
CA GLN G 168 35.75 -27.10 -0.27
C GLN G 168 36.76 -28.00 0.41
N SER G 169 36.39 -28.57 1.55
CA SER G 169 37.22 -29.59 2.16
C SER G 169 37.37 -30.73 1.18
N ALA G 170 36.25 -31.38 0.88
CA ALA G 170 36.29 -32.64 0.15
C ALA G 170 36.85 -32.46 -1.25
N LYS G 171 36.27 -31.54 -2.02
CA LYS G 171 36.61 -31.45 -3.43
C LYS G 171 38.08 -31.11 -3.65
N ALA G 172 38.72 -30.51 -2.65
CA ALA G 172 40.16 -30.30 -2.69
C ALA G 172 40.90 -31.61 -2.91
N GLU G 173 40.60 -32.63 -2.09
CA GLU G 173 41.21 -33.94 -2.29
C GLU G 173 40.94 -34.47 -3.68
N LEU G 174 39.70 -34.30 -4.15
CA LEU G 174 39.34 -34.80 -5.47
C LEU G 174 40.19 -34.16 -6.54
N GLU G 175 40.59 -32.90 -6.31
CA GLU G 175 41.58 -32.27 -7.17
C GLU G 175 42.99 -32.72 -6.79
N LYS G 176 43.28 -32.81 -5.50
CA LYS G 176 44.60 -33.23 -5.06
C LYS G 176 44.84 -34.71 -5.30
N LEU G 177 43.80 -35.47 -5.65
CA LEU G 177 43.94 -36.88 -5.95
C LEU G 177 44.18 -37.12 -7.42
N VAL G 178 43.33 -36.52 -8.26
CA VAL G 178 43.30 -36.87 -9.68
C VAL G 178 44.58 -36.48 -10.38
N ASP G 179 45.21 -35.37 -9.97
CA ASP G 179 46.46 -34.96 -10.60
C ASP G 179 47.54 -36.03 -10.42
N HIS G 180 47.47 -36.78 -9.34
CA HIS G 180 48.35 -37.92 -9.13
C HIS G 180 47.90 -39.16 -9.87
N HIS G 181 46.78 -39.11 -10.59
CA HIS G 181 46.28 -40.25 -11.35
C HIS G 181 45.61 -39.78 -12.62
N PRO G 182 46.37 -39.26 -13.59
CA PRO G 182 45.81 -39.03 -14.93
C PRO G 182 45.34 -40.29 -15.62
N GLU G 183 45.72 -41.47 -15.13
CA GLU G 183 45.22 -42.71 -15.72
C GLU G 183 43.71 -42.76 -15.67
N GLY G 184 43.13 -42.49 -14.50
CA GLY G 184 41.74 -42.70 -14.26
C GLY G 184 41.58 -44.08 -13.69
N LEU G 185 41.17 -44.15 -12.43
CA LEU G 185 41.23 -45.41 -11.72
C LEU G 185 40.12 -46.34 -12.17
N SER G 186 40.33 -47.62 -11.93
CA SER G 186 39.29 -48.61 -12.09
C SER G 186 38.37 -48.54 -10.88
N ALA G 187 37.52 -49.55 -10.69
CA ALA G 187 36.38 -49.39 -9.80
C ALA G 187 36.75 -49.61 -8.34
N ARG G 188 37.24 -50.81 -8.02
CA ARG G 188 37.36 -51.22 -6.63
C ARG G 188 38.25 -50.31 -5.81
N GLU G 189 39.20 -49.65 -6.45
CA GLU G 189 40.21 -48.91 -5.71
C GLU G 189 39.79 -47.49 -5.45
N ALA G 190 39.03 -46.88 -6.37
CA ALA G 190 38.48 -45.56 -6.12
C ALA G 190 37.50 -45.57 -4.97
N VAL G 191 36.96 -46.74 -4.61
CA VAL G 191 36.03 -46.86 -3.50
C VAL G 191 36.68 -46.36 -2.22
N LYS G 192 37.75 -47.03 -1.82
CA LYS G 192 38.44 -46.66 -0.59
C LYS G 192 39.08 -45.29 -0.70
N GLN G 193 39.47 -44.89 -1.91
CA GLN G 193 39.98 -43.54 -2.13
C GLN G 193 38.92 -42.49 -1.82
N ALA G 194 37.65 -42.86 -1.91
CA ALA G 194 36.55 -41.93 -1.66
C ALA G 194 36.04 -42.00 -0.24
N ALA G 195 35.99 -43.19 0.35
CA ALA G 195 35.63 -43.30 1.75
C ALA G 195 36.63 -42.56 2.63
N LYS G 196 37.86 -42.38 2.16
CA LYS G 196 38.81 -41.47 2.75
C LYS G 196 38.20 -40.08 2.92
N ILE G 197 37.29 -39.70 2.04
CA ILE G 197 36.75 -38.35 2.08
C ILE G 197 35.82 -38.20 3.28
N ILE G 198 34.85 -39.10 3.40
CA ILE G 198 33.75 -38.89 4.31
C ILE G 198 34.22 -38.97 5.75
N TYR G 199 35.07 -39.94 6.06
CA TYR G 199 35.66 -40.01 7.39
C TYR G 199 36.65 -38.91 7.63
N LEU G 200 36.97 -38.11 6.61
CA LEU G 200 37.68 -36.86 6.77
C LEU G 200 36.74 -35.66 6.77
N ALA G 201 35.68 -35.71 5.97
CA ALA G 201 34.77 -34.57 5.87
C ALA G 201 34.01 -34.34 7.16
N HIS G 202 33.66 -35.42 7.88
CA HIS G 202 32.84 -35.29 9.08
C HIS G 202 33.53 -34.53 10.20
N GLU G 203 34.82 -34.25 10.09
CA GLU G 203 35.61 -33.46 11.03
C GLU G 203 34.89 -32.21 11.53
N ASP G 204 34.03 -31.63 10.69
CA ASP G 204 33.17 -30.53 11.11
C ASP G 204 32.38 -30.91 12.37
N ASN G 205 31.80 -32.10 12.37
CA ASN G 205 30.63 -32.41 13.19
C ASN G 205 30.94 -33.46 14.25
N LYS G 206 32.07 -33.33 14.91
CA LYS G 206 32.58 -34.34 15.83
C LYS G 206 31.74 -34.50 17.09
N GLU G 207 30.64 -33.77 17.22
CA GLU G 207 29.67 -34.05 18.27
C GLU G 207 29.11 -35.46 18.17
N LYS G 208 29.14 -36.08 16.99
CA LYS G 208 28.40 -37.30 16.73
C LYS G 208 29.25 -38.30 15.95
N ASP G 209 28.70 -39.50 15.86
CA ASP G 209 29.17 -40.54 14.96
C ASP G 209 28.31 -40.47 13.71
N PHE G 210 28.46 -41.43 12.81
CA PHE G 210 27.64 -41.54 11.62
C PHE G 210 27.88 -42.89 11.00
N GLU G 211 27.39 -43.06 9.78
CA GLU G 211 27.79 -44.15 8.91
C GLU G 211 27.56 -43.69 7.48
N LEU G 212 27.67 -44.61 6.53
CA LEU G 212 27.62 -44.26 5.13
C LEU G 212 26.99 -45.38 4.33
N GLU G 213 26.91 -45.17 3.03
CA GLU G 213 26.54 -46.19 2.07
C GLU G 213 27.32 -45.94 0.79
N ILE G 214 27.30 -46.94 -0.08
CA ILE G 214 28.17 -46.97 -1.25
C ILE G 214 27.36 -47.43 -2.46
N SER G 215 27.73 -46.90 -3.62
CA SER G 215 27.21 -47.31 -4.91
C SER G 215 28.29 -48.06 -5.68
N TRP G 216 27.91 -48.59 -6.83
CA TRP G 216 28.80 -49.41 -7.61
C TRP G 216 28.23 -49.63 -8.99
N CYS G 217 29.00 -49.29 -10.02
CA CYS G 217 28.57 -49.52 -11.38
C CYS G 217 29.77 -49.42 -12.31
N SER G 218 29.97 -50.46 -13.11
CA SER G 218 31.11 -50.51 -14.02
C SER G 218 30.86 -51.65 -15.00
N LEU G 219 31.70 -51.70 -16.03
CA LEU G 219 31.55 -52.71 -17.07
C LEU G 219 32.12 -54.04 -16.62
N SER G 220 33.30 -54.00 -16.00
CA SER G 220 34.01 -55.22 -15.63
C SER G 220 33.46 -55.87 -14.37
N GLU G 221 32.44 -55.29 -13.75
CA GLU G 221 32.00 -55.73 -12.42
C GLU G 221 30.50 -55.88 -12.27
N THR G 222 29.70 -55.25 -13.12
CA THR G 222 28.25 -55.35 -13.06
C THR G 222 27.62 -55.47 -14.43
N ASN G 223 28.42 -55.55 -15.50
CA ASN G 223 27.96 -55.30 -16.86
C ASN G 223 27.48 -53.86 -17.03
N GLY G 224 27.88 -52.97 -16.13
CA GLY G 224 27.43 -51.59 -16.18
C GLY G 224 26.06 -51.34 -15.61
N LEU G 225 25.73 -52.00 -14.49
CA LEU G 225 24.49 -51.78 -13.77
C LEU G 225 24.80 -51.23 -12.39
N HIS G 226 23.76 -50.68 -11.76
CA HIS G 226 23.89 -50.07 -10.46
C HIS G 226 23.61 -51.07 -9.35
N LYS G 227 24.28 -50.89 -8.23
CA LYS G 227 24.04 -51.68 -7.03
C LYS G 227 24.87 -51.06 -5.91
N PHE G 228 24.77 -51.68 -4.74
CA PHE G 228 25.56 -51.34 -3.59
C PHE G 228 26.66 -52.39 -3.45
N VAL G 229 27.38 -52.35 -2.34
CA VAL G 229 28.50 -53.25 -2.10
C VAL G 229 28.47 -53.66 -0.64
N LYS G 230 28.68 -54.95 -0.38
CA LYS G 230 28.55 -55.51 0.94
C LYS G 230 29.68 -56.50 1.18
N GLY G 231 29.70 -57.06 2.37
CA GLY G 231 30.69 -58.06 2.73
C GLY G 231 32.03 -57.47 3.05
N ASP G 232 33.09 -58.16 2.64
CA ASP G 232 34.43 -57.76 3.02
C ASP G 232 34.94 -56.56 2.25
N LEU G 233 34.30 -56.21 1.13
CA LEU G 233 34.84 -55.20 0.22
C LEU G 233 34.92 -53.86 0.90
N LEU G 234 33.76 -53.33 1.23
CA LEU G 234 33.66 -52.05 1.91
C LEU G 234 34.11 -52.15 3.35
N GLN G 235 34.04 -53.33 3.96
CA GLN G 235 34.55 -53.48 5.31
C GLN G 235 36.07 -53.46 5.31
N GLU G 236 36.69 -54.05 4.28
CA GLU G 236 38.11 -53.86 4.07
C GLU G 236 38.45 -52.41 3.77
N ALA G 237 37.47 -51.61 3.35
CA ALA G 237 37.74 -50.22 2.99
C ALA G 237 37.65 -49.31 4.20
N ILE G 238 36.54 -49.39 4.95
CA ILE G 238 36.26 -48.41 6.01
C ILE G 238 37.35 -48.46 7.07
N ASP G 239 37.88 -49.64 7.34
CA ASP G 239 39.01 -49.72 8.25
C ASP G 239 40.28 -49.25 7.57
N PHE G 240 40.40 -49.52 6.27
CA PHE G 240 41.58 -49.08 5.53
C PHE G 240 41.68 -47.57 5.52
N ALA G 241 40.67 -46.92 4.96
CA ALA G 241 40.63 -45.46 4.96
C ALA G 241 40.70 -44.90 6.36
N GLN G 242 40.10 -45.58 7.33
CA GLN G 242 40.24 -45.14 8.72
C GLN G 242 41.64 -45.41 9.24
N LYS G 243 42.30 -46.45 8.72
CA LYS G 243 43.64 -46.76 9.19
C LYS G 243 44.64 -45.72 8.69
N GLU G 244 44.51 -45.31 7.43
CA GLU G 244 45.51 -44.47 6.78
C GLU G 244 45.21 -42.99 6.94
N ILE G 245 44.50 -42.61 7.99
CA ILE G 245 44.21 -41.20 8.28
C ILE G 245 44.51 -40.88 9.74
N ASN G 246 45.42 -41.65 10.34
CA ASN G 246 45.83 -41.44 11.72
C ASN G 246 47.33 -41.61 11.85
N GLU H 1 1.20 4.75 54.55
CA GLU H 1 2.47 4.14 54.18
C GLU H 1 2.60 2.73 54.75
N GLU H 2 2.05 2.51 55.94
CA GLU H 2 2.17 1.23 56.64
C GLU H 2 0.96 0.33 56.50
N LYS H 3 -0.13 0.79 55.88
CA LYS H 3 -1.33 -0.02 55.72
C LYS H 3 -2.15 0.43 54.52
N PRO H 4 -2.26 -0.37 53.43
CA PRO H 4 -3.19 -0.01 52.36
C PRO H 4 -4.61 -0.49 52.64
N ASP H 5 -4.72 -1.62 53.34
CA ASP H 5 -6.01 -2.18 53.77
C ASP H 5 -6.89 -2.51 52.56
N VAL H 6 -6.38 -3.41 51.72
CA VAL H 6 -7.10 -3.90 50.55
C VAL H 6 -6.69 -5.35 50.35
N THR H 7 -7.66 -6.24 50.21
CA THR H 7 -7.47 -7.67 50.42
C THR H 7 -7.57 -8.43 49.10
N TYR H 8 -7.33 -9.74 49.20
CA TYR H 8 -7.68 -10.64 48.11
C TYR H 8 -9.18 -10.63 47.89
N SER H 9 -9.95 -10.54 48.99
CA SER H 9 -11.39 -10.44 48.87
C SER H 9 -11.82 -9.16 48.19
N ASP H 10 -11.01 -8.11 48.28
CA ASP H 10 -11.29 -6.90 47.53
C ASP H 10 -11.16 -7.12 46.03
N VAL H 11 -10.37 -8.10 45.62
CA VAL H 11 -10.03 -8.32 44.22
C VAL H 11 -10.77 -9.54 43.72
N GLY H 12 -11.45 -9.38 42.59
CA GLY H 12 -11.99 -10.50 41.85
C GLY H 12 -11.01 -10.86 40.75
N GLY H 13 -11.36 -10.51 39.52
CA GLY H 13 -10.41 -10.47 38.43
C GLY H 13 -9.72 -11.80 38.14
N CYS H 14 -8.72 -11.69 37.26
CA CYS H 14 -7.92 -12.84 36.87
C CYS H 14 -7.21 -13.45 38.07
N LYS H 15 -6.65 -12.61 38.94
CA LYS H 15 -6.17 -13.00 40.27
C LYS H 15 -4.88 -13.82 40.24
N ASP H 16 -4.44 -14.27 39.08
CA ASP H 16 -3.44 -15.32 39.06
C ASP H 16 -2.04 -14.78 39.28
N GLN H 17 -1.77 -13.55 38.85
CA GLN H 17 -0.44 -12.98 39.03
C GLN H 17 -0.06 -12.86 40.50
N ILE H 18 -1.05 -12.79 41.39
CA ILE H 18 -0.73 -12.46 42.77
C ILE H 18 0.01 -13.62 43.41
N GLU H 19 -0.30 -14.84 43.03
CA GLU H 19 0.50 -15.96 43.50
C GLU H 19 1.90 -15.96 42.87
N LYS H 20 2.08 -15.23 41.77
CA LYS H 20 3.40 -15.05 41.19
C LYS H 20 4.11 -13.84 41.79
N LEU H 21 3.34 -12.81 42.14
CA LEU H 21 3.85 -11.78 43.03
C LEU H 21 3.93 -12.25 44.47
N ARG H 22 3.38 -13.43 44.78
CA ARG H 22 3.65 -14.13 46.02
C ARG H 22 4.97 -14.88 45.97
N GLU H 23 5.77 -14.68 44.92
CA GLU H 23 7.08 -15.34 44.83
C GLU H 23 8.16 -14.58 45.60
N VAL H 24 8.53 -13.40 45.11
CA VAL H 24 9.72 -12.72 45.62
C VAL H 24 9.42 -11.93 46.88
N VAL H 25 8.15 -11.70 47.19
CA VAL H 25 7.83 -10.96 48.40
C VAL H 25 8.09 -11.76 49.66
N GLU H 26 8.25 -13.09 49.54
CA GLU H 26 8.25 -13.96 50.70
C GLU H 26 9.58 -14.65 50.93
N LEU H 27 10.08 -15.41 49.96
CA LEU H 27 11.26 -16.23 50.19
C LEU H 27 12.50 -15.40 50.48
N PRO H 28 12.77 -14.28 49.79
CA PRO H 28 13.81 -13.38 50.29
C PRO H 28 13.50 -12.89 51.68
N LEU H 29 12.22 -12.76 52.00
CA LEU H 29 11.77 -12.16 53.24
C LEU H 29 11.63 -13.17 54.36
N LEU H 30 11.29 -14.41 54.02
CA LEU H 30 10.97 -15.45 55.00
C LEU H 30 11.90 -16.64 54.90
N SER H 31 12.04 -17.22 53.72
CA SER H 31 12.65 -18.56 53.59
C SER H 31 13.34 -18.68 52.24
N PRO H 32 14.63 -18.37 52.18
CA PRO H 32 15.42 -18.82 51.03
C PRO H 32 15.87 -20.25 51.16
N GLU H 33 15.80 -20.82 52.37
CA GLU H 33 16.20 -22.20 52.62
C GLU H 33 15.52 -23.19 51.68
N ARG H 34 14.33 -22.87 51.19
CA ARG H 34 13.71 -23.68 50.15
C ARG H 34 14.58 -23.73 48.89
N PHE H 35 15.36 -22.68 48.64
CA PHE H 35 16.24 -22.58 47.48
C PHE H 35 17.71 -22.39 47.86
N ALA H 36 18.05 -22.51 49.15
CA ALA H 36 19.44 -22.35 49.55
C ALA H 36 20.31 -23.47 49.00
N THR H 37 19.76 -24.67 48.86
CA THR H 37 20.52 -25.78 48.30
C THR H 37 20.86 -25.58 46.83
N LEU H 38 20.18 -24.65 46.14
CA LEU H 38 20.44 -24.39 44.74
C LEU H 38 20.23 -22.91 44.48
N GLY H 39 21.32 -22.15 44.43
CA GLY H 39 21.26 -20.76 44.04
C GLY H 39 20.53 -19.88 45.03
N ILE H 40 21.14 -19.66 46.20
CA ILE H 40 20.51 -18.86 47.24
C ILE H 40 20.36 -17.41 46.79
N ASP H 41 19.42 -16.70 47.45
CA ASP H 41 18.88 -15.41 47.03
C ASP H 41 18.64 -15.38 45.52
N PRO H 42 17.96 -16.35 44.92
CA PRO H 42 17.90 -16.40 43.46
C PRO H 42 17.08 -15.26 42.84
N PRO H 43 16.06 -14.70 43.49
CA PRO H 43 15.42 -13.52 42.91
C PRO H 43 16.02 -12.24 43.46
N LYS H 44 15.95 -11.18 42.64
CA LYS H 44 16.67 -9.94 42.93
C LYS H 44 15.81 -8.68 42.79
N GLY H 45 14.77 -8.68 41.96
CA GLY H 45 13.88 -7.52 41.87
C GLY H 45 13.09 -7.40 40.58
N ILE H 46 11.80 -7.02 40.67
CA ILE H 46 10.83 -7.22 39.60
C ILE H 46 10.07 -5.94 39.25
N LEU H 47 9.10 -6.05 38.34
CA LEU H 47 8.38 -4.91 37.78
C LEU H 47 6.98 -5.34 37.39
N LEU H 48 6.12 -4.34 37.17
CA LEU H 48 4.74 -4.57 36.74
C LEU H 48 4.42 -3.72 35.53
N TYR H 49 3.38 -4.12 34.80
CA TYR H 49 2.84 -3.27 33.75
C TYR H 49 1.48 -3.79 33.34
N GLY H 50 0.71 -2.90 32.72
CA GLY H 50 -0.56 -3.26 32.15
C GLY H 50 -1.30 -2.04 31.67
N PRO H 51 -2.33 -2.23 30.86
CA PRO H 51 -3.14 -1.09 30.42
C PRO H 51 -3.77 -0.36 31.60
N PRO H 52 -4.39 0.79 31.36
CA PRO H 52 -4.65 1.71 32.47
C PRO H 52 -5.75 1.20 33.38
N GLY H 53 -5.44 1.10 34.66
CA GLY H 53 -6.44 0.79 35.66
C GLY H 53 -6.96 -0.62 35.54
N THR H 54 -6.09 -1.57 35.22
CA THR H 54 -6.41 -2.98 35.25
C THR H 54 -6.02 -3.61 36.58
N GLY H 55 -6.00 -2.81 37.64
CA GLY H 55 -5.57 -3.27 38.94
C GLY H 55 -4.07 -3.42 39.09
N LYS H 56 -3.30 -2.95 38.11
CA LYS H 56 -1.85 -2.95 38.24
C LYS H 56 -1.43 -2.24 39.51
N THR H 57 -2.07 -1.12 39.81
CA THR H 57 -1.89 -0.48 41.11
C THR H 57 -2.43 -1.36 42.21
N LEU H 58 -3.70 -1.71 42.12
CA LEU H 58 -4.40 -2.39 43.20
C LEU H 58 -3.74 -3.73 43.55
N CYS H 59 -3.04 -4.33 42.59
CA CYS H 59 -2.45 -5.64 42.81
C CYS H 59 -1.40 -5.57 43.92
N ALA H 60 -0.38 -4.75 43.73
CA ALA H 60 0.66 -4.62 44.74
C ALA H 60 0.08 -4.08 46.04
N ARG H 61 -0.93 -3.22 45.93
CA ARG H 61 -1.61 -2.74 47.12
C ARG H 61 -2.31 -3.87 47.84
N ALA H 62 -2.68 -4.92 47.12
CA ALA H 62 -3.39 -6.05 47.70
C ALA H 62 -2.51 -6.87 48.63
N VAL H 63 -1.20 -6.63 48.63
CA VAL H 63 -0.26 -7.46 49.36
C VAL H 63 0.61 -6.66 50.31
N ALA H 64 0.74 -5.36 50.13
CA ALA H 64 1.43 -4.54 51.11
C ALA H 64 0.79 -4.64 52.48
N ASN H 65 -0.54 -4.72 52.54
CA ASN H 65 -1.21 -5.02 53.80
C ASN H 65 -0.74 -6.35 54.37
N ARG H 66 -0.47 -7.31 53.49
CA ARG H 66 0.11 -8.57 53.93
C ARG H 66 1.58 -8.36 54.23
N THR H 67 2.12 -9.27 55.05
CA THR H 67 3.53 -9.31 55.44
C THR H 67 3.92 -8.14 56.33
N ASP H 68 2.96 -7.34 56.81
CA ASP H 68 3.25 -6.10 57.52
C ASP H 68 4.11 -5.17 56.68
N ALA H 69 3.89 -5.19 55.36
CA ALA H 69 4.69 -4.40 54.45
C ALA H 69 4.29 -2.93 54.52
N THR H 70 5.26 -2.05 54.29
CA THR H 70 5.12 -0.61 54.54
C THR H 70 5.69 0.19 53.37
N PHE H 71 4.83 0.55 52.43
CA PHE H 71 5.23 1.23 51.20
C PHE H 71 5.03 2.74 51.32
N ILE H 72 5.14 3.44 50.19
CA ILE H 72 5.38 4.87 50.14
C ILE H 72 4.25 5.57 49.41
N ARG H 73 4.06 6.87 49.72
CA ARG H 73 3.25 7.76 48.87
C ARG H 73 4.03 9.04 48.59
N VAL H 74 5.02 8.93 47.73
CA VAL H 74 5.56 10.03 46.96
C VAL H 74 5.91 9.39 45.63
N ILE H 75 5.03 9.54 44.65
CA ILE H 75 4.91 8.58 43.57
C ILE H 75 4.95 9.30 42.24
N GLY H 76 5.81 8.83 41.35
CA GLY H 76 5.76 9.17 39.95
C GLY H 76 6.05 10.64 39.71
N SER H 77 5.45 11.16 38.65
CA SER H 77 5.66 12.54 38.25
C SER H 77 4.95 13.53 39.14
N GLU H 78 4.12 13.07 40.07
CA GLU H 78 3.28 13.97 40.84
C GLU H 78 4.11 14.85 41.77
N LEU H 79 4.82 14.23 42.71
CA LEU H 79 5.40 14.96 43.84
C LEU H 79 6.91 15.08 43.77
N VAL H 80 7.54 14.63 42.70
CA VAL H 80 9.00 14.73 42.56
C VAL H 80 9.45 15.23 41.20
N GLN H 81 8.59 15.26 40.18
CA GLN H 81 8.94 15.84 38.90
C GLN H 81 8.52 17.30 38.81
N LYS H 82 7.62 17.76 39.68
CA LYS H 82 7.01 19.07 39.55
C LYS H 82 7.63 20.11 40.50
N TYR H 83 7.57 19.87 41.82
CA TYR H 83 8.28 20.70 42.77
C TYR H 83 9.60 20.01 43.07
N VAL H 84 10.69 20.61 42.62
CA VAL H 84 11.92 19.88 42.34
C VAL H 84 13.12 20.71 42.76
N GLY H 85 13.86 20.23 43.76
CA GLY H 85 15.23 20.62 43.94
C GLY H 85 16.00 19.48 44.53
N GLU H 86 17.01 19.00 43.80
CA GLU H 86 17.85 17.89 44.24
C GLU H 86 16.99 16.69 44.62
N GLY H 87 16.33 16.14 43.59
CA GLY H 87 15.47 14.99 43.81
C GLY H 87 16.20 13.84 44.48
N ALA H 88 17.43 13.59 44.05
CA ALA H 88 18.23 12.55 44.69
C ALA H 88 18.53 12.89 46.13
N ARG H 89 18.59 14.19 46.46
CA ARG H 89 18.82 14.57 47.85
C ARG H 89 17.74 14.01 48.76
N MET H 90 16.51 13.92 48.25
CA MET H 90 15.49 13.19 48.96
C MET H 90 15.79 11.70 48.94
N VAL H 91 16.30 11.21 47.82
CA VAL H 91 16.56 9.78 47.68
C VAL H 91 17.68 9.36 48.62
N ARG H 92 18.70 10.19 48.76
CA ARG H 92 19.72 9.91 49.77
C ARG H 92 19.09 9.92 51.15
N GLU H 93 18.19 10.87 51.41
CA GLU H 93 17.42 10.85 52.64
C GLU H 93 16.43 9.69 52.65
N LEU H 94 15.96 9.29 51.47
CA LEU H 94 15.03 8.18 51.37
C LEU H 94 15.67 6.89 51.83
N PHE H 95 16.76 6.51 51.18
CA PHE H 95 17.51 5.38 51.69
C PHE H 95 18.01 5.64 53.09
N GLU H 96 18.32 6.89 53.42
CA GLU H 96 18.64 7.22 54.80
C GLU H 96 17.46 6.89 55.71
N MET H 97 16.24 7.12 55.23
CA MET H 97 15.07 6.58 55.93
C MET H 97 15.05 5.07 55.82
N ALA H 98 15.41 4.54 54.66
CA ALA H 98 15.24 3.15 54.35
C ALA H 98 16.49 2.32 54.60
N ARG H 99 17.59 2.93 55.04
CA ARG H 99 18.86 2.21 55.13
C ARG H 99 18.78 1.05 56.12
N THR H 100 18.02 1.22 57.18
CA THR H 100 17.81 0.21 58.19
C THR H 100 16.36 -0.17 58.35
N LYS H 101 15.45 0.51 57.68
CA LYS H 101 14.03 0.23 57.85
C LYS H 101 13.71 -1.15 57.32
N LYS H 102 12.71 -1.78 57.93
CA LYS H 102 12.36 -3.15 57.65
C LYS H 102 10.87 -3.28 57.34
N ALA H 103 10.55 -4.26 56.50
CA ALA H 103 9.18 -4.53 56.09
C ALA H 103 8.60 -3.34 55.33
N CYS H 104 9.37 -2.86 54.35
CA CYS H 104 9.00 -1.68 53.58
C CYS H 104 9.34 -1.91 52.12
N ILE H 105 8.64 -1.20 51.24
CA ILE H 105 8.76 -1.40 49.81
C ILE H 105 8.73 -0.06 49.10
N ILE H 106 9.55 0.04 48.06
CA ILE H 106 9.47 1.12 47.10
C ILE H 106 8.47 0.74 46.02
N PHE H 107 7.73 1.72 45.54
CA PHE H 107 6.89 1.52 44.37
C PHE H 107 6.34 2.87 43.94
N PHE H 108 6.26 3.07 42.63
CA PHE H 108 5.77 4.33 42.10
C PHE H 108 5.42 4.12 40.64
N ASP H 109 4.88 5.17 40.03
CA ASP H 109 4.07 5.04 38.82
C ASP H 109 4.45 6.17 37.87
N GLU H 110 3.65 6.35 36.83
CA GLU H 110 3.67 7.53 35.97
C GLU H 110 4.95 7.64 35.16
N ILE H 111 5.71 6.56 35.03
CA ILE H 111 7.12 6.72 34.70
C ILE H 111 7.37 6.83 33.20
N ASP H 112 6.31 7.01 32.42
CA ASP H 112 6.48 7.27 30.99
C ASP H 112 7.33 8.52 30.77
N ALA H 113 6.83 9.69 31.18
CA ALA H 113 7.56 10.93 31.00
C ALA H 113 8.61 11.16 32.07
N VAL H 114 8.84 10.21 32.98
CA VAL H 114 9.80 10.38 34.06
C VAL H 114 11.14 9.82 33.62
N GLY H 115 11.18 8.52 33.34
CA GLY H 115 12.40 7.88 32.88
C GLY H 115 12.15 6.88 31.78
N GLY H 116 11.02 7.00 31.09
CA GLY H 116 10.71 6.10 30.00
C GLY H 116 11.43 6.43 28.71
N ALA H 117 11.13 7.59 28.15
CA ALA H 117 11.88 8.14 27.03
C ALA H 117 12.91 9.13 27.56
N ARG H 118 14.10 9.12 26.97
CA ARG H 118 15.19 9.99 27.39
C ARG H 118 15.16 11.35 26.67
N PHE H 119 13.98 11.80 26.24
CA PHE H 119 13.73 13.03 25.50
C PHE H 119 14.16 12.93 24.04
N ASP H 120 14.80 11.83 23.61
CA ASP H 120 15.29 11.69 22.24
C ASP H 120 16.21 12.84 21.84
N ASP H 121 16.91 13.44 22.82
CA ASP H 121 17.75 14.60 22.58
C ASP H 121 16.95 15.77 22.02
N GLY H 122 15.73 15.96 22.54
CA GLY H 122 14.89 17.06 22.12
C GLY H 122 13.91 17.49 23.19
N ALA H 123 12.87 18.24 22.78
CA ALA H 123 11.83 18.72 23.68
C ALA H 123 12.39 19.61 24.80
N GLY H 124 13.53 20.25 24.55
CA GLY H 124 14.16 21.11 25.53
C GLY H 124 15.13 20.39 26.44
N GLY H 125 14.91 19.10 26.70
CA GLY H 125 15.82 18.32 27.51
C GLY H 125 15.76 18.63 28.99
N ASP H 126 16.16 17.66 29.82
CA ASP H 126 16.22 17.85 31.26
C ASP H 126 17.30 16.94 31.82
N ASN H 127 18.08 17.46 32.76
CA ASN H 127 19.19 16.71 33.35
C ASN H 127 18.87 16.20 34.75
N GLU H 128 18.18 16.99 35.58
CA GLU H 128 17.80 16.54 36.91
C GLU H 128 16.89 15.32 36.83
N VAL H 129 16.17 15.17 35.73
CA VAL H 129 15.35 13.99 35.51
C VAL H 129 16.21 12.74 35.50
N GLN H 130 17.42 12.85 34.97
CA GLN H 130 18.30 11.70 34.79
C GLN H 130 19.13 11.46 36.03
N ARG H 131 19.76 12.52 36.55
CA ARG H 131 20.66 12.39 37.69
C ARG H 131 19.96 11.72 38.87
N THR H 132 18.74 12.14 39.17
CA THR H 132 18.00 11.48 40.24
C THR H 132 17.57 10.09 39.80
N MET H 133 17.41 9.87 38.49
CA MET H 133 17.19 8.52 38.00
C MET H 133 18.41 7.66 38.27
N LEU H 134 19.57 8.14 37.84
CA LEU H 134 20.81 7.40 38.03
C LEU H 134 21.18 7.33 39.50
N GLU H 135 20.87 8.39 40.25
CA GLU H 135 21.18 8.41 41.67
C GLU H 135 20.54 7.25 42.39
N LEU H 136 19.41 6.78 41.88
CA LEU H 136 18.86 5.53 42.35
C LEU H 136 19.74 4.38 41.91
N ILE H 137 20.14 4.42 40.65
CA ILE H 137 20.90 3.34 40.06
C ILE H 137 22.21 3.17 40.82
N THR H 138 22.68 4.26 41.42
CA THR H 138 23.77 4.15 42.38
C THR H 138 23.30 3.43 43.63
N GLN H 139 22.23 3.93 44.25
CA GLN H 139 21.76 3.34 45.50
C GLN H 139 21.17 1.97 45.29
N LEU H 140 20.91 1.59 44.03
CA LEU H 140 20.20 0.36 43.73
C LEU H 140 20.90 -0.86 44.29
N ASP H 141 22.09 -1.16 43.78
CA ASP H 141 22.76 -2.41 44.08
C ASP H 141 23.63 -2.34 45.32
N GLY H 142 23.29 -1.46 46.26
CA GLY H 142 24.14 -1.26 47.42
C GLY H 142 24.29 -2.52 48.26
N PHE H 143 23.16 -3.07 48.72
CA PHE H 143 23.16 -4.29 49.50
C PHE H 143 21.98 -5.20 49.17
N ASP H 144 21.21 -4.92 48.12
CA ASP H 144 20.00 -5.68 47.83
C ASP H 144 20.20 -7.18 47.67
N PRO H 145 21.27 -7.69 47.06
CA PRO H 145 21.38 -9.16 46.93
C PRO H 145 21.49 -9.86 48.27
N ARG H 146 22.44 -9.44 49.10
CA ARG H 146 22.57 -10.02 50.42
C ARG H 146 21.53 -9.47 51.39
N GLY H 147 21.06 -8.26 51.14
CA GLY H 147 20.06 -7.66 51.99
C GLY H 147 18.71 -8.33 51.86
N ASN H 148 17.65 -7.56 52.14
CA ASN H 148 16.30 -8.10 52.17
C ASN H 148 15.28 -7.21 51.47
N ILE H 149 15.64 -5.98 51.10
CA ILE H 149 14.69 -5.08 50.48
C ILE H 149 14.28 -5.59 49.11
N LYS H 150 13.11 -5.14 48.66
CA LYS H 150 12.55 -5.47 47.37
C LYS H 150 12.37 -4.20 46.56
N VAL H 151 12.03 -4.38 45.28
CA VAL H 151 11.86 -3.28 44.35
C VAL H 151 10.75 -3.64 43.38
N MET H 152 9.90 -2.66 43.09
CA MET H 152 8.76 -2.87 42.20
C MET H 152 8.47 -1.57 41.48
N PHE H 153 8.33 -1.65 40.16
CA PHE H 153 8.04 -0.53 39.31
C PHE H 153 6.78 -0.85 38.52
N ALA H 154 6.23 0.17 37.86
CA ALA H 154 4.97 0.02 37.16
C ALA H 154 4.92 0.94 35.96
N THR H 155 4.16 0.51 34.95
CA THR H 155 4.02 1.26 33.72
C THR H 155 2.65 0.99 33.15
N ASN H 156 2.13 1.97 32.42
CA ASN H 156 1.04 1.66 31.49
C ASN H 156 1.56 0.90 30.28
N ARG H 157 2.83 1.13 29.92
CA ARG H 157 3.44 0.53 28.73
C ARG H 157 4.92 0.25 29.00
N PRO H 158 5.36 -1.01 29.14
CA PRO H 158 6.76 -1.27 29.49
C PRO H 158 7.73 -0.88 28.40
N ASN H 159 7.47 -1.34 27.17
CA ASN H 159 8.38 -1.07 26.06
C ASN H 159 8.40 0.41 25.71
N THR H 160 7.39 1.16 26.12
CA THR H 160 7.44 2.61 26.02
C THR H 160 8.43 3.21 27.01
N LEU H 161 8.83 2.45 28.03
CA LEU H 161 9.75 2.95 29.03
C LEU H 161 11.17 2.94 28.46
N ASP H 162 12.17 3.08 29.33
CA ASP H 162 13.56 2.98 28.93
C ASP H 162 14.04 1.54 29.07
N PRO H 163 14.51 0.90 28.01
CA PRO H 163 15.22 -0.38 28.17
C PRO H 163 16.71 -0.25 28.45
N ALA H 164 17.25 0.96 28.47
CA ALA H 164 18.69 1.14 28.63
C ALA H 164 19.15 0.65 30.00
N LEU H 165 18.38 0.97 31.04
CA LEU H 165 18.76 0.66 32.41
C LEU H 165 18.48 -0.77 32.82
N LEU H 166 18.21 -1.67 31.88
CA LEU H 166 17.70 -3.00 32.19
C LEU H 166 18.81 -4.01 32.37
N ARG H 167 20.04 -3.55 32.66
CA ARG H 167 21.20 -4.40 32.92
C ARG H 167 20.83 -5.48 33.93
N PRO H 168 20.68 -6.75 33.52
CA PRO H 168 20.23 -7.76 34.48
C PRO H 168 21.21 -7.94 35.63
N GLY H 169 20.67 -8.42 36.74
CA GLY H 169 21.29 -8.28 38.03
C GLY H 169 20.70 -7.08 38.72
N ARG H 170 20.49 -6.01 37.95
CA ARG H 170 19.72 -4.88 38.42
C ARG H 170 18.22 -5.12 38.29
N ILE H 171 17.81 -5.96 37.34
CA ILE H 171 16.40 -6.16 37.00
C ILE H 171 16.16 -7.64 36.73
N ASP H 172 14.98 -8.12 37.09
CA ASP H 172 14.58 -9.52 36.90
C ASP H 172 13.43 -9.68 35.93
N ARG H 173 12.29 -9.00 36.15
CA ARG H 173 11.04 -9.46 35.57
C ARG H 173 10.09 -8.30 35.36
N LYS H 174 9.25 -8.43 34.33
CA LYS H 174 8.10 -7.54 34.11
C LYS H 174 6.90 -8.41 33.78
N VAL H 175 5.90 -8.39 34.65
CA VAL H 175 4.72 -9.24 34.48
C VAL H 175 3.59 -8.41 33.92
N GLU H 176 2.72 -9.10 33.19
CA GLU H 176 1.69 -8.49 32.38
C GLU H 176 0.36 -8.51 33.14
N PHE H 177 -0.56 -7.68 32.68
CA PHE H 177 -1.92 -7.66 33.19
C PHE H 177 -2.87 -7.29 32.06
N SER H 178 -3.99 -8.00 31.98
CA SER H 178 -4.99 -7.76 30.95
C SER H 178 -6.36 -7.80 31.59
N LEU H 179 -7.38 -7.75 30.76
CA LEU H 179 -8.73 -7.83 31.25
C LEU H 179 -9.03 -9.26 31.68
N PRO H 180 -9.93 -9.46 32.63
CA PRO H 180 -10.28 -10.83 33.04
C PRO H 180 -11.36 -11.43 32.15
N ASP H 181 -11.58 -12.73 32.36
CA ASP H 181 -12.72 -13.41 31.79
C ASP H 181 -13.96 -13.05 32.61
N LEU H 182 -15.08 -13.71 32.34
CA LEU H 182 -16.33 -13.37 33.02
C LEU H 182 -16.21 -13.57 34.52
N GLU H 183 -15.39 -14.54 34.96
CA GLU H 183 -15.34 -14.83 36.38
C GLU H 183 -14.64 -13.71 37.12
N GLY H 184 -13.61 -13.13 36.51
CA GLY H 184 -13.07 -11.90 37.04
C GLY H 184 -14.07 -10.77 36.94
N ARG H 185 -14.93 -10.83 35.93
CA ARG H 185 -16.04 -9.89 35.85
C ARG H 185 -17.16 -10.24 36.82
N ALA H 186 -17.12 -11.42 37.42
CA ALA H 186 -18.22 -11.95 38.21
C ALA H 186 -18.14 -11.49 39.66
N ASN H 187 -16.98 -11.61 40.27
CA ASN H 187 -16.82 -11.41 41.69
C ASN H 187 -16.55 -9.97 42.06
N ILE H 188 -16.91 -9.04 41.18
CA ILE H 188 -16.60 -7.62 41.33
C ILE H 188 -17.88 -6.85 41.47
N PHE H 189 -18.94 -7.35 40.86
CA PHE H 189 -20.27 -6.93 41.26
C PHE H 189 -20.53 -7.35 42.70
N ARG H 190 -19.94 -8.47 43.11
CA ARG H 190 -20.03 -8.94 44.48
C ARG H 190 -19.37 -8.01 45.47
N ILE H 191 -18.63 -7.00 45.02
CA ILE H 191 -18.10 -5.96 45.89
C ILE H 191 -18.55 -4.56 45.44
N HIS H 192 -18.56 -4.30 44.14
CA HIS H 192 -18.81 -2.93 43.69
C HIS H 192 -20.25 -2.52 43.96
N SER H 193 -21.19 -3.21 43.32
CA SER H 193 -22.59 -2.89 43.49
C SER H 193 -23.18 -3.52 44.75
N LYS H 194 -22.38 -4.31 45.46
CA LYS H 194 -22.73 -4.72 46.81
C LYS H 194 -23.14 -3.52 47.64
N SER H 195 -22.24 -2.55 47.76
CA SER H 195 -22.46 -1.38 48.59
C SER H 195 -23.43 -0.43 47.90
N MET H 196 -24.68 -0.88 47.82
CA MET H 196 -25.74 -0.11 47.18
C MET H 196 -27.08 -0.71 47.56
N SER H 197 -28.13 0.08 47.43
CA SER H 197 -29.49 -0.39 47.66
C SER H 197 -29.91 -1.26 46.48
N VAL H 198 -29.90 -2.56 46.66
CA VAL H 198 -30.18 -3.52 45.59
C VAL H 198 -30.97 -4.68 46.17
N GLU H 199 -31.76 -5.32 45.30
CA GLU H 199 -32.49 -6.52 45.67
C GLU H 199 -31.57 -7.73 45.64
N ARG H 200 -31.94 -8.74 46.41
CA ARG H 200 -31.16 -9.96 46.57
C ARG H 200 -31.73 -11.08 45.71
N GLY H 201 -30.90 -12.10 45.50
CA GLY H 201 -31.26 -13.21 44.64
C GLY H 201 -31.05 -12.90 43.17
N ILE H 202 -29.95 -12.24 42.84
CA ILE H 202 -29.76 -11.61 41.54
C ILE H 202 -28.55 -12.22 40.87
N ARG H 203 -28.76 -12.74 39.67
CA ARG H 203 -27.68 -13.35 38.91
C ARG H 203 -26.84 -12.29 38.23
N TRP H 204 -25.53 -12.41 38.39
CA TRP H 204 -24.57 -11.39 38.02
C TRP H 204 -23.51 -11.96 37.10
N GLU H 205 -23.94 -12.67 36.06
CA GLU H 205 -23.05 -13.19 35.04
C GLU H 205 -23.56 -12.81 33.66
N LEU H 206 -24.88 -12.73 33.50
CA LEU H 206 -25.46 -12.32 32.24
C LEU H 206 -24.92 -10.97 31.83
N ILE H 207 -24.78 -10.09 32.79
CA ILE H 207 -24.06 -8.85 32.54
C ILE H 207 -22.62 -9.14 32.19
N SER H 208 -22.02 -10.11 32.86
CA SER H 208 -20.66 -10.52 32.53
C SER H 208 -20.60 -11.11 31.14
N ARG H 209 -21.65 -11.83 30.74
CA ARG H 209 -21.73 -12.31 29.37
C ARG H 209 -21.75 -11.14 28.41
N LEU H 210 -22.39 -10.06 28.83
CA LEU H 210 -22.72 -8.95 27.96
C LEU H 210 -21.88 -7.72 28.26
N CYS H 211 -20.69 -7.93 28.80
CA CYS H 211 -19.66 -6.90 28.80
C CYS H 211 -18.32 -7.56 28.46
N PRO H 212 -18.09 -7.82 27.18
CA PRO H 212 -16.78 -8.30 26.75
C PRO H 212 -15.72 -7.22 26.84
N ASN H 213 -14.58 -7.48 26.21
CA ASN H 213 -13.25 -7.01 26.59
C ASN H 213 -13.29 -5.60 27.14
N SER H 214 -12.86 -5.47 28.39
CA SER H 214 -13.09 -4.28 29.19
C SER H 214 -12.38 -4.42 30.52
N THR H 215 -11.94 -3.32 31.09
CA THR H 215 -11.20 -3.36 32.35
C THR H 215 -12.22 -3.32 33.49
N GLY H 216 -11.77 -3.01 34.70
CA GLY H 216 -12.62 -3.10 35.86
C GLY H 216 -13.20 -1.79 36.33
N ALA H 217 -12.35 -0.76 36.43
CA ALA H 217 -12.74 0.45 37.14
C ALA H 217 -13.91 1.19 36.50
N GLU H 218 -14.28 0.85 35.27
CA GLU H 218 -15.45 1.48 34.67
C GLU H 218 -16.74 0.88 35.21
N LEU H 219 -16.69 -0.38 35.65
CA LEU H 219 -17.85 -1.00 36.26
C LEU H 219 -18.34 -0.20 37.44
N ARG H 220 -17.41 0.42 38.16
CA ARG H 220 -17.74 1.41 39.18
C ARG H 220 -18.68 2.47 38.63
N SER H 221 -18.46 2.90 37.38
CA SER H 221 -19.39 3.83 36.76
C SER H 221 -20.66 3.12 36.33
N VAL H 222 -20.53 1.88 35.89
CA VAL H 222 -21.70 1.10 35.54
C VAL H 222 -22.57 0.94 36.77
N CYS H 223 -21.94 0.71 37.91
CA CYS H 223 -22.64 0.79 39.18
C CYS H 223 -23.20 2.19 39.37
N THR H 224 -22.37 3.20 39.09
CA THR H 224 -22.79 4.58 39.31
C THR H 224 -23.97 4.94 38.44
N GLU H 225 -24.07 4.33 37.25
CA GLU H 225 -25.21 4.53 36.38
C GLU H 225 -26.27 3.48 36.60
N ALA H 226 -25.90 2.32 37.14
CA ALA H 226 -26.91 1.34 37.48
C ALA H 226 -27.93 1.91 38.45
N GLY H 227 -27.45 2.34 39.60
CA GLY H 227 -28.32 2.92 40.60
C GLY H 227 -28.74 4.31 40.17
N MET H 228 -29.58 4.37 39.14
CA MET H 228 -29.97 5.62 38.53
C MET H 228 -31.42 5.64 38.07
N PHE H 229 -32.16 4.57 38.30
CA PHE H 229 -33.40 4.35 37.55
C PHE H 229 -34.64 4.17 38.43
N ALA H 230 -34.53 3.46 39.54
CA ALA H 230 -35.53 3.61 40.60
C ALA H 230 -35.60 5.06 40.99
N ILE H 231 -34.44 5.71 40.97
CA ILE H 231 -34.36 7.16 40.92
C ILE H 231 -35.28 7.67 39.84
N ARG H 232 -35.00 7.24 38.62
CA ARG H 232 -35.76 7.73 37.48
C ARG H 232 -37.22 7.35 37.60
N ALA H 233 -37.50 6.25 38.27
CA ALA H 233 -38.88 5.91 38.55
C ALA H 233 -39.43 6.71 39.71
N ARG H 234 -38.56 7.33 40.48
CA ARG H 234 -38.83 7.63 41.89
C ARG H 234 -39.11 6.36 42.67
N ARG H 235 -38.62 5.23 42.15
CA ARG H 235 -38.63 3.97 42.86
C ARG H 235 -37.39 3.94 43.74
N LYS H 236 -37.11 2.80 44.34
CA LYS H 236 -36.18 2.71 45.44
C LYS H 236 -34.90 1.96 45.08
N VAL H 237 -35.04 0.75 44.57
CA VAL H 237 -33.99 -0.25 44.66
C VAL H 237 -33.73 -0.85 43.29
N ALA H 238 -32.52 -1.37 43.12
CA ALA H 238 -32.02 -1.81 41.82
C ALA H 238 -32.55 -3.18 41.45
N THR H 239 -33.10 -3.28 40.24
CA THR H 239 -33.35 -4.56 39.59
C THR H 239 -32.06 -5.08 38.99
N GLU H 240 -32.16 -6.08 38.11
CA GLU H 240 -31.06 -6.52 37.28
C GLU H 240 -31.16 -5.97 35.87
N LYS H 241 -32.38 -5.88 35.35
CA LYS H 241 -32.62 -5.28 34.04
C LYS H 241 -32.08 -3.87 33.96
N ASP H 242 -32.04 -3.16 35.09
CA ASP H 242 -31.44 -1.83 35.13
C ASP H 242 -30.01 -1.86 34.62
N PHE H 243 -29.25 -2.89 34.97
CA PHE H 243 -27.94 -3.07 34.36
C PHE H 243 -28.07 -3.15 32.85
N LEU H 244 -29.00 -3.97 32.37
CA LEU H 244 -29.10 -4.26 30.96
C LEU H 244 -29.39 -2.99 30.18
N LYS H 245 -30.26 -2.17 30.72
CA LYS H 245 -30.51 -0.86 30.12
C LYS H 245 -29.26 -0.01 30.19
N ALA H 246 -28.48 -0.20 31.24
CA ALA H 246 -27.27 0.60 31.39
C ALA H 246 -26.17 0.07 30.48
N VAL H 247 -26.06 -1.25 30.35
CA VAL H 247 -25.02 -1.81 29.52
C VAL H 247 -25.25 -1.42 28.07
N ASP H 248 -26.50 -1.21 27.69
CA ASP H 248 -26.79 -0.76 26.34
C ASP H 248 -26.23 0.63 26.09
N LYS H 249 -26.08 1.43 27.13
CA LYS H 249 -25.74 2.84 26.98
C LYS H 249 -24.25 3.08 26.87
N VAL H 250 -23.43 2.09 27.19
CA VAL H 250 -22.10 2.35 27.69
C VAL H 250 -21.03 1.51 27.00
N ILE H 251 -21.44 0.53 26.22
CA ILE H 251 -20.48 -0.34 25.54
C ILE H 251 -20.63 -0.15 24.04
N SER H 252 -21.79 -0.52 23.51
CA SER H 252 -22.12 -0.12 22.16
C SER H 252 -22.42 1.36 22.08
N GLY H 253 -22.79 1.98 23.21
CA GLY H 253 -22.85 3.41 23.32
C GLY H 253 -21.52 4.07 23.60
N TYR H 254 -20.43 3.31 23.55
CA TYR H 254 -19.09 3.84 23.77
C TYR H 254 -18.10 3.38 22.69
N LYS H 255 -18.35 2.22 22.08
CA LYS H 255 -17.45 1.69 21.06
C LYS H 255 -17.40 2.55 19.80
N LYS H 256 -18.28 3.56 19.67
CA LYS H 256 -18.41 4.32 18.44
C LYS H 256 -17.11 4.99 18.00
N PHE H 257 -16.12 5.10 18.89
CA PHE H 257 -14.78 5.53 18.53
C PHE H 257 -13.72 4.57 19.09
N PRO I 1 -8.63 37.83 42.00
CA PRO I 1 -8.50 39.23 41.58
C PRO I 1 -8.42 39.38 40.08
N MET I 2 -7.60 38.51 39.49
CA MET I 2 -7.29 38.58 38.07
C MET I 2 -8.50 38.32 37.18
N VAL I 3 -9.54 37.68 37.70
CA VAL I 3 -10.62 37.15 36.87
C VAL I 3 -11.96 37.80 37.20
N SER I 4 -11.95 38.96 37.83
CA SER I 4 -13.20 39.61 38.20
C SER I 4 -13.99 39.98 36.96
N VAL I 5 -13.31 40.40 35.90
CA VAL I 5 -14.00 40.63 34.63
C VAL I 5 -14.28 39.31 33.95
N MET I 6 -13.40 38.33 34.12
CA MET I 6 -13.73 36.98 33.70
C MET I 6 -14.83 36.39 34.56
N LYS I 7 -14.98 36.89 35.79
CA LYS I 7 -16.00 36.39 36.69
C LYS I 7 -17.35 36.87 36.20
N MET I 8 -18.09 35.98 35.55
CA MET I 8 -19.39 36.36 35.05
C MET I 8 -20.35 36.53 36.21
N ASP I 9 -21.30 37.45 36.03
CA ASP I 9 -22.46 37.55 36.89
C ASP I 9 -23.71 37.88 36.09
N LYS I 10 -23.69 37.64 34.78
CA LYS I 10 -24.78 38.10 33.93
C LYS I 10 -26.03 37.25 34.14
N SER I 11 -27.17 37.90 33.97
CA SER I 11 -28.48 37.27 34.00
C SER I 11 -29.02 37.17 32.58
N PRO I 12 -28.67 36.14 31.81
CA PRO I 12 -29.18 36.03 30.44
C PRO I 12 -30.67 35.71 30.37
N THR I 13 -31.17 35.50 29.15
CA THR I 13 -32.59 35.54 28.86
C THR I 13 -33.23 34.16 28.72
N GLU I 14 -32.46 33.20 28.23
CA GLU I 14 -33.05 32.04 27.57
C GLU I 14 -33.60 31.06 28.60
N SER I 15 -34.54 30.23 28.16
CA SER I 15 -35.31 29.42 29.08
C SER I 15 -36.09 28.37 28.30
N TYR I 16 -36.93 27.63 29.03
CA TYR I 16 -37.83 26.68 28.42
C TYR I 16 -39.08 27.43 28.00
N SER I 17 -39.66 26.97 26.90
CA SER I 17 -40.59 27.70 26.06
C SER I 17 -39.88 28.77 25.23
N ASP I 18 -38.58 28.97 25.45
CA ASP I 18 -37.70 29.63 24.50
C ASP I 18 -36.81 28.63 23.81
N ILE I 19 -36.62 27.47 24.42
CA ILE I 19 -36.12 26.27 23.77
C ILE I 19 -36.95 25.95 22.53
N GLY I 20 -36.38 25.16 21.64
CA GLY I 20 -37.09 24.75 20.45
C GLY I 20 -37.91 23.49 20.62
N GLY I 21 -37.62 22.71 21.64
CA GLY I 21 -38.43 21.54 21.96
C GLY I 21 -37.72 20.23 22.18
N LEU I 22 -36.42 20.25 22.48
CA LEU I 22 -35.77 19.00 22.88
C LEU I 22 -36.35 18.56 24.22
N GLU I 23 -36.42 17.24 24.38
CA GLU I 23 -36.91 16.65 25.62
C GLU I 23 -35.99 15.56 26.14
N SER I 24 -35.33 14.86 25.24
CA SER I 24 -34.73 13.60 25.61
C SER I 24 -33.48 13.76 26.44
N GLN I 25 -33.00 14.98 26.61
CA GLN I 25 -31.81 15.28 27.35
C GLN I 25 -32.00 16.43 28.31
N ILE I 26 -33.15 17.11 28.26
CA ILE I 26 -33.37 18.21 29.18
C ILE I 26 -33.29 17.70 30.60
N GLN I 27 -33.76 16.48 30.81
CA GLN I 27 -33.69 15.88 32.12
C GLN I 27 -32.25 15.66 32.52
N GLU I 28 -31.47 15.06 31.64
CA GLU I 28 -30.37 14.24 32.10
C GLU I 28 -29.27 15.04 32.75
N ILE I 29 -29.33 16.36 32.61
CA ILE I 29 -28.43 17.20 33.37
C ILE I 29 -28.95 17.33 34.77
N LYS I 30 -30.25 17.54 34.90
CA LYS I 30 -30.86 17.58 36.22
C LYS I 30 -30.59 16.29 36.95
N GLU I 31 -30.57 15.18 36.22
CA GLU I 31 -29.92 13.98 36.72
C GLU I 31 -28.49 14.27 37.10
N SER I 32 -27.72 14.85 36.18
CA SER I 32 -26.31 15.08 36.44
C SER I 32 -26.10 16.06 37.58
N VAL I 33 -26.98 17.05 37.72
CA VAL I 33 -26.67 18.19 38.58
C VAL I 33 -27.78 18.38 39.60
N GLU I 34 -29.03 18.31 39.15
CA GLU I 34 -30.10 18.85 39.98
C GLU I 34 -30.50 17.89 41.07
N LEU I 35 -30.96 16.71 40.67
CA LEU I 35 -31.23 15.65 41.63
C LEU I 35 -30.08 15.42 42.60
N PRO I 36 -28.82 15.53 42.19
CA PRO I 36 -27.74 15.60 43.16
C PRO I 36 -27.97 16.66 44.23
N LEU I 37 -28.03 17.93 43.87
CA LEU I 37 -28.01 18.94 44.91
C LEU I 37 -29.41 19.25 45.41
N THR I 38 -30.42 19.03 44.58
CA THR I 38 -31.79 19.15 45.06
C THR I 38 -32.02 18.23 46.26
N HIS I 39 -31.54 17.00 46.16
CA HIS I 39 -31.81 15.98 47.19
C HIS I 39 -30.67 14.98 47.21
N PRO I 40 -29.50 15.40 47.68
CA PRO I 40 -28.34 14.52 47.66
C PRO I 40 -28.39 13.37 48.63
N GLU I 41 -29.32 13.39 49.59
CA GLU I 41 -29.42 12.27 50.52
C GLU I 41 -29.82 10.99 49.82
N LEU I 42 -30.36 11.09 48.62
CA LEU I 42 -30.85 9.93 47.91
C LEU I 42 -29.71 9.18 47.27
N TYR I 43 -28.68 9.92 46.90
CA TYR I 43 -27.36 9.35 46.73
C TYR I 43 -27.05 8.38 47.84
N GLU I 44 -27.33 8.79 49.07
CA GLU I 44 -27.14 7.92 50.22
C GLU I 44 -28.24 6.89 50.32
N GLU I 45 -29.44 7.22 49.84
CA GLU I 45 -30.46 6.19 49.73
C GLU I 45 -30.01 5.13 48.75
N MET I 46 -29.34 5.54 47.67
CA MET I 46 -28.69 4.58 46.80
C MET I 46 -27.32 4.20 47.33
N GLY I 47 -26.71 5.08 48.11
CA GLY I 47 -25.40 4.84 48.65
C GLY I 47 -24.33 5.13 47.64
N ILE I 48 -24.34 6.32 47.04
CA ILE I 48 -23.46 6.64 45.92
C ILE I 48 -23.05 8.09 45.82
N LYS I 49 -22.14 8.35 44.89
CA LYS I 49 -21.88 9.67 44.37
C LYS I 49 -22.79 9.92 43.18
N PRO I 50 -23.67 10.91 43.21
CA PRO I 50 -24.34 11.30 41.97
C PRO I 50 -23.37 12.01 41.06
N PRO I 51 -23.47 11.79 39.78
CA PRO I 51 -22.28 11.80 38.92
C PRO I 51 -21.63 13.15 38.71
N LYS I 52 -20.52 13.14 37.98
CA LYS I 52 -19.70 14.31 37.73
C LYS I 52 -19.45 14.49 36.24
N GLY I 53 -19.30 15.74 35.84
CA GLY I 53 -18.82 16.06 34.52
C GLY I 53 -19.72 15.65 33.39
N VAL I 54 -19.54 16.28 32.23
CA VAL I 54 -20.20 15.85 31.01
C VAL I 54 -19.54 16.51 29.82
N ILE I 55 -19.52 15.79 28.71
CA ILE I 55 -18.97 16.26 27.46
C ILE I 55 -20.05 16.06 26.42
N LEU I 56 -20.09 16.96 25.44
CA LEU I 56 -21.03 16.86 24.33
C LEU I 56 -20.33 16.40 23.07
N TYR I 57 -20.98 15.49 22.37
CA TYR I 57 -20.47 14.91 21.15
C TYR I 57 -20.57 15.92 20.02
N GLY I 58 -20.27 15.47 18.80
CA GLY I 58 -20.28 16.32 17.63
C GLY I 58 -21.65 16.55 17.04
N ALA I 59 -22.19 17.73 17.29
CA ALA I 59 -23.49 18.15 16.77
C ALA I 59 -23.40 19.62 16.38
N PRO I 60 -22.56 19.94 15.41
CA PRO I 60 -22.34 21.34 15.05
C PRO I 60 -23.61 22.02 14.55
N GLY I 61 -24.08 23.00 15.30
CA GLY I 61 -25.29 23.68 14.95
C GLY I 61 -26.49 22.82 15.23
N THR I 62 -26.59 22.38 16.48
CA THR I 62 -27.63 21.47 16.90
C THR I 62 -28.24 21.82 18.25
N GLY I 63 -27.62 22.70 19.02
CA GLY I 63 -27.94 22.89 20.40
C GLY I 63 -26.86 22.43 21.35
N LYS I 64 -25.62 22.31 20.88
CA LYS I 64 -24.51 21.90 21.73
C LYS I 64 -24.17 22.93 22.78
N THR I 65 -24.74 24.13 22.69
CA THR I 65 -24.52 25.22 23.62
C THR I 65 -25.76 25.58 24.41
N LEU I 66 -26.92 25.42 23.81
CA LEU I 66 -28.09 26.18 24.23
C LEU I 66 -28.56 25.80 25.61
N LEU I 67 -28.27 24.58 26.02
CA LEU I 67 -28.66 24.16 27.34
C LEU I 67 -27.92 24.97 28.37
N ALA I 68 -26.69 25.33 28.08
CA ALA I 68 -26.01 26.34 28.87
C ALA I 68 -26.82 27.62 28.85
N LYS I 69 -27.35 27.98 27.69
CA LYS I 69 -28.26 29.11 27.66
C LYS I 69 -29.54 28.77 28.39
N ALA I 70 -29.94 27.50 28.37
CA ALA I 70 -31.15 27.10 29.06
C ALA I 70 -30.99 27.26 30.56
N VAL I 71 -30.05 26.50 31.14
CA VAL I 71 -29.90 26.35 32.59
C VAL I 71 -29.86 27.68 33.29
N ALA I 72 -29.32 28.70 32.64
CA ALA I 72 -28.92 29.95 33.25
C ALA I 72 -29.95 30.55 34.20
N ASN I 73 -31.22 30.20 34.04
CA ASN I 73 -32.26 30.59 34.97
C ASN I 73 -32.77 29.41 35.79
N GLN I 74 -33.02 28.27 35.16
CA GLN I 74 -33.47 27.10 35.90
C GLN I 74 -32.41 26.60 36.85
N THR I 75 -31.15 26.89 36.54
CA THR I 75 -30.03 26.63 37.43
C THR I 75 -30.32 27.03 38.87
N SER I 76 -30.92 28.21 39.06
CA SER I 76 -31.29 28.71 40.38
C SER I 76 -30.10 28.77 41.33
N ALA I 77 -28.90 28.89 40.79
CA ALA I 77 -27.70 29.00 41.61
C ALA I 77 -26.59 29.58 40.75
N THR I 78 -25.39 29.65 41.33
CA THR I 78 -24.31 30.35 40.67
C THR I 78 -23.77 29.49 39.54
N PHE I 79 -22.82 30.05 38.79
CA PHE I 79 -22.51 29.54 37.47
C PHE I 79 -21.30 30.31 36.94
N LEU I 80 -20.61 29.72 35.97
CA LEU I 80 -19.56 30.42 35.26
C LEU I 80 -19.61 30.06 33.79
N ARG I 81 -19.10 30.97 32.96
CA ARG I 81 -18.92 30.75 31.52
C ARG I 81 -17.47 31.01 31.18
N ILE I 82 -16.67 29.96 31.15
CA ILE I 82 -15.27 30.02 30.81
C ILE I 82 -15.09 29.40 29.43
N VAL I 83 -13.92 29.59 28.86
CA VAL I 83 -13.63 29.05 27.53
C VAL I 83 -12.11 29.02 27.34
N GLY I 84 -11.67 28.07 26.51
CA GLY I 84 -10.28 27.65 26.55
C GLY I 84 -9.30 28.66 26.00
N SER I 85 -9.75 29.52 25.07
CA SER I 85 -8.82 30.44 24.44
C SER I 85 -8.14 31.36 25.44
N GLU I 86 -8.85 31.71 26.51
CA GLU I 86 -8.34 32.67 27.47
C GLU I 86 -7.16 32.15 28.26
N LEU I 87 -6.96 30.84 28.28
CA LEU I 87 -6.04 30.23 29.22
C LEU I 87 -4.59 30.55 28.94
N ILE I 88 -4.30 31.05 27.75
CA ILE I 88 -2.97 30.95 27.18
C ILE I 88 -2.35 32.33 27.20
N GLN I 89 -1.04 32.35 27.38
CA GLN I 89 -0.37 33.49 27.99
C GLN I 89 0.86 33.88 27.20
N LYS I 90 1.19 35.16 27.30
CA LYS I 90 2.44 35.69 26.78
C LYS I 90 3.64 35.24 27.62
N TYR I 91 3.40 34.65 28.78
CA TYR I 91 4.43 34.16 29.67
C TYR I 91 4.13 32.70 29.99
N LEU I 92 4.97 32.11 30.84
CA LEU I 92 5.09 30.66 30.89
C LEU I 92 4.21 30.03 31.96
N GLY I 93 4.47 30.33 33.22
CA GLY I 93 3.73 29.74 34.31
C GLY I 93 2.54 30.54 34.77
N ASP I 94 2.32 31.73 34.21
CA ASP I 94 1.20 32.56 34.63
C ASP I 94 -0.15 31.97 34.26
N GLY I 95 -0.19 30.99 33.37
CA GLY I 95 -1.43 30.38 32.97
C GLY I 95 -1.90 29.32 33.94
N PRO I 96 -1.13 28.25 34.09
CA PRO I 96 -1.59 27.12 34.90
C PRO I 96 -1.90 27.48 36.33
N ARG I 97 -1.23 28.48 36.88
CA ARG I 97 -1.56 28.96 38.22
C ARG I 97 -3.00 29.43 38.29
N LEU I 98 -3.54 29.89 37.16
CA LEU I 98 -4.90 30.41 37.13
C LEU I 98 -5.89 29.36 37.59
N CYS I 99 -5.75 28.14 37.06
CA CYS I 99 -6.68 27.07 37.39
C CYS I 99 -6.70 26.76 38.88
N ARG I 100 -5.55 26.95 39.55
CA ARG I 100 -5.50 26.67 40.98
C ARG I 100 -6.32 27.68 41.76
N GLN I 101 -6.32 28.94 41.31
CA GLN I 101 -7.01 29.99 42.05
C GLN I 101 -8.51 29.93 41.81
N ILE I 102 -8.90 29.85 40.54
CA ILE I 102 -10.29 29.96 40.13
C ILE I 102 -11.19 28.91 40.75
N PHE I 103 -10.64 27.83 41.28
CA PHE I 103 -11.47 26.91 42.05
C PHE I 103 -11.73 27.43 43.45
N LYS I 104 -10.86 28.29 43.96
CA LYS I 104 -11.07 28.82 45.30
C LYS I 104 -12.33 29.67 45.33
N VAL I 105 -12.46 30.58 44.37
CA VAL I 105 -13.71 31.32 44.21
C VAL I 105 -14.83 30.35 43.95
N ALA I 106 -14.52 29.27 43.26
CA ALA I 106 -15.50 28.23 43.09
C ALA I 106 -15.76 27.56 44.42
N GLY I 107 -14.72 27.46 45.24
CA GLY I 107 -14.94 27.10 46.62
C GLY I 107 -15.75 28.16 47.32
N GLU I 108 -15.43 29.43 47.04
CA GLU I 108 -16.20 30.50 47.62
C GLU I 108 -17.59 30.54 47.02
N ASN I 109 -17.71 30.14 45.76
CA ASN I 109 -18.99 30.07 45.09
C ASN I 109 -19.42 28.60 45.11
N ALA I 110 -19.83 28.20 46.31
CA ALA I 110 -20.09 26.77 46.55
C ALA I 110 -21.16 26.23 45.63
N PRO I 111 -22.39 26.73 45.64
CA PRO I 111 -23.40 26.26 44.67
C PRO I 111 -23.22 26.90 43.31
N SER I 112 -22.00 26.84 42.79
CA SER I 112 -21.63 27.48 41.54
C SER I 112 -20.84 26.49 40.73
N ILE I 113 -21.11 26.48 39.44
CA ILE I 113 -20.48 25.57 38.51
C ILE I 113 -20.10 26.37 37.29
N VAL I 114 -19.67 25.68 36.25
CA VAL I 114 -19.23 26.33 35.03
C VAL I 114 -19.71 25.54 33.83
N PHE I 115 -19.93 26.26 32.74
CA PHE I 115 -19.88 25.73 31.39
C PHE I 115 -18.56 26.10 30.74
N ILE I 116 -18.05 25.21 29.89
CA ILE I 116 -16.90 25.47 29.04
C ILE I 116 -17.23 25.02 27.63
N ASP I 117 -16.63 25.70 26.66
CA ASP I 117 -16.63 25.28 25.27
C ASP I 117 -15.19 25.35 24.77
N GLU I 118 -14.99 25.00 23.50
CA GLU I 118 -13.78 25.31 22.78
C GLU I 118 -12.58 24.53 23.31
N ILE I 119 -12.81 23.47 24.09
CA ILE I 119 -11.73 22.73 24.70
C ILE I 119 -10.91 21.94 23.70
N ASP I 120 -11.36 21.87 22.44
CA ASP I 120 -10.58 21.23 21.40
C ASP I 120 -9.22 21.87 21.21
N ALA I 121 -9.03 23.09 21.71
CA ALA I 121 -7.71 23.66 21.85
C ALA I 121 -6.80 22.78 22.70
N ILE I 122 -7.38 22.06 23.66
CA ILE I 122 -6.62 21.36 24.67
C ILE I 122 -6.63 19.85 24.44
N GLY I 123 -7.78 19.27 24.17
CA GLY I 123 -7.87 17.84 24.16
C GLY I 123 -7.23 17.27 22.91
N THR I 124 -6.02 16.76 23.08
CA THR I 124 -5.13 16.45 21.97
C THR I 124 -4.25 15.28 22.37
N LYS I 125 -4.40 14.15 21.68
CA LYS I 125 -3.64 12.94 21.98
C LYS I 125 -2.39 12.84 21.09
N ARG I 126 -1.60 13.92 21.07
CA ARG I 126 -0.36 13.94 20.31
C ARG I 126 0.56 14.96 20.95
N TYR I 127 1.54 14.49 21.70
CA TYR I 127 2.39 15.34 22.55
C TYR I 127 3.85 14.98 22.36
N ASP I 128 4.28 14.89 21.12
CA ASP I 128 5.71 14.92 20.85
C ASP I 128 6.33 16.19 21.42
N SER I 129 5.76 17.34 21.09
CA SER I 129 6.13 18.63 21.67
C SER I 129 7.62 18.92 21.45
N ASN I 130 7.94 19.10 20.17
CA ASN I 130 9.32 19.39 19.80
C ASN I 130 9.83 20.66 20.45
N SER I 131 8.95 21.63 20.68
CA SER I 131 9.36 22.94 21.15
C SER I 131 9.63 22.93 22.65
N GLY I 132 9.76 24.14 23.19
CA GLY I 132 9.62 24.38 24.60
C GLY I 132 8.28 25.01 24.90
N GLY I 133 7.58 25.49 23.86
CA GLY I 133 6.36 26.23 24.03
C GLY I 133 5.16 25.37 24.37
N GLU I 134 4.77 24.53 23.42
CA GLU I 134 3.62 23.67 23.63
C GLU I 134 3.86 22.65 24.74
N ARG I 135 5.10 22.47 25.20
CA ARG I 135 5.30 21.76 26.45
C ARG I 135 4.52 22.44 27.56
N GLU I 136 4.42 23.77 27.51
CA GLU I 136 3.55 24.47 28.45
C GLU I 136 2.10 24.14 28.20
N ILE I 137 1.71 24.04 26.95
CA ILE I 137 0.35 23.66 26.62
C ILE I 137 0.03 22.33 27.26
N GLN I 138 0.97 21.39 27.19
CA GLN I 138 0.83 20.18 27.98
C GLN I 138 0.79 20.51 29.46
N ARG I 139 1.60 21.48 29.88
CA ARG I 139 1.55 21.91 31.27
C ARG I 139 0.24 22.63 31.56
N THR I 140 -0.39 23.21 30.55
CA THR I 140 -1.70 23.81 30.76
C THR I 140 -2.75 22.74 30.98
N MET I 141 -2.48 21.53 30.49
CA MET I 141 -3.43 20.43 30.66
C MET I 141 -3.28 19.79 32.02
N LEU I 142 -2.04 19.50 32.40
CA LEU I 142 -1.76 18.62 33.54
C LEU I 142 -2.41 19.12 34.82
N GLU I 143 -2.08 20.36 35.20
CA GLU I 143 -2.56 20.90 36.46
C GLU I 143 -4.08 20.92 36.50
N LEU I 144 -4.69 21.11 35.34
CA LEU I 144 -6.14 21.16 35.26
C LEU I 144 -6.69 19.75 35.31
N LEU I 145 -6.10 18.87 34.53
CA LEU I 145 -6.37 17.45 34.68
C LEU I 145 -6.12 17.02 36.11
N ASN I 146 -5.16 17.65 36.77
CA ASN I 146 -4.93 17.43 38.19
C ASN I 146 -5.93 18.21 39.02
N GLN I 147 -6.19 19.46 38.66
CA GLN I 147 -7.00 20.30 39.53
C GLN I 147 -8.42 19.77 39.58
N LEU I 148 -8.86 19.22 38.47
CA LEU I 148 -10.15 18.57 38.38
C LEU I 148 -10.25 17.47 39.42
N ASP I 149 -9.44 16.44 39.23
CA ASP I 149 -9.58 15.22 40.02
C ASP I 149 -8.82 15.32 41.32
N GLY I 150 -7.74 16.11 41.33
CA GLY I 150 -7.08 16.42 42.58
C GLY I 150 -8.04 17.03 43.58
N PHE I 151 -9.03 17.78 43.09
CA PHE I 151 -10.16 18.12 43.91
C PHE I 151 -11.05 16.90 44.13
N ASP I 152 -11.26 16.55 45.39
CA ASP I 152 -12.30 15.64 45.81
C ASP I 152 -13.35 16.43 46.58
N ASP I 153 -14.34 15.73 47.11
CA ASP I 153 -15.42 16.34 47.86
C ASP I 153 -16.15 17.36 47.00
N ARG I 154 -16.52 16.92 45.80
CA ARG I 154 -17.39 17.71 44.93
C ARG I 154 -18.82 17.57 45.43
N GLY I 155 -19.04 18.16 46.60
CA GLY I 155 -20.39 18.23 47.11
C GLY I 155 -21.30 19.13 46.31
N ASP I 156 -20.73 20.02 45.51
CA ASP I 156 -21.49 21.10 44.86
C ASP I 156 -21.12 21.36 43.42
N VAL I 157 -19.97 20.93 42.93
CA VAL I 157 -19.46 21.40 41.66
C VAL I 157 -19.95 20.53 40.52
N LYS I 158 -19.84 21.07 39.31
CA LYS I 158 -20.16 20.34 38.09
C LYS I 158 -19.30 20.98 37.01
N VAL I 159 -18.15 20.38 36.75
CA VAL I 159 -17.18 20.92 35.81
C VAL I 159 -17.37 20.18 34.50
N ILE I 160 -17.88 20.89 33.51
CA ILE I 160 -18.44 20.29 32.31
C ILE I 160 -17.95 21.06 31.10
N MET I 161 -18.07 20.41 29.95
CA MET I 161 -17.50 20.98 28.73
C MET I 161 -18.23 20.39 27.53
N ALA I 162 -17.75 20.73 26.35
CA ALA I 162 -18.47 20.40 25.13
C ALA I 162 -17.64 20.78 23.93
N THR I 163 -17.96 20.19 22.80
CA THR I 163 -17.23 20.45 21.57
C THR I 163 -18.03 19.91 20.40
N ASN I 164 -17.39 19.85 19.23
CA ASN I 164 -18.00 19.44 17.99
C ASN I 164 -17.36 18.21 17.37
N LYS I 165 -16.23 17.75 17.88
CA LYS I 165 -15.61 16.53 17.39
C LYS I 165 -14.54 16.05 18.37
N ILE I 166 -14.62 14.77 18.74
CA ILE I 166 -13.78 14.19 19.78
C ILE I 166 -13.09 12.91 19.35
N GLU I 167 -13.69 12.21 18.39
CA GLU I 167 -13.34 10.81 18.16
C GLU I 167 -11.93 10.62 17.63
N THR I 168 -11.22 11.69 17.29
CA THR I 168 -9.86 11.61 16.79
C THR I 168 -8.91 12.56 17.52
N LEU I 169 -9.40 13.31 18.51
CA LEU I 169 -8.65 14.40 19.10
C LEU I 169 -8.31 14.18 20.56
N ASP I 170 -9.29 13.90 21.39
CA ASP I 170 -9.08 14.00 22.82
C ASP I 170 -8.25 12.82 23.32
N PRO I 171 -7.55 13.00 24.46
CA PRO I 171 -6.76 11.89 25.01
C PRO I 171 -7.57 10.72 25.46
N ALA I 172 -6.86 9.72 25.96
CA ALA I 172 -7.45 8.71 26.83
C ALA I 172 -7.31 9.14 28.30
N LEU I 173 -7.70 10.38 28.56
CA LEU I 173 -7.83 10.85 29.93
C LEU I 173 -9.07 10.30 30.60
N ILE I 174 -10.01 9.75 29.82
CA ILE I 174 -11.32 9.39 30.34
C ILE I 174 -11.17 8.32 31.40
N ARG I 175 -11.67 8.61 32.59
CA ARG I 175 -11.75 7.65 33.64
C ARG I 175 -12.88 8.14 34.54
N PRO I 176 -13.75 7.26 35.03
CA PRO I 176 -14.73 7.72 36.02
C PRO I 176 -14.09 8.33 37.24
N GLY I 177 -12.85 7.95 37.55
CA GLY I 177 -12.09 8.68 38.55
C GLY I 177 -11.90 10.13 38.19
N ARG I 178 -11.92 10.47 36.89
CA ARG I 178 -11.78 11.83 36.42
C ARG I 178 -13.05 12.34 35.75
N ILE I 179 -13.53 11.67 34.71
CA ILE I 179 -14.72 12.07 33.98
C ILE I 179 -15.59 10.84 33.78
N ASP I 180 -16.89 11.03 33.97
CA ASP I 180 -17.79 9.89 34.13
C ASP I 180 -18.39 9.49 32.81
N ARG I 181 -19.08 10.42 32.16
CA ARG I 181 -20.04 10.10 31.13
C ARG I 181 -19.88 11.08 30.00
N LYS I 182 -20.75 10.96 29.03
CA LYS I 182 -20.67 11.72 27.80
C LYS I 182 -21.94 11.53 27.00
N ILE I 183 -22.56 12.64 26.63
CA ILE I 183 -23.93 12.66 26.20
C ILE I 183 -23.99 13.40 24.88
N LEU I 184 -24.87 12.95 24.00
CA LEU I 184 -24.81 13.25 22.59
C LEU I 184 -25.97 14.11 22.15
N PHE I 185 -25.66 15.06 21.28
CA PHE I 185 -26.63 15.72 20.44
C PHE I 185 -26.33 15.37 19.00
N GLU I 186 -27.34 15.48 18.17
CA GLU I 186 -27.22 15.20 16.74
C GLU I 186 -28.54 15.62 16.09
N ASN I 187 -28.67 15.30 14.81
CA ASN I 187 -29.75 15.85 14.03
C ASN I 187 -31.09 15.29 14.51
N PRO I 188 -32.18 16.03 14.32
CA PRO I 188 -33.46 15.63 14.90
C PRO I 188 -34.28 14.70 14.01
N ASP I 189 -35.34 14.17 14.63
CA ASP I 189 -36.38 13.44 13.95
C ASP I 189 -37.40 14.43 13.38
N LEU I 190 -38.33 13.93 12.56
CA LEU I 190 -39.32 14.82 11.98
C LEU I 190 -40.21 15.41 13.04
N SER I 191 -40.87 14.56 13.83
CA SER I 191 -41.70 15.07 14.91
C SER I 191 -40.88 15.88 15.90
N THR I 192 -39.60 15.55 16.03
CA THR I 192 -38.70 16.44 16.76
C THR I 192 -38.62 17.79 16.06
N LYS I 193 -38.38 17.77 14.76
CA LYS I 193 -38.37 19.02 14.00
C LYS I 193 -39.72 19.72 14.08
N LYS I 194 -40.79 18.95 14.21
CA LYS I 194 -42.11 19.55 14.21
C LYS I 194 -42.35 20.47 15.39
N LYS I 195 -41.58 20.31 16.46
CA LYS I 195 -41.78 21.07 17.69
C LYS I 195 -41.12 22.43 17.64
N ILE I 196 -40.58 22.82 16.50
CA ILE I 196 -39.44 23.72 16.50
C ILE I 196 -39.80 25.15 16.15
N LEU I 197 -40.76 25.34 15.31
CA LEU I 197 -40.71 26.45 14.37
C LEU I 197 -41.96 27.32 14.31
N GLY I 198 -43.15 26.73 14.41
CA GLY I 198 -44.32 27.55 14.67
C GLY I 198 -44.15 28.29 15.98
N ILE I 199 -43.48 27.65 16.93
CA ILE I 199 -43.16 28.28 18.20
C ILE I 199 -42.24 29.46 17.99
N HIS I 200 -41.33 29.37 17.01
CA HIS I 200 -40.59 30.55 16.63
C HIS I 200 -41.55 31.60 16.10
N THR I 201 -42.26 31.26 15.04
CA THR I 201 -43.14 32.20 14.40
C THR I 201 -44.43 32.42 15.17
N SER I 202 -44.60 31.74 16.31
CA SER I 202 -45.61 32.12 17.27
C SER I 202 -45.47 33.58 17.66
N LYS I 203 -44.23 34.07 17.69
CA LYS I 203 -43.95 35.48 17.88
C LYS I 203 -43.89 36.23 16.56
N MET I 204 -44.67 35.79 15.58
CA MET I 204 -44.58 36.31 14.23
C MET I 204 -45.93 36.15 13.56
N ASN I 205 -46.13 36.91 12.49
CA ASN I 205 -47.43 37.15 11.87
C ASN I 205 -48.18 35.88 11.48
N LEU I 206 -47.66 35.17 10.49
CA LEU I 206 -48.47 34.23 9.71
C LEU I 206 -49.78 34.88 9.29
N SER I 207 -49.61 35.87 8.41
CA SER I 207 -50.68 36.51 7.67
C SER I 207 -51.69 35.47 7.19
N GLU I 208 -51.18 34.37 6.63
CA GLU I 208 -52.01 33.27 6.18
C GLU I 208 -51.45 31.97 6.72
N ASP I 209 -52.32 30.99 6.76
CA ASP I 209 -52.05 29.69 7.33
C ASP I 209 -51.68 28.72 6.22
N VAL I 210 -50.46 28.19 6.29
CA VAL I 210 -49.75 27.63 5.14
C VAL I 210 -49.23 26.22 5.41
N ASN I 211 -49.95 25.45 6.24
CA ASN I 211 -49.76 24.03 6.51
C ASN I 211 -48.31 23.55 6.47
N LEU I 212 -47.50 24.15 7.32
CA LEU I 212 -46.08 23.82 7.40
C LEU I 212 -45.80 22.34 7.60
N GLU I 213 -46.76 21.58 8.14
CA GLU I 213 -46.54 20.17 8.42
C GLU I 213 -46.13 19.39 7.17
N THR I 214 -46.60 19.82 6.00
CA THR I 214 -46.17 19.24 4.73
C THR I 214 -45.01 19.98 4.10
N LEU I 215 -44.50 21.02 4.73
CA LEU I 215 -43.38 21.76 4.20
C LEU I 215 -42.12 20.91 4.15
N VAL I 216 -41.73 20.37 5.30
CA VAL I 216 -40.46 19.69 5.45
C VAL I 216 -40.68 18.19 5.46
N THR I 217 -39.57 17.46 5.43
CA THR I 217 -39.63 16.02 5.42
C THR I 217 -38.34 15.47 6.00
N THR I 218 -38.43 14.25 6.51
CA THR I 218 -37.27 13.60 7.09
C THR I 218 -36.19 13.31 6.07
N LYS I 219 -36.53 13.28 4.78
CA LYS I 219 -35.53 12.89 3.79
C LYS I 219 -34.43 13.93 3.68
N ASP I 220 -34.79 15.20 3.85
CA ASP I 220 -33.82 16.28 3.74
C ASP I 220 -33.22 16.48 5.13
N ASP I 221 -31.99 16.00 5.30
CA ASP I 221 -31.35 16.03 6.61
C ASP I 221 -30.82 17.45 6.85
N LEU I 222 -31.78 18.34 7.13
CA LEU I 222 -31.46 19.71 7.44
C LEU I 222 -30.57 19.79 8.66
N SER I 223 -29.94 20.93 8.82
CA SER I 223 -29.46 21.30 10.13
C SER I 223 -30.66 21.49 11.04
N GLY I 224 -30.40 21.54 12.32
CA GLY I 224 -31.42 22.03 13.21
C GLY I 224 -31.63 23.52 13.14
N ALA I 225 -30.76 24.24 12.41
CA ALA I 225 -30.65 25.68 12.55
C ALA I 225 -30.59 26.42 11.22
N ASP I 226 -31.01 25.79 10.13
CA ASP I 226 -31.28 26.49 8.88
C ASP I 226 -32.70 27.00 8.82
N ILE I 227 -33.37 27.06 9.97
CA ILE I 227 -34.81 27.10 10.02
C ILE I 227 -35.29 28.38 10.68
N GLN I 228 -34.59 28.85 11.70
CA GLN I 228 -34.67 30.26 12.03
C GLN I 228 -34.20 31.09 10.85
N ALA I 229 -33.22 30.57 10.12
CA ALA I 229 -32.87 31.16 8.84
C ALA I 229 -34.05 31.09 7.88
N MET I 230 -34.70 29.94 7.83
CA MET I 230 -35.91 29.81 7.03
C MET I 230 -36.95 30.81 7.51
N CYS I 231 -37.16 30.89 8.82
CA CYS I 231 -38.23 31.71 9.35
C CYS I 231 -38.01 33.18 9.01
N THR I 232 -36.77 33.60 8.86
CA THR I 232 -36.46 35.00 8.59
C THR I 232 -36.12 35.24 7.13
N GLU I 233 -35.72 34.20 6.42
CA GLU I 233 -35.46 34.34 4.99
C GLU I 233 -36.71 34.81 4.26
N ALA I 234 -37.87 34.35 4.70
CA ALA I 234 -39.10 34.70 4.01
C ALA I 234 -39.47 36.15 4.30
N GLY I 235 -39.38 36.57 5.55
CA GLY I 235 -39.55 37.98 5.84
C GLY I 235 -38.48 38.80 5.17
N LEU I 236 -37.31 38.22 4.97
CA LEU I 236 -36.36 38.82 4.05
C LEU I 236 -36.99 38.91 2.67
N LEU I 237 -37.66 37.84 2.24
CA LEU I 237 -38.41 37.89 0.98
C LEU I 237 -39.56 38.88 1.04
N ALA I 238 -40.04 39.24 2.23
CA ALA I 238 -40.91 40.38 2.37
C ALA I 238 -40.12 41.64 2.60
N LEU I 239 -38.90 41.50 3.06
CA LEU I 239 -37.96 42.59 2.90
C LEU I 239 -37.64 42.76 1.42
N ARG I 240 -37.89 41.73 0.63
CA ARG I 240 -38.10 41.91 -0.80
C ARG I 240 -39.58 42.08 -1.09
N GLU I 241 -40.22 42.92 -0.28
CA GLU I 241 -41.55 43.41 -0.56
C GLU I 241 -41.73 44.75 0.12
N ARG I 242 -42.70 45.48 -0.38
CA ARG I 242 -43.34 46.48 0.46
C ARG I 242 -44.35 45.82 1.39
N ARG I 243 -44.96 44.73 0.93
CA ARG I 243 -45.85 43.94 1.76
C ARG I 243 -45.07 43.30 2.90
N MET I 244 -45.59 43.47 4.12
CA MET I 244 -45.07 42.76 5.29
C MET I 244 -45.86 41.48 5.51
N GLN I 245 -45.95 40.69 4.44
CA GLN I 245 -47.01 39.72 4.28
C GLN I 245 -46.45 38.32 4.14
N VAL I 246 -47.08 37.39 4.82
CA VAL I 246 -46.56 36.05 5.00
C VAL I 246 -47.08 35.14 3.90
N THR I 247 -46.19 34.29 3.36
CA THR I 247 -46.53 33.42 2.26
C THR I 247 -45.76 32.12 2.34
N ALA I 248 -46.43 31.02 1.98
CA ALA I 248 -45.77 29.72 1.93
C ALA I 248 -44.67 29.69 0.88
N GLU I 249 -44.95 30.26 -0.30
CA GLU I 249 -44.00 30.26 -1.39
C GLU I 249 -42.66 30.86 -0.99
N ASP I 250 -42.67 31.80 -0.07
CA ASP I 250 -41.40 32.35 0.39
C ASP I 250 -40.54 31.27 1.02
N PHE I 251 -41.14 30.45 1.87
CA PHE I 251 -40.42 29.29 2.40
C PHE I 251 -40.02 28.35 1.26
N LYS I 252 -40.89 28.21 0.27
CA LYS I 252 -40.57 27.39 -0.88
C LYS I 252 -39.35 27.94 -1.60
N GLN I 253 -39.28 29.26 -1.73
CA GLN I 253 -38.16 29.87 -2.42
C GLN I 253 -36.89 29.79 -1.59
N ALA I 254 -37.01 29.52 -0.31
CA ALA I 254 -35.85 29.55 0.57
C ALA I 254 -35.17 28.20 0.66
N LYS I 255 -35.92 27.13 0.86
CA LYS I 255 -35.27 25.85 1.05
C LYS I 255 -34.70 25.36 -0.27
N GLU I 256 -35.40 25.66 -1.37
CA GLU I 256 -34.81 25.55 -2.69
C GLU I 256 -33.51 26.33 -2.77
N ARG I 257 -33.46 27.50 -2.14
CA ARG I 257 -32.28 28.34 -2.24
C ARG I 257 -31.16 27.79 -1.38
N VAL I 258 -31.39 27.73 -0.07
CA VAL I 258 -30.31 27.43 0.88
C VAL I 258 -29.73 26.05 0.60
N MET I 259 -30.55 25.12 0.13
CA MET I 259 -30.05 23.80 -0.19
C MET I 259 -29.39 23.73 -1.56
N LYS I 260 -29.55 24.77 -2.38
CA LYS I 260 -28.70 24.90 -3.56
C LYS I 260 -27.24 24.99 -3.16
N ASN I 261 -26.98 25.53 -1.96
CA ASN I 261 -25.65 25.54 -1.39
C ASN I 261 -25.33 24.24 -0.66
N LYS I 262 -26.33 23.63 -0.03
CA LYS I 262 -26.12 22.40 0.69
C LYS I 262 -25.83 21.25 -0.28
N VAL I 263 -25.18 20.21 0.25
CA VAL I 263 -24.65 19.13 -0.57
C VAL I 263 -25.78 18.26 -1.10
N GLU I 264 -25.45 17.39 -2.05
CA GLU I 264 -26.38 16.42 -2.58
C GLU I 264 -25.59 15.32 -3.26
N GLU I 265 -26.03 14.07 -3.08
CA GLU I 265 -25.29 12.91 -3.53
C GLU I 265 -25.92 12.32 -4.78
N ASN I 266 -25.16 11.46 -5.44
CA ASN I 266 -25.63 10.77 -6.63
C ASN I 266 -26.38 9.50 -6.25
N LEU I 267 -27.59 9.33 -6.80
CA LEU I 267 -28.37 8.11 -6.62
C LEU I 267 -28.03 7.15 -7.76
N GLU I 268 -26.74 6.87 -7.90
CA GLU I 268 -26.21 6.14 -9.04
C GLU I 268 -26.76 4.73 -9.12
N GLY I 269 -26.45 3.90 -8.14
CA GLY I 269 -26.98 2.56 -8.10
C GLY I 269 -28.42 2.46 -7.65
N LEU I 270 -29.07 3.59 -7.38
CA LEU I 270 -30.40 3.59 -6.77
C LEU I 270 -30.37 2.82 -5.47
N TYR I 271 -29.26 2.93 -4.74
CA TYR I 271 -29.07 2.19 -3.50
C TYR I 271 -29.93 2.79 -2.39
N ALA J 1 -7.79 54.16 28.87
CA ALA J 1 -8.91 54.86 28.25
C ALA J 1 -8.96 54.54 26.77
N ASP J 2 -8.02 55.11 26.03
CA ASP J 2 -8.00 54.97 24.59
C ASP J 2 -7.56 53.55 24.21
N PRO J 3 -7.92 53.08 23.02
CA PRO J 3 -7.79 51.65 22.72
C PRO J 3 -6.38 51.27 22.33
N LEU J 4 -6.22 50.00 22.03
CA LEU J 4 -4.96 49.38 21.66
C LEU J 4 -4.50 49.89 20.29
N VAL J 5 -3.23 49.64 19.97
CA VAL J 5 -2.60 50.28 18.82
C VAL J 5 -2.99 49.57 17.52
N SER J 6 -2.88 48.24 17.46
CA SER J 6 -3.04 47.48 16.23
C SER J 6 -4.38 47.69 15.53
N LEU J 7 -5.32 48.38 16.16
CA LEU J 7 -6.62 48.68 15.58
C LEU J 7 -6.61 50.03 14.87
N MET J 8 -5.46 50.41 14.31
CA MET J 8 -5.44 51.50 13.34
C MET J 8 -6.27 51.16 12.11
N MET J 9 -6.57 49.88 11.90
CA MET J 9 -7.23 49.41 10.69
C MET J 9 -8.60 50.06 10.50
N VAL J 10 -9.19 50.59 11.56
CA VAL J 10 -10.37 51.43 11.43
C VAL J 10 -9.94 52.65 10.63
N GLU J 11 -10.44 52.82 9.41
CA GLU J 11 -9.96 53.95 8.65
C GLU J 11 -10.85 54.18 7.43
N LYS J 12 -10.72 55.38 6.87
CA LYS J 12 -11.50 55.92 5.76
C LYS J 12 -11.60 55.03 4.54
N VAL J 13 -12.53 55.36 3.65
CA VAL J 13 -12.79 54.56 2.46
C VAL J 13 -11.77 54.90 1.38
N PRO J 14 -11.58 54.04 0.40
CA PRO J 14 -10.92 54.42 -0.84
C PRO J 14 -11.92 55.02 -1.83
N ASP J 15 -11.42 55.31 -3.01
CA ASP J 15 -12.20 55.95 -4.06
C ASP J 15 -12.93 54.86 -4.83
N SER J 16 -14.22 54.73 -4.60
CA SER J 16 -15.03 53.75 -5.32
C SER J 16 -16.48 53.95 -4.92
N THR J 17 -17.38 53.43 -5.74
CA THR J 17 -18.81 53.58 -5.50
C THR J 17 -19.56 52.60 -6.39
N TYR J 18 -20.88 52.74 -6.46
CA TYR J 18 -21.72 51.73 -7.07
C TYR J 18 -21.96 51.95 -8.55
N ASP J 19 -21.28 52.90 -9.18
CA ASP J 19 -21.30 52.98 -10.63
C ASP J 19 -20.33 51.97 -11.22
N MET J 20 -19.17 51.82 -10.59
CA MET J 20 -18.06 51.05 -11.13
C MET J 20 -18.13 49.58 -10.76
N VAL J 21 -19.31 49.08 -10.43
CA VAL J 21 -19.48 47.73 -9.91
C VAL J 21 -20.56 47.02 -10.69
N GLY J 22 -20.69 47.37 -11.96
CA GLY J 22 -21.84 46.98 -12.74
C GLY J 22 -22.12 45.50 -12.86
N GLY J 23 -23.24 45.18 -13.48
CA GLY J 23 -23.54 43.81 -13.84
C GLY J 23 -24.33 43.08 -12.78
N LEU J 24 -23.69 42.83 -11.66
CA LEU J 24 -24.22 41.94 -10.63
C LEU J 24 -25.13 42.68 -9.67
N THR J 25 -26.12 43.35 -10.26
CA THR J 25 -26.96 44.28 -9.49
C THR J 25 -27.81 43.58 -8.47
N LYS J 26 -28.17 42.32 -8.69
CA LYS J 26 -28.97 41.59 -7.71
C LYS J 26 -28.14 41.16 -6.51
N GLN J 27 -26.85 40.91 -6.74
CA GLN J 27 -25.98 40.54 -5.64
C GLN J 27 -25.85 41.69 -4.64
N ILE J 28 -25.41 42.84 -5.13
CA ILE J 28 -25.26 44.03 -4.31
C ILE J 28 -26.56 44.38 -3.63
N LYS J 29 -27.67 44.11 -4.31
CA LYS J 29 -28.98 44.31 -3.71
C LYS J 29 -29.10 43.48 -2.45
N GLU J 30 -28.52 42.28 -2.45
CA GLU J 30 -28.60 41.43 -1.28
C GLU J 30 -27.73 41.98 -0.16
N ILE J 31 -26.53 42.44 -0.50
CA ILE J 31 -25.55 42.77 0.52
C ILE J 31 -25.94 43.99 1.32
N LYS J 32 -26.96 44.72 0.90
CA LYS J 32 -27.57 45.72 1.75
C LYS J 32 -28.89 45.24 2.33
N GLU J 33 -29.39 44.09 1.90
CA GLU J 33 -30.49 43.48 2.61
C GLU J 33 -30.09 43.16 4.03
N VAL J 34 -28.81 42.88 4.25
CA VAL J 34 -28.29 42.67 5.60
C VAL J 34 -27.97 43.99 6.29
N ILE J 35 -28.23 45.13 5.65
CA ILE J 35 -27.81 46.43 6.15
C ILE J 35 -28.99 47.37 6.36
N GLU J 36 -29.96 47.36 5.44
CA GLU J 36 -31.08 48.26 5.54
C GLU J 36 -32.08 47.83 6.59
N LEU J 37 -32.09 46.55 6.96
CA LEU J 37 -33.07 46.08 7.95
C LEU J 37 -32.90 46.82 9.27
N PRO J 38 -31.75 46.77 9.93
CA PRO J 38 -31.65 47.25 11.30
C PRO J 38 -31.63 48.76 11.42
N VAL J 39 -31.80 49.46 10.31
CA VAL J 39 -31.51 50.87 10.23
C VAL J 39 -32.72 51.57 9.65
N LYS J 40 -33.28 51.02 8.58
CA LYS J 40 -34.44 51.56 7.91
C LYS J 40 -35.60 50.68 8.33
N HIS J 41 -36.34 51.15 9.31
CA HIS J 41 -37.22 50.30 10.09
C HIS J 41 -36.39 49.19 10.71
N PRO J 42 -35.51 49.52 11.65
CA PRO J 42 -34.94 48.49 12.52
C PRO J 42 -36.04 47.68 13.16
N GLU J 43 -37.10 48.35 13.51
CA GLU J 43 -38.31 47.76 13.97
C GLU J 43 -39.08 47.16 12.89
N LEU J 44 -38.59 46.95 11.67
CA LEU J 44 -39.35 46.10 10.77
C LEU J 44 -39.35 44.73 11.40
N PHE J 45 -38.24 44.03 11.33
CA PHE J 45 -38.19 42.68 11.88
C PHE J 45 -38.14 42.70 13.38
N GLU J 46 -37.72 43.83 13.96
CA GLU J 46 -37.63 43.91 15.42
C GLU J 46 -39.00 44.15 16.02
N SER J 47 -39.78 45.07 15.44
CA SER J 47 -41.13 45.31 15.93
C SER J 47 -42.12 44.36 15.30
N LEU J 48 -41.77 43.76 14.16
CA LEU J 48 -42.43 42.52 13.79
C LEU J 48 -41.93 41.38 14.65
N GLY J 49 -40.72 41.51 15.16
CA GLY J 49 -40.22 40.63 16.19
C GLY J 49 -39.91 39.29 15.60
N ILE J 50 -38.93 39.30 14.70
CA ILE J 50 -38.76 38.22 13.75
C ILE J 50 -37.45 37.50 13.98
N ALA J 51 -36.34 38.18 13.72
CA ALA J 51 -34.99 37.80 14.09
C ALA J 51 -34.08 38.87 13.50
N GLN J 52 -32.79 38.77 13.81
CA GLN J 52 -31.80 39.74 13.37
C GLN J 52 -30.71 39.06 12.57
N PRO J 53 -30.67 39.21 11.25
CA PRO J 53 -29.58 38.61 10.48
C PRO J 53 -28.25 39.27 10.77
N LYS J 54 -27.22 38.64 10.25
CA LYS J 54 -25.85 38.96 10.62
C LYS J 54 -24.96 38.60 9.44
N GLY J 55 -23.67 38.43 9.70
CA GLY J 55 -22.68 38.51 8.65
C GLY J 55 -22.79 37.41 7.62
N VAL J 56 -21.95 37.53 6.59
CA VAL J 56 -22.10 36.77 5.37
C VAL J 56 -20.74 36.52 4.73
N ILE J 57 -20.72 35.58 3.79
CA ILE J 57 -19.59 35.24 2.96
C ILE J 57 -19.96 35.54 1.52
N LEU J 58 -18.96 35.83 0.71
CA LEU J 58 -19.13 35.93 -0.72
C LEU J 58 -17.87 35.41 -1.37
N TYR J 59 -18.04 34.48 -2.30
CA TYR J 59 -16.94 33.76 -2.90
C TYR J 59 -17.03 33.84 -4.41
N GLY J 60 -16.11 33.12 -5.05
CA GLY J 60 -16.11 32.97 -6.48
C GLY J 60 -14.72 32.76 -7.01
N PRO J 61 -14.60 32.69 -8.33
CA PRO J 61 -13.31 32.58 -8.94
C PRO J 61 -12.48 33.81 -8.66
N PRO J 62 -11.18 33.73 -8.91
CA PRO J 62 -10.31 34.89 -8.66
C PRO J 62 -10.60 35.99 -9.65
N GLY J 63 -10.74 37.20 -9.14
CA GLY J 63 -10.95 38.31 -10.03
C GLY J 63 -12.30 38.22 -10.68
N THR J 64 -13.34 38.42 -9.89
CA THR J 64 -14.71 38.41 -10.37
C THR J 64 -15.49 39.63 -9.93
N GLY J 65 -14.98 40.41 -8.98
CA GLY J 65 -15.63 41.62 -8.54
C GLY J 65 -15.97 41.62 -7.08
N LYS J 66 -15.17 40.90 -6.30
CA LYS J 66 -15.40 40.81 -4.87
C LYS J 66 -14.96 42.08 -4.16
N THR J 67 -13.67 42.41 -4.28
CA THR J 67 -13.04 43.34 -3.36
C THR J 67 -13.59 44.75 -3.54
N LEU J 68 -13.77 45.18 -4.78
CA LEU J 68 -14.21 46.54 -5.03
C LEU J 68 -15.58 46.78 -4.42
N LEU J 69 -16.43 45.77 -4.41
CA LEU J 69 -17.67 45.88 -3.68
C LEU J 69 -17.37 46.06 -2.21
N ALA J 70 -16.45 45.26 -1.70
CA ALA J 70 -16.13 45.28 -0.29
C ALA J 70 -15.58 46.62 0.14
N ARG J 71 -14.98 47.39 -0.77
CA ARG J 71 -14.52 48.72 -0.44
C ARG J 71 -15.56 49.75 -0.82
N ALA J 72 -16.20 49.58 -1.99
CA ALA J 72 -17.15 50.58 -2.45
C ALA J 72 -18.38 50.58 -1.58
N VAL J 73 -18.72 49.42 -1.01
CA VAL J 73 -19.81 49.34 -0.07
C VAL J 73 -19.56 50.26 1.11
N ALA J 74 -18.30 50.44 1.49
CA ALA J 74 -17.99 51.33 2.59
C ALA J 74 -18.31 52.76 2.23
N HIS J 75 -18.22 53.09 0.95
CA HIS J 75 -18.50 54.45 0.50
C HIS J 75 -19.91 54.86 0.89
N HIS J 76 -20.84 53.92 0.90
CA HIS J 76 -22.26 54.18 1.10
C HIS J 76 -22.69 53.63 2.45
N THR J 77 -21.81 53.72 3.45
CA THR J 77 -21.93 52.96 4.68
C THR J 77 -22.96 53.54 5.65
N ASP J 78 -22.83 54.82 6.00
CA ASP J 78 -23.52 55.43 7.15
C ASP J 78 -23.15 54.77 8.46
N CYS J 79 -22.03 54.06 8.50
CA CYS J 79 -21.61 53.28 9.66
C CYS J 79 -20.08 53.29 9.67
N LYS J 80 -19.45 52.36 10.40
CA LYS J 80 -18.00 52.29 10.47
C LYS J 80 -17.49 50.96 9.93
N PHE J 81 -16.24 50.98 9.47
CA PHE J 81 -15.62 49.95 8.64
C PHE J 81 -14.19 49.74 9.11
N ILE J 82 -13.71 48.51 8.97
CA ILE J 82 -12.34 48.17 9.32
C ILE J 82 -11.71 47.29 8.26
N ARG J 83 -10.49 46.82 8.51
CA ARG J 83 -9.68 46.15 7.51
C ARG J 83 -8.87 45.04 8.17
N VAL J 84 -8.60 43.98 7.40
CA VAL J 84 -7.52 43.03 7.69
C VAL J 84 -6.93 42.55 6.37
N SER J 85 -5.71 42.00 6.46
CA SER J 85 -5.01 41.45 5.30
C SER J 85 -4.21 40.19 5.66
N GLY J 86 -4.71 39.40 6.61
CA GLY J 86 -4.01 38.20 7.04
C GLY J 86 -3.02 38.40 8.17
N ALA J 87 -2.99 39.58 8.78
CA ALA J 87 -2.09 39.87 9.88
C ALA J 87 -2.47 39.21 11.18
N GLU J 88 -3.62 38.53 11.23
CA GLU J 88 -4.05 37.91 12.47
C GLU J 88 -3.16 36.76 12.88
N LEU J 89 -2.29 36.27 11.98
CA LEU J 89 -1.33 35.24 12.33
C LEU J 89 -0.01 35.84 12.78
N VAL J 90 -0.08 36.80 13.71
CA VAL J 90 1.11 37.29 14.42
C VAL J 90 1.26 36.35 15.60
N GLN J 91 1.88 35.21 15.34
CA GLN J 91 1.71 34.04 16.19
C GLN J 91 2.81 33.88 17.21
N LYS J 92 3.88 34.64 17.12
CA LYS J 92 4.85 34.62 18.20
C LYS J 92 4.18 35.17 19.45
N TYR J 93 4.46 34.54 20.59
CA TYR J 93 3.62 34.67 21.77
C TYR J 93 2.19 34.27 21.45
N ILE J 94 2.03 32.96 21.24
CA ILE J 94 0.85 32.30 20.69
C ILE J 94 -0.47 32.89 21.16
N GLY J 95 -0.59 33.18 22.45
CA GLY J 95 -1.85 33.69 22.94
C GLY J 95 -2.20 35.07 22.41
N GLU J 96 -1.21 35.79 21.90
CA GLU J 96 -1.43 37.15 21.43
C GLU J 96 -2.44 37.16 20.30
N GLY J 97 -2.44 36.10 19.48
CA GLY J 97 -3.46 35.98 18.47
C GLY J 97 -4.85 36.01 19.06
N SER J 98 -5.05 35.25 20.13
CA SER J 98 -6.32 35.29 20.82
C SER J 98 -6.54 36.64 21.48
N ARG J 99 -5.47 37.23 22.01
CA ARG J 99 -5.60 38.59 22.51
C ARG J 99 -5.98 39.52 21.38
N MET J 100 -5.43 39.27 20.21
CA MET J 100 -5.59 40.20 19.11
C MET J 100 -7.04 40.29 18.69
N VAL J 101 -7.76 39.18 18.80
CA VAL J 101 -9.11 39.13 18.24
C VAL J 101 -10.13 39.56 19.27
N ARG J 102 -9.92 39.20 20.53
CA ARG J 102 -10.89 39.59 21.55
C ARG J 102 -10.92 41.09 21.69
N GLU J 103 -9.78 41.73 21.49
CA GLU J 103 -9.75 43.18 21.46
C GLU J 103 -10.46 43.70 20.23
N LEU J 104 -10.50 42.91 19.17
CA LEU J 104 -10.99 43.39 17.89
C LEU J 104 -12.47 43.73 17.94
N PHE J 105 -13.22 43.09 18.82
CA PHE J 105 -14.66 43.31 18.87
C PHE J 105 -15.04 44.34 19.92
N VAL J 106 -14.47 44.19 21.12
CA VAL J 106 -14.80 45.04 22.24
C VAL J 106 -14.58 46.49 21.88
N MET J 107 -13.56 46.76 21.08
CA MET J 107 -13.41 48.08 20.50
C MET J 107 -14.63 48.43 19.67
N ALA J 108 -15.02 47.54 18.77
CA ALA J 108 -16.18 47.79 17.95
C ALA J 108 -17.43 47.83 18.82
N ARG J 109 -17.46 47.03 19.88
CA ARG J 109 -18.52 47.15 20.87
C ARG J 109 -18.53 48.54 21.44
N GLU J 110 -17.35 49.12 21.67
CA GLU J 110 -17.29 50.50 22.11
C GLU J 110 -17.78 51.42 21.02
N HIS J 111 -17.50 51.08 19.77
CA HIS J 111 -17.78 51.94 18.63
C HIS J 111 -18.94 51.43 17.81
N ALA J 112 -19.68 50.45 18.30
CA ALA J 112 -20.78 49.92 17.52
C ALA J 112 -21.82 51.01 17.30
N PRO J 113 -22.60 50.93 16.22
CA PRO J 113 -22.66 49.96 15.14
C PRO J 113 -21.46 50.06 14.23
N SER J 114 -20.94 48.93 13.74
CA SER J 114 -19.77 48.98 12.84
C SER J 114 -19.69 47.68 12.07
N ILE J 115 -20.05 47.72 10.79
CA ILE J 115 -19.80 46.55 9.96
C ILE J 115 -18.30 46.41 9.79
N ILE J 116 -17.84 45.18 9.66
CA ILE J 116 -16.43 44.89 9.54
C ILE J 116 -16.22 43.85 8.45
N PHE J 117 -14.98 43.44 8.28
CA PHE J 117 -14.53 42.84 7.03
C PHE J 117 -13.42 41.84 7.28
N MET J 118 -13.33 40.88 6.38
CA MET J 118 -12.22 39.96 6.31
C MET J 118 -11.93 39.71 4.85
N ASP J 119 -10.82 39.04 4.58
CA ASP J 119 -10.48 38.75 3.20
C ASP J 119 -9.47 37.62 3.18
N GLU J 120 -9.81 36.54 2.49
CA GLU J 120 -8.94 35.39 2.32
C GLU J 120 -8.59 34.79 3.67
N ILE J 121 -9.63 34.36 4.37
CA ILE J 121 -9.48 33.49 5.52
C ILE J 121 -9.44 32.04 5.06
N ASP J 122 -9.30 31.82 3.74
CA ASP J 122 -8.84 30.54 3.23
C ASP J 122 -7.55 30.12 3.90
N SER J 123 -6.73 31.08 4.32
CA SER J 123 -5.57 30.78 5.15
C SER J 123 -5.98 30.05 6.41
N ILE J 124 -6.86 30.69 7.20
CA ILE J 124 -7.26 30.12 8.47
C ILE J 124 -8.09 28.87 8.32
N GLY J 125 -8.65 28.62 7.15
CA GLY J 125 -9.76 27.70 7.07
C GLY J 125 -9.46 26.23 6.90
N SER J 126 -9.44 25.52 8.02
CA SER J 126 -9.74 24.10 8.13
C SER J 126 -9.54 23.71 9.60
N THR J 127 -9.91 22.45 9.90
CA THR J 127 -9.66 21.89 11.23
C THR J 127 -9.16 20.47 11.22
N ARG J 128 -9.16 19.77 10.09
CA ARG J 128 -8.74 18.38 10.05
C ARG J 128 -7.25 18.31 10.33
N VAL J 129 -6.89 17.65 11.44
CA VAL J 129 -5.52 17.67 11.95
C VAL J 129 -5.27 16.37 12.70
N GLU J 130 -4.09 15.79 12.49
CA GLU J 130 -3.69 14.53 13.10
C GLU J 130 -2.46 14.66 13.98
N GLY J 131 -1.35 15.20 13.46
CA GLY J 131 -0.09 15.24 14.17
C GLY J 131 0.50 16.63 14.31
N SER J 132 0.15 17.52 13.38
CA SER J 132 0.59 18.91 13.45
C SER J 132 -0.41 19.78 12.69
N GLY J 133 -0.33 21.09 12.96
CA GLY J 133 -1.24 22.04 12.36
C GLY J 133 -1.69 23.18 13.26
N GLY J 134 -1.67 22.96 14.57
CA GLY J 134 -2.14 23.96 15.50
C GLY J 134 -1.32 25.23 15.52
N GLY J 135 -1.51 26.02 16.57
CA GLY J 135 -0.86 27.30 16.67
C GLY J 135 -1.56 28.42 15.94
N ASP J 136 -2.55 28.11 15.12
CA ASP J 136 -3.49 29.08 14.58
C ASP J 136 -4.91 28.62 14.83
N SER J 137 -5.13 27.31 14.78
CA SER J 137 -6.44 26.72 14.96
C SER J 137 -7.08 27.12 16.29
N GLU J 138 -6.28 27.53 17.26
CA GLU J 138 -6.85 28.18 18.44
C GLU J 138 -7.66 29.38 18.01
N VAL J 139 -7.08 30.19 17.13
CA VAL J 139 -7.61 31.51 16.85
C VAL J 139 -8.86 31.42 16.01
N GLN J 140 -9.04 30.33 15.29
CA GLN J 140 -10.33 30.04 14.73
C GLN J 140 -11.26 29.48 15.80
N ARG J 141 -10.71 28.70 16.72
CA ARG J 141 -11.53 28.10 17.75
C ARG J 141 -12.12 29.16 18.65
N THR J 142 -11.44 30.30 18.80
CA THR J 142 -11.89 31.32 19.73
C THR J 142 -12.90 32.27 19.11
N MET J 143 -12.67 32.67 17.87
CA MET J 143 -13.57 33.63 17.24
C MET J 143 -14.93 33.00 17.01
N LEU J 144 -14.93 31.73 16.68
CA LEU J 144 -16.14 30.95 16.58
C LEU J 144 -16.94 31.03 17.87
N GLU J 145 -16.26 30.91 19.01
CA GLU J 145 -16.91 31.08 20.30
C GLU J 145 -17.00 32.53 20.70
N LEU J 146 -16.15 33.39 20.16
CA LEU J 146 -16.24 34.81 20.50
C LEU J 146 -17.57 35.41 20.09
N LEU J 147 -18.28 34.74 19.19
CA LEU J 147 -19.60 35.14 18.77
C LEU J 147 -20.73 34.43 19.49
N ASN J 148 -20.42 33.56 20.47
CA ASN J 148 -21.42 32.63 20.98
C ASN J 148 -21.18 32.29 22.45
N GLN J 149 -22.25 32.32 23.24
CA GLN J 149 -22.42 31.68 24.55
C GLN J 149 -21.74 32.43 25.68
N LEU J 150 -20.92 33.44 25.40
CA LEU J 150 -20.37 34.33 26.41
C LEU J 150 -20.76 35.77 26.10
N ASP J 151 -20.58 36.18 24.85
CA ASP J 151 -21.14 37.41 24.32
C ASP J 151 -22.32 37.13 23.39
N GLY J 152 -22.64 35.86 23.13
CA GLY J 152 -23.61 35.51 22.12
C GLY J 152 -24.97 36.14 22.30
N PHE J 153 -25.33 36.50 23.53
CA PHE J 153 -26.56 37.26 23.74
C PHE J 153 -26.47 38.62 23.06
N GLU J 154 -25.26 39.14 22.87
CA GLU J 154 -25.06 40.42 22.20
C GLU J 154 -23.84 40.39 21.28
N THR J 155 -23.24 39.22 21.07
CA THR J 155 -21.98 39.14 20.33
C THR J 155 -22.16 39.64 18.90
N SER J 156 -23.01 38.97 18.13
CA SER J 156 -23.33 39.41 16.79
C SER J 156 -24.49 40.41 16.77
N LYS J 157 -24.70 41.14 17.86
CA LYS J 157 -25.79 42.09 17.98
C LYS J 157 -25.80 43.12 16.87
N ASN J 158 -24.80 43.99 16.86
CA ASN J 158 -24.82 45.17 16.01
C ASN J 158 -23.44 45.41 15.42
N ILE J 159 -22.83 44.34 14.89
CA ILE J 159 -21.44 44.37 14.46
C ILE J 159 -21.28 43.90 13.02
N LYS J 160 -22.15 43.00 12.57
CA LYS J 160 -22.52 42.86 11.16
C LYS J 160 -21.31 42.65 10.25
N ILE J 161 -20.66 41.50 10.41
CA ILE J 161 -19.43 41.20 9.69
C ILE J 161 -19.72 40.88 8.23
N ILE J 162 -18.67 40.78 7.42
CA ILE J 162 -18.71 40.08 6.15
C ILE J 162 -17.38 39.34 6.00
N MET J 163 -17.21 38.69 4.86
CA MET J 163 -16.08 37.80 4.66
C MET J 163 -15.98 37.48 3.19
N ALA J 164 -14.76 37.45 2.68
CA ALA J 164 -14.54 37.26 1.25
C ALA J 164 -13.39 36.30 1.04
N THR J 165 -13.65 35.24 0.28
CA THR J 165 -12.71 34.14 0.15
C THR J 165 -12.83 33.53 -1.24
N ASN J 166 -12.05 32.50 -1.43
CA ASN J 166 -12.20 31.53 -2.49
C ASN J 166 -12.25 30.17 -1.83
N ARG J 167 -12.70 29.17 -2.57
CA ARG J 167 -12.58 27.77 -2.16
C ARG J 167 -13.32 27.53 -0.84
N LEU J 168 -14.64 27.66 -0.91
CA LEU J 168 -15.43 27.45 0.29
C LEU J 168 -15.46 26.00 0.74
N ASP J 169 -14.99 25.06 -0.07
CA ASP J 169 -15.24 23.65 0.18
C ASP J 169 -14.06 22.94 0.81
N ILE J 170 -13.18 23.67 1.50
CA ILE J 170 -11.99 23.06 2.08
C ILE J 170 -11.87 23.36 3.56
N LEU J 171 -12.45 24.48 4.00
CA LEU J 171 -12.35 24.89 5.38
C LEU J 171 -13.43 24.17 6.20
N ASP J 172 -13.62 24.62 7.44
CA ASP J 172 -14.55 23.91 8.31
C ASP J 172 -15.97 24.08 7.79
N PRO J 173 -16.84 23.09 8.03
CA PRO J 173 -18.27 23.33 7.89
C PRO J 173 -18.85 24.06 9.08
N ALA J 174 -18.08 24.19 10.16
CA ALA J 174 -18.57 24.85 11.36
C ALA J 174 -18.92 26.30 11.10
N LEU J 175 -18.24 26.91 10.14
CA LEU J 175 -18.23 28.36 10.03
C LEU J 175 -19.30 28.86 9.10
N LEU J 176 -19.55 28.13 8.02
CA LEU J 176 -20.49 28.60 7.01
C LEU J 176 -21.94 28.54 7.48
N ARG J 177 -22.22 27.85 8.56
CA ARG J 177 -23.58 27.52 8.92
C ARG J 177 -24.39 28.75 9.27
N PRO J 178 -25.71 28.61 9.41
CA PRO J 178 -26.53 29.72 9.88
C PRO J 178 -26.03 30.37 11.15
N GLY J 179 -25.45 29.58 12.05
CA GLY J 179 -24.68 30.18 13.10
C GLY J 179 -23.50 30.88 12.48
N ARG J 180 -23.38 32.17 12.74
CA ARG J 180 -22.30 33.07 12.34
C ARG J 180 -22.37 33.48 10.88
N ILE J 181 -23.25 32.90 10.06
CA ILE J 181 -23.35 33.24 8.64
C ILE J 181 -24.81 33.12 8.25
N ASP J 182 -25.18 33.77 7.15
CA ASP J 182 -26.52 33.72 6.62
C ASP J 182 -26.59 33.17 5.20
N ARG J 183 -25.76 33.69 4.30
CA ARG J 183 -25.99 33.52 2.87
C ARG J 183 -24.68 33.22 2.16
N LYS J 184 -24.46 31.96 1.83
CA LYS J 184 -23.28 31.57 1.04
C LYS J 184 -23.51 31.96 -0.41
N ILE J 185 -23.49 33.28 -0.64
CA ILE J 185 -23.80 33.80 -1.96
C ILE J 185 -22.57 33.71 -2.84
N GLU J 186 -22.75 33.96 -4.13
CA GLU J 186 -21.83 33.45 -5.13
C GLU J 186 -21.67 34.42 -6.28
N PHE J 187 -20.42 34.60 -6.70
CA PHE J 187 -20.07 35.42 -7.84
C PHE J 187 -19.61 34.55 -9.01
N PRO J 188 -20.47 34.25 -9.98
CA PRO J 188 -20.01 33.53 -11.14
C PRO J 188 -19.30 34.47 -12.09
N PRO J 189 -18.83 33.99 -13.23
CA PRO J 189 -18.41 34.90 -14.27
C PRO J 189 -19.59 35.64 -14.85
N PRO J 190 -19.36 36.64 -15.69
CA PRO J 190 -20.47 37.47 -16.15
C PRO J 190 -21.18 36.82 -17.33
N SER J 191 -22.22 37.50 -17.79
CA SER J 191 -22.88 37.19 -19.04
C SER J 191 -22.41 38.14 -20.12
N VAL J 192 -22.77 37.79 -21.35
CA VAL J 192 -22.39 38.58 -22.51
C VAL J 192 -22.85 40.02 -22.35
N ALA J 193 -24.05 40.21 -21.82
CA ALA J 193 -24.56 41.55 -21.61
C ALA J 193 -23.84 42.23 -20.47
N ALA J 194 -23.42 41.45 -19.47
CA ALA J 194 -22.71 42.03 -18.35
C ALA J 194 -21.38 42.60 -18.80
N ARG J 195 -20.66 41.83 -19.62
CA ARG J 195 -19.30 42.19 -19.97
C ARG J 195 -19.24 43.47 -20.78
N ALA J 196 -20.32 43.80 -21.47
CA ALA J 196 -20.33 45.05 -22.23
C ALA J 196 -20.25 46.24 -21.29
N GLU J 197 -21.09 46.24 -20.26
CA GLU J 197 -21.06 47.27 -19.24
C GLU J 197 -19.67 47.39 -18.66
N ILE J 198 -19.10 46.27 -18.24
CA ILE J 198 -17.85 46.28 -17.53
C ILE J 198 -16.70 46.65 -18.44
N LEU J 199 -16.89 46.51 -19.74
CA LEU J 199 -15.91 47.00 -20.69
C LEU J 199 -16.14 48.46 -20.97
N ARG J 200 -17.37 48.94 -20.78
CA ARG J 200 -17.67 50.32 -21.11
C ARG J 200 -17.23 51.30 -20.04
N ILE J 201 -16.78 50.81 -18.89
CA ILE J 201 -16.74 51.61 -17.69
C ILE J 201 -15.31 51.89 -17.26
N HIS J 202 -14.41 50.94 -17.42
CA HIS J 202 -13.00 51.25 -17.46
C HIS J 202 -12.61 51.93 -18.76
N SER J 203 -13.51 52.00 -19.72
CA SER J 203 -13.31 52.68 -20.99
C SER J 203 -13.58 54.17 -20.91
N ARG J 204 -13.89 54.70 -19.74
CA ARG J 204 -14.36 56.08 -19.64
C ARG J 204 -13.33 57.08 -20.11
N LYS J 205 -12.23 57.16 -19.42
CA LYS J 205 -11.37 58.32 -19.48
C LYS J 205 -10.40 58.28 -20.64
N MET J 206 -10.56 57.36 -21.58
CA MET J 206 -9.55 57.20 -22.61
C MET J 206 -9.38 58.40 -23.52
N ASN J 207 -10.35 58.71 -24.37
CA ASN J 207 -10.06 59.60 -25.50
C ASN J 207 -11.38 59.99 -26.16
N LEU J 208 -11.32 61.01 -27.04
CA LEU J 208 -12.47 61.42 -27.84
C LEU J 208 -12.59 60.47 -29.04
N THR J 209 -12.90 59.21 -28.72
CA THR J 209 -12.87 58.09 -29.65
C THR J 209 -14.09 58.12 -30.57
N ARG J 210 -14.15 57.17 -31.50
CA ARG J 210 -15.26 57.09 -32.43
C ARG J 210 -15.14 55.79 -33.22
N GLY J 211 -16.25 55.38 -33.83
CA GLY J 211 -16.26 54.30 -34.78
C GLY J 211 -16.12 52.97 -34.08
N ILE J 212 -16.94 52.77 -33.06
CA ILE J 212 -16.80 51.67 -32.13
C ILE J 212 -18.15 51.01 -31.91
N ASN J 213 -18.14 49.70 -31.78
CA ASN J 213 -19.25 48.98 -31.16
C ASN J 213 -18.61 47.99 -30.20
N LEU J 214 -18.47 48.42 -28.96
CA LEU J 214 -17.60 47.81 -27.97
C LEU J 214 -18.17 46.57 -27.34
N ARG J 215 -19.22 45.97 -27.89
CA ARG J 215 -19.81 44.76 -27.33
C ARG J 215 -19.45 43.52 -28.11
N LYS J 216 -19.25 43.66 -29.41
CA LYS J 216 -18.94 42.51 -30.24
C LYS J 216 -17.65 41.84 -29.79
N VAL J 217 -16.75 42.61 -29.19
CA VAL J 217 -15.61 42.06 -28.48
C VAL J 217 -16.06 41.03 -27.47
N ALA J 218 -17.16 41.30 -26.77
CA ALA J 218 -17.67 40.33 -25.83
C ALA J 218 -18.12 39.09 -26.56
N GLU J 219 -18.61 39.25 -27.77
CA GLU J 219 -18.98 38.10 -28.56
C GLU J 219 -17.74 37.41 -29.12
N LYS J 220 -16.61 38.11 -29.17
CA LYS J 220 -15.34 37.46 -29.47
C LYS J 220 -14.82 36.64 -28.32
N MET J 221 -15.39 36.79 -27.12
CA MET J 221 -14.74 36.42 -25.89
C MET J 221 -15.72 35.77 -24.93
N ASN J 222 -15.48 34.51 -24.61
CA ASN J 222 -16.44 33.74 -23.83
C ASN J 222 -16.35 34.15 -22.37
N GLY J 223 -16.97 33.37 -21.49
CA GLY J 223 -16.90 33.70 -20.07
C GLY J 223 -15.50 33.56 -19.54
N CYS J 224 -14.83 34.69 -19.33
CA CYS J 224 -13.48 34.71 -18.80
C CYS J 224 -13.43 35.38 -17.43
N SER J 225 -13.81 36.64 -17.36
CA SER J 225 -14.11 37.31 -16.10
C SER J 225 -14.64 38.70 -16.45
N GLY J 226 -15.28 39.32 -15.48
CA GLY J 226 -15.58 40.74 -15.53
C GLY J 226 -14.51 41.53 -14.80
N ALA J 227 -13.32 41.00 -14.78
CA ALA J 227 -12.17 41.53 -14.09
C ALA J 227 -10.97 41.66 -14.99
N ASP J 228 -10.82 40.74 -15.93
CA ASP J 228 -9.69 40.76 -16.85
C ASP J 228 -9.93 41.70 -18.01
N VAL J 229 -11.19 42.05 -18.27
CA VAL J 229 -11.53 42.80 -19.46
C VAL J 229 -10.94 44.18 -19.43
N LYS J 230 -10.66 44.70 -18.24
CA LYS J 230 -9.85 45.91 -18.19
C LYS J 230 -8.50 45.66 -18.82
N GLY J 231 -8.01 44.43 -18.71
CA GLY J 231 -6.79 44.02 -19.33
C GLY J 231 -6.84 44.31 -20.81
N VAL J 232 -7.78 43.68 -21.51
CA VAL J 232 -7.89 43.93 -22.93
C VAL J 232 -8.27 45.38 -23.19
N CYS J 233 -8.92 46.03 -22.24
CA CYS J 233 -9.14 47.46 -22.36
C CYS J 233 -7.84 48.24 -22.20
N THR J 234 -6.84 47.65 -21.56
CA THR J 234 -5.62 48.40 -21.27
C THR J 234 -4.70 48.43 -22.48
N GLU J 235 -4.20 47.27 -22.90
CA GLU J 235 -3.15 47.28 -23.90
C GLU J 235 -3.64 47.70 -25.27
N ALA J 236 -4.95 47.75 -25.48
CA ALA J 236 -5.48 48.37 -26.69
C ALA J 236 -4.93 49.77 -26.82
N GLY J 237 -4.96 50.52 -25.73
CA GLY J 237 -4.30 51.81 -25.72
C GLY J 237 -2.81 51.69 -25.91
N MET J 238 -2.19 50.71 -25.27
CA MET J 238 -0.75 50.58 -25.33
C MET J 238 -0.30 50.26 -26.74
N TYR J 239 -1.05 49.38 -27.41
CA TYR J 239 -0.70 48.98 -28.76
C TYR J 239 -0.73 50.18 -29.70
N ALA J 240 -1.65 51.11 -29.48
CA ALA J 240 -1.65 52.34 -30.25
C ALA J 240 -0.62 53.31 -29.70
N LEU J 241 -0.49 53.34 -28.38
CA LEU J 241 0.56 54.12 -27.76
C LEU J 241 1.92 53.67 -28.25
N ARG J 242 2.06 52.38 -28.51
CA ARG J 242 3.30 51.85 -29.06
C ARG J 242 3.66 52.49 -30.39
N GLU J 243 2.66 53.00 -31.11
CA GLU J 243 2.86 53.70 -32.38
C GLU J 243 2.33 55.13 -32.35
N ARG J 244 2.04 55.66 -31.17
CA ARG J 244 1.92 57.09 -30.87
C ARG J 244 0.61 57.69 -31.35
N ARG J 245 -0.23 56.96 -32.06
CA ARG J 245 -1.56 57.46 -32.36
C ARG J 245 -2.38 57.40 -31.07
N ILE J 246 -2.51 58.55 -30.42
CA ILE J 246 -3.37 58.68 -29.25
C ILE J 246 -4.82 58.31 -29.56
N HIS J 247 -5.23 58.47 -30.81
CA HIS J 247 -6.55 58.01 -31.22
C HIS J 247 -6.56 56.51 -31.37
N VAL J 248 -7.73 55.92 -31.14
CA VAL J 248 -7.86 54.47 -30.97
C VAL J 248 -8.73 53.89 -32.07
N THR J 249 -8.96 52.59 -31.99
CA THR J 249 -9.63 51.86 -33.07
C THR J 249 -10.21 50.59 -32.51
N GLN J 250 -11.13 50.01 -33.27
CA GLN J 250 -11.63 48.68 -32.97
C GLN J 250 -10.59 47.62 -33.29
N GLU J 251 -9.66 47.91 -34.20
CA GLU J 251 -8.67 46.93 -34.63
C GLU J 251 -7.84 46.44 -33.45
N ASP J 252 -7.59 47.31 -32.49
CA ASP J 252 -6.72 46.95 -31.39
C ASP J 252 -7.42 46.03 -30.41
N PHE J 253 -8.71 46.27 -30.18
CA PHE J 253 -9.49 45.36 -29.35
C PHE J 253 -9.51 43.97 -29.94
N GLU J 254 -9.61 43.89 -31.27
CA GLU J 254 -9.51 42.60 -31.94
C GLU J 254 -8.16 41.96 -31.67
N LEU J 255 -7.12 42.77 -31.48
CA LEU J 255 -5.78 42.26 -31.25
C LEU J 255 -5.60 41.86 -29.80
N ALA J 256 -5.80 42.83 -28.89
CA ALA J 256 -5.44 42.63 -27.50
C ALA J 256 -6.23 41.48 -26.88
N VAL J 257 -7.46 41.27 -27.35
CA VAL J 257 -8.24 40.16 -26.85
C VAL J 257 -7.55 38.84 -27.15
N GLY J 258 -7.00 38.73 -28.34
CA GLY J 258 -6.26 37.55 -28.70
C GLY J 258 -4.89 37.49 -28.10
N LYS J 259 -4.47 38.57 -27.43
CA LYS J 259 -3.15 38.60 -26.83
C LYS J 259 -3.03 37.67 -25.63
N VAL J 260 -4.13 37.41 -24.94
CA VAL J 260 -4.04 36.88 -23.58
C VAL J 260 -4.11 35.36 -23.58
N MET J 261 -5.12 34.76 -24.21
CA MET J 261 -5.43 33.36 -23.98
C MET J 261 -4.94 32.45 -25.09
N ASN J 262 -4.78 32.98 -26.30
CA ASN J 262 -4.27 32.16 -27.41
C ASN J 262 -2.87 31.62 -27.10
N LYS J 263 -2.10 32.37 -26.31
CA LYS J 263 -0.80 31.93 -25.82
C LYS J 263 -0.90 31.21 -24.48
N ASN J 264 -2.04 31.31 -23.79
CA ASN J 264 -2.29 30.61 -22.55
C ASN J 264 -2.94 29.25 -22.80
N GLN J 265 -2.68 28.66 -23.95
CA GLN J 265 -3.26 27.38 -24.34
C GLN J 265 -2.16 26.33 -24.48
N SER J 270 -3.13 16.92 -27.41
CA SER J 270 -3.75 16.06 -26.41
C SER J 270 -4.99 15.38 -26.97
N VAL J 271 -4.86 14.77 -28.14
CA VAL J 271 -5.98 14.06 -28.76
C VAL J 271 -5.92 12.63 -28.24
N ALA J 272 -6.52 12.43 -27.07
CA ALA J 272 -6.71 11.13 -26.45
C ALA J 272 -8.16 10.99 -26.04
N LYS J 273 -9.06 11.35 -26.96
CA LYS J 273 -10.49 11.23 -26.71
C LYS J 273 -10.93 9.77 -26.76
N LEU J 274 -10.46 8.97 -25.80
CA LEU J 274 -10.89 7.59 -25.72
C LEU J 274 -12.38 7.49 -25.48
N PHE J 275 -12.96 8.48 -24.82
CA PHE J 275 -14.40 8.55 -24.68
C PHE J 275 -15.03 8.76 -26.05
N LYS J 276 -16.34 8.50 -26.13
CA LYS J 276 -17.07 8.68 -27.37
C LYS J 276 -17.04 10.13 -27.80
N SER K 1 15.01 45.11 9.68
CA SER K 1 14.40 45.75 8.53
C SER K 1 15.07 45.29 7.23
N ILE K 2 14.27 45.11 6.19
CA ILE K 2 14.76 44.67 4.89
C ILE K 2 15.56 45.80 4.25
N SER K 3 16.28 45.48 3.18
CA SER K 3 17.33 46.34 2.67
C SER K 3 16.92 47.03 1.37
N VAL K 4 17.87 47.76 0.82
CA VAL K 4 17.71 48.50 -0.42
C VAL K 4 19.11 48.86 -0.89
N MET K 5 19.24 49.13 -2.19
CA MET K 5 20.53 49.24 -2.84
C MET K 5 20.57 50.46 -3.73
N GLY K 6 21.50 51.37 -3.45
CA GLY K 6 21.92 52.32 -4.47
C GLY K 6 23.41 52.60 -4.50
N GLU K 7 24.07 52.16 -5.58
CA GLU K 7 25.36 52.67 -6.05
C GLU K 7 26.54 52.32 -5.16
N ASN K 8 26.28 51.75 -4.00
CA ASN K 8 27.26 50.86 -3.38
C ASN K 8 27.77 49.86 -4.39
N GLU K 9 26.88 49.38 -5.25
CA GLU K 9 27.21 48.43 -6.27
C GLU K 9 26.17 48.56 -7.36
N LYS K 10 26.40 47.86 -8.44
CA LYS K 10 25.44 47.64 -9.51
C LYS K 10 25.84 46.35 -10.21
N PRO K 11 25.06 45.87 -11.18
CA PRO K 11 25.46 44.65 -11.89
C PRO K 11 26.53 44.87 -12.92
N ASP K 12 26.74 46.10 -13.37
CA ASP K 12 27.85 46.43 -14.25
C ASP K 12 27.70 45.75 -15.61
N VAL K 13 26.53 45.90 -16.21
CA VAL K 13 26.25 45.41 -17.55
C VAL K 13 25.30 46.38 -18.24
N THR K 14 24.96 46.09 -19.49
CA THR K 14 24.25 47.04 -20.33
C THR K 14 23.37 46.33 -21.35
N TYR K 15 22.39 47.09 -21.83
CA TYR K 15 21.65 46.73 -23.03
C TYR K 15 22.58 46.42 -24.20
N ALA K 16 23.74 47.08 -24.26
CA ALA K 16 24.66 46.86 -25.37
C ALA K 16 25.53 45.65 -25.13
N ASP K 17 25.78 45.31 -23.88
CA ASP K 17 26.50 44.09 -23.55
C ASP K 17 25.60 42.87 -23.60
N VAL K 18 24.34 43.06 -23.96
CA VAL K 18 23.40 41.98 -24.22
C VAL K 18 22.80 42.22 -25.59
N GLY K 19 22.15 41.20 -26.13
CA GLY K 19 21.51 41.34 -27.41
C GLY K 19 20.55 40.21 -27.65
N GLY K 20 19.75 40.38 -28.69
CA GLY K 20 18.70 39.43 -28.98
C GLY K 20 17.55 39.66 -28.04
N LEU K 21 16.47 38.92 -28.22
CA LEU K 21 15.28 39.04 -27.38
C LEU K 21 14.73 40.46 -27.45
N ASP K 22 14.91 41.09 -28.60
CA ASP K 22 14.72 42.53 -28.70
C ASP K 22 13.27 42.92 -28.49
N MET K 23 12.33 42.07 -28.89
CA MET K 23 10.92 42.39 -28.63
C MET K 23 10.62 42.35 -27.15
N GLN K 24 11.38 41.58 -26.38
CA GLN K 24 11.26 41.63 -24.94
C GLN K 24 12.02 42.80 -24.35
N LYS K 25 12.95 43.37 -25.11
CA LYS K 25 13.70 44.53 -24.65
C LYS K 25 12.90 45.82 -24.78
N GLN K 26 11.62 45.74 -25.16
CA GLN K 26 10.75 46.91 -25.26
C GLN K 26 9.45 46.74 -24.52
N GLU K 27 8.88 45.53 -24.52
CA GLU K 27 7.69 45.29 -23.71
C GLU K 27 7.98 45.56 -22.25
N ILE K 28 9.20 45.23 -21.83
CA ILE K 28 9.59 45.47 -20.45
C ILE K 28 9.74 46.95 -20.19
N ARG K 29 10.17 47.68 -21.21
CA ARG K 29 10.50 49.08 -21.01
C ARG K 29 9.25 49.89 -20.77
N GLU K 30 8.20 49.60 -21.53
CA GLU K 30 7.00 50.40 -21.46
C GLU K 30 6.24 50.19 -20.15
N ALA K 31 6.53 49.09 -19.46
CA ALA K 31 5.81 48.81 -18.22
C ALA K 31 6.39 49.55 -17.04
N VAL K 32 7.70 49.83 -17.06
CA VAL K 32 8.47 50.05 -15.86
C VAL K 32 8.97 51.48 -15.76
N GLU K 33 9.83 51.89 -16.67
CA GLU K 33 10.58 53.13 -16.53
C GLU K 33 10.02 54.25 -17.38
N LEU K 34 9.54 53.93 -18.57
CA LEU K 34 8.85 54.94 -19.37
C LEU K 34 7.66 55.53 -18.63
N PRO K 35 6.79 54.74 -18.00
CA PRO K 35 5.79 55.36 -17.12
C PRO K 35 6.41 56.19 -16.03
N LEU K 36 7.56 55.76 -15.54
CA LEU K 36 8.23 56.51 -14.50
C LEU K 36 8.79 57.81 -15.06
N VAL K 37 9.21 57.81 -16.32
CA VAL K 37 9.85 58.96 -16.93
C VAL K 37 8.81 59.73 -17.72
N GLN K 38 8.28 59.09 -18.73
CA GLN K 38 7.31 59.73 -19.63
C GLN K 38 5.93 59.36 -19.11
N ALA K 39 5.30 60.28 -18.39
CA ALA K 39 4.03 60.03 -17.72
C ALA K 39 2.85 60.65 -18.47
N ASP K 40 2.96 61.94 -18.79
CA ASP K 40 1.81 62.70 -19.28
C ASP K 40 1.26 62.11 -20.56
N LEU K 41 2.14 61.66 -21.44
CA LEU K 41 1.80 61.31 -22.81
C LEU K 41 0.69 60.28 -22.89
N TYR K 42 0.64 59.35 -21.92
CA TYR K 42 -0.47 58.43 -21.82
C TYR K 42 -1.47 58.84 -20.76
N GLU K 43 -1.06 59.72 -19.84
CA GLU K 43 -2.05 60.40 -19.04
C GLU K 43 -2.78 61.47 -19.82
N GLN K 44 -2.32 61.75 -21.05
CA GLN K 44 -3.20 62.37 -22.02
C GLN K 44 -4.50 61.58 -22.14
N ILE K 45 -4.38 60.26 -22.10
CA ILE K 45 -5.53 59.36 -22.20
C ILE K 45 -5.78 58.61 -20.91
N GLY K 46 -4.92 58.76 -19.91
CA GLY K 46 -5.27 58.52 -18.52
C GLY K 46 -5.64 57.11 -18.15
N ILE K 47 -5.40 56.16 -19.04
CA ILE K 47 -5.61 54.76 -18.70
C ILE K 47 -4.68 54.39 -17.57
N ASP K 48 -5.09 53.41 -16.77
CA ASP K 48 -4.24 52.95 -15.70
C ASP K 48 -2.97 52.33 -16.27
N PRO K 49 -1.80 52.57 -15.68
CA PRO K 49 -0.59 52.02 -16.26
C PRO K 49 -0.59 50.53 -16.15
N PRO K 50 -0.02 49.81 -17.12
CA PRO K 50 0.39 48.44 -16.86
C PRO K 50 1.43 48.43 -15.76
N ARG K 51 1.67 47.24 -15.24
CA ARG K 51 2.46 47.09 -14.03
C ARG K 51 3.28 45.82 -14.14
N GLY K 52 3.91 45.46 -13.02
CA GLY K 52 4.87 44.40 -12.94
C GLY K 52 4.36 43.10 -13.51
N VAL K 53 5.31 42.28 -13.94
CA VAL K 53 5.06 41.24 -14.90
C VAL K 53 5.64 39.95 -14.38
N LEU K 54 5.55 38.95 -15.24
CA LEU K 54 6.23 37.68 -15.08
C LEU K 54 7.09 37.47 -16.30
N LEU K 55 8.02 36.55 -16.18
CA LEU K 55 8.87 36.20 -17.30
C LEU K 55 9.45 34.84 -17.00
N TYR K 56 9.20 33.90 -17.90
CA TYR K 56 9.52 32.50 -17.70
C TYR K 56 10.39 32.03 -18.84
N GLY K 57 10.56 30.71 -18.89
CA GLY K 57 11.29 30.06 -19.95
C GLY K 57 12.11 28.93 -19.38
N PRO K 58 12.79 28.20 -20.25
CA PRO K 58 13.68 27.17 -19.80
C PRO K 58 14.83 27.78 -19.01
N PRO K 59 15.56 26.96 -18.27
CA PRO K 59 16.63 27.49 -17.42
C PRO K 59 17.69 28.20 -18.25
N GLY K 60 18.02 29.41 -17.80
CA GLY K 60 18.92 30.26 -18.54
C GLY K 60 18.16 31.18 -19.45
N THR K 61 18.70 31.36 -20.64
CA THR K 61 18.09 32.20 -21.66
C THR K 61 17.96 33.64 -21.18
N GLY K 62 18.74 34.05 -20.18
CA GLY K 62 18.67 35.39 -19.70
C GLY K 62 17.45 35.69 -18.87
N LYS K 63 16.79 34.66 -18.35
CA LYS K 63 15.61 34.88 -17.51
C LYS K 63 15.95 35.72 -16.29
N THR K 64 17.21 35.69 -15.86
CA THR K 64 17.63 36.36 -14.65
C THR K 64 18.43 37.62 -14.91
N MET K 65 18.92 37.81 -16.13
CA MET K 65 19.91 38.83 -16.39
C MET K 65 19.32 40.13 -16.92
N LEU K 66 18.21 40.05 -17.65
CA LEU K 66 17.76 41.19 -18.44
C LEU K 66 17.48 42.38 -17.56
N VAL K 67 17.03 42.09 -16.35
CA VAL K 67 16.98 43.06 -15.25
C VAL K 67 18.24 43.87 -15.15
N LYS K 68 19.38 43.24 -15.36
CA LYS K 68 20.60 43.76 -14.78
C LYS K 68 21.03 45.04 -15.48
N ALA K 69 20.75 45.17 -16.77
CA ALA K 69 21.09 46.41 -17.46
C ALA K 69 20.04 47.47 -17.20
N VAL K 70 18.76 47.09 -17.27
CA VAL K 70 17.71 48.04 -16.91
C VAL K 70 17.85 48.43 -15.47
N ALA K 71 18.31 47.52 -14.63
CA ALA K 71 18.63 47.86 -13.26
C ALA K 71 19.69 48.94 -13.23
N ASN K 72 20.71 48.80 -14.06
CA ASN K 72 21.73 49.82 -14.20
C ASN K 72 21.14 51.14 -14.68
N SER K 73 19.99 51.10 -15.34
CA SER K 73 19.36 52.25 -15.96
C SER K 73 18.03 52.56 -15.30
N THR K 74 17.97 52.44 -13.97
CA THR K 74 16.69 52.46 -13.30
C THR K 74 16.18 53.87 -13.06
N LYS K 75 17.00 54.71 -12.44
CA LYS K 75 16.56 56.02 -11.99
C LYS K 75 15.39 55.90 -11.03
N ALA K 76 15.47 54.91 -10.17
CA ALA K 76 14.53 54.70 -9.08
C ALA K 76 15.14 53.67 -8.16
N ALA K 77 14.42 53.38 -7.08
CA ALA K 77 14.99 52.57 -6.03
C ALA K 77 14.66 51.12 -6.27
N PHE K 78 15.54 50.25 -5.77
CA PHE K 78 15.62 48.89 -6.27
C PHE K 78 16.33 48.06 -5.23
N ILE K 79 16.24 46.74 -5.42
CA ILE K 79 16.49 45.77 -4.36
C ILE K 79 17.49 44.72 -4.81
N ARG K 80 17.68 43.70 -3.97
CA ARG K 80 18.40 42.48 -4.32
C ARG K 80 17.77 41.39 -3.47
N VAL K 81 16.75 40.73 -4.01
CA VAL K 81 15.92 39.80 -3.25
C VAL K 81 15.57 38.60 -4.11
N ASN K 82 15.49 37.45 -3.48
CA ASN K 82 14.95 36.24 -4.05
C ASN K 82 13.87 35.71 -3.09
N GLY K 83 13.43 34.47 -3.30
CA GLY K 83 12.19 34.03 -2.73
C GLY K 83 12.33 33.23 -1.46
N SER K 84 13.35 32.37 -1.42
CA SER K 84 13.40 31.31 -0.43
C SER K 84 14.12 31.74 0.83
N GLU K 85 14.12 33.03 1.13
CA GLU K 85 14.51 33.55 2.42
C GLU K 85 13.35 34.16 3.17
N PHE K 86 12.19 34.29 2.53
CA PHE K 86 11.05 34.87 3.21
C PHE K 86 10.67 34.01 4.39
N VAL K 87 10.89 32.70 4.24
CA VAL K 87 10.63 31.77 5.32
C VAL K 87 11.52 32.09 6.49
N HIS K 88 11.06 31.75 7.69
CA HIS K 88 11.85 31.93 8.89
C HIS K 88 11.55 30.80 9.87
N LYS K 89 12.43 30.70 10.86
CA LYS K 89 12.29 29.72 11.93
C LYS K 89 10.94 29.88 12.61
N TYR K 90 10.71 31.04 13.21
CA TYR K 90 9.42 31.32 13.83
C TYR K 90 8.34 31.42 12.77
N LEU K 91 7.13 31.68 13.22
CA LEU K 91 5.96 31.72 12.36
C LEU K 91 5.76 33.09 11.72
N GLY K 92 5.51 34.10 12.52
CA GLY K 92 5.16 35.40 11.98
C GLY K 92 6.31 36.20 11.44
N GLU K 93 7.53 35.67 11.52
CA GLU K 93 8.66 36.40 10.95
C GLU K 93 8.49 36.55 9.44
N GLY K 94 7.96 35.53 8.79
CA GLY K 94 7.79 35.54 7.36
C GLY K 94 6.89 36.66 6.89
N PRO K 95 5.61 36.59 7.23
CA PRO K 95 4.68 37.62 6.77
C PRO K 95 5.07 39.00 7.27
N ARG K 96 5.62 39.06 8.47
CA ARG K 96 6.11 40.33 8.99
C ARG K 96 7.29 40.84 8.21
N MET K 97 8.08 39.94 7.63
CA MET K 97 9.21 40.39 6.84
C MET K 97 8.75 41.13 5.60
N VAL K 98 7.54 40.86 5.13
CA VAL K 98 7.16 41.18 3.76
C VAL K 98 6.10 42.25 3.68
N ARG K 99 5.33 42.49 4.74
CA ARG K 99 4.41 43.61 4.72
C ARG K 99 5.15 44.91 4.55
N ASP K 100 6.32 45.02 5.16
CA ASP K 100 6.98 46.30 5.25
C ASP K 100 7.76 46.64 3.99
N VAL K 101 8.00 45.66 3.13
CA VAL K 101 8.82 45.94 1.97
C VAL K 101 8.07 46.88 1.05
N PHE K 102 6.77 46.72 1.01
CA PHE K 102 5.95 47.64 0.25
C PHE K 102 5.89 48.97 0.96
N ARG K 103 5.87 48.92 2.28
CA ARG K 103 6.05 50.15 3.03
C ARG K 103 7.41 50.74 2.74
N LEU K 104 8.41 49.87 2.59
CA LEU K 104 9.75 50.37 2.28
C LEU K 104 9.76 50.93 0.88
N ALA K 105 9.09 50.25 -0.04
CA ALA K 105 8.91 50.79 -1.37
C ALA K 105 8.15 52.09 -1.28
N ARG K 106 7.01 52.07 -0.60
CA ARG K 106 6.19 53.26 -0.47
C ARG K 106 6.89 54.34 0.33
N GLU K 107 7.72 53.95 1.28
CA GLU K 107 8.50 54.94 2.00
C GLU K 107 9.61 55.51 1.13
N ASN K 108 9.94 54.83 0.04
CA ASN K 108 10.96 55.29 -0.90
C ASN K 108 10.41 55.40 -2.30
N ALA K 109 9.12 55.26 -2.48
CA ALA K 109 8.53 55.24 -3.80
C ALA K 109 8.75 56.57 -4.51
N PRO K 110 8.64 56.59 -5.85
CA PRO K 110 8.38 55.47 -6.75
C PRO K 110 9.61 54.65 -6.99
N SER K 111 9.42 53.34 -7.06
CA SER K 111 10.53 52.40 -7.15
C SER K 111 9.94 51.07 -7.58
N ILE K 112 10.75 50.02 -7.52
CA ILE K 112 10.30 48.67 -7.84
C ILE K 112 11.29 47.68 -7.29
N ILE K 113 10.83 46.45 -7.13
CA ILE K 113 11.54 45.34 -6.53
C ILE K 113 11.53 44.18 -7.50
N PHE K 114 12.03 43.04 -7.06
CA PHE K 114 12.31 41.93 -7.96
C PHE K 114 12.41 40.66 -7.15
N ILE K 115 12.19 39.55 -7.83
CA ILE K 115 12.49 38.24 -7.29
C ILE K 115 13.20 37.44 -8.36
N ASP K 116 14.23 36.71 -7.95
CA ASP K 116 14.94 35.86 -8.88
C ASP K 116 14.24 34.53 -9.05
N GLU K 117 13.53 34.07 -8.03
CA GLU K 117 12.83 32.80 -8.15
C GLU K 117 11.72 32.72 -7.13
N VAL K 118 10.59 32.20 -7.58
CA VAL K 118 9.34 32.24 -6.81
C VAL K 118 8.61 30.91 -6.76
N ASP K 119 8.89 29.98 -7.67
CA ASP K 119 8.06 28.79 -7.80
C ASP K 119 8.03 27.94 -6.53
N SER K 120 8.98 28.17 -5.63
CA SER K 120 8.94 27.50 -4.34
C SER K 120 7.73 27.90 -3.52
N ILE K 121 7.30 29.15 -3.65
CA ILE K 121 6.28 29.73 -2.78
C ILE K 121 5.06 30.08 -3.60
N ALA K 122 4.77 29.30 -4.64
CA ALA K 122 3.61 29.56 -5.46
C ALA K 122 3.26 28.27 -6.17
N THR K 123 2.13 27.69 -5.78
CA THR K 123 1.68 26.42 -6.32
C THR K 123 0.18 26.48 -6.51
N LYS K 124 -0.37 25.45 -7.16
CA LYS K 124 -1.78 25.46 -7.48
C LYS K 124 -2.62 25.34 -6.22
N ARG K 125 -2.54 24.21 -5.54
CA ARG K 125 -3.27 24.05 -4.30
C ARG K 125 -2.52 24.72 -3.19
N PHE K 126 -3.28 25.22 -2.23
CA PHE K 126 -2.73 25.92 -1.08
C PHE K 126 -2.69 24.94 0.09
N ASP K 127 -1.88 23.88 -0.09
CA ASP K 127 -2.07 22.59 0.55
C ASP K 127 -2.27 22.71 2.06
N ALA K 128 -2.99 21.75 2.61
CA ALA K 128 -3.72 21.93 3.85
C ALA K 128 -3.28 21.03 4.99
N GLN K 129 -2.81 19.82 4.71
CA GLN K 129 -2.72 18.78 5.72
C GLN K 129 -1.38 18.78 6.44
N THR K 130 -0.77 19.95 6.61
CA THR K 130 0.50 20.04 7.31
C THR K 130 0.66 21.43 7.89
N GLY K 131 1.11 21.49 9.14
CA GLY K 131 1.30 22.75 9.80
C GLY K 131 2.35 23.63 9.15
N SER K 132 3.23 23.04 8.35
CA SER K 132 4.27 23.83 7.69
C SER K 132 3.74 24.51 6.44
N ASP K 133 3.30 23.69 5.47
CA ASP K 133 3.10 24.21 4.12
C ASP K 133 1.89 25.11 3.99
N ARG K 134 1.21 25.44 5.09
CA ARG K 134 0.26 26.53 5.06
C ARG K 134 0.96 27.85 5.30
N GLU K 135 1.95 27.84 6.18
CA GLU K 135 2.64 29.06 6.52
C GLU K 135 3.41 29.65 5.36
N VAL K 136 3.65 28.86 4.32
CA VAL K 136 4.10 29.46 3.06
C VAL K 136 2.94 30.11 2.35
N GLN K 137 1.77 29.47 2.39
CA GLN K 137 0.63 30.00 1.66
C GLN K 137 0.26 31.36 2.21
N ARG K 138 0.38 31.53 3.52
CA ARG K 138 0.16 32.82 4.12
C ARG K 138 1.09 33.87 3.53
N ILE K 139 2.30 33.46 3.15
CA ILE K 139 3.20 34.39 2.48
C ILE K 139 2.71 34.64 1.07
N LEU K 140 1.99 33.69 0.49
CA LEU K 140 1.41 33.92 -0.81
C LEU K 140 0.18 34.81 -0.71
N ILE K 141 -0.69 34.53 0.26
CA ILE K 141 -1.95 35.26 0.34
C ILE K 141 -1.68 36.72 0.61
N GLU K 142 -0.70 37.01 1.46
CA GLU K 142 -0.51 38.37 1.93
C GLU K 142 -0.10 39.28 0.78
N LEU K 143 0.79 38.83 -0.09
CA LEU K 143 1.14 39.68 -1.21
C LEU K 143 0.02 39.70 -2.20
N LEU K 144 -0.68 38.58 -2.33
CA LEU K 144 -1.81 38.49 -3.24
C LEU K 144 -2.86 39.52 -2.91
N THR K 145 -2.96 39.92 -1.63
CA THR K 145 -3.79 41.05 -1.26
C THR K 145 -3.01 42.35 -1.23
N GLN K 146 -1.75 42.35 -0.81
CA GLN K 146 -1.00 43.59 -0.82
C GLN K 146 -0.73 44.05 -2.24
N MET K 147 -0.70 43.11 -3.19
CA MET K 147 -0.53 43.48 -4.57
C MET K 147 -1.69 44.33 -5.04
N ASP K 148 -2.89 43.76 -5.03
CA ASP K 148 -4.07 44.38 -5.60
C ASP K 148 -5.23 44.21 -4.64
N GLY K 149 -4.99 44.52 -3.37
CA GLY K 149 -6.06 44.68 -2.43
C GLY K 149 -6.60 46.07 -2.52
N PHE K 150 -6.65 46.77 -1.40
CA PHE K 150 -7.29 48.07 -1.37
C PHE K 150 -6.63 49.16 -2.21
N ASP K 151 -5.46 49.63 -1.78
CA ASP K 151 -4.94 50.93 -2.19
C ASP K 151 -3.44 50.87 -2.40
N GLN K 152 -3.00 49.89 -3.19
CA GLN K 152 -1.62 49.39 -3.09
C GLN K 152 -0.58 50.50 -3.22
N SER K 153 -0.46 51.08 -4.41
CA SER K 153 0.61 52.04 -4.63
C SER K 153 0.56 52.64 -6.03
N THR K 154 1.51 53.51 -6.30
CA THR K 154 1.79 53.90 -7.67
C THR K 154 2.67 52.91 -8.38
N ASN K 155 3.45 52.14 -7.62
CA ASN K 155 4.55 51.40 -8.18
C ASN K 155 4.06 50.38 -9.20
N VAL K 156 5.02 49.87 -9.94
CA VAL K 156 4.85 48.66 -10.71
C VAL K 156 5.12 47.54 -9.71
N LYS K 157 4.92 46.29 -10.12
CA LYS K 157 4.61 45.19 -9.23
C LYS K 157 5.76 44.19 -9.17
N VAL K 158 5.61 43.24 -8.26
CA VAL K 158 6.67 42.28 -7.95
C VAL K 158 6.96 41.49 -9.22
N ILE K 159 8.19 41.62 -9.70
CA ILE K 159 8.60 40.97 -10.93
C ILE K 159 9.01 39.55 -10.61
N MET K 160 8.35 38.59 -11.24
CA MET K 160 8.57 37.19 -10.98
C MET K 160 9.83 36.71 -11.68
N ALA K 161 10.08 35.41 -11.56
CA ALA K 161 11.02 34.67 -12.40
C ALA K 161 10.93 33.19 -12.05
N THR K 162 10.99 32.31 -13.05
CA THR K 162 10.82 30.88 -12.81
C THR K 162 11.63 30.09 -13.82
N ASN K 163 11.58 28.77 -13.64
CA ASN K 163 11.90 27.78 -14.65
C ASN K 163 10.67 27.12 -15.22
N ARG K 164 9.49 27.45 -14.71
CA ARG K 164 8.26 26.76 -15.02
C ARG K 164 7.12 27.73 -14.79
N ALA K 165 6.00 27.49 -15.49
CA ALA K 165 4.91 28.46 -15.52
C ALA K 165 3.54 27.83 -15.51
N ASP K 166 3.38 26.68 -14.85
CA ASP K 166 2.09 26.02 -14.72
C ASP K 166 1.74 25.66 -13.30
N THR K 167 2.72 25.60 -12.41
CA THR K 167 2.53 25.04 -11.09
C THR K 167 1.66 25.92 -10.20
N LEU K 168 1.48 27.17 -10.54
CA LEU K 168 1.11 28.20 -9.58
C LEU K 168 -0.24 28.80 -9.92
N ASP K 169 -0.83 29.42 -8.91
CA ASP K 169 -2.24 29.68 -8.93
C ASP K 169 -2.62 30.70 -9.99
N PRO K 170 -3.82 30.58 -10.57
CA PRO K 170 -4.28 31.61 -11.48
C PRO K 170 -4.64 32.87 -10.76
N ALA K 171 -4.94 32.78 -9.47
CA ALA K 171 -5.33 33.95 -8.71
C ALA K 171 -4.22 34.99 -8.70
N LEU K 172 -2.99 34.54 -8.82
CA LEU K 172 -1.86 35.43 -9.01
C LEU K 172 -1.64 35.73 -10.48
N LEU K 173 -1.94 34.77 -11.35
CA LEU K 173 -1.74 34.91 -12.78
C LEU K 173 -3.03 35.38 -13.43
N ARG K 174 -3.25 36.68 -13.36
CA ARG K 174 -4.38 37.32 -14.01
C ARG K 174 -4.19 38.82 -13.94
N PRO K 175 -4.93 39.58 -14.76
CA PRO K 175 -4.71 41.02 -14.84
C PRO K 175 -4.89 41.73 -13.50
N GLY K 176 -4.22 42.86 -13.38
CA GLY K 176 -4.14 43.57 -12.13
C GLY K 176 -3.03 43.10 -11.23
N ARG K 177 -2.45 41.95 -11.50
CA ARG K 177 -1.31 41.43 -10.76
C ARG K 177 -0.16 41.03 -11.65
N LEU K 178 -0.43 40.40 -12.79
CA LEU K 178 0.59 39.97 -13.74
C LEU K 178 0.14 40.28 -15.16
N ASP K 179 -0.18 41.55 -15.40
CA ASP K 179 -0.76 41.99 -16.66
C ASP K 179 0.06 41.62 -17.89
N ARG K 180 1.32 41.18 -17.74
CA ARG K 180 2.06 40.61 -18.86
C ARG K 180 2.86 39.40 -18.43
N LYS K 181 2.81 38.38 -19.27
CA LYS K 181 3.68 37.21 -19.20
C LYS K 181 4.59 37.20 -20.41
N ILE K 182 5.75 36.58 -20.26
CA ILE K 182 6.77 36.59 -21.28
C ILE K 182 7.44 35.23 -21.36
N GLU K 183 7.69 34.79 -22.58
CA GLU K 183 8.45 33.59 -22.86
C GLU K 183 9.84 33.99 -23.34
N PHE K 184 10.84 33.22 -22.91
CA PHE K 184 12.21 33.33 -23.39
C PHE K 184 12.60 32.00 -24.01
N PRO K 185 12.19 31.73 -25.24
CA PRO K 185 12.72 30.59 -25.98
C PRO K 185 13.90 30.96 -26.86
N SER K 186 14.76 29.98 -27.10
CA SER K 186 15.90 30.14 -27.99
C SER K 186 15.62 29.67 -29.40
N LEU K 187 15.29 28.39 -29.55
CA LEU K 187 14.83 27.75 -30.79
C LEU K 187 15.92 27.58 -31.84
N ARG K 188 17.08 28.22 -31.65
CA ARG K 188 18.08 28.35 -32.68
C ARG K 188 17.48 28.82 -34.02
N ASP K 189 16.93 30.03 -34.01
CA ASP K 189 16.63 30.71 -35.26
C ASP K 189 17.85 31.49 -35.71
N ARG K 190 18.04 31.56 -37.01
CA ARG K 190 19.26 32.14 -37.54
C ARG K 190 19.20 33.65 -37.66
N ARG K 191 18.06 34.27 -37.38
CA ARG K 191 17.97 35.71 -37.57
C ARG K 191 18.80 36.44 -36.52
N GLU K 192 18.95 35.84 -35.34
CA GLU K 192 19.49 36.51 -34.17
C GLU K 192 20.84 35.95 -33.73
N ARG K 193 21.03 34.64 -33.85
CA ARG K 193 22.28 34.05 -33.44
C ARG K 193 23.46 34.63 -34.19
N ARG K 194 23.25 35.01 -35.46
CA ARG K 194 24.33 35.60 -36.23
C ARG K 194 24.72 36.97 -35.68
N LEU K 195 23.89 37.56 -34.82
CA LEU K 195 24.28 38.74 -34.03
C LEU K 195 24.96 38.33 -32.74
N ILE K 196 24.26 37.55 -31.94
CA ILE K 196 24.56 37.52 -30.51
C ILE K 196 25.83 36.75 -30.23
N PHE K 197 26.16 35.77 -31.07
CA PHE K 197 27.53 35.31 -31.16
C PHE K 197 28.46 36.49 -31.36
N GLY K 198 28.18 37.28 -32.39
CA GLY K 198 29.03 38.41 -32.69
C GLY K 198 29.00 39.43 -31.58
N THR K 199 27.86 39.57 -30.93
CA THR K 199 27.76 40.48 -29.80
C THR K 199 28.70 40.03 -28.69
N ILE K 200 28.60 38.76 -28.30
CA ILE K 200 29.47 38.20 -27.29
C ILE K 200 30.90 38.20 -27.77
N ALA K 201 31.11 38.04 -29.08
CA ALA K 201 32.43 37.88 -29.63
C ALA K 201 33.12 39.20 -29.91
N SER K 202 32.35 40.20 -30.32
CA SER K 202 32.93 41.49 -30.64
C SER K 202 33.57 42.13 -29.43
N LYS K 203 33.01 41.89 -28.25
CA LYS K 203 33.54 42.43 -27.00
C LYS K 203 34.92 41.88 -26.67
N MET K 204 35.29 40.76 -27.26
CA MET K 204 36.41 39.95 -26.82
C MET K 204 37.38 39.77 -27.98
N SER K 205 38.60 39.36 -27.64
CA SER K 205 39.64 39.26 -28.64
C SER K 205 39.30 38.21 -29.66
N LEU K 206 39.69 38.48 -30.89
CA LEU K 206 39.19 37.70 -32.00
C LEU K 206 40.07 37.95 -33.22
N ALA K 207 40.43 36.88 -33.88
CA ALA K 207 41.33 36.95 -35.02
C ALA K 207 40.53 37.17 -36.30
N PRO K 208 40.72 38.30 -37.04
CA PRO K 208 39.97 38.51 -38.29
C PRO K 208 40.58 37.77 -39.48
N GLU K 209 40.84 36.49 -39.29
CA GLU K 209 41.33 35.61 -40.34
C GLU K 209 40.64 34.27 -40.25
N ALA K 210 39.51 34.22 -39.57
CA ALA K 210 38.95 33.00 -39.04
C ALA K 210 37.54 32.79 -39.55
N ASP K 211 37.20 31.53 -39.76
CA ASP K 211 35.82 31.14 -40.02
C ASP K 211 34.92 31.64 -38.92
N LEU K 212 33.65 31.85 -39.25
CA LEU K 212 32.63 31.86 -38.22
C LEU K 212 31.37 31.10 -38.58
N ASP K 213 31.03 30.93 -39.85
CA ASP K 213 29.82 30.20 -40.21
C ASP K 213 30.02 28.70 -40.22
N SER K 214 31.12 28.22 -39.64
CA SER K 214 31.43 26.79 -39.65
C SER K 214 30.44 25.97 -38.83
N LEU K 215 29.61 26.62 -38.00
CA LEU K 215 28.76 25.93 -37.04
C LEU K 215 27.33 26.42 -36.99
N ILE K 216 27.04 27.65 -37.38
CA ILE K 216 25.74 28.27 -37.15
C ILE K 216 24.68 27.47 -37.85
N ILE K 217 24.76 27.44 -39.17
CA ILE K 217 23.87 26.60 -39.95
C ILE K 217 24.10 25.14 -39.64
N ARG K 218 25.29 24.78 -39.17
CA ARG K 218 25.61 23.39 -38.86
C ARG K 218 24.88 22.87 -37.63
N ASN K 219 24.26 23.75 -36.85
CA ASN K 219 23.63 23.35 -35.59
C ASN K 219 22.38 24.19 -35.39
N ASP K 220 21.28 23.55 -34.99
CA ASP K 220 19.96 24.12 -35.21
C ASP K 220 19.00 24.01 -34.02
N SER K 221 19.44 23.54 -32.86
CA SER K 221 18.54 23.20 -31.75
C SER K 221 19.09 23.70 -30.42
N LEU K 222 19.40 24.98 -30.36
CA LEU K 222 20.38 25.51 -29.41
C LEU K 222 19.73 26.46 -28.42
N SER K 223 20.49 26.76 -27.37
CA SER K 223 20.09 27.61 -26.25
C SER K 223 21.03 28.81 -26.17
N GLY K 224 20.93 29.56 -25.08
CA GLY K 224 21.49 30.89 -25.01
C GLY K 224 22.61 31.07 -24.02
N ALA K 225 22.68 30.21 -23.01
CA ALA K 225 23.73 30.32 -22.01
C ALA K 225 24.92 29.44 -22.35
N VAL K 226 24.65 28.26 -22.91
CA VAL K 226 25.70 27.33 -23.26
C VAL K 226 26.67 27.95 -24.24
N ILE K 227 26.14 28.78 -25.14
CA ILE K 227 26.92 29.26 -26.26
C ILE K 227 28.08 30.12 -25.80
N ALA K 228 27.92 30.78 -24.66
CA ALA K 228 29.06 31.44 -24.08
C ALA K 228 30.17 30.45 -23.78
N ALA K 229 29.79 29.21 -23.45
CA ALA K 229 30.78 28.23 -23.04
C ALA K 229 31.70 27.87 -24.19
N ILE K 230 31.15 27.74 -25.39
CA ILE K 230 32.00 27.34 -26.51
C ILE K 230 32.98 28.45 -26.85
N MET K 231 32.51 29.67 -26.91
CA MET K 231 33.40 30.81 -27.10
C MET K 231 33.93 31.33 -25.79
N GLN K 232 33.59 30.69 -24.68
CA GLN K 232 34.50 30.69 -23.53
C GLN K 232 35.59 29.67 -23.76
N GLU K 233 35.21 28.44 -24.10
CA GLU K 233 36.15 27.35 -24.17
C GLU K 233 37.11 27.52 -25.34
N ALA K 234 36.68 28.24 -26.37
CA ALA K 234 37.54 28.51 -27.51
C ALA K 234 38.84 29.14 -27.07
N GLY K 235 38.77 30.06 -26.11
CA GLY K 235 39.98 30.62 -25.55
C GLY K 235 40.81 29.55 -24.87
N LEU K 236 40.14 28.63 -24.20
CA LEU K 236 40.81 27.56 -23.50
C LEU K 236 41.27 26.45 -24.43
N ARG K 237 40.80 26.46 -25.68
CA ARG K 237 41.40 25.64 -26.71
C ARG K 237 42.70 26.25 -27.24
N ALA K 238 43.14 27.38 -26.69
CA ALA K 238 44.29 28.11 -27.19
C ALA K 238 45.47 28.05 -26.22
N VAL K 239 45.21 28.46 -24.98
CA VAL K 239 46.26 28.64 -24.01
C VAL K 239 46.84 27.31 -23.56
N ARG K 240 46.06 26.24 -23.70
CA ARG K 240 46.61 24.92 -23.49
C ARG K 240 47.76 24.67 -24.44
N LYS K 241 47.71 25.26 -25.62
CA LYS K 241 48.83 25.31 -26.55
C LYS K 241 49.51 26.66 -26.51
N ASN K 242 49.52 27.29 -25.33
CA ASN K 242 50.05 28.61 -25.00
C ASN K 242 49.90 29.61 -26.13
N ARG K 243 48.75 29.56 -26.80
CA ARG K 243 48.46 30.52 -27.83
C ARG K 243 47.78 31.73 -27.20
N TYR K 244 48.11 32.90 -27.71
CA TYR K 244 47.78 34.17 -27.08
C TYR K 244 46.60 34.86 -27.75
N VAL K 245 46.28 34.49 -29.00
CA VAL K 245 45.03 34.87 -29.64
C VAL K 245 44.50 33.68 -30.41
N ILE K 246 43.17 33.54 -30.41
CA ILE K 246 42.48 32.37 -30.92
C ILE K 246 42.68 32.15 -32.42
N LEU K 247 42.33 30.96 -32.88
CA LEU K 247 42.41 30.57 -34.28
C LEU K 247 41.09 29.95 -34.70
N GLN K 248 40.97 29.70 -36.00
CA GLN K 248 39.69 29.32 -36.57
C GLN K 248 39.25 27.94 -36.09
N SER K 249 40.17 26.97 -36.06
CA SER K 249 39.82 25.62 -35.70
C SER K 249 39.47 25.48 -34.23
N ASP K 250 39.70 26.52 -33.42
CA ASP K 250 39.32 26.45 -32.03
C ASP K 250 37.82 26.21 -31.89
N LEU K 251 37.02 26.91 -32.70
CA LEU K 251 35.58 26.74 -32.64
C LEU K 251 35.18 25.37 -33.13
N GLU K 252 35.78 24.91 -34.22
CA GLU K 252 35.49 23.57 -34.73
C GLU K 252 35.94 22.51 -33.73
N GLU K 253 37.10 22.73 -33.11
CA GLU K 253 37.51 21.86 -32.02
C GLU K 253 36.61 22.04 -30.80
N ALA K 254 35.87 23.13 -30.73
CA ALA K 254 34.97 23.42 -29.63
C ALA K 254 33.52 23.07 -29.92
N TYR K 255 33.15 22.95 -31.19
CA TYR K 255 31.75 22.78 -31.58
C TYR K 255 31.12 21.59 -30.88
N ALA K 256 31.75 20.43 -30.99
CA ALA K 256 31.29 19.25 -30.28
C ALA K 256 31.82 19.18 -28.87
N THR K 257 32.55 20.21 -28.41
CA THR K 257 33.07 20.18 -27.06
C THR K 257 31.95 20.38 -26.04
N GLN K 258 31.02 21.28 -26.36
CA GLN K 258 29.95 21.63 -25.44
C GLN K 258 28.63 20.99 -25.78
N VAL K 259 28.37 20.70 -27.05
CA VAL K 259 27.05 20.32 -27.51
C VAL K 259 26.96 18.82 -27.70
N LYS K 260 27.83 18.27 -28.55
CA LYS K 260 27.62 16.97 -29.18
C LYS K 260 27.66 15.89 -28.11
N THR K 261 26.52 15.64 -27.51
CA THR K 261 26.30 14.49 -26.63
C THR K 261 24.93 13.92 -26.91
N ASP K 262 24.64 13.73 -28.20
CA ASP K 262 23.27 13.57 -28.70
C ASP K 262 22.44 12.51 -27.98
N ASN K 263 22.80 11.24 -28.11
CA ASN K 263 21.96 10.19 -27.55
C ASN K 263 22.69 8.86 -27.52
N THR K 264 22.96 8.34 -26.32
CA THR K 264 23.41 6.95 -26.19
C THR K 264 22.81 6.25 -24.98
N VAL K 265 21.87 6.87 -24.26
CA VAL K 265 21.44 6.37 -22.96
C VAL K 265 20.46 5.20 -23.10
N ASP K 266 21.00 3.98 -23.14
CA ASP K 266 20.20 2.76 -23.15
C ASP K 266 19.24 2.75 -24.35
N LYS K 267 19.83 2.87 -25.53
CA LYS K 267 19.04 3.02 -26.76
C LYS K 267 18.17 1.81 -27.00
N PHE K 268 18.79 0.64 -27.19
CA PHE K 268 18.03 -0.56 -27.50
C PHE K 268 17.11 -0.92 -26.35
N ASP K 269 17.64 -0.92 -25.13
CA ASP K 269 16.84 -1.21 -23.95
C ASP K 269 16.21 0.05 -23.38
N PHE K 270 15.58 0.83 -24.24
CA PHE K 270 14.83 2.00 -23.81
C PHE K 270 13.39 1.63 -23.45
N TYR K 271 12.66 1.10 -24.41
CA TYR K 271 11.26 0.72 -24.27
C TYR K 271 11.00 -0.72 -24.70
N LYS K 272 11.66 -1.18 -25.74
CA LYS K 272 11.44 -2.49 -26.35
C LYS K 272 12.10 -3.61 -25.57
N ASP L 1 26.83 31.33 11.40
CA ASP L 1 26.73 30.81 12.76
C ASP L 1 28.09 30.29 13.21
N PRO L 2 28.21 29.89 14.47
CA PRO L 2 29.46 29.24 14.90
C PRO L 2 29.77 27.96 14.15
N LEU L 3 28.76 27.32 13.56
CA LEU L 3 29.01 26.09 12.82
C LEU L 3 29.80 26.38 11.57
N VAL L 4 29.53 27.50 10.91
CA VAL L 4 30.43 27.92 9.85
C VAL L 4 31.80 28.20 10.43
N TYR L 5 31.85 28.65 11.68
CA TYR L 5 33.12 28.88 12.35
C TYR L 5 33.69 27.59 12.96
N ASN L 6 33.23 26.40 12.53
CA ASN L 6 33.84 25.15 12.98
C ASN L 6 34.41 24.31 11.85
N MET L 7 33.74 24.27 10.69
CA MET L 7 34.17 23.39 9.60
C MET L 7 35.62 23.58 9.24
N THR L 8 36.07 24.82 9.12
CA THR L 8 37.40 25.09 8.60
C THR L 8 38.46 24.50 9.50
N SER L 9 39.09 23.41 9.04
CA SER L 9 40.05 22.65 9.83
C SER L 9 41.45 22.74 9.25
N PHE L 10 41.62 22.38 7.98
CA PHE L 10 42.93 22.30 7.33
C PHE L 10 42.95 23.19 6.08
N GLU L 11 42.54 24.45 6.23
CA GLU L 11 42.30 25.34 5.09
C GLU L 11 43.49 25.45 4.12
N GLN L 12 44.70 25.16 4.58
CA GLN L 12 45.91 25.29 3.76
C GLN L 12 46.58 23.96 3.47
N GLY L 13 46.82 23.14 4.49
CA GLY L 13 47.83 22.09 4.53
C GLY L 13 48.09 21.33 3.24
N GLU L 14 49.35 21.26 2.83
CA GLU L 14 49.70 20.78 1.49
C GLU L 14 49.96 19.29 1.53
N ILE L 15 49.15 18.53 0.77
CA ILE L 15 49.42 17.15 0.43
C ILE L 15 49.42 17.11 -1.09
N THR L 16 50.60 17.18 -1.68
CA THR L 16 50.76 17.61 -3.07
C THR L 16 50.40 16.51 -4.07
N PHE L 17 50.69 16.78 -5.35
CA PHE L 17 50.22 15.97 -6.46
C PHE L 17 51.09 14.76 -6.72
N ASP L 18 52.31 14.73 -6.22
CA ASP L 18 53.16 13.57 -6.38
C ASP L 18 52.57 12.34 -5.70
N GLY L 19 51.69 12.54 -4.73
CA GLY L 19 51.10 11.43 -4.00
C GLY L 19 49.84 10.89 -4.64
N ILE L 20 49.73 11.04 -5.97
CA ILE L 20 48.53 10.67 -6.70
C ILE L 20 48.96 10.10 -8.04
N GLY L 21 48.12 9.25 -8.62
CA GLY L 21 48.34 8.73 -9.96
C GLY L 21 47.04 8.65 -10.73
N GLY L 22 47.18 8.32 -12.02
CA GLY L 22 46.04 7.98 -12.84
C GLY L 22 45.36 9.17 -13.50
N LEU L 23 45.54 10.37 -12.96
CA LEU L 23 44.72 11.52 -13.30
C LEU L 23 45.57 12.66 -13.86
N THR L 24 46.54 12.34 -14.69
CA THR L 24 47.50 13.34 -15.15
C THR L 24 46.90 14.30 -16.17
N GLU L 25 45.67 14.09 -16.60
CA GLU L 25 45.04 14.88 -17.65
C GLU L 25 43.78 15.56 -17.17
N GLN L 26 43.02 14.91 -16.28
CA GLN L 26 41.93 15.57 -15.60
C GLN L 26 42.45 16.80 -14.88
N ILE L 27 43.54 16.62 -14.16
CA ILE L 27 44.21 17.72 -13.49
C ILE L 27 44.77 18.69 -14.52
N ARG L 28 45.17 18.18 -15.69
CA ARG L 28 45.48 19.07 -16.78
C ARG L 28 44.23 19.76 -17.29
N GLU L 29 43.09 19.10 -17.15
CA GLU L 29 41.80 19.69 -17.46
C GLU L 29 41.28 20.57 -16.33
N LEU L 30 41.95 20.60 -15.18
CA LEU L 30 41.47 21.32 -14.00
C LEU L 30 42.45 22.31 -13.44
N ARG L 31 43.75 22.00 -13.43
CA ARG L 31 44.74 23.02 -13.14
C ARG L 31 44.62 24.19 -14.10
N GLU L 32 44.12 23.92 -15.30
CA GLU L 32 43.80 24.94 -16.28
C GLU L 32 42.83 25.97 -15.72
N VAL L 33 41.70 25.50 -15.21
CA VAL L 33 40.54 26.38 -15.07
C VAL L 33 40.58 27.16 -13.77
N ILE L 34 40.97 26.52 -12.67
CA ILE L 34 40.78 27.13 -11.37
C ILE L 34 41.87 28.15 -11.07
N GLU L 35 43.12 27.73 -11.18
CA GLU L 35 44.22 28.52 -10.66
C GLU L 35 44.42 29.79 -11.45
N LEU L 36 44.06 29.75 -12.72
CA LEU L 36 44.44 30.83 -13.63
C LEU L 36 43.75 32.13 -13.27
N PRO L 37 42.43 32.17 -13.09
CA PRO L 37 41.80 33.35 -12.50
C PRO L 37 42.44 33.77 -11.20
N LEU L 38 42.80 32.79 -10.38
CA LEU L 38 43.35 33.05 -9.08
C LEU L 38 44.86 33.15 -9.09
N LYS L 39 45.46 33.09 -10.28
CA LYS L 39 46.86 33.39 -10.47
C LYS L 39 47.04 34.63 -11.34
N ASN L 40 46.43 34.64 -12.51
CA ASN L 40 46.66 35.66 -13.52
C ASN L 40 45.33 36.08 -14.11
N PRO L 41 44.50 36.75 -13.31
CA PRO L 41 43.12 37.03 -13.74
C PRO L 41 42.98 37.91 -14.97
N GLU L 42 43.97 38.72 -15.29
CA GLU L 42 43.83 39.63 -16.42
C GLU L 42 43.85 38.92 -17.76
N ILE L 43 44.22 37.64 -17.81
CA ILE L 43 44.20 36.89 -19.06
C ILE L 43 42.80 36.83 -19.62
N PHE L 44 41.85 36.44 -18.79
CA PHE L 44 40.47 36.39 -19.23
C PHE L 44 39.97 37.78 -19.61
N GLN L 45 40.57 38.83 -19.06
CA GLN L 45 40.35 40.19 -19.50
C GLN L 45 41.30 40.58 -20.61
N ARG L 46 42.43 39.90 -20.73
CA ARG L 46 43.29 40.08 -21.89
C ARG L 46 42.60 39.63 -23.15
N VAL L 47 41.67 38.70 -23.03
CA VAL L 47 41.15 37.92 -24.14
C VAL L 47 39.64 38.13 -24.27
N GLY L 48 39.00 38.45 -23.14
CA GLY L 48 37.60 38.83 -23.17
C GLY L 48 36.68 37.68 -22.79
N ILE L 49 36.99 36.97 -21.72
CA ILE L 49 36.19 35.86 -21.24
C ILE L 49 35.39 36.27 -20.02
N LYS L 50 34.13 35.88 -20.02
CA LYS L 50 33.37 35.78 -18.80
C LYS L 50 33.95 34.58 -18.06
N PRO L 51 34.70 34.75 -16.98
CA PRO L 51 35.45 33.64 -16.43
C PRO L 51 34.53 32.55 -15.90
N PRO L 52 35.06 31.36 -15.66
CA PRO L 52 34.24 30.26 -15.19
C PRO L 52 33.72 30.52 -13.78
N LYS L 53 32.72 29.74 -13.41
CA LYS L 53 32.29 29.69 -12.02
C LYS L 53 31.59 28.35 -11.85
N GLY L 54 32.30 27.37 -11.32
CA GLY L 54 31.72 26.09 -10.95
C GLY L 54 32.29 24.93 -11.74
N VAL L 55 32.59 23.85 -11.02
CA VAL L 55 33.07 22.60 -11.59
C VAL L 55 32.43 21.49 -10.76
N LEU L 56 32.47 20.26 -11.28
CA LEU L 56 32.22 19.13 -10.42
C LEU L 56 32.95 17.93 -10.98
N LEU L 57 32.69 16.79 -10.37
CA LEU L 57 33.27 15.50 -10.70
C LEU L 57 32.13 14.54 -10.96
N TYR L 58 32.45 13.37 -11.49
CA TYR L 58 31.57 12.24 -11.27
C TYR L 58 32.30 10.95 -11.58
N GLY L 59 31.69 9.87 -11.10
CA GLY L 59 32.26 8.56 -11.18
C GLY L 59 31.97 7.82 -9.89
N PRO L 60 32.23 6.52 -9.85
CA PRO L 60 31.92 5.74 -8.67
C PRO L 60 32.77 6.16 -7.49
N PRO L 61 32.42 5.69 -6.30
CA PRO L 61 33.06 6.21 -5.09
C PRO L 61 34.34 5.48 -4.75
N GLY L 62 34.99 5.91 -3.67
CA GLY L 62 36.22 5.32 -3.21
C GLY L 62 37.24 5.30 -4.31
N THR L 63 37.46 6.47 -4.91
CA THR L 63 38.16 6.56 -6.17
C THR L 63 39.24 7.64 -6.20
N GLY L 64 39.20 8.60 -5.29
CA GLY L 64 40.26 9.59 -5.16
C GLY L 64 39.87 11.00 -5.49
N LYS L 65 38.57 11.26 -5.67
CA LYS L 65 38.16 12.60 -6.01
C LYS L 65 38.32 13.54 -4.84
N THR L 66 38.01 13.07 -3.63
CA THR L 66 38.12 13.93 -2.47
C THR L 66 39.56 14.33 -2.22
N LEU L 67 40.51 13.47 -2.62
CA LEU L 67 41.90 13.83 -2.55
C LEU L 67 42.17 15.00 -3.47
N LEU L 68 41.68 14.90 -4.69
CA LEU L 68 41.81 15.98 -5.64
C LEU L 68 41.13 17.22 -5.11
N ALA L 69 40.01 17.03 -4.42
CA ALA L 69 39.29 18.16 -3.87
C ALA L 69 40.14 18.92 -2.86
N LYS L 70 41.14 18.26 -2.27
CA LYS L 70 42.05 18.91 -1.35
C LYS L 70 43.45 19.08 -1.92
N ALA L 71 43.84 18.27 -2.89
CA ALA L 71 45.19 18.36 -3.43
C ALA L 71 45.45 19.71 -4.06
N VAL L 72 44.40 20.41 -4.48
CA VAL L 72 44.58 21.73 -5.02
C VAL L 72 44.99 22.70 -3.93
N ALA L 73 44.60 22.43 -2.68
CA ALA L 73 45.02 23.25 -1.56
C ALA L 73 46.53 23.38 -1.50
N ALA L 74 47.24 22.31 -1.84
CA ALA L 74 48.70 22.30 -1.79
C ALA L 74 49.27 23.27 -2.81
N THR L 75 48.68 23.32 -3.99
CA THR L 75 49.20 24.19 -5.04
C THR L 75 49.02 25.65 -4.66
N ILE L 76 47.85 25.98 -4.15
CA ILE L 76 47.50 27.37 -3.91
C ILE L 76 48.31 27.93 -2.75
N GLY L 77 48.32 27.23 -1.61
CA GLY L 77 48.55 27.85 -0.33
C GLY L 77 47.35 28.62 0.22
N ALA L 78 46.40 28.98 -0.64
CA ALA L 78 45.25 29.78 -0.25
C ALA L 78 44.24 28.92 0.48
N ASN L 79 43.06 29.47 0.71
CA ASN L 79 42.14 28.92 1.68
C ASN L 79 41.27 27.84 1.06
N PHE L 80 40.41 27.27 1.89
CA PHE L 80 39.61 26.12 1.54
C PHE L 80 38.64 25.85 2.68
N ILE L 81 37.49 25.28 2.34
CA ILE L 81 36.59 24.72 3.33
C ILE L 81 36.06 23.39 2.83
N PHE L 82 35.76 22.52 3.78
CA PHE L 82 35.15 21.23 3.54
C PHE L 82 33.76 21.23 4.15
N SER L 83 32.83 20.62 3.45
CA SER L 83 31.46 20.60 3.93
C SER L 83 30.64 19.60 3.13
N PRO L 84 29.65 18.94 3.73
CA PRO L 84 28.84 17.99 2.97
C PRO L 84 27.67 18.67 2.31
N ALA L 85 26.82 17.87 1.65
CA ALA L 85 25.49 18.27 1.23
C ALA L 85 24.43 17.47 1.98
N SER L 86 24.76 17.04 3.19
CA SER L 86 23.86 16.27 4.03
C SER L 86 23.60 16.95 5.36
N GLY L 87 24.64 17.28 6.11
CA GLY L 87 24.47 17.86 7.43
C GLY L 87 24.07 19.32 7.36
N ILE L 88 22.96 19.60 6.69
CA ILE L 88 22.43 20.93 6.50
C ILE L 88 21.01 20.98 7.04
N VAL L 89 20.24 19.94 6.72
CA VAL L 89 18.82 19.94 7.03
C VAL L 89 18.61 19.93 8.53
N ASP L 90 17.44 20.40 8.93
CA ASP L 90 16.99 20.29 10.32
C ASP L 90 15.49 20.53 10.36
N LYS L 91 14.94 20.61 11.56
CA LYS L 91 13.51 20.80 11.72
C LYS L 91 13.08 22.16 11.22
N TYR L 92 13.62 23.20 11.81
CA TYR L 92 13.15 24.55 11.55
C TYR L 92 13.43 24.93 10.12
N ILE L 93 12.36 25.13 9.36
CA ILE L 93 12.47 25.44 7.94
C ILE L 93 13.25 26.71 7.72
N GLY L 94 14.05 26.73 6.67
CA GLY L 94 14.84 27.89 6.33
C GLY L 94 16.18 27.93 7.03
N GLU L 95 16.21 27.48 8.30
CA GLU L 95 17.46 27.41 9.03
C GLU L 95 18.49 26.61 8.28
N SER L 96 18.05 25.57 7.58
CA SER L 96 18.96 24.81 6.73
C SER L 96 19.48 25.68 5.60
N ALA L 97 18.64 26.56 5.07
CA ALA L 97 18.94 27.27 3.85
C ALA L 97 19.56 28.64 4.09
N ARG L 98 19.15 29.29 5.17
CA ARG L 98 19.75 30.54 5.58
C ARG L 98 21.26 30.43 5.64
N ILE L 99 21.75 29.29 6.09
CA ILE L 99 23.17 29.02 6.21
C ILE L 99 23.89 29.28 4.90
N ILE L 100 23.22 29.03 3.79
CA ILE L 100 23.86 29.15 2.50
C ILE L 100 24.20 30.59 2.22
N ARG L 101 23.33 31.50 2.64
CA ARG L 101 23.67 32.91 2.53
C ARG L 101 24.74 33.28 3.53
N GLU L 102 24.81 32.57 4.65
CA GLU L 102 25.75 32.92 5.69
C GLU L 102 27.18 32.65 5.25
N MET L 103 27.35 31.76 4.27
CA MET L 103 28.65 31.19 3.99
C MET L 103 29.30 31.79 2.77
N PHE L 104 28.54 32.03 1.71
CA PHE L 104 29.12 32.66 0.55
C PHE L 104 29.60 34.05 0.90
N ALA L 105 28.87 34.73 1.76
CA ALA L 105 29.36 35.99 2.29
C ALA L 105 30.62 35.73 3.10
N TYR L 106 30.63 34.62 3.84
CA TYR L 106 31.81 34.32 4.63
C TYR L 106 33.00 34.00 3.75
N ALA L 107 32.76 33.58 2.52
CA ALA L 107 33.86 33.49 1.57
C ALA L 107 34.39 34.86 1.24
N LYS L 108 33.48 35.80 0.99
CA LYS L 108 33.87 37.10 0.48
C LYS L 108 34.72 37.87 1.48
N GLU L 109 34.62 37.57 2.76
CA GLU L 109 35.35 38.34 3.75
C GLU L 109 36.78 37.83 3.93
N HIS L 110 37.13 36.70 3.32
CA HIS L 110 38.52 36.27 3.29
C HIS L 110 38.70 35.33 2.12
N GLU L 111 39.51 35.75 1.18
CA GLU L 111 39.83 34.95 0.02
C GLU L 111 41.19 35.40 -0.49
N PRO L 112 41.82 34.63 -1.39
CA PRO L 112 41.43 33.45 -2.16
C PRO L 112 40.97 32.26 -1.33
N CYS L 113 39.74 31.86 -1.58
CA CYS L 113 39.09 30.82 -0.80
C CYS L 113 37.98 30.22 -1.65
N ILE L 114 37.81 28.91 -1.54
CA ILE L 114 36.88 28.17 -2.37
C ILE L 114 36.16 27.15 -1.52
N ILE L 115 35.32 26.34 -2.18
CA ILE L 115 34.36 25.48 -1.52
C ILE L 115 34.38 24.10 -2.15
N PHE L 116 34.07 23.11 -1.33
CA PHE L 116 33.82 21.75 -1.74
C PHE L 116 32.43 21.36 -1.23
N MET L 117 31.81 20.38 -1.88
CA MET L 117 30.47 19.97 -1.48
C MET L 117 30.21 18.55 -1.97
N ASP L 118 30.16 17.61 -1.04
CA ASP L 118 29.94 16.22 -1.32
C ASP L 118 28.50 15.93 -1.69
N GLU L 119 28.28 14.71 -2.18
CA GLU L 119 27.02 13.96 -2.13
C GLU L 119 25.81 14.85 -2.38
N VAL L 120 25.92 15.64 -3.44
CA VAL L 120 24.93 16.65 -3.76
C VAL L 120 23.64 16.08 -4.31
N ASP L 121 23.61 14.78 -4.58
CA ASP L 121 22.38 14.16 -5.05
C ASP L 121 21.24 14.34 -4.05
N ALA L 122 21.58 14.48 -2.77
CA ALA L 122 20.58 14.81 -1.76
C ALA L 122 19.95 16.16 -2.04
N ILE L 123 20.69 17.05 -2.70
CA ILE L 123 20.20 18.38 -3.04
C ILE L 123 20.19 18.44 -4.56
N GLY L 124 19.91 17.31 -5.18
CA GLY L 124 20.13 17.10 -6.58
C GLY L 124 18.93 16.55 -7.29
N GLY L 125 17.76 17.06 -6.96
CA GLY L 125 16.51 16.55 -7.48
C GLY L 125 16.00 17.35 -8.66
N ARG L 126 15.07 16.74 -9.39
CA ARG L 126 14.29 17.43 -10.40
C ARG L 126 13.05 17.99 -9.73
N ARG L 127 12.85 19.30 -9.83
CA ARG L 127 11.75 19.96 -9.15
C ARG L 127 10.42 19.40 -9.61
N PHE L 128 9.76 18.65 -8.72
CA PHE L 128 8.54 17.94 -9.08
C PHE L 128 7.31 18.81 -8.97
N SER L 129 6.36 18.58 -9.86
CA SER L 129 5.06 19.24 -9.75
C SER L 129 4.36 18.79 -8.47
N GLU L 130 4.21 17.48 -8.29
CA GLU L 130 3.65 16.92 -7.08
C GLU L 130 4.76 16.63 -6.10
N GLY L 131 4.39 16.61 -4.82
CA GLY L 131 5.37 16.32 -3.79
C GLY L 131 4.70 15.80 -2.54
N THR L 132 5.54 15.56 -1.54
CA THR L 132 5.09 15.23 -0.20
C THR L 132 4.71 16.51 0.50
N SER L 133 4.57 16.46 1.81
CA SER L 133 4.35 17.69 2.57
C SER L 133 5.65 18.43 2.85
N ALA L 134 6.80 17.79 2.65
CA ALA L 134 8.08 18.36 3.08
C ALA L 134 9.22 18.24 2.10
N ASP L 135 9.19 17.30 1.16
CA ASP L 135 10.34 17.14 0.28
C ASP L 135 10.58 18.34 -0.59
N ARG L 136 9.56 19.16 -0.81
CA ARG L 136 9.79 20.42 -1.49
C ARG L 136 10.63 21.37 -0.67
N GLU L 137 10.83 21.09 0.62
CA GLU L 137 11.64 21.97 1.43
C GLU L 137 13.06 22.01 0.92
N ILE L 138 13.62 20.84 0.61
CA ILE L 138 14.97 20.85 0.09
C ILE L 138 15.02 21.54 -1.26
N GLN L 139 13.94 21.45 -2.03
CA GLN L 139 13.90 22.12 -3.30
C GLN L 139 13.98 23.63 -3.12
N ARG L 140 13.23 24.17 -2.16
CA ARG L 140 13.41 25.57 -1.85
C ARG L 140 14.73 25.82 -1.14
N THR L 141 15.28 24.81 -0.48
CA THR L 141 16.63 24.96 0.06
C THR L 141 17.64 24.97 -1.07
N LEU L 142 17.39 24.17 -2.09
CA LEU L 142 18.29 24.07 -3.22
C LEU L 142 18.46 25.41 -3.90
N MET L 143 17.35 25.96 -4.37
CA MET L 143 17.39 27.02 -5.36
C MET L 143 18.10 28.28 -4.87
N GLU L 144 18.21 28.44 -3.55
CA GLU L 144 19.12 29.43 -3.02
C GLU L 144 20.52 29.20 -3.55
N LEU L 145 20.97 27.95 -3.50
CA LEU L 145 22.25 27.61 -4.10
C LEU L 145 22.21 27.89 -5.59
N LEU L 146 21.12 27.46 -6.24
CA LEU L 146 20.95 27.74 -7.66
C LEU L 146 21.02 29.22 -7.93
N THR L 147 20.55 30.02 -6.99
CA THR L 147 20.62 31.46 -7.14
C THR L 147 22.05 31.95 -6.95
N GLN L 148 22.59 31.73 -5.76
CA GLN L 148 23.64 32.60 -5.25
C GLN L 148 24.90 32.53 -6.08
N MET L 149 25.12 31.43 -6.77
CA MET L 149 26.33 31.33 -7.57
C MET L 149 26.25 32.20 -8.81
N ASP L 150 25.05 32.41 -9.35
CA ASP L 150 24.86 33.21 -10.54
C ASP L 150 23.71 34.19 -10.41
N GLY L 151 23.14 34.35 -9.22
CA GLY L 151 22.00 35.21 -9.06
C GLY L 151 22.25 36.66 -9.40
N PHE L 152 21.21 37.46 -9.15
CA PHE L 152 21.32 38.91 -9.24
C PHE L 152 22.52 39.43 -8.47
N ASP L 153 22.81 38.82 -7.33
CA ASP L 153 24.03 39.12 -6.61
C ASP L 153 25.20 38.67 -7.46
N ASN L 154 25.92 39.64 -8.00
CA ASN L 154 27.12 39.33 -8.75
C ASN L 154 28.13 38.66 -7.85
N LEU L 155 29.08 37.98 -8.47
CA LEU L 155 30.09 37.25 -7.71
C LEU L 155 31.37 37.19 -8.51
N GLY L 156 32.47 37.10 -7.79
CA GLY L 156 33.77 36.91 -8.38
C GLY L 156 34.76 36.49 -7.32
N GLN L 157 35.84 35.89 -7.79
CA GLN L 157 36.96 35.54 -6.92
C GLN L 157 36.54 34.58 -5.82
N THR L 158 35.68 33.63 -6.17
CA THR L 158 35.45 32.48 -5.34
C THR L 158 34.93 31.37 -6.22
N LYS L 159 35.10 30.15 -5.76
CA LYS L 159 34.81 28.99 -6.57
C LYS L 159 34.21 27.88 -5.74
N ILE L 160 33.42 27.07 -6.40
CA ILE L 160 32.75 25.93 -5.82
C ILE L 160 33.07 24.72 -6.67
N ILE L 161 33.21 23.57 -6.03
CA ILE L 161 33.24 22.31 -6.74
C ILE L 161 32.43 21.32 -5.94
N MET L 162 31.69 20.48 -6.65
CA MET L 162 30.80 19.52 -6.05
C MET L 162 31.09 18.14 -6.63
N ALA L 163 30.37 17.15 -6.14
CA ALA L 163 30.64 15.79 -6.55
C ALA L 163 29.52 14.89 -6.11
N THR L 164 29.32 13.83 -6.87
CA THR L 164 28.34 12.82 -6.58
C THR L 164 28.88 11.46 -6.95
N ASN L 165 27.99 10.48 -6.84
CA ASN L 165 28.17 9.17 -7.44
C ASN L 165 26.91 8.80 -8.21
N ARG L 166 26.18 9.80 -8.65
CA ARG L 166 24.86 9.67 -9.24
C ARG L 166 24.56 10.95 -10.00
N PRO L 167 25.21 11.17 -11.15
CA PRO L 167 25.01 12.43 -11.88
C PRO L 167 23.58 12.69 -12.28
N ASP L 168 22.82 11.63 -12.49
CA ASP L 168 21.45 11.79 -12.89
C ASP L 168 20.63 12.34 -11.73
N THR L 169 19.35 12.55 -11.98
CA THR L 169 18.34 13.07 -11.07
C THR L 169 18.48 14.58 -10.86
N LEU L 170 19.50 15.22 -11.41
CA LEU L 170 19.78 16.61 -11.10
C LEU L 170 18.87 17.57 -11.85
N ASP L 171 18.49 18.62 -11.17
CA ASP L 171 17.81 19.73 -11.79
C ASP L 171 18.71 20.30 -12.89
N PRO L 172 18.31 20.26 -14.16
CA PRO L 172 19.16 20.84 -15.19
C PRO L 172 19.45 22.30 -15.00
N ALA L 173 18.59 23.02 -14.28
CA ALA L 173 18.81 24.45 -14.09
C ALA L 173 20.12 24.69 -13.38
N LEU L 174 20.56 23.74 -12.56
CA LEU L 174 21.90 23.78 -12.02
C LEU L 174 22.93 23.65 -13.12
N LEU L 175 22.70 22.72 -14.03
CA LEU L 175 23.69 22.35 -15.03
C LEU L 175 23.86 23.38 -16.12
N ARG L 176 23.04 24.42 -16.13
CA ARG L 176 23.29 25.59 -16.94
C ARG L 176 24.76 26.00 -16.82
N PRO L 177 25.52 25.96 -17.92
CA PRO L 177 26.86 26.56 -17.86
C PRO L 177 26.78 28.02 -17.51
N GLY L 178 27.76 28.46 -16.74
CA GLY L 178 27.70 29.72 -16.04
C GLY L 178 27.55 29.42 -14.57
N ARG L 179 26.78 28.38 -14.27
CA ARG L 179 26.73 27.85 -12.92
C ARG L 179 27.82 26.83 -12.69
N LEU L 180 28.26 26.18 -13.76
CA LEU L 180 29.49 25.41 -13.76
C LEU L 180 29.83 25.15 -15.21
N ASP L 181 31.06 25.49 -15.60
CA ASP L 181 31.42 25.65 -16.99
C ASP L 181 32.33 24.54 -17.50
N ARG L 182 32.45 23.45 -16.76
CA ARG L 182 33.10 22.27 -17.31
C ARG L 182 32.82 21.11 -16.38
N LYS L 183 32.64 19.95 -16.99
CA LYS L 183 32.40 18.71 -16.29
C LYS L 183 33.63 17.82 -16.44
N VAL L 184 33.61 16.69 -15.76
CA VAL L 184 34.64 15.69 -15.93
C VAL L 184 34.18 14.40 -15.28
N GLU L 185 34.69 13.29 -15.77
CA GLU L 185 34.47 11.97 -15.19
C GLU L 185 35.82 11.45 -14.74
N ILE L 186 35.87 10.99 -13.50
CA ILE L 186 37.02 10.25 -13.00
C ILE L 186 36.63 8.76 -13.00
N PRO L 187 37.25 7.92 -13.83
CA PRO L 187 36.88 6.51 -13.82
C PRO L 187 37.78 5.70 -12.94
N LEU L 188 37.45 4.44 -12.76
CA LEU L 188 38.45 3.49 -12.34
C LEU L 188 39.48 3.38 -13.45
N PRO L 189 40.77 3.69 -13.21
CA PRO L 189 41.69 3.79 -14.35
C PRO L 189 42.06 2.46 -14.98
N ASN L 190 43.03 2.52 -15.90
CA ASN L 190 43.65 1.32 -16.43
C ASN L 190 44.67 0.77 -15.45
N GLU L 191 45.23 -0.39 -15.80
CA GLU L 191 46.17 -1.07 -14.92
C GLU L 191 47.34 -0.20 -14.54
N ALA L 192 47.94 0.47 -15.53
CA ALA L 192 49.03 1.38 -15.22
C ALA L 192 48.52 2.53 -14.39
N GLY L 193 47.36 3.07 -14.75
CA GLY L 193 46.71 4.05 -13.91
C GLY L 193 46.38 3.50 -12.54
N ARG L 194 46.18 2.19 -12.45
CA ARG L 194 46.03 1.52 -11.17
C ARG L 194 47.37 1.14 -10.56
N LEU L 195 48.49 1.44 -11.22
CA LEU L 195 49.78 0.91 -10.82
C LEU L 195 50.60 1.92 -10.05
N GLU L 196 50.62 3.17 -10.49
CA GLU L 196 51.19 4.22 -9.64
C GLU L 196 50.50 4.22 -8.29
N ILE L 197 49.19 4.03 -8.29
CA ILE L 197 48.44 4.06 -7.05
C ILE L 197 48.88 2.89 -6.18
N PHE L 198 49.35 1.81 -6.81
CA PHE L 198 49.78 0.65 -6.05
C PHE L 198 51.07 0.92 -5.31
N LYS L 199 52.00 1.63 -5.95
CA LYS L 199 53.36 1.70 -5.45
C LYS L 199 53.58 2.82 -4.45
N ILE L 200 52.75 3.85 -4.49
CA ILE L 200 52.88 4.99 -3.58
C ILE L 200 52.89 4.52 -2.13
N HIS L 201 52.21 3.43 -1.83
CA HIS L 201 52.25 2.91 -0.49
C HIS L 201 53.60 2.27 -0.21
N THR L 202 54.13 1.54 -1.19
CA THR L 202 55.48 1.02 -1.05
C THR L 202 56.49 2.16 -1.01
N ALA L 203 56.18 3.27 -1.67
CA ALA L 203 57.09 4.41 -1.69
C ALA L 203 57.32 4.97 -0.29
N LYS L 204 56.43 4.69 0.64
CA LYS L 204 56.54 5.16 2.01
C LYS L 204 57.10 4.09 2.94
N VAL L 205 56.55 2.88 2.87
CA VAL L 205 56.88 1.84 3.82
C VAL L 205 58.10 1.09 3.29
N LYS L 206 58.72 0.32 4.16
CA LYS L 206 59.97 -0.37 3.87
C LYS L 206 59.72 -1.49 2.86
N LYS L 207 59.98 -1.23 1.59
CA LYS L 207 60.00 -2.28 0.59
C LYS L 207 61.23 -3.17 0.77
N THR L 208 61.13 -4.41 0.28
CA THR L 208 62.24 -5.37 0.36
C THR L 208 62.56 -6.04 -0.96
N GLY L 209 61.55 -6.37 -1.77
CA GLY L 209 61.73 -7.15 -2.96
C GLY L 209 61.79 -6.33 -4.24
N GLU L 210 61.95 -7.03 -5.34
CA GLU L 210 61.91 -6.41 -6.66
C GLU L 210 60.45 -6.09 -7.00
N PHE L 211 60.22 -5.72 -8.26
CA PHE L 211 58.92 -5.16 -8.64
C PHE L 211 57.76 -6.13 -8.42
N ASP L 212 57.72 -7.22 -9.19
CA ASP L 212 56.70 -8.25 -9.06
C ASP L 212 55.29 -7.67 -9.10
N PHE L 213 55.06 -6.74 -10.03
CA PHE L 213 53.78 -6.06 -10.19
C PHE L 213 52.96 -6.63 -11.34
N GLU L 214 53.57 -6.77 -12.52
CA GLU L 214 52.81 -6.90 -13.77
C GLU L 214 51.87 -8.09 -13.76
N ALA L 215 52.19 -9.13 -13.00
CA ALA L 215 51.28 -10.25 -12.82
C ALA L 215 50.37 -10.06 -11.62
N ALA L 216 50.87 -9.40 -10.58
CA ALA L 216 50.01 -8.99 -9.49
C ALA L 216 48.92 -8.07 -10.00
N VAL L 217 49.32 -7.03 -10.73
CA VAL L 217 48.39 -6.12 -11.36
C VAL L 217 47.57 -6.76 -12.46
N LYS L 218 47.95 -7.96 -12.92
CA LYS L 218 47.06 -8.71 -13.79
C LYS L 218 45.73 -8.98 -13.10
N MET L 219 45.74 -9.14 -11.78
CA MET L 219 44.52 -9.21 -11.01
C MET L 219 43.88 -7.84 -10.80
N SER L 220 44.55 -6.76 -11.18
CA SER L 220 44.14 -5.43 -10.80
C SER L 220 43.11 -4.84 -11.74
N ASP L 221 42.51 -5.65 -12.59
CA ASP L 221 41.43 -5.19 -13.45
C ASP L 221 40.09 -5.19 -12.74
N GLY L 222 40.06 -5.44 -11.44
CA GLY L 222 38.83 -5.51 -10.69
C GLY L 222 38.69 -4.44 -9.64
N PHE L 223 39.81 -3.98 -9.10
CA PHE L 223 39.76 -3.12 -7.93
C PHE L 223 39.17 -1.76 -8.26
N ASN L 224 38.95 -1.01 -7.18
CA ASN L 224 38.62 0.40 -7.24
C ASN L 224 39.91 1.21 -7.13
N GLY L 225 39.79 2.51 -6.89
CA GLY L 225 40.92 3.37 -6.70
C GLY L 225 41.38 3.50 -5.27
N ALA L 226 40.72 2.84 -4.33
CA ALA L 226 40.94 3.07 -2.91
C ALA L 226 41.06 1.81 -2.07
N ASP L 227 40.75 0.64 -2.58
CA ASP L 227 40.89 -0.58 -1.80
C ASP L 227 42.34 -1.03 -1.65
N ILE L 228 43.28 -0.33 -2.29
CA ILE L 228 44.63 -0.83 -2.33
C ILE L 228 45.42 -0.34 -1.13
N ARG L 229 45.09 0.82 -0.60
CA ARG L 229 45.70 1.25 0.66
C ARG L 229 45.41 0.24 1.74
N ASN L 230 44.21 -0.34 1.72
CA ASN L 230 43.92 -1.49 2.55
C ASN L 230 44.84 -2.64 2.17
N CYS L 231 44.94 -2.92 0.86
CA CYS L 231 45.75 -4.02 0.38
C CYS L 231 47.20 -3.86 0.78
N ALA L 232 47.72 -2.65 0.64
CA ALA L 232 49.11 -2.38 0.94
C ALA L 232 49.41 -2.67 2.40
N THR L 233 48.59 -2.15 3.30
CA THR L 233 48.78 -2.44 4.71
C THR L 233 48.44 -3.89 5.04
N GLU L 234 47.50 -4.47 4.30
CA GLU L 234 47.06 -5.81 4.61
C GLU L 234 48.18 -6.82 4.41
N ALA L 235 49.13 -6.53 3.52
CA ALA L 235 50.27 -7.43 3.34
C ALA L 235 51.09 -7.49 4.62
N GLY L 236 51.56 -6.34 5.08
CA GLY L 236 52.25 -6.27 6.34
C GLY L 236 51.37 -6.50 7.54
N PHE L 237 50.05 -6.52 7.35
CA PHE L 237 49.17 -6.77 8.48
C PHE L 237 49.39 -8.17 9.04
N PHE L 238 49.78 -9.12 8.18
CA PHE L 238 50.01 -10.49 8.62
C PHE L 238 51.32 -11.07 8.14
N ALA L 239 52.07 -10.37 7.31
CA ALA L 239 53.49 -10.67 7.21
C ALA L 239 54.11 -10.60 8.59
N ILE L 240 53.64 -9.64 9.39
CA ILE L 240 54.13 -9.46 10.74
C ILE L 240 53.49 -10.45 11.72
N ARG L 241 52.29 -10.95 11.40
CA ARG L 241 51.59 -11.77 12.39
C ARG L 241 52.32 -13.07 12.67
N ASP L 242 53.24 -13.47 11.79
CA ASP L 242 54.25 -14.46 12.12
C ASP L 242 55.46 -13.85 12.82
N ASP L 243 55.30 -12.64 13.39
CA ASP L 243 56.38 -11.93 14.04
C ASP L 243 57.57 -11.75 13.11
N ARG L 244 57.27 -11.57 11.83
CA ARG L 244 58.27 -11.30 10.81
C ARG L 244 58.07 -9.85 10.40
N ASP L 245 58.84 -8.97 11.03
CA ASP L 245 58.65 -7.54 10.90
C ASP L 245 59.52 -6.94 9.80
N HIS L 246 59.81 -7.71 8.76
CA HIS L 246 60.45 -7.20 7.56
C HIS L 246 59.72 -7.79 6.37
N ILE L 247 58.97 -6.93 5.68
CA ILE L 247 57.89 -7.34 4.78
C ILE L 247 58.47 -8.02 3.56
N ASN L 248 57.60 -8.63 2.75
CA ASN L 248 58.00 -9.35 1.56
C ASN L 248 56.98 -9.16 0.44
N PRO L 249 57.32 -9.51 -0.81
CA PRO L 249 56.31 -9.72 -1.83
C PRO L 249 55.68 -11.09 -1.78
N ASP L 250 55.93 -11.84 -0.71
CA ASP L 250 55.38 -13.17 -0.56
C ASP L 250 53.98 -13.13 0.04
N ASP L 251 53.70 -12.16 0.89
CA ASP L 251 52.55 -12.20 1.78
C ASP L 251 51.37 -11.38 1.26
N LEU L 252 51.63 -10.31 0.50
CA LEU L 252 50.55 -9.52 -0.07
C LEU L 252 49.65 -10.36 -0.95
N MET L 253 50.21 -11.39 -1.57
CA MET L 253 49.44 -12.18 -2.52
C MET L 253 48.25 -12.81 -1.84
N LYS L 254 48.48 -13.40 -0.67
CA LYS L 254 47.37 -13.92 0.14
C LYS L 254 46.36 -12.83 0.44
N ALA L 255 46.82 -11.58 0.56
CA ALA L 255 45.90 -10.48 0.82
C ALA L 255 45.17 -10.08 -0.45
N VAL L 256 45.92 -9.78 -1.50
CA VAL L 256 45.32 -9.19 -2.70
C VAL L 256 44.38 -10.18 -3.36
N ARG L 257 44.69 -11.48 -3.29
CA ARG L 257 43.73 -12.46 -3.73
C ARG L 257 42.50 -12.44 -2.84
N LYS L 258 42.71 -12.36 -1.53
CA LYS L 258 41.62 -12.47 -0.56
C LYS L 258 40.59 -11.36 -0.76
N VAL L 259 41.06 -10.12 -0.85
CA VAL L 259 40.18 -8.96 -0.84
C VAL L 259 39.17 -9.00 -1.98
N ALA L 260 39.52 -9.66 -3.08
CA ALA L 260 38.72 -9.53 -4.29
C ALA L 260 37.34 -10.16 -4.12
N GLU L 261 37.27 -11.29 -3.43
CA GLU L 261 36.01 -12.01 -3.33
C GLU L 261 35.18 -11.55 -2.13
N VAL L 262 35.83 -11.12 -1.06
CA VAL L 262 35.10 -10.45 0.00
C VAL L 262 34.60 -9.10 -0.49
N LYS L 263 35.32 -8.50 -1.42
CA LYS L 263 34.79 -7.34 -2.11
C LYS L 263 33.70 -7.73 -3.09
N LYS L 264 33.81 -8.93 -3.67
CA LYS L 264 32.86 -9.36 -4.69
C LYS L 264 31.47 -9.51 -4.11
N LEU L 265 31.36 -10.03 -2.90
CA LEU L 265 30.06 -10.45 -2.37
C LEU L 265 29.09 -9.29 -2.19
N GLU L 266 29.58 -8.05 -2.18
CA GLU L 266 28.71 -6.87 -2.14
C GLU L 266 29.26 -5.75 -3.00
N GLY L 267 29.94 -6.09 -4.10
CA GLY L 267 30.52 -5.12 -5.00
C GLY L 267 29.70 -4.96 -6.27
N THR L 268 30.24 -4.15 -7.18
CA THR L 268 29.67 -3.83 -8.50
C THR L 268 28.16 -3.55 -8.43
N ILE L 269 27.79 -2.61 -7.57
CA ILE L 269 26.38 -2.30 -7.38
C ILE L 269 25.85 -1.49 -8.56
N GLU L 270 26.47 -0.34 -8.85
CA GLU L 270 26.06 0.52 -9.94
C GLU L 270 27.26 1.39 -10.29
N TYR L 271 27.11 2.19 -11.35
CA TYR L 271 28.19 3.03 -11.85
C TYR L 271 27.77 4.46 -12.15
N GLN L 272 26.49 4.74 -12.38
CA GLN L 272 25.99 6.09 -12.55
C GLN L 272 26.67 6.79 -13.73
N LYS L 273 26.43 6.24 -14.92
CA LYS L 273 26.96 6.81 -16.16
C LYS L 273 28.49 6.83 -16.15
N PRO M 1 33.59 -7.60 36.67
CA PRO M 1 34.44 -8.69 37.15
C PRO M 1 35.56 -9.02 36.18
N THR M 2 36.52 -9.82 36.62
CA THR M 2 37.63 -10.26 35.76
C THR M 2 37.33 -11.64 35.18
N GLU M 3 36.19 -11.75 34.51
CA GLU M 3 35.85 -12.97 33.82
C GLU M 3 36.80 -13.18 32.64
N THR M 4 36.82 -14.40 32.10
CA THR M 4 37.86 -14.76 31.16
C THR M 4 37.70 -13.99 29.85
N TYR M 5 38.60 -14.27 28.90
CA TYR M 5 38.39 -13.78 27.55
C TYR M 5 37.06 -14.28 27.01
N SER M 6 36.76 -15.57 27.21
CA SER M 6 35.69 -16.19 26.45
C SER M 6 34.32 -15.92 27.03
N ASP M 7 33.98 -16.62 28.13
CA ASP M 7 32.70 -16.45 28.81
C ASP M 7 31.46 -16.53 27.93
N VAL M 8 31.62 -16.99 26.69
CA VAL M 8 30.63 -16.79 25.63
C VAL M 8 30.34 -18.06 24.86
N GLY M 9 31.30 -18.98 24.81
CA GLY M 9 31.26 -20.09 23.91
C GLY M 9 32.66 -20.39 23.43
N GLY M 10 32.73 -21.14 22.34
CA GLY M 10 33.99 -21.54 21.75
C GLY M 10 34.34 -20.69 20.55
N LEU M 11 34.11 -19.40 20.64
CA LEU M 11 34.36 -18.48 19.53
C LEU M 11 35.81 -18.00 19.52
N ASP M 12 36.74 -18.95 19.52
CA ASP M 12 38.13 -18.61 19.30
C ASP M 12 38.34 -17.99 17.92
N LYS M 13 37.47 -18.32 16.96
CA LYS M 13 37.69 -17.91 15.58
C LYS M 13 37.69 -16.39 15.44
N GLN M 14 36.73 -15.71 16.06
CA GLN M 14 36.67 -14.26 15.94
C GLN M 14 37.72 -13.60 16.81
N ILE M 15 37.70 -13.92 18.10
CA ILE M 15 38.55 -13.22 19.06
C ILE M 15 40.03 -13.47 18.76
N GLU M 16 40.40 -14.72 18.47
CA GLU M 16 41.78 -14.97 18.09
C GLU M 16 42.13 -14.36 16.75
N GLU M 17 41.13 -14.02 15.94
CA GLU M 17 41.35 -13.23 14.73
C GLU M 17 41.31 -11.74 15.05
N LEU M 18 40.37 -11.35 15.91
CA LEU M 18 40.06 -9.95 16.10
C LEU M 18 41.26 -9.16 16.57
N VAL M 19 41.72 -9.48 17.79
CA VAL M 19 42.74 -8.66 18.44
C VAL M 19 44.05 -8.64 17.69
N GLU M 20 44.23 -9.55 16.72
CA GLU M 20 45.31 -9.37 15.76
C GLU M 20 45.20 -8.00 15.07
N ALA M 21 43.98 -7.50 14.91
CA ALA M 21 43.75 -6.13 14.47
C ALA M 21 44.02 -5.09 15.54
N ILE M 22 44.35 -5.52 16.76
CA ILE M 22 44.54 -4.63 17.90
C ILE M 22 45.92 -4.78 18.52
N VAL M 23 46.69 -5.80 18.12
CA VAL M 23 48.07 -5.91 18.53
C VAL M 23 48.83 -4.63 18.16
N LEU M 24 48.66 -4.17 16.93
CA LEU M 24 49.37 -2.96 16.51
C LEU M 24 48.93 -1.75 17.31
N PRO M 25 47.63 -1.48 17.48
CA PRO M 25 47.23 -0.51 18.50
C PRO M 25 47.74 -0.82 19.88
N MET M 26 47.95 -2.10 20.21
CA MET M 26 48.43 -2.47 21.53
C MET M 26 49.93 -2.31 21.64
N LYS M 27 50.65 -2.73 20.60
CA LYS M 27 52.09 -2.91 20.67
C LYS M 27 52.62 -2.96 19.24
N ARG M 28 53.81 -3.52 19.05
CA ARG M 28 54.36 -3.84 17.74
C ARG M 28 54.74 -2.58 16.96
N ALA M 29 54.78 -1.43 17.63
CA ALA M 29 55.22 -0.18 16.99
C ALA M 29 56.68 -0.19 16.56
N ASP M 30 57.45 -1.24 16.87
CA ASP M 30 58.88 -1.25 16.55
C ASP M 30 59.11 -1.12 15.05
N LYS M 31 58.45 -1.98 14.27
CA LYS M 31 58.44 -1.86 12.82
C LYS M 31 57.13 -1.33 12.27
N PHE M 32 56.03 -1.47 13.01
CA PHE M 32 54.77 -0.88 12.60
C PHE M 32 54.90 0.63 12.53
N LYS M 33 55.21 1.26 13.67
CA LYS M 33 55.47 2.69 13.71
C LYS M 33 56.75 3.05 12.98
N ASP M 34 57.62 2.09 12.69
CA ASP M 34 58.69 2.29 11.74
C ASP M 34 58.23 2.05 10.31
N MET M 35 57.14 1.30 10.13
CA MET M 35 56.42 1.27 8.87
C MET M 35 55.37 2.35 8.79
N GLY M 36 54.94 2.90 9.94
CA GLY M 36 54.00 4.01 10.00
C GLY M 36 52.68 3.74 9.33
N ILE M 37 52.35 2.48 9.10
CA ILE M 37 51.20 2.12 8.28
C ILE M 37 49.95 2.16 9.14
N ARG M 38 48.79 2.00 8.49
CA ARG M 38 47.50 2.33 9.08
C ARG M 38 47.26 1.61 10.39
N ALA M 39 46.51 2.27 11.27
CA ALA M 39 46.27 1.80 12.63
C ALA M 39 44.81 2.11 12.96
N PRO M 40 43.93 1.09 12.93
CA PRO M 40 42.56 1.31 13.42
C PRO M 40 42.50 1.87 14.82
N LYS M 41 42.07 3.12 14.94
CA LYS M 41 42.05 3.83 16.22
C LYS M 41 40.70 3.64 16.90
N GLY M 42 40.41 2.37 17.20
CA GLY M 42 39.18 1.97 17.85
C GLY M 42 38.36 1.10 16.93
N ALA M 43 38.44 -0.22 17.11
CA ALA M 43 37.81 -1.14 16.19
C ALA M 43 36.30 -1.14 16.34
N LEU M 44 35.66 -0.06 15.91
CA LEU M 44 34.21 0.02 15.98
C LEU M 44 33.59 -1.01 15.05
N MET M 45 32.53 -1.65 15.51
CA MET M 45 31.92 -2.75 14.78
C MET M 45 30.48 -2.87 15.24
N TYR M 46 29.85 -4.00 14.95
CA TYR M 46 28.40 -4.03 14.85
C TYR M 46 27.91 -5.46 15.12
N GLY M 47 26.62 -5.67 14.83
CA GLY M 47 25.92 -6.87 15.18
C GLY M 47 24.78 -6.50 16.12
N PRO M 48 23.52 -6.80 15.77
CA PRO M 48 22.41 -6.33 16.60
C PRO M 48 22.42 -6.99 17.97
N PRO M 49 21.64 -6.48 18.92
CA PRO M 49 21.63 -7.07 20.27
C PRO M 49 21.23 -8.54 20.25
N GLY M 50 21.59 -9.20 21.34
CA GLY M 50 21.56 -10.65 21.42
C GLY M 50 22.93 -11.24 21.63
N THR M 51 23.96 -10.54 21.20
CA THR M 51 25.31 -11.06 21.24
C THR M 51 25.96 -10.72 22.57
N GLY M 52 27.15 -11.28 22.78
CA GLY M 52 27.98 -10.92 23.90
C GLY M 52 29.03 -9.92 23.48
N LYS M 53 28.64 -9.03 22.56
CA LYS M 53 29.58 -8.03 22.06
C LYS M 53 30.12 -7.17 23.19
N THR M 54 29.28 -6.85 24.16
CA THR M 54 29.75 -6.16 25.35
C THR M 54 30.76 -7.04 26.09
N LEU M 55 30.53 -8.35 26.06
CA LEU M 55 31.44 -9.27 26.74
C LEU M 55 32.71 -9.44 25.92
N LEU M 56 32.56 -9.65 24.60
CA LEU M 56 33.72 -9.65 23.74
C LEU M 56 34.46 -8.33 23.84
N ALA M 57 33.70 -7.24 23.99
CA ALA M 57 34.30 -5.94 24.23
C ALA M 57 35.03 -5.94 25.56
N ARG M 58 34.30 -6.26 26.62
CA ARG M 58 34.87 -6.08 27.94
C ARG M 58 35.88 -7.17 28.28
N ALA M 59 35.63 -8.40 27.83
CA ALA M 59 36.56 -9.48 28.14
C ALA M 59 37.89 -9.28 27.46
N CYS M 60 37.91 -8.60 26.31
CA CYS M 60 39.18 -8.26 25.69
C CYS M 60 39.96 -7.31 26.59
N ALA M 61 39.26 -6.51 27.38
CA ALA M 61 39.90 -5.69 28.39
C ALA M 61 40.34 -6.49 29.61
N ALA M 62 40.13 -7.81 29.63
CA ALA M 62 40.70 -8.61 30.71
C ALA M 62 42.21 -8.60 30.65
N GLN M 63 42.76 -8.53 29.44
CA GLN M 63 44.19 -8.43 29.23
C GLN M 63 44.64 -6.97 29.31
N THR M 64 43.81 -6.07 28.79
CA THR M 64 44.07 -4.64 28.81
C THR M 64 43.09 -4.05 29.82
N ASN M 65 43.49 -4.01 31.09
CA ASN M 65 42.56 -3.65 32.15
C ASN M 65 42.01 -2.25 31.97
N ALA M 66 40.81 -2.04 32.47
CA ALA M 66 40.02 -0.86 32.14
C ALA M 66 39.01 -0.63 33.26
N THR M 67 39.03 0.56 33.86
CA THR M 67 38.14 0.85 34.97
C THR M 67 36.69 0.76 34.52
N PHE M 68 35.81 0.38 35.45
CA PHE M 68 34.40 0.15 35.14
C PHE M 68 33.65 1.49 35.10
N LEU M 69 33.84 2.21 34.00
CA LEU M 69 33.05 3.41 33.72
C LEU M 69 32.98 3.57 32.21
N LYS M 70 31.79 3.38 31.65
CA LYS M 70 31.63 3.31 30.20
C LYS M 70 30.25 3.91 29.89
N LEU M 71 30.24 5.20 29.56
CA LEU M 71 29.02 5.99 29.47
C LEU M 71 28.73 6.32 28.02
N ALA M 72 27.45 6.36 27.67
CA ALA M 72 26.99 6.36 26.29
C ALA M 72 26.20 7.63 25.97
N ALA M 73 25.89 7.75 24.68
CA ALA M 73 25.08 8.80 24.08
C ALA M 73 23.85 9.22 24.89
N PRO M 74 23.13 8.31 25.54
CA PRO M 74 22.08 8.77 26.46
C PRO M 74 22.58 9.58 27.65
N GLN M 75 23.89 9.67 27.88
CA GLN M 75 24.47 10.69 28.73
C GLN M 75 24.63 12.02 28.00
N LEU M 76 24.52 12.02 26.67
CA LEU M 76 24.82 13.16 25.83
C LEU M 76 23.53 13.82 25.32
N VAL M 77 22.44 13.65 26.06
CA VAL M 77 21.12 14.10 25.64
C VAL M 77 20.48 14.79 26.84
N GLN M 78 20.61 16.11 26.89
CA GLN M 78 20.14 16.93 28.01
C GLN M 78 19.68 18.28 27.49
N MET M 79 19.51 19.24 28.40
CA MET M 79 18.96 20.56 28.05
C MET M 79 20.09 21.56 27.85
N TYR M 80 20.08 22.21 26.68
CA TYR M 80 21.16 23.10 26.26
C TYR M 80 22.51 22.40 26.38
N ILE M 81 22.58 21.23 25.73
CA ILE M 81 23.70 20.30 25.91
C ILE M 81 24.97 20.88 25.28
N GLY M 82 26.09 20.23 25.56
CA GLY M 82 27.39 20.66 25.09
C GLY M 82 28.45 20.49 26.17
N GLU M 83 28.05 20.70 27.42
CA GLU M 83 28.89 20.30 28.54
C GLU M 83 29.09 18.79 28.55
N GLY M 84 28.09 18.03 28.11
CA GLY M 84 28.30 16.62 27.85
C GLY M 84 29.19 16.41 26.65
N ALA M 85 29.04 17.24 25.62
CA ALA M 85 29.93 17.15 24.47
C ALA M 85 31.33 17.68 24.81
N LYS M 86 31.44 18.52 25.83
CA LYS M 86 32.75 18.83 26.39
C LYS M 86 33.37 17.61 27.03
N LEU M 87 32.54 16.84 27.75
CA LEU M 87 33.02 15.70 28.52
C LEU M 87 33.73 14.69 27.63
N VAL M 88 33.13 14.38 26.48
CA VAL M 88 33.66 13.35 25.60
C VAL M 88 35.02 13.76 25.06
N ARG M 89 35.18 15.03 24.72
CA ARG M 89 36.43 15.47 24.11
C ARG M 89 37.55 15.44 25.13
N ASP M 90 37.25 15.79 26.37
CA ASP M 90 38.20 15.69 27.45
C ASP M 90 38.41 14.25 27.91
N ALA M 91 37.59 13.32 27.42
CA ALA M 91 37.53 11.99 28.01
C ALA M 91 38.83 11.22 27.83
N PHE M 92 39.59 11.51 26.77
CA PHE M 92 40.74 10.68 26.41
C PHE M 92 42.06 11.24 26.87
N ALA M 93 42.31 12.54 26.69
CA ALA M 93 43.46 13.17 27.31
C ALA M 93 43.41 13.00 28.81
N LEU M 94 42.20 13.02 29.37
CA LEU M 94 41.96 12.55 30.73
C LEU M 94 42.60 11.19 30.95
N ALA M 95 42.13 10.21 30.17
CA ALA M 95 42.64 8.85 30.32
C ALA M 95 44.04 8.69 29.74
N LYS M 96 44.47 9.63 28.88
CA LYS M 96 45.78 9.51 28.26
C LYS M 96 46.93 9.79 29.22
N GLU M 97 46.65 10.07 30.49
CA GLU M 97 47.71 10.26 31.47
C GLU M 97 48.55 9.00 31.58
N LYS M 98 47.95 7.92 32.07
CA LYS M 98 48.59 6.61 32.01
C LYS M 98 47.50 5.56 32.17
N ALA M 99 47.05 5.00 31.05
CA ALA M 99 46.06 3.94 31.13
C ALA M 99 45.91 3.19 29.81
N PRO M 100 46.04 1.85 29.79
CA PRO M 100 45.44 1.09 28.69
C PRO M 100 43.92 0.94 28.81
N THR M 101 43.33 1.52 29.88
CA THR M 101 41.89 1.58 30.01
C THR M 101 41.28 2.21 28.77
N ILE M 102 40.16 1.63 28.35
CA ILE M 102 39.46 2.09 27.15
C ILE M 102 37.98 1.83 27.34
N ILE M 103 37.19 2.90 27.24
CA ILE M 103 35.75 2.82 27.43
C ILE M 103 35.08 2.42 26.14
N PHE M 104 33.77 2.18 26.21
CA PHE M 104 33.01 1.54 25.14
C PHE M 104 31.69 2.29 24.97
N ILE M 105 31.64 3.20 24.01
CA ILE M 105 30.41 3.92 23.70
C ILE M 105 29.41 2.95 23.11
N ASP M 106 28.14 3.37 23.02
CA ASP M 106 27.09 2.54 22.44
C ASP M 106 26.09 3.47 21.78
N GLU M 107 25.75 3.17 20.52
CA GLU M 107 25.01 4.11 19.68
C GLU M 107 23.83 3.41 19.02
N LEU M 108 22.63 3.83 19.40
CA LEU M 108 21.41 3.61 18.62
C LEU M 108 20.97 5.02 18.21
N ASP M 109 21.55 5.53 17.13
CA ASP M 109 21.46 6.96 16.82
C ASP M 109 20.02 7.39 16.55
N ALA M 110 19.42 6.86 15.48
CA ALA M 110 18.05 7.18 15.10
C ALA M 110 17.04 6.23 15.73
N ILE M 111 17.33 5.70 16.91
CA ILE M 111 16.37 4.90 17.67
C ILE M 111 15.34 5.80 18.35
N GLY M 112 15.47 7.12 18.19
CA GLY M 112 14.48 8.07 18.66
C GLY M 112 13.74 8.79 17.55
N THR M 113 14.35 8.92 16.37
CA THR M 113 13.76 9.58 15.22
C THR M 113 13.59 8.61 14.08
N LYS M 114 12.97 9.09 13.01
CA LYS M 114 12.65 8.28 11.86
C LYS M 114 13.81 8.31 10.86
N ARG M 115 13.68 7.51 9.80
CA ARG M 115 14.69 7.42 8.75
C ARG M 115 14.06 7.34 7.36
N PHE M 116 12.92 8.01 7.16
CA PHE M 116 12.29 8.01 5.85
C PHE M 116 13.20 8.63 4.80
N ASP M 117 14.03 9.59 5.19
CA ASP M 117 15.07 10.15 4.35
C ASP M 117 16.41 9.55 4.77
N SER M 118 17.15 8.99 3.80
CA SER M 118 18.51 8.55 4.07
C SER M 118 19.37 9.70 4.57
N GLU M 119 19.15 10.90 4.03
CA GLU M 119 19.73 12.10 4.62
C GLU M 119 19.18 12.22 6.04
N LYS M 120 20.04 12.00 7.02
CA LYS M 120 19.61 11.54 8.33
C LYS M 120 20.16 12.44 9.43
N SER M 121 19.60 12.27 10.62
CA SER M 121 20.05 12.98 11.81
C SER M 121 21.20 12.24 12.47
N GLY M 122 22.30 12.13 11.72
CA GLY M 122 23.57 11.76 12.31
C GLY M 122 23.79 12.73 13.45
N ASP M 123 23.71 12.19 14.67
CA ASP M 123 23.48 12.99 15.87
C ASP M 123 24.48 14.13 15.98
N ARG M 124 24.04 15.20 16.65
CA ARG M 124 24.73 16.49 16.64
C ARG M 124 26.18 16.38 17.11
N GLU M 125 26.38 16.07 18.38
CA GLU M 125 27.68 16.28 18.99
C GLU M 125 28.59 15.07 18.88
N VAL M 126 28.02 13.87 18.80
CA VAL M 126 28.84 12.68 18.60
C VAL M 126 29.55 12.77 17.26
N GLN M 127 28.79 13.09 16.21
CA GLN M 127 29.36 13.20 14.87
C GLN M 127 30.43 14.29 14.82
N ARG M 128 30.31 15.29 15.69
CA ARG M 128 31.33 16.34 15.77
C ARG M 128 32.48 15.89 16.66
N THR M 129 32.17 15.53 17.89
CA THR M 129 33.20 15.24 18.87
C THR M 129 34.00 14.01 18.54
N MET M 130 33.40 13.03 17.86
CA MET M 130 34.11 11.80 17.54
C MET M 130 35.35 12.06 16.70
N LEU M 131 35.37 13.18 15.96
CA LEU M 131 36.46 13.47 15.04
C LEU M 131 37.75 13.78 15.80
N GLU M 132 37.72 14.85 16.57
CA GLU M 132 38.93 15.32 17.25
C GLU M 132 39.49 14.27 18.18
N LEU M 133 38.61 13.53 18.86
CA LEU M 133 39.07 12.48 19.75
C LEU M 133 39.64 11.30 18.97
N LEU M 134 39.43 11.25 17.66
CA LEU M 134 39.97 10.21 16.79
C LEU M 134 41.06 10.69 15.85
N ASN M 135 41.03 11.96 15.44
CA ASN M 135 41.99 12.41 14.45
C ASN M 135 43.36 12.65 15.07
N GLN M 136 43.40 13.21 16.27
CA GLN M 136 44.62 13.73 16.87
C GLN M 136 45.17 12.82 17.96
N LEU M 137 45.13 11.50 17.76
CA LEU M 137 45.38 10.56 18.85
C LEU M 137 46.25 9.40 18.38
N ASP M 138 47.25 9.05 19.20
CA ASP M 138 48.00 7.82 19.05
C ASP M 138 48.08 7.11 20.39
N GLY M 139 48.64 5.89 20.36
CA GLY M 139 48.67 5.02 21.52
C GLY M 139 50.04 4.75 22.09
N PHE M 140 51.09 5.05 21.33
CA PHE M 140 52.49 4.94 21.76
C PHE M 140 52.95 3.51 22.00
N SER M 141 52.14 2.51 21.67
CA SER M 141 52.51 1.08 21.79
C SER M 141 52.74 0.65 23.24
N SER M 142 52.29 1.44 24.21
CA SER M 142 52.42 1.09 25.62
C SER M 142 51.55 2.01 26.45
N ASP M 143 50.82 1.47 27.42
CA ASP M 143 49.82 2.20 28.18
C ASP M 143 48.68 2.71 27.31
N ASP M 144 48.51 2.17 26.10
CA ASP M 144 47.33 2.40 25.26
C ASP M 144 46.95 1.09 24.57
N ARG M 145 46.85 0.02 25.37
CA ARG M 145 46.78 -1.34 24.87
C ARG M 145 45.65 -1.55 23.87
N VAL M 146 44.60 -0.74 23.94
CA VAL M 146 43.53 -0.75 22.96
C VAL M 146 43.13 0.69 22.69
N LYS M 147 42.13 0.86 21.82
CA LYS M 147 41.68 2.16 21.37
C LYS M 147 40.17 2.25 21.60
N VAL M 148 39.74 3.33 22.25
CA VAL M 148 38.33 3.48 22.59
C VAL M 148 37.48 3.46 21.34
N LEU M 149 36.28 2.93 21.45
CA LEU M 149 35.43 2.67 20.30
C LEU M 149 33.98 2.58 20.76
N ALA M 150 33.11 2.12 19.87
CA ALA M 150 31.69 1.98 20.16
C ALA M 150 31.15 0.84 19.32
N ALA M 151 29.83 0.75 19.22
CA ALA M 151 29.19 -0.19 18.31
C ALA M 151 27.73 0.21 18.18
N THR M 152 27.08 -0.36 17.17
CA THR M 152 25.74 0.05 16.79
C THR M 152 24.91 -1.18 16.42
N ASN M 153 23.66 -0.91 16.07
CA ASN M 153 22.64 -1.92 15.85
C ASN M 153 22.67 -2.50 14.45
N ARG M 154 23.00 -1.69 13.44
CA ARG M 154 22.81 -2.12 12.07
C ARG M 154 23.62 -1.20 11.16
N VAL M 155 24.51 -1.78 10.37
CA VAL M 155 25.40 -0.99 9.51
C VAL M 155 24.66 -0.80 8.19
N ASP M 156 23.71 0.12 8.20
CA ASP M 156 23.13 0.68 6.99
C ASP M 156 22.86 2.16 7.13
N VAL M 157 22.89 2.72 8.34
CA VAL M 157 22.24 3.98 8.66
C VAL M 157 23.26 4.85 9.36
N LEU M 158 23.97 5.67 8.60
CA LEU M 158 24.95 6.59 9.17
C LEU M 158 25.40 7.56 8.08
N ASP M 159 25.82 8.74 8.53
CA ASP M 159 26.31 9.80 7.67
C ASP M 159 27.83 9.89 7.87
N PRO M 160 28.63 9.09 7.17
CA PRO M 160 30.04 8.97 7.55
C PRO M 160 30.83 10.25 7.35
N ALA M 161 31.22 10.82 8.47
CA ALA M 161 31.94 12.07 8.48
C ALA M 161 33.39 11.79 8.07
N LEU M 162 34.23 12.81 8.17
CA LEU M 162 35.62 12.67 7.73
C LEU M 162 36.34 11.71 8.65
N LEU M 163 36.87 10.64 8.07
CA LEU M 163 37.56 9.56 8.76
C LEU M 163 36.61 8.71 9.59
N ARG M 164 35.29 8.92 9.47
CA ARG M 164 34.33 7.96 10.01
C ARG M 164 34.44 6.62 9.30
N SER M 165 34.90 6.63 8.05
CA SER M 165 35.21 5.43 7.30
C SER M 165 36.58 5.49 6.64
N GLY M 166 37.38 6.51 6.97
CA GLY M 166 38.66 6.65 6.30
C GLY M 166 39.64 5.56 6.67
N ARG M 167 39.73 5.27 7.95
CA ARG M 167 40.63 4.25 8.49
C ARG M 167 39.91 3.30 9.43
N LEU M 168 38.95 3.80 10.20
CA LEU M 168 38.32 3.05 11.29
C LEU M 168 37.11 2.32 10.73
N ASP M 169 37.38 1.18 10.11
CA ASP M 169 36.34 0.38 9.45
C ASP M 169 36.55 -1.10 9.67
N ARG M 170 37.16 -1.47 10.80
CA ARG M 170 37.39 -2.87 11.14
C ARG M 170 36.18 -3.41 11.86
N LYS M 171 35.55 -4.43 11.28
CA LYS M 171 34.15 -4.67 11.60
C LYS M 171 33.75 -6.04 11.09
N ILE M 172 33.01 -6.78 11.91
CA ILE M 172 32.51 -8.11 11.55
C ILE M 172 31.11 -8.24 12.11
N GLU M 173 30.26 -8.95 11.36
CA GLU M 173 29.00 -9.43 11.89
C GLU M 173 29.28 -10.70 12.67
N PHE M 174 28.99 -10.68 13.95
CA PHE M 174 29.20 -11.87 14.74
C PHE M 174 28.28 -12.98 14.25
N PRO M 175 28.80 -14.08 13.71
CA PRO M 175 27.91 -15.13 13.20
C PRO M 175 27.19 -15.80 14.36
N LEU M 176 25.87 -15.79 14.31
CA LEU M 176 25.07 -16.38 15.36
C LEU M 176 25.40 -17.88 15.47
N PRO M 177 25.27 -18.46 16.65
CA PRO M 177 25.89 -19.75 16.92
C PRO M 177 25.08 -20.90 16.32
N SER M 178 25.54 -22.11 16.63
CA SER M 178 24.92 -23.35 16.17
C SER M 178 24.79 -24.30 17.35
N GLU M 179 24.21 -25.46 17.08
CA GLU M 179 23.86 -26.39 18.16
C GLU M 179 25.09 -26.90 18.89
N ASP M 180 26.22 -27.06 18.20
CA ASP M 180 27.44 -27.44 18.89
C ASP M 180 27.89 -26.34 19.83
N SER M 181 27.72 -25.10 19.42
CA SER M 181 27.97 -23.99 20.33
C SER M 181 26.95 -23.97 21.45
N ARG M 182 25.67 -23.79 21.10
CA ARG M 182 24.63 -23.33 22.02
C ARG M 182 24.59 -24.10 23.33
N ALA M 183 24.60 -25.43 23.27
CA ALA M 183 24.41 -26.24 24.47
C ALA M 183 25.50 -26.00 25.51
N GLN M 184 26.67 -25.52 25.08
CA GLN M 184 27.74 -25.20 26.01
C GLN M 184 27.65 -23.78 26.55
N ILE M 185 26.82 -22.93 25.94
CA ILE M 185 26.57 -21.61 26.51
C ILE M 185 25.67 -21.74 27.72
N LEU M 186 24.49 -22.32 27.53
CA LEU M 186 23.54 -22.48 28.62
C LEU M 186 24.11 -23.32 29.75
N GLN M 187 25.08 -24.17 29.45
CA GLN M 187 25.90 -24.80 30.47
C GLN M 187 26.51 -23.75 31.39
N ILE M 188 26.98 -22.64 30.82
CA ILE M 188 27.67 -21.63 31.61
C ILE M 188 26.72 -21.02 32.61
N HIS M 189 25.53 -20.66 32.15
CA HIS M 189 24.54 -20.02 32.99
C HIS M 189 23.90 -20.97 33.99
N SER M 190 24.34 -22.22 34.05
CA SER M 190 23.98 -23.14 35.13
C SER M 190 25.20 -23.57 35.92
N ARG M 191 26.35 -22.93 35.73
CA ARG M 191 27.52 -23.29 36.53
C ARG M 191 27.34 -22.96 38.00
N LYS M 192 26.36 -22.14 38.33
CA LYS M 192 26.08 -21.77 39.70
C LYS M 192 24.87 -22.52 40.27
N MET M 193 24.18 -23.31 39.46
CA MET M 193 23.02 -24.07 39.92
C MET M 193 22.96 -25.41 39.22
N THR M 194 22.89 -26.48 40.00
CA THR M 194 22.94 -27.84 39.48
C THR M 194 21.54 -28.48 39.51
N THR M 195 21.34 -29.49 38.66
CA THR M 195 20.02 -30.03 38.40
C THR M 195 20.10 -31.52 38.06
N ASP M 196 18.94 -32.11 37.81
CA ASP M 196 18.86 -33.48 37.33
C ASP M 196 19.51 -33.56 35.97
N ASP M 197 20.57 -34.36 35.85
CA ASP M 197 21.37 -34.43 34.64
C ASP M 197 20.83 -35.40 33.61
N ASP M 198 19.55 -35.75 33.70
CA ASP M 198 19.00 -36.78 32.82
C ASP M 198 18.89 -36.34 31.38
N ILE M 199 18.89 -35.03 31.09
CA ILE M 199 18.75 -34.52 29.73
C ILE M 199 19.69 -33.34 29.57
N ASN M 200 20.76 -33.52 28.79
CA ASN M 200 21.71 -32.46 28.54
C ASN M 200 21.14 -31.44 27.56
N TRP M 201 21.77 -30.27 27.53
CA TRP M 201 21.51 -29.34 26.44
C TRP M 201 21.88 -29.94 25.10
N GLN M 202 22.83 -30.88 25.08
CA GLN M 202 23.08 -31.66 23.89
C GLN M 202 21.82 -32.41 23.46
N GLU M 203 21.00 -32.83 24.42
CA GLU M 203 19.67 -33.32 24.08
C GLU M 203 18.82 -32.18 23.54
N LEU M 204 18.94 -31.00 24.14
CA LEU M 204 18.22 -29.83 23.65
C LEU M 204 18.75 -29.34 22.32
N ALA M 205 20.00 -29.64 22.00
CA ALA M 205 20.71 -28.90 20.95
C ALA M 205 20.03 -28.99 19.60
N ARG M 206 19.21 -30.01 19.37
CA ARG M 206 18.37 -30.08 18.18
C ARG M 206 17.03 -29.40 18.36
N SER M 207 16.62 -29.14 19.60
CA SER M 207 15.31 -28.58 19.89
C SER M 207 15.28 -27.05 19.80
N THR M 208 16.44 -26.41 19.85
CA THR M 208 16.50 -24.96 19.69
C THR M 208 15.98 -24.54 18.33
N ASP M 209 15.47 -23.31 18.25
CA ASP M 209 15.06 -22.72 16.98
C ASP M 209 14.96 -21.21 17.16
N GLU M 210 15.79 -20.46 16.42
CA GLU M 210 15.76 -19.01 16.40
C GLU M 210 15.99 -18.42 17.80
N PHE M 211 17.19 -18.67 18.31
CA PHE M 211 17.59 -18.25 19.66
C PHE M 211 18.91 -17.49 19.58
N ASN M 212 18.85 -16.17 19.78
CA ASN M 212 20.05 -15.34 19.87
C ASN M 212 20.61 -15.40 21.28
N GLY M 213 21.82 -14.85 21.44
CA GLY M 213 22.61 -15.16 22.62
C GLY M 213 22.07 -14.57 23.90
N ALA M 214 21.62 -13.32 23.87
CA ALA M 214 21.20 -12.65 25.09
C ALA M 214 19.99 -13.34 25.71
N GLN M 215 18.94 -13.54 24.92
CA GLN M 215 17.71 -14.11 25.44
C GLN M 215 17.91 -15.53 25.95
N LEU M 216 18.95 -16.23 25.52
CA LEU M 216 19.25 -17.52 26.11
C LEU M 216 19.60 -17.40 27.58
N LYS M 217 20.09 -16.23 27.99
CA LYS M 217 20.24 -15.97 29.42
C LYS M 217 18.90 -15.95 30.15
N ALA M 218 17.80 -15.76 29.41
CA ALA M 218 16.46 -15.81 29.96
C ALA M 218 15.90 -17.22 29.98
N VAL M 219 16.76 -18.23 30.06
CA VAL M 219 16.34 -19.62 29.97
C VAL M 219 16.45 -20.28 31.33
N THR M 220 17.69 -20.43 31.80
CA THR M 220 17.93 -21.09 33.07
C THR M 220 17.69 -20.17 34.25
N VAL M 221 17.76 -18.86 34.05
CA VAL M 221 17.43 -17.93 35.12
C VAL M 221 15.97 -18.10 35.51
N GLU M 222 15.12 -18.42 34.55
CA GLU M 222 13.75 -18.83 34.86
C GLU M 222 13.67 -20.33 35.10
N ALA M 223 14.15 -21.15 34.16
CA ALA M 223 13.98 -22.59 34.30
C ALA M 223 14.68 -23.14 35.52
N GLY M 224 15.71 -22.45 36.02
CA GLY M 224 16.20 -22.75 37.35
C GLY M 224 15.21 -22.36 38.41
N MET M 225 14.42 -21.32 38.15
CA MET M 225 13.38 -20.88 39.06
C MET M 225 12.10 -21.68 38.89
N ILE M 226 11.78 -22.10 37.67
CA ILE M 226 10.56 -22.86 37.45
C ILE M 226 10.61 -24.17 38.22
N ALA M 227 11.81 -24.72 38.43
CA ALA M 227 11.94 -25.88 39.32
C ALA M 227 11.55 -25.49 40.74
N LEU M 228 12.29 -24.54 41.32
CA LEU M 228 12.00 -24.10 42.68
C LEU M 228 10.74 -23.27 42.76
N ARG M 229 10.09 -23.00 41.63
CA ARG M 229 8.70 -22.58 41.69
C ARG M 229 7.85 -23.62 42.39
N ASN M 230 8.24 -24.89 42.32
CA ASN M 230 7.65 -25.97 43.09
C ASN M 230 8.60 -26.46 44.20
N GLY M 231 9.45 -25.56 44.69
CA GLY M 231 10.35 -25.79 45.81
C GLY M 231 11.10 -27.11 45.88
N GLN M 232 11.63 -27.58 44.76
CA GLN M 232 12.52 -28.75 44.74
C GLN M 232 13.95 -28.26 44.85
N SER M 233 14.59 -28.51 45.99
CA SER M 233 16.02 -28.26 46.11
C SER M 233 16.80 -29.03 45.04
N SER M 234 16.34 -30.22 44.66
CA SER M 234 16.87 -30.94 43.51
C SER M 234 16.24 -30.32 42.27
N VAL M 235 17.01 -29.52 41.54
CA VAL M 235 16.49 -28.80 40.39
C VAL M 235 16.18 -29.81 39.28
N LYS M 236 14.93 -29.81 38.82
CA LYS M 236 14.58 -30.54 37.63
C LYS M 236 15.05 -29.77 36.40
N HIS M 237 14.97 -30.43 35.23
CA HIS M 237 15.51 -29.88 34.00
C HIS M 237 14.55 -30.06 32.82
N GLU M 238 13.27 -30.35 33.09
CA GLU M 238 12.24 -30.23 32.09
C GLU M 238 11.43 -28.95 32.23
N ASP M 239 11.67 -28.18 33.29
CA ASP M 239 11.05 -26.85 33.41
C ASP M 239 11.51 -25.92 32.29
N PHE M 240 12.67 -26.18 31.71
CA PHE M 240 13.09 -25.49 30.50
C PHE M 240 12.02 -25.58 29.43
N VAL M 241 11.37 -26.74 29.36
CA VAL M 241 10.49 -27.06 28.24
C VAL M 241 9.30 -26.13 28.23
N GLU M 242 8.67 -25.96 29.39
CA GLU M 242 7.51 -25.09 29.52
C GLU M 242 7.88 -23.68 29.94
N GLY M 243 9.16 -23.33 29.92
CA GLY M 243 9.60 -21.99 30.28
C GLY M 243 10.23 -21.29 29.10
N ILE M 244 10.87 -22.07 28.24
CA ILE M 244 11.44 -21.53 27.01
C ILE M 244 10.36 -20.87 26.17
N SER M 245 9.16 -21.44 26.16
CA SER M 245 8.06 -20.84 25.42
C SER M 245 7.53 -19.60 26.10
N GLU M 246 7.96 -19.29 27.33
CA GLU M 246 7.56 -18.07 28.00
C GLU M 246 8.27 -16.85 27.46
N VAL M 247 9.14 -17.00 26.47
CA VAL M 247 9.70 -15.85 25.77
C VAL M 247 8.59 -14.95 25.25
N GLN M 248 7.51 -15.57 24.76
CA GLN M 248 6.34 -14.85 24.29
C GLN M 248 5.04 -15.46 24.80
N ALA M 249 5.11 -16.54 25.59
CA ALA M 249 3.99 -17.14 26.32
C ALA M 249 3.02 -17.94 25.45
N ARG M 250 3.12 -17.84 24.12
CA ARG M 250 2.41 -18.71 23.20
C ARG M 250 0.89 -18.55 23.21
N LYS M 251 0.33 -17.73 24.12
CA LYS M 251 -1.10 -17.65 24.36
C LYS M 251 -1.75 -19.04 24.45
N SER M 252 -1.04 -20.00 25.03
CA SER M 252 -1.53 -21.37 25.10
C SER M 252 -2.77 -21.43 25.97
N LYS M 253 -3.93 -21.62 25.33
CA LYS M 253 -5.22 -21.60 26.03
C LYS M 253 -6.11 -22.69 25.45
N SER M 254 -6.03 -23.89 26.04
CA SER M 254 -7.01 -24.96 25.84
C SER M 254 -7.13 -25.34 24.36
N VAL M 255 -6.06 -25.95 23.84
CA VAL M 255 -6.00 -26.37 22.45
C VAL M 255 -7.20 -27.25 22.12
N SER M 256 -8.05 -26.78 21.21
CA SER M 256 -9.34 -27.43 20.98
C SER M 256 -9.19 -28.70 20.16
N PHE M 257 -8.74 -28.55 18.91
CA PHE M 257 -8.49 -29.66 18.01
C PHE M 257 -7.02 -29.59 17.62
N TYR M 258 -6.21 -30.45 18.21
CA TYR M 258 -4.78 -30.47 17.95
C TYR M 258 -4.17 -31.65 18.68
N SER N 1 10.68 34.85 32.71
CA SER N 1 11.46 34.89 31.49
C SER N 1 11.35 36.22 30.79
N ALA N 2 11.81 36.24 29.54
CA ALA N 2 11.58 37.35 28.62
C ALA N 2 11.04 36.83 27.30
N ARG N 3 10.28 35.74 27.34
CA ARG N 3 9.76 35.14 26.12
C ARG N 3 8.67 34.14 26.49
N LEU N 4 8.04 33.60 25.46
CA LEU N 4 7.11 32.49 25.58
C LEU N 4 7.33 31.58 24.38
N GLY N 5 6.38 30.68 24.14
CA GLY N 5 6.53 29.65 23.13
C GLY N 5 6.02 30.06 21.76
N GLY N 6 6.71 29.56 20.73
CA GLY N 6 6.27 29.66 19.35
C GLY N 6 7.27 29.00 18.42
N ALA N 7 6.79 28.20 17.48
CA ALA N 7 7.70 27.38 16.69
C ALA N 7 7.02 26.88 15.43
N SER N 8 7.84 26.26 14.57
CA SER N 8 7.36 25.48 13.44
C SER N 8 8.50 24.60 12.96
N ILE N 9 8.13 23.51 12.28
CA ILE N 9 9.07 22.46 11.94
C ILE N 9 8.43 21.56 10.90
N ALA N 10 9.26 20.81 10.19
CA ALA N 10 8.77 19.73 9.35
C ALA N 10 8.39 18.55 10.23
N VAL N 11 7.83 17.51 9.61
CA VAL N 11 7.29 16.37 10.32
C VAL N 11 8.11 15.10 10.07
N GLN N 12 8.49 14.84 8.83
CA GLN N 12 9.23 13.63 8.50
C GLN N 12 10.70 13.83 8.84
PB ADP O . -3.60 2.77 36.75
O1B ADP O . -3.54 1.32 36.32
O2B ADP O . -2.50 3.21 37.69
O3B ADP O . -3.86 3.71 35.60
PA ADP O . -5.04 1.98 38.98
O1A ADP O . -4.40 0.64 38.73
O2A ADP O . -4.52 2.83 40.10
O3A ADP O . -4.94 2.86 37.63
O5' ADP O . -6.60 1.75 39.27
C5' ADP O . -7.12 0.43 39.29
C4' ADP O . -8.63 0.49 39.26
O4' ADP O . -9.16 -0.69 38.65
C3' ADP O . -9.27 0.61 40.64
O3' ADP O . -10.11 1.78 40.68
C2' ADP O . -10.09 -0.65 40.81
O2' ADP O . -11.39 -0.38 41.35
C1' ADP O . -10.24 -1.24 39.41
N9 ADP O . -10.17 -2.71 39.31
C8 ADP O . -9.83 -3.33 38.17
N7 ADP O . -9.87 -4.68 38.32
C5 ADP O . -10.24 -4.93 39.58
C6 ADP O . -10.47 -6.14 40.39
N6 ADP O . -10.30 -7.36 39.86
N1 ADP O . -10.85 -5.97 41.67
C2 ADP O . -11.03 -4.77 42.21
N3 ADP O . -10.83 -3.63 41.53
C4 ADP O . -10.45 -3.63 40.24
PG ATP P . -20.38 27.02 19.50
O1G ATP P . -19.30 26.09 19.00
O2G ATP P . -20.82 26.74 20.91
O3G ATP P . -20.15 28.48 19.19
PB ATP P . -23.12 26.64 19.15
O1B ATP P . -23.11 25.67 20.28
O2B ATP P . -23.60 28.05 19.32
O3B ATP P . -21.63 26.61 18.56
PA ATP P . -25.29 25.22 18.31
O1A ATP P . -25.22 23.77 17.94
O2A ATP P . -25.64 25.59 19.72
O3A ATP P . -23.91 25.94 17.95
O5' ATP P . -26.33 25.97 17.34
C5' ATP P . -27.28 26.79 18.01
C4' ATP P . -28.29 27.41 17.06
O4' ATP P . -29.26 26.43 16.69
C3' ATP P . -29.06 28.57 17.68
O3' ATP P . -29.01 29.71 16.81
C2' ATP P . -30.47 28.08 17.82
O2' ATP P . -31.43 29.10 17.52
C1' ATP P . -30.59 26.93 16.85
N9 ATP P . -31.45 25.80 17.25
C8 ATP P . -31.54 24.73 16.46
N7 ATP P . -32.38 23.80 16.97
C5 ATP P . -32.84 24.28 18.12
C6 ATP P . -33.75 23.80 19.15
N6 ATP P . -34.33 22.59 19.03
N1 ATP P . -33.99 24.59 20.21
C2 ATP P . -33.41 25.80 20.33
N3 ATP P . -32.57 26.29 19.42
C4 ATP P . -32.24 25.60 18.30
PG ATP Q . -9.13 37.30 -3.95
O1G ATP Q . -10.49 36.74 -4.23
O2G ATP Q . -8.03 36.26 -3.91
O3G ATP Q . -9.08 38.32 -2.84
PB ATP Q . -9.70 39.53 -5.40
O1B ATP Q . -10.86 39.37 -4.47
O2B ATP Q . -8.76 40.69 -5.31
O3B ATP Q . -8.85 38.17 -5.27
PA ATP Q . -11.52 40.49 -7.20
O1A ATP Q . -12.65 39.67 -7.78
O2A ATP Q . -11.76 41.35 -5.99
O3A ATP Q . -10.30 39.50 -6.88
O5' ATP Q . -10.89 41.37 -8.38
C5' ATP Q . -11.10 42.78 -8.41
C4' ATP Q . -10.62 43.34 -9.74
O4' ATP Q . -11.49 42.93 -10.79
C3' ATP Q . -10.59 44.85 -9.76
O3' ATP Q . -9.37 45.34 -10.30
C2' ATP Q . -11.75 45.26 -10.65
O2' ATP Q . -11.41 46.36 -11.50
C1' ATP Q . -12.07 44.05 -11.48
N9 ATP Q . -13.53 43.88 -11.58
C8 ATP Q . -14.18 42.73 -11.33
N7 ATP Q . -15.51 42.89 -11.48
C5 ATP Q . -15.72 44.16 -11.84
C6 ATP Q . -16.89 44.97 -12.17
N6 ATP Q . -18.10 44.42 -12.12
N1 ATP Q . -16.70 46.25 -12.49
C2 ATP Q . -15.47 46.79 -12.53
N3 ATP Q . -14.35 46.11 -12.24
C4 ATP Q . -14.41 44.81 -11.92
PG ATP R . 17.09 31.27 -13.48
O1G ATP R . 17.73 29.91 -13.41
O2G ATP R . 16.74 31.88 -12.16
O3G ATP R . 16.06 31.43 -14.57
PB ATP R . 18.83 32.06 -15.47
O1B ATP R . 19.37 30.66 -15.54
O2B ATP R . 17.77 32.50 -16.44
O3B ATP R . 18.27 32.23 -13.99
PA ATP R . 20.32 33.94 -16.86
O1A ATP R . 19.74 33.20 -18.02
O2A ATP R . 19.92 35.38 -16.62
O3A ATP R . 20.08 33.06 -15.54
O5' ATP R . 21.91 33.88 -17.06
C5' ATP R . 22.33 33.59 -18.38
C4' ATP R . 23.82 33.78 -18.59
O4' ATP R . 24.18 33.38 -19.90
C3' ATP R . 24.20 35.21 -18.38
O3' ATP R . 25.19 35.25 -17.35
C2' ATP R . 24.76 35.66 -19.71
O2' ATP R . 26.15 35.98 -19.58
C1' ATP R . 24.59 34.49 -20.67
N9 ATP R . 23.55 34.69 -21.70
C8 ATP R . 22.57 33.82 -21.98
N7 ATP R . 21.79 34.27 -22.98
C5 ATP R . 22.27 35.47 -23.35
C6 ATP R . 21.93 36.50 -24.33
N6 ATP R . 20.88 36.33 -25.15
N1 ATP R . 22.70 37.60 -24.39
C2 ATP R . 23.75 37.77 -23.58
N3 ATP R . 24.11 36.87 -22.66
C4 ATP R . 23.43 35.72 -22.51
PB ADP S . 36.07 8.87 -2.84
O1B ADP S . 35.62 8.11 -4.06
O2B ADP S . 35.62 10.31 -2.76
O3B ADP S . 35.96 8.11 -1.54
PA ADP S . 38.42 9.91 -2.01
O1A ADP S . 37.48 10.13 -0.86
O2A ADP S . 38.98 11.09 -2.76
O3A ADP S . 37.64 8.99 -3.07
O5' ADP S . 39.59 8.90 -1.57
C5' ADP S . 39.73 8.61 -0.18
C4' ADP S . 40.64 7.39 0.01
O4' ADP S . 40.85 6.74 -1.26
C3' ADP S . 42.00 7.69 0.60
O3' ADP S . 42.21 6.81 1.71
C2' ADP S . 42.98 7.39 -0.51
O2' ADP S . 44.17 6.77 -0.03
C1' ADP S . 42.24 6.50 -1.49
N9 ADP S . 42.54 6.85 -2.90
C8 ADP S . 41.63 6.83 -3.88
N7 ADP S . 42.19 7.20 -5.05
C5 ADP S . 43.48 7.45 -4.82
C6 ADP S . 44.61 7.90 -5.63
N6 ADP S . 44.40 8.11 -6.95
N1 ADP S . 45.80 8.05 -5.03
C2 ADP S . 45.94 7.83 -3.71
N3 ADP S . 44.95 7.42 -2.91
C4 ADP S . 43.71 7.21 -3.40
PB ADP T . 24.06 -5.80 24.01
O1B ADP T . 23.19 -5.79 22.78
O2B ADP T . 25.27 -4.91 23.96
O3B ADP T . 23.29 -5.75 25.31
PA ADP T . 25.75 -7.62 25.18
O1A ADP T . 27.07 -7.98 24.53
O2A ADP T . 25.68 -6.53 26.22
O3A ADP T . 24.70 -7.27 24.02
O5' ADP T . 25.08 -8.94 25.79
C5' ADP T . 25.64 -9.61 26.91
C4' ADP T . 24.56 -10.35 27.67
O4' ADP T . 23.96 -11.29 26.78
C3' ADP T . 25.14 -11.12 28.82
O3' ADP T . 24.20 -11.20 29.90
C2' ADP T . 25.42 -12.48 28.23
O2' ADP T . 25.28 -13.55 29.18
C1' ADP T . 24.37 -12.61 27.14
N9 ADP T . 24.93 -13.28 25.95
C8 ADP T . 24.76 -12.86 24.68
N7 ADP T . 25.39 -13.68 23.82
C5 ADP T . 25.96 -14.66 24.54
C6 ADP T . 26.77 -15.86 24.26
N6 ADP T . 27.09 -16.17 22.99
N1 ADP T . 27.17 -16.62 25.30
C2 ADP T . 26.85 -16.31 26.56
N3 ADP T . 26.12 -15.23 26.89
C4 ADP T . 25.65 -14.40 25.95
#